data_7VU7
#
_entry.id   7VU7
#
_entity_poly.entity_id   1
_entity_poly.type   'polypeptide(L)'
_entity_poly.pdbx_seq_one_letter_code
;GGQPSGGVLPGGSYTPAAGGSSRLPSLINGIMSSMQGGGFNYQNFGNVLSQFATGTGTCNSNDLNLLMDALLSALHTLSY
QGMGTVPSYPSPSAMSAYSQSVRRCFGY
;
_entity_poly.pdbx_strand_id   A,B
#
# COMPACT_ATOMS: atom_id res chain seq x y z
N GLY A 20 -23.63 2.13 -0.96
CA GLY A 20 -22.23 2.47 -1.31
C GLY A 20 -21.75 3.57 -0.42
N SER A 21 -20.50 4.02 -0.64
CA SER A 21 -19.95 5.07 0.18
C SER A 21 -18.95 5.79 -0.67
N SER A 22 -18.81 7.12 -0.45
CA SER A 22 -17.87 7.90 -1.22
C SER A 22 -16.56 7.90 -0.49
N ARG A 23 -16.51 7.22 0.68
CA ARG A 23 -15.30 7.17 1.46
C ARG A 23 -14.21 6.46 0.71
N LEU A 24 -14.52 5.30 0.09
CA LEU A 24 -13.50 4.54 -0.63
C LEU A 24 -13.00 5.27 -1.87
N PRO A 25 -13.88 5.74 -2.76
CA PRO A 25 -13.42 6.43 -3.96
C PRO A 25 -12.61 7.65 -3.68
N SER A 26 -12.74 8.24 -2.47
CA SER A 26 -11.95 9.41 -2.13
C SER A 26 -10.50 8.99 -2.13
N LEU A 27 -10.22 7.79 -1.57
CA LEU A 27 -8.87 7.28 -1.51
C LEU A 27 -8.44 6.92 -2.91
N ILE A 28 -9.37 6.36 -3.71
CA ILE A 28 -9.06 5.95 -5.07
C ILE A 28 -8.63 7.17 -5.84
N ASN A 29 -9.35 8.30 -5.65
CA ASN A 29 -8.99 9.53 -6.34
C ASN A 29 -7.61 9.92 -5.91
N GLY A 30 -7.30 9.71 -4.62
CA GLY A 30 -5.99 10.04 -4.09
C GLY A 30 -4.94 9.20 -4.79
N ILE A 31 -5.25 7.91 -5.05
CA ILE A 31 -4.30 7.03 -5.70
C ILE A 31 -4.05 7.55 -7.08
N MET A 32 -5.14 7.91 -7.79
CA MET A 32 -5.04 8.41 -9.15
C MET A 32 -4.31 9.72 -9.13
N SER A 33 -4.54 10.52 -8.07
CA SER A 33 -3.92 11.82 -7.93
C SER A 33 -2.43 11.67 -7.91
N SER A 34 -1.91 10.67 -7.17
CA SER A 34 -0.47 10.51 -7.09
C SER A 34 0.02 9.72 -8.25
N MET A 35 -0.90 9.07 -9.00
CA MET A 35 -0.51 8.29 -10.15
C MET A 35 -0.10 9.26 -11.23
N GLN A 36 -0.70 10.47 -11.22
CA GLN A 36 -0.39 11.46 -12.22
C GLN A 36 0.97 12.02 -11.92
N GLY A 37 1.69 12.43 -12.99
CA GLY A 37 3.02 12.99 -12.82
C GLY A 37 3.97 12.21 -13.66
N GLY A 38 3.53 11.03 -14.16
CA GLY A 38 4.39 10.22 -14.99
C GLY A 38 5.24 9.37 -14.11
N GLY A 39 4.99 9.42 -12.79
CA GLY A 39 5.75 8.63 -11.87
C GLY A 39 4.91 8.49 -10.64
N PHE A 40 5.39 9.02 -9.51
CA PHE A 40 4.64 8.94 -8.30
C PHE A 40 5.12 10.03 -7.39
N ASN A 41 4.17 10.77 -6.78
CA ASN A 41 4.54 11.84 -5.89
C ASN A 41 4.41 11.30 -4.49
N TYR A 42 5.56 11.09 -3.82
CA TYR A 42 5.57 10.55 -2.48
C TYR A 42 5.02 11.57 -1.52
N GLN A 43 5.35 12.87 -1.75
CA GLN A 43 4.91 13.89 -0.84
C GLN A 43 3.41 14.01 -0.89
N ASN A 44 2.79 13.82 -2.08
CA ASN A 44 1.36 13.93 -2.18
C ASN A 44 0.74 12.75 -1.48
N PHE A 45 1.36 11.56 -1.62
CA PHE A 45 0.84 10.37 -0.99
C PHE A 45 0.85 10.55 0.50
N GLY A 46 1.99 11.03 1.06
CA GLY A 46 2.08 11.24 2.48
C GLY A 46 1.05 12.24 2.93
N ASN A 47 0.85 13.33 2.14
CA ASN A 47 -0.11 14.33 2.50
C ASN A 47 -1.48 13.73 2.48
N VAL A 48 -1.76 12.86 1.49
CA VAL A 48 -3.05 12.23 1.37
C VAL A 48 -3.30 11.38 2.61
N LEU A 49 -2.29 10.59 3.03
CA LEU A 49 -2.47 9.74 4.20
C LEU A 49 -2.68 10.60 5.42
N SER A 50 -1.93 11.70 5.53
CA SER A 50 -2.05 12.56 6.69
C SER A 50 -3.43 13.17 6.75
N GLN A 51 -3.95 13.62 5.59
CA GLN A 51 -5.24 14.27 5.53
C GLN A 51 -6.32 13.27 5.79
N PHE A 52 -6.17 12.04 5.27
CA PHE A 52 -7.19 11.03 5.46
C PHE A 52 -7.17 10.60 6.90
N ALA A 53 -5.99 10.68 7.52
CA ALA A 53 -5.87 10.25 8.89
C ALA A 53 -6.04 11.43 9.81
N THR A 54 -4.91 12.07 10.17
CA THR A 54 -4.95 13.19 11.08
C THR A 54 -3.52 13.52 11.40
N GLY A 55 -2.72 12.45 11.63
CA GLY A 55 -1.32 12.62 11.94
C GLY A 55 -1.16 12.49 13.41
N THR A 56 -1.55 11.32 13.98
CA THR A 56 -1.44 11.11 15.41
C THR A 56 0.02 11.05 15.75
N GLY A 57 0.83 10.36 14.91
CA GLY A 57 2.25 10.26 15.17
C GLY A 57 2.54 9.05 16.00
N THR A 58 1.54 8.17 16.18
CA THR A 58 1.77 6.98 16.98
C THR A 58 0.84 5.92 16.47
N CYS A 59 0.90 4.70 17.06
CA CYS A 59 0.05 3.63 16.62
C CYS A 59 -1.37 4.02 16.92
N ASN A 60 -2.25 3.89 15.91
CA ASN A 60 -3.62 4.23 16.07
C ASN A 60 -4.38 3.24 15.23
N SER A 61 -5.53 2.76 15.75
CA SER A 61 -6.33 1.81 15.03
C SER A 61 -6.80 2.45 13.75
N ASN A 62 -7.12 3.76 13.81
CA ASN A 62 -7.59 4.47 12.64
C ASN A 62 -6.51 4.47 11.59
N ASP A 63 -5.24 4.64 12.02
CA ASP A 63 -4.14 4.67 11.08
C ASP A 63 -4.02 3.33 10.40
N LEU A 64 -4.19 2.22 11.16
CA LEU A 64 -4.07 0.90 10.55
C LEU A 64 -5.18 0.72 9.55
N ASN A 65 -6.39 1.16 9.91
CA ASN A 65 -7.52 1.02 9.01
C ASN A 65 -7.26 1.84 7.79
N LEU A 66 -6.68 3.04 7.96
CA LEU A 66 -6.40 3.89 6.83
C LEU A 66 -5.43 3.18 5.93
N LEU A 67 -4.41 2.52 6.52
CA LEU A 67 -3.43 1.81 5.72
C LEU A 67 -4.12 0.71 4.97
N MET A 68 -5.10 0.03 5.60
CA MET A 68 -5.78 -1.06 4.92
C MET A 68 -6.57 -0.46 3.77
N ASP A 69 -7.21 0.71 3.99
CA ASP A 69 -8.00 1.34 2.95
C ASP A 69 -7.09 1.79 1.83
N ALA A 70 -5.91 2.35 2.19
CA ALA A 70 -4.99 2.83 1.19
C ALA A 70 -4.53 1.66 0.35
N LEU A 71 -4.22 0.52 1.00
CA LEU A 71 -3.78 -0.64 0.28
C LEU A 71 -4.91 -1.19 -0.53
N LEU A 72 -6.14 -1.13 -0.01
CA LEU A 72 -7.27 -1.64 -0.76
C LEU A 72 -7.37 -0.87 -2.05
N SER A 73 -7.31 0.47 -1.98
CA SER A 73 -7.39 1.28 -3.17
C SER A 73 -6.18 1.06 -4.05
N ALA A 74 -4.97 0.97 -3.45
CA ALA A 74 -3.76 0.78 -4.24
C ALA A 74 -3.78 -0.55 -4.94
N LEU A 75 -4.15 -1.64 -4.21
CA LEU A 75 -4.19 -2.95 -4.80
C LEU A 75 -5.32 -3.00 -5.80
N HIS A 76 -6.42 -2.30 -5.48
CA HIS A 76 -7.56 -2.24 -6.38
C HIS A 76 -7.11 -1.64 -7.68
N THR A 77 -6.34 -0.54 -7.60
CA THR A 77 -5.85 0.11 -8.79
C THR A 77 -4.99 -0.86 -9.58
N LEU A 78 -4.06 -1.58 -8.88
CA LEU A 78 -3.17 -2.50 -9.56
C LEU A 78 -3.95 -3.61 -10.23
N SER A 79 -5.00 -4.12 -9.54
CA SER A 79 -5.78 -5.22 -10.07
C SER A 79 -6.45 -4.83 -11.36
N TYR A 80 -7.05 -3.63 -11.41
CA TYR A 80 -7.77 -3.22 -12.60
C TYR A 80 -6.84 -2.67 -13.65
N GLN A 81 -5.66 -2.14 -13.27
CA GLN A 81 -4.76 -1.61 -14.29
C GLN A 81 -4.35 -2.71 -15.22
N GLY A 82 -4.18 -3.94 -14.70
CA GLY A 82 -3.78 -5.04 -15.55
C GLY A 82 -4.91 -5.41 -16.46
N MET A 83 -6.14 -4.90 -16.19
CA MET A 83 -7.27 -5.23 -17.02
C MET A 83 -7.53 -4.08 -17.96
N GLY A 84 -7.20 -2.85 -17.54
CA GLY A 84 -7.43 -1.70 -18.38
C GLY A 84 -7.59 -0.52 -17.49
N THR A 85 -8.69 0.25 -17.66
CA THR A 85 -8.93 1.40 -16.84
C THR A 85 -9.47 0.93 -15.53
N VAL A 86 -9.36 1.78 -14.48
CA VAL A 86 -9.83 1.40 -13.18
C VAL A 86 -11.17 2.05 -12.94
N PRO A 87 -12.04 1.35 -12.24
CA PRO A 87 -13.36 1.86 -11.91
C PRO A 87 -13.34 2.81 -10.76
N SER A 88 -14.39 3.64 -10.65
CA SER A 88 -14.45 4.61 -9.58
C SER A 88 -14.95 3.92 -8.34
N TYR A 89 -15.36 2.63 -8.45
CA TYR A 89 -15.86 1.94 -7.28
C TYR A 89 -15.44 0.50 -7.41
N PRO A 90 -14.90 -0.05 -6.33
CA PRO A 90 -14.46 -1.43 -6.31
C PRO A 90 -15.57 -2.42 -6.13
N SER A 91 -15.30 -3.70 -6.48
CA SER A 91 -16.30 -4.73 -6.34
C SER A 91 -16.43 -5.03 -4.86
N PRO A 92 -17.64 -4.93 -4.33
CA PRO A 92 -17.89 -5.18 -2.91
C PRO A 92 -17.46 -6.53 -2.44
N SER A 93 -17.63 -7.58 -3.27
CA SER A 93 -17.24 -8.92 -2.85
C SER A 93 -15.75 -8.95 -2.68
N ALA A 94 -15.01 -8.33 -3.62
CA ALA A 94 -13.56 -8.31 -3.55
C ALA A 94 -13.12 -7.47 -2.39
N MET A 95 -13.79 -6.33 -2.18
CA MET A 95 -13.47 -5.43 -1.13
C MET A 95 -13.69 -6.12 0.17
N SER A 96 -14.81 -6.86 0.24
CA SER A 96 -15.16 -7.57 1.44
C SER A 96 -14.12 -8.62 1.74
N ALA A 97 -13.71 -9.37 0.70
CA ALA A 97 -12.76 -10.45 0.87
C ALA A 97 -11.44 -9.90 1.37
N TYR A 98 -10.99 -8.80 0.74
CA TYR A 98 -9.73 -8.20 1.10
C TYR A 98 -9.81 -7.73 2.52
N SER A 99 -10.93 -7.07 2.86
CA SER A 99 -11.09 -6.50 4.19
C SER A 99 -11.01 -7.59 5.22
N GLN A 100 -11.65 -8.74 4.97
CA GLN A 100 -11.64 -9.81 5.93
C GLN A 100 -10.25 -10.37 6.06
N SER A 101 -9.54 -10.52 4.92
CA SER A 101 -8.22 -11.10 4.92
C SER A 101 -7.24 -10.26 5.70
N VAL A 102 -7.24 -8.93 5.49
CA VAL A 102 -6.28 -8.09 6.17
C VAL A 102 -6.72 -7.83 7.59
N ARG A 103 -8.03 -7.81 7.84
CA ARG A 103 -8.53 -7.57 9.18
C ARG A 103 -8.01 -8.65 10.10
N ARG A 104 -8.08 -9.93 9.65
CA ARG A 104 -7.63 -11.02 10.48
C ARG A 104 -6.13 -10.97 10.63
N CYS A 105 -5.42 -10.60 9.55
CA CYS A 105 -3.96 -10.58 9.56
C CYS A 105 -3.41 -9.59 10.56
N PHE A 106 -3.95 -8.36 10.65
CA PHE A 106 -3.39 -7.40 11.57
C PHE A 106 -4.25 -7.26 12.79
N GLY A 107 -5.39 -7.96 12.83
CA GLY A 107 -6.26 -7.89 13.98
C GLY A 107 -7.24 -6.79 13.75
N TYR A 108 -6.99 -5.96 12.71
CA TYR A 108 -7.89 -4.87 12.40
C TYR A 108 -7.39 -4.25 11.09
N GLY B 20 23.52 -2.44 -0.48
CA GLY B 20 22.13 -2.80 -0.86
C GLY B 20 21.63 -3.86 0.06
N SER B 21 20.39 -4.32 -0.16
CA SER B 21 19.83 -5.35 0.68
C SER B 21 18.84 -6.09 -0.16
N SER B 22 18.70 -7.42 0.09
CA SER B 22 17.77 -8.23 -0.66
C SER B 22 16.44 -8.20 0.05
N ARG B 23 16.37 -7.48 1.18
CA ARG B 23 15.15 -7.41 1.95
C ARG B 23 14.07 -6.72 1.15
N LEU B 24 14.39 -5.58 0.50
CA LEU B 24 13.39 -4.84 -0.26
C LEU B 24 12.92 -5.61 -1.47
N PRO B 25 13.81 -6.10 -2.33
CA PRO B 25 13.37 -6.84 -3.52
C PRO B 25 12.55 -8.05 -3.23
N SER B 26 12.66 -8.60 -1.99
CA SER B 26 11.87 -9.75 -1.64
C SER B 26 10.42 -9.34 -1.66
N LEU B 27 10.13 -8.12 -1.15
CA LEU B 27 8.77 -7.62 -1.13
C LEU B 27 8.36 -7.30 -2.54
N ILE B 28 9.32 -6.76 -3.35
CA ILE B 28 9.02 -6.40 -4.73
C ILE B 28 8.61 -7.64 -5.47
N ASN B 29 9.32 -8.77 -5.23
CA ASN B 29 8.98 -10.00 -5.89
C ASN B 29 7.60 -10.39 -5.47
N GLY B 30 7.26 -10.14 -4.19
CA GLY B 30 5.94 -10.46 -3.67
C GLY B 30 4.91 -9.64 -4.41
N ILE B 31 5.22 -8.36 -4.71
CA ILE B 31 4.28 -7.50 -5.40
C ILE B 31 4.06 -8.06 -6.77
N MET B 32 5.16 -8.44 -7.45
CA MET B 32 5.08 -8.98 -8.80
C MET B 32 4.34 -10.30 -8.74
N SER B 33 4.56 -11.05 -7.66
CA SER B 33 3.94 -12.35 -7.49
C SER B 33 2.44 -12.21 -7.50
N SER B 34 1.91 -11.19 -6.80
CA SER B 34 0.46 -11.02 -6.74
C SER B 34 0.00 -10.27 -7.95
N MET B 35 0.93 -9.63 -8.68
CA MET B 35 0.57 -8.89 -9.87
C MET B 35 0.17 -9.90 -10.93
N GLN B 36 0.77 -11.10 -10.86
CA GLN B 36 0.47 -12.13 -11.85
C GLN B 36 -0.89 -12.69 -11.55
N GLY B 37 -1.60 -13.12 -12.61
CA GLY B 37 -2.92 -13.68 -12.45
C GLY B 37 -3.86 -12.92 -13.33
N GLY B 38 -3.41 -11.76 -13.87
CA GLY B 38 -4.26 -10.98 -14.74
C GLY B 38 -5.13 -10.09 -13.89
N GLY B 39 -4.89 -10.10 -12.56
CA GLY B 39 -5.67 -9.29 -11.68
C GLY B 39 -4.86 -9.11 -10.45
N PHE B 40 -5.35 -9.61 -9.31
CA PHE B 40 -4.61 -9.49 -8.08
C PHE B 40 -5.12 -10.55 -7.16
N ASN B 41 -4.18 -11.28 -6.51
CA ASN B 41 -4.56 -12.32 -5.59
C ASN B 41 -4.46 -11.73 -4.20
N TYR B 42 -5.62 -11.50 -3.56
CA TYR B 42 -5.65 -10.91 -2.24
C TYR B 42 -5.13 -11.90 -1.24
N GLN B 43 -5.45 -13.20 -1.43
CA GLN B 43 -5.01 -14.20 -0.48
C GLN B 43 -3.51 -14.33 -0.50
N ASN B 44 -2.88 -14.17 -1.69
CA ASN B 44 -1.45 -14.28 -1.76
C ASN B 44 -0.84 -13.09 -1.08
N PHE B 45 -1.45 -11.90 -1.27
CA PHE B 45 -0.95 -10.69 -0.68
C PHE B 45 -0.98 -10.82 0.82
N GLY B 46 -2.13 -11.29 1.38
CA GLY B 46 -2.25 -11.45 2.81
C GLY B 46 -1.23 -12.44 3.30
N ASN B 47 -1.02 -13.54 2.55
CA ASN B 47 -0.06 -14.54 2.96
C ASN B 47 1.32 -13.94 2.94
N VAL B 48 1.61 -13.09 1.93
CA VAL B 48 2.90 -12.47 1.81
C VAL B 48 3.13 -11.59 3.02
N LEU B 49 2.12 -10.78 3.41
CA LEU B 49 2.28 -9.89 4.55
C LEU B 49 2.47 -10.71 5.79
N SER B 50 1.72 -11.81 5.94
CA SER B 50 1.81 -12.64 7.13
C SER B 50 3.19 -13.25 7.22
N GLN B 51 3.72 -13.73 6.08
CA GLN B 51 5.03 -14.37 6.07
C GLN B 51 6.11 -13.37 6.32
N PHE B 52 5.96 -12.16 5.75
CA PHE B 52 6.98 -11.14 5.92
C PHE B 52 6.93 -10.67 7.35
N ALA B 53 5.74 -10.73 7.96
CA ALA B 53 5.59 -10.25 9.31
C ALA B 53 5.75 -11.39 10.27
N THR B 54 4.62 -12.04 10.62
CA THR B 54 4.63 -13.13 11.57
C THR B 54 3.20 -13.44 11.87
N GLY B 55 2.40 -12.37 12.07
CA GLY B 55 1.00 -12.53 12.35
C GLY B 55 0.81 -12.35 13.83
N THR B 56 1.20 -11.17 14.35
CA THR B 56 1.06 -10.91 15.77
C THR B 56 -0.41 -10.84 16.09
N GLY B 57 -1.20 -10.17 15.21
CA GLY B 57 -2.63 -10.08 15.44
C GLY B 57 -2.93 -8.84 16.24
N THR B 58 -1.94 -7.94 16.41
CA THR B 58 -2.18 -6.73 17.16
C THR B 58 -1.24 -5.68 16.63
N CYS B 59 -1.31 -4.45 17.18
CA CYS B 59 -0.44 -3.39 16.73
C CYS B 59 0.97 -3.76 17.06
N ASN B 60 1.86 -3.67 16.06
CA ASN B 60 3.23 -4.01 16.26
C ASN B 60 4.01 -3.06 15.40
N SER B 61 5.15 -2.56 15.93
CA SER B 61 5.96 -1.62 15.18
C SER B 61 6.45 -2.30 13.94
N ASN B 62 6.77 -3.62 14.05
CA ASN B 62 7.26 -4.35 12.91
C ASN B 62 6.19 -4.38 11.84
N ASP B 63 4.92 -4.55 12.25
CA ASP B 63 3.84 -4.60 11.29
C ASP B 63 3.72 -3.29 10.57
N LEU B 64 3.89 -2.15 11.30
CA LEU B 64 3.78 -0.85 10.64
C LEU B 64 4.90 -0.71 9.66
N ASN B 65 6.11 -1.13 10.06
CA ASN B 65 7.25 -1.02 9.17
C ASN B 65 7.01 -1.89 7.96
N LEU B 66 6.43 -3.08 8.17
CA LEU B 66 6.17 -3.97 7.06
C LEU B 66 5.20 -3.29 6.12
N LEU B 67 4.18 -2.60 6.67
CA LEU B 67 3.21 -1.93 5.84
C LEU B 67 3.92 -0.84 5.06
N MET B 68 4.89 -0.14 5.68
CA MET B 68 5.58 0.92 4.98
C MET B 68 6.39 0.30 3.87
N ASP B 69 7.02 -0.86 4.14
CA ASP B 69 7.83 -1.54 3.14
C ASP B 69 6.94 -2.02 2.01
N ALA B 70 5.75 -2.57 2.37
CA ALA B 70 4.85 -3.07 1.36
C ALA B 70 4.41 -1.94 0.49
N LEU B 71 4.08 -0.78 1.09
CA LEU B 71 3.66 0.36 0.32
C LEU B 71 4.80 0.88 -0.48
N LEU B 72 6.04 0.84 0.06
CA LEU B 72 7.16 1.33 -0.68
C LEU B 72 7.28 0.52 -1.95
N SER B 73 7.22 -0.81 -1.83
CA SER B 73 7.32 -1.66 -3.00
C SER B 73 6.13 -1.47 -3.90
N ALA B 74 4.90 -1.35 -3.33
CA ALA B 74 3.71 -1.20 -4.15
C ALA B 74 3.75 0.12 -4.89
N LEU B 75 4.11 1.21 -4.19
CA LEU B 75 4.16 2.51 -4.81
C LEU B 75 5.30 2.52 -5.80
N HIS B 76 6.40 1.84 -5.44
CA HIS B 76 7.56 1.75 -6.31
C HIS B 76 7.12 1.11 -7.60
N THR B 77 6.34 0.01 -7.50
CA THR B 77 5.87 -0.68 -8.69
C THR B 77 5.03 0.28 -9.50
N LEU B 78 4.10 1.01 -8.86
CA LEU B 78 3.22 1.92 -9.58
C LEU B 78 4.01 3.00 -10.27
N SER B 79 5.03 3.54 -9.58
CA SER B 79 5.82 4.62 -10.13
C SER B 79 6.52 4.18 -11.40
N TYR B 80 7.13 2.98 -11.39
CA TYR B 80 7.87 2.54 -12.56
C TYR B 80 6.95 1.95 -13.61
N GLN B 81 5.76 1.43 -13.24
CA GLN B 81 4.88 0.87 -14.24
C GLN B 81 4.48 1.94 -15.23
N GLY B 82 4.31 3.19 -14.74
CA GLY B 82 3.93 4.26 -15.62
C GLY B 82 5.08 4.61 -16.54
N MET B 83 6.30 4.10 -16.22
CA MET B 83 7.44 4.41 -17.05
C MET B 83 7.73 3.23 -17.95
N GLY B 84 7.37 2.01 -17.50
CA GLY B 84 7.63 0.84 -18.30
C GLY B 84 7.77 -0.32 -17.35
N THR B 85 8.87 -1.09 -17.49
CA THR B 85 9.09 -2.22 -16.63
C THR B 85 9.61 -1.70 -15.32
N VAL B 86 9.49 -2.52 -14.25
CA VAL B 86 9.93 -2.10 -12.96
C VAL B 86 11.27 -2.75 -12.68
N PRO B 87 12.13 -2.02 -11.98
CA PRO B 87 13.45 -2.52 -11.62
C PRO B 87 13.39 -3.43 -10.44
N SER B 88 14.44 -4.27 -10.28
CA SER B 88 14.49 -5.19 -9.18
C SER B 88 14.97 -4.46 -7.96
N TYR B 89 15.39 -3.19 -8.10
CA TYR B 89 15.85 -2.46 -6.95
C TYR B 89 15.45 -1.02 -7.12
N PRO B 90 14.89 -0.44 -6.07
CA PRO B 90 14.44 0.95 -6.10
C PRO B 90 15.55 1.95 -5.94
N SER B 91 15.29 3.20 -6.33
CA SER B 91 16.30 4.24 -6.20
C SER B 91 16.40 4.59 -4.74
N PRO B 92 17.59 4.50 -4.18
CA PRO B 92 17.83 4.80 -2.77
C PRO B 92 17.38 6.17 -2.34
N SER B 93 17.57 7.18 -3.21
CA SER B 93 17.17 8.53 -2.84
C SER B 93 15.67 8.58 -2.69
N ALA B 94 14.95 7.92 -3.62
CA ALA B 94 13.51 7.91 -3.58
C ALA B 94 13.04 7.11 -2.40
N MET B 95 13.72 5.98 -2.15
CA MET B 95 13.37 5.10 -1.07
C MET B 95 13.57 5.83 0.21
N SER B 96 14.68 6.57 0.28
CA SER B 96 15.02 7.32 1.46
C SER B 96 13.97 8.39 1.71
N ALA B 97 13.59 9.11 0.64
CA ALA B 97 12.63 10.18 0.77
C ALA B 97 11.30 9.65 1.25
N TYR B 98 10.86 8.53 0.65
CA TYR B 98 9.59 7.94 1.02
C TYR B 98 9.65 7.51 2.45
N SER B 99 10.76 6.86 2.82
CA SER B 99 10.89 6.34 4.17
C SER B 99 10.81 7.46 5.17
N GLN B 100 11.45 8.60 4.89
CA GLN B 100 11.42 9.70 5.82
C GLN B 100 10.03 10.26 5.91
N SER B 101 9.35 10.37 4.75
CA SER B 101 8.02 10.95 4.71
C SER B 101 7.03 10.14 5.50
N VAL B 102 7.03 8.80 5.33
CA VAL B 102 6.06 7.99 6.02
C VAL B 102 6.47 7.78 7.46
N ARG B 103 7.79 7.77 7.73
CA ARG B 103 8.25 7.56 9.08
C ARG B 103 7.72 8.68 9.96
N ARG B 104 7.80 9.93 9.47
CA ARG B 104 7.33 11.05 10.25
C ARG B 104 5.83 11.00 10.38
N CYS B 105 5.14 10.61 9.30
CA CYS B 105 3.69 10.60 9.30
C CYS B 105 3.11 9.64 10.31
N PHE B 106 3.66 8.40 10.44
CA PHE B 106 3.07 7.46 11.39
C PHE B 106 3.91 7.37 12.63
N GLY B 107 5.06 8.08 12.67
CA GLY B 107 5.91 8.04 13.84
C GLY B 107 6.89 6.93 13.66
N TYR B 108 6.66 6.07 12.64
CA TYR B 108 7.55 4.98 12.37
C TYR B 108 7.06 4.30 11.08
N GLY A 20 -16.71 6.12 6.72
CA GLY A 20 -17.02 7.57 6.69
C GLY A 20 -17.88 7.88 5.51
N SER A 21 -18.14 9.19 5.28
CA SER A 21 -18.97 9.58 4.15
C SER A 21 -18.26 9.20 2.88
N SER A 22 -16.93 9.38 2.86
CA SER A 22 -16.16 9.03 1.69
C SER A 22 -14.82 8.59 2.18
N ARG A 23 -14.25 7.53 1.56
CA ARG A 23 -12.97 7.05 1.99
C ARG A 23 -12.34 6.28 0.86
N LEU A 24 -12.98 5.17 0.44
CA LEU A 24 -12.44 4.36 -0.62
C LEU A 24 -12.32 5.13 -1.91
N PRO A 25 -13.38 5.78 -2.38
CA PRO A 25 -13.28 6.56 -3.61
C PRO A 25 -12.30 7.69 -3.51
N SER A 26 -12.15 8.27 -2.31
CA SER A 26 -11.21 9.36 -2.12
C SER A 26 -9.82 8.79 -2.27
N LEU A 27 -9.60 7.59 -1.70
CA LEU A 27 -8.30 6.95 -1.77
C LEU A 27 -7.99 6.64 -3.21
N ILE A 28 -8.98 6.10 -3.95
CA ILE A 28 -8.77 5.74 -5.34
C ILE A 28 -8.43 6.97 -6.13
N ASN A 29 -9.16 8.08 -5.89
CA ASN A 29 -8.88 9.32 -6.60
C ASN A 29 -7.49 9.75 -6.23
N GLY A 30 -7.11 9.54 -4.96
CA GLY A 30 -5.80 9.91 -4.48
C GLY A 30 -4.74 9.13 -5.22
N ILE A 31 -4.99 7.83 -5.51
CA ILE A 31 -4.01 7.02 -6.20
C ILE A 31 -3.82 7.56 -7.59
N MET A 32 -4.95 7.87 -8.27
CA MET A 32 -4.89 8.40 -9.62
C MET A 32 -4.22 9.75 -9.58
N SER A 33 -4.53 10.54 -8.53
CA SER A 33 -3.97 11.86 -8.38
C SER A 33 -2.48 11.74 -8.24
N SER A 34 -2.02 10.76 -7.43
CA SER A 34 -0.60 10.58 -7.21
C SER A 34 0.06 10.14 -8.48
N MET A 35 -0.64 9.30 -9.28
CA MET A 35 -0.09 8.81 -10.53
C MET A 35 0.17 9.99 -11.43
N GLN A 36 -0.66 11.06 -11.29
CA GLN A 36 -0.53 12.24 -12.12
C GLN A 36 -0.62 11.81 -13.56
N GLY A 37 0.49 11.98 -14.32
CA GLY A 37 0.49 11.60 -15.71
C GLY A 37 1.87 11.14 -16.03
N GLY A 38 2.54 10.52 -15.03
CA GLY A 38 3.88 10.05 -15.22
C GLY A 38 4.71 10.67 -14.16
N GLY A 39 5.31 9.84 -13.29
CA GLY A 39 6.12 10.34 -12.21
C GLY A 39 5.29 10.24 -10.98
N PHE A 40 5.75 9.44 -10.00
CA PHE A 40 4.99 9.27 -8.79
C PHE A 40 5.63 10.15 -7.74
N ASN A 41 4.83 11.09 -7.19
CA ASN A 41 5.34 11.97 -6.17
C ASN A 41 4.93 11.38 -4.84
N TYR A 42 5.92 10.94 -4.04
CA TYR A 42 5.64 10.34 -2.76
C TYR A 42 5.16 11.40 -1.81
N GLN A 43 5.55 12.67 -2.03
CA GLN A 43 5.14 13.73 -1.13
C GLN A 43 3.65 13.88 -1.20
N ASN A 44 3.08 13.82 -2.42
CA ASN A 44 1.65 13.95 -2.57
C ASN A 44 0.97 12.77 -1.94
N PHE A 45 1.56 11.57 -2.08
CA PHE A 45 0.97 10.38 -1.51
C PHE A 45 0.91 10.52 -0.02
N GLY A 46 2.03 10.95 0.60
CA GLY A 46 2.08 11.11 2.04
C GLY A 46 1.09 12.17 2.47
N ASN A 47 0.97 13.25 1.67
CA ASN A 47 0.06 14.32 2.01
C ASN A 47 -1.35 13.79 1.97
N VAL A 48 -1.65 12.94 0.96
CA VAL A 48 -2.97 12.38 0.81
C VAL A 48 -3.30 11.56 2.04
N LEU A 49 -2.35 10.71 2.49
CA LEU A 49 -2.59 9.88 3.64
C LEU A 49 -2.76 10.74 4.86
N SER A 50 -1.98 11.83 4.96
CA SER A 50 -2.06 12.71 6.11
C SER A 50 -3.42 13.33 6.21
N GLN A 51 -4.00 13.74 5.05
CA GLN A 51 -5.31 14.38 5.04
C GLN A 51 -6.35 13.40 5.47
N PHE A 52 -6.23 12.13 5.02
CA PHE A 52 -7.22 11.14 5.37
C PHE A 52 -7.02 10.78 6.82
N ALA A 53 -5.78 10.93 7.31
CA ALA A 53 -5.47 10.58 8.68
C ALA A 53 -5.96 11.66 9.58
N THR A 54 -5.08 12.63 9.90
CA THR A 54 -5.44 13.70 10.79
C THR A 54 -4.17 14.44 11.12
N GLY A 55 -3.25 13.75 11.80
CA GLY A 55 -1.99 14.35 12.16
C GLY A 55 -0.93 13.31 12.05
N THR A 56 -0.64 12.62 13.18
CA THR A 56 0.38 11.60 13.18
C THR A 56 -0.31 10.28 13.40
N GLY A 57 -0.46 9.89 14.67
CA GLY A 57 -1.11 8.64 14.98
C GLY A 57 -0.08 7.55 14.91
N THR A 58 0.82 7.51 15.92
CA THR A 58 1.86 6.49 15.94
C THR A 58 1.20 5.16 16.15
N CYS A 59 0.11 5.12 16.95
CA CYS A 59 -0.59 3.89 17.17
C CYS A 59 -2.03 4.27 17.34
N ASN A 60 -2.85 3.95 16.32
CA ASN A 60 -4.24 4.28 16.37
C ASN A 60 -4.91 3.35 15.40
N SER A 61 -6.07 2.78 15.80
CA SER A 61 -6.77 1.87 14.93
C SER A 61 -7.28 2.62 13.73
N ASN A 62 -7.55 3.93 13.87
CA ASN A 62 -8.04 4.70 12.75
C ASN A 62 -6.97 4.77 11.70
N ASP A 63 -5.72 5.03 12.12
CA ASP A 63 -4.62 5.13 11.18
C ASP A 63 -4.32 3.78 10.60
N LEU A 64 -4.39 2.70 11.42
CA LEU A 64 -4.08 1.38 10.92
C LEU A 64 -5.13 1.01 9.90
N ASN A 65 -6.40 1.31 10.19
CA ASN A 65 -7.48 0.98 9.28
C ASN A 65 -7.29 1.78 8.02
N LEU A 66 -6.84 3.04 8.15
CA LEU A 66 -6.62 3.87 7.00
C LEU A 66 -5.59 3.21 6.13
N LEU A 67 -4.51 2.68 6.73
CA LEU A 67 -3.47 2.02 5.97
C LEU A 67 -4.05 0.81 5.28
N MET A 68 -4.95 0.06 5.97
CA MET A 68 -5.51 -1.13 5.35
C MET A 68 -6.36 -0.70 4.18
N ASP A 69 -7.11 0.41 4.35
CA ASP A 69 -7.96 0.90 3.29
C ASP A 69 -7.08 1.38 2.16
N ALA A 70 -5.94 2.02 2.48
CA ALA A 70 -5.03 2.51 1.48
C ALA A 70 -4.48 1.35 0.69
N LEU A 71 -4.16 0.23 1.37
CA LEU A 71 -3.64 -0.92 0.69
C LEU A 71 -4.69 -1.45 -0.23
N LEU A 72 -5.96 -1.45 0.24
CA LEU A 72 -7.05 -1.93 -0.58
C LEU A 72 -7.13 -1.12 -1.83
N SER A 73 -7.04 0.23 -1.72
CA SER A 73 -7.12 1.06 -2.90
C SER A 73 -5.92 0.86 -3.78
N ALA A 74 -4.72 0.67 -3.18
CA ALA A 74 -3.52 0.48 -3.97
C ALA A 74 -3.61 -0.83 -4.72
N LEU A 75 -4.06 -1.90 -4.03
CA LEU A 75 -4.16 -3.20 -4.66
C LEU A 75 -5.27 -3.17 -5.66
N HIS A 76 -6.35 -2.44 -5.31
CA HIS A 76 -7.50 -2.30 -6.19
C HIS A 76 -7.02 -1.68 -7.48
N THR A 77 -6.21 -0.61 -7.37
CA THR A 77 -5.71 0.06 -8.54
C THR A 77 -4.89 -0.91 -9.36
N LEU A 78 -4.00 -1.69 -8.71
CA LEU A 78 -3.15 -2.63 -9.42
C LEU A 78 -3.99 -3.68 -10.11
N SER A 79 -5.03 -4.18 -9.42
CA SER A 79 -5.86 -5.23 -9.99
C SER A 79 -6.57 -4.75 -11.22
N TYR A 80 -7.17 -3.54 -11.18
CA TYR A 80 -7.93 -3.06 -12.31
C TYR A 80 -7.02 -2.50 -13.39
N GLN A 81 -5.81 -2.00 -13.04
CA GLN A 81 -4.94 -1.47 -14.08
C GLN A 81 -4.54 -2.57 -15.02
N GLY A 82 -4.55 -3.83 -14.54
CA GLY A 82 -4.17 -4.93 -15.40
C GLY A 82 -5.29 -5.22 -16.37
N MET A 83 -6.49 -4.62 -16.14
CA MET A 83 -7.60 -4.87 -17.03
C MET A 83 -7.87 -3.63 -17.85
N GLY A 84 -7.57 -2.44 -17.29
CA GLY A 84 -7.83 -1.23 -18.03
C GLY A 84 -7.87 -0.10 -17.04
N THR A 85 -8.89 0.78 -17.15
CA THR A 85 -9.01 1.88 -16.23
C THR A 85 -9.59 1.37 -14.95
N VAL A 86 -9.42 2.15 -13.86
CA VAL A 86 -9.93 1.73 -12.58
C VAL A 86 -11.23 2.45 -12.32
N PRO A 87 -12.14 1.76 -11.65
CA PRO A 87 -13.43 2.33 -11.30
C PRO A 87 -13.35 3.25 -10.13
N SER A 88 -14.34 4.15 -10.01
CA SER A 88 -14.36 5.10 -8.92
C SER A 88 -14.79 4.39 -7.66
N TYR A 89 -15.27 3.14 -7.80
CA TYR A 89 -15.71 2.41 -6.62
C TYR A 89 -15.36 0.96 -6.83
N PRO A 90 -14.78 0.33 -5.83
CA PRO A 90 -14.38 -1.06 -5.90
C PRO A 90 -15.54 -2.02 -5.75
N SER A 91 -15.37 -3.26 -6.26
CA SER A 91 -16.42 -4.25 -6.15
C SER A 91 -16.46 -4.72 -4.72
N PRO A 92 -17.64 -5.03 -4.24
CA PRO A 92 -17.83 -5.48 -2.87
C PRO A 92 -17.27 -6.85 -2.61
N SER A 93 -17.20 -7.71 -3.65
CA SER A 93 -16.67 -9.04 -3.47
C SER A 93 -15.21 -8.91 -3.09
N ALA A 94 -14.51 -7.98 -3.76
CA ALA A 94 -13.11 -7.76 -3.49
C ALA A 94 -12.94 -7.19 -2.12
N MET A 95 -13.84 -6.25 -1.75
CA MET A 95 -13.76 -5.60 -0.47
C MET A 95 -13.98 -6.62 0.59
N SER A 96 -14.94 -7.52 0.32
CA SER A 96 -15.28 -8.55 1.27
C SER A 96 -14.12 -9.49 1.48
N ALA A 97 -13.53 -9.97 0.37
CA ALA A 97 -12.42 -10.91 0.46
C ALA A 97 -11.25 -10.26 1.14
N TYR A 98 -10.96 -9.02 0.75
CA TYR A 98 -9.84 -8.30 1.30
C TYR A 98 -10.06 -8.13 2.78
N SER A 99 -11.27 -7.72 3.17
CA SER A 99 -11.56 -7.45 4.55
C SER A 99 -11.41 -8.71 5.37
N GLN A 100 -11.91 -9.85 4.87
CA GLN A 100 -11.84 -11.07 5.64
C GLN A 100 -10.41 -11.48 5.86
N SER A 101 -9.59 -11.43 4.79
CA SER A 101 -8.21 -11.85 4.91
C SER A 101 -7.42 -10.88 5.75
N VAL A 102 -7.56 -9.57 5.47
CA VAL A 102 -6.80 -8.56 6.15
C VAL A 102 -7.16 -8.48 7.61
N ARG A 103 -8.48 -8.53 7.94
CA ARG A 103 -8.87 -8.42 9.33
C ARG A 103 -8.32 -9.57 10.12
N ARG A 104 -8.34 -10.79 9.53
CA ARG A 104 -7.83 -11.95 10.24
C ARG A 104 -6.35 -11.82 10.45
N CYS A 105 -5.64 -11.25 9.45
CA CYS A 105 -4.20 -11.13 9.53
C CYS A 105 -3.78 -10.29 10.72
N PHE A 106 -4.45 -9.14 10.96
CA PHE A 106 -4.05 -8.31 12.07
C PHE A 106 -4.87 -8.65 13.29
N GLY A 107 -5.81 -9.61 13.17
CA GLY A 107 -6.62 -10.00 14.31
C GLY A 107 -7.55 -8.89 14.66
N TYR A 108 -7.99 -8.12 13.65
CA TYR A 108 -8.89 -7.01 13.90
C TYR A 108 -10.32 -7.52 13.75
N GLY B 20 16.49 -5.66 7.81
CA GLY B 20 16.80 -7.10 7.95
C GLY B 20 17.69 -7.53 6.82
N SER B 21 17.95 -8.85 6.73
CA SER B 21 18.81 -9.37 5.68
C SER B 21 18.13 -9.11 4.36
N SER B 22 16.80 -9.30 4.31
CA SER B 22 16.07 -9.08 3.10
C SER B 22 14.72 -8.59 3.51
N ARG B 23 14.17 -7.61 2.75
CA ARG B 23 12.87 -7.08 3.09
C ARG B 23 12.28 -6.45 1.88
N LEU B 24 12.94 -5.38 1.36
CA LEU B 24 12.43 -4.68 0.21
C LEU B 24 12.34 -5.60 -1.00
N PRO B 25 13.40 -6.30 -1.37
CA PRO B 25 13.34 -7.19 -2.52
C PRO B 25 12.36 -8.31 -2.33
N SER B 26 12.17 -8.75 -1.07
CA SER B 26 11.22 -9.82 -0.80
C SER B 26 9.85 -9.28 -1.03
N LEU B 27 9.60 -8.03 -0.60
CA LEU B 27 8.32 -7.39 -0.78
C LEU B 27 8.05 -7.23 -2.25
N ILE B 28 9.06 -6.77 -3.02
CA ILE B 28 8.89 -6.56 -4.44
C ILE B 28 8.56 -7.88 -5.10
N ASN B 29 9.29 -8.95 -4.73
CA ASN B 29 9.02 -10.25 -5.31
C ASN B 29 7.62 -10.65 -4.93
N GLY B 30 7.21 -10.31 -3.70
CA GLY B 30 5.88 -10.62 -3.22
C GLY B 30 4.85 -9.93 -4.06
N ILE B 31 5.12 -8.67 -4.50
CA ILE B 31 4.13 -7.94 -5.28
C ILE B 31 3.99 -8.63 -6.61
N MET B 32 5.14 -9.00 -7.23
CA MET B 32 5.11 -9.67 -8.51
C MET B 32 4.44 -11.01 -8.34
N SER B 33 4.72 -11.68 -7.21
CA SER B 33 4.16 -12.98 -6.93
C SER B 33 2.66 -12.85 -6.84
N SER B 34 2.17 -11.81 -6.15
CA SER B 34 0.75 -11.61 -5.98
C SER B 34 0.12 -11.30 -7.31
N MET B 35 0.83 -10.52 -8.14
CA MET B 35 0.32 -10.14 -9.43
C MET B 35 0.12 -11.40 -10.25
N GLN B 36 0.95 -12.43 -10.00
CA GLN B 36 0.86 -13.69 -10.73
C GLN B 36 0.98 -13.39 -12.20
N GLY B 37 -0.09 -13.69 -12.98
CA GLY B 37 -0.06 -13.43 -14.39
C GLY B 37 -1.43 -13.04 -14.79
N GLY B 38 -2.15 -12.34 -13.88
CA GLY B 38 -3.50 -11.91 -14.16
C GLY B 38 -4.35 -12.44 -13.04
N GLY B 39 -4.97 -11.52 -12.29
CA GLY B 39 -5.81 -11.91 -11.19
C GLY B 39 -5.02 -11.67 -9.95
N PHE B 40 -5.50 -10.78 -9.07
CA PHE B 40 -4.79 -10.48 -7.86
C PHE B 40 -5.45 -11.23 -6.74
N ASN B 41 -4.68 -12.11 -6.07
CA ASN B 41 -5.23 -12.88 -4.98
C ASN B 41 -4.84 -12.16 -3.71
N TYR B 42 -5.86 -11.64 -3.00
CA TYR B 42 -5.61 -10.90 -1.78
C TYR B 42 -5.15 -11.84 -0.71
N GLN B 43 -5.54 -13.13 -0.80
CA GLN B 43 -5.15 -14.09 0.21
C GLN B 43 -3.66 -14.24 0.21
N ASN B 44 -3.06 -14.31 -1.00
CA ASN B 44 -1.63 -14.46 -1.11
C ASN B 44 -0.96 -13.22 -0.57
N PHE B 45 -1.54 -12.04 -0.87
CA PHE B 45 -0.96 -10.79 -0.42
C PHE B 45 -0.95 -10.77 1.09
N GLY B 46 -2.09 -11.14 1.72
CA GLY B 46 -2.17 -11.15 3.17
C GLY B 46 -1.19 -12.14 3.73
N ASN B 47 -1.06 -13.31 3.06
CA ASN B 47 -0.16 -14.34 3.53
C ASN B 47 1.25 -13.81 3.47
N VAL B 48 1.58 -13.07 2.39
CA VAL B 48 2.91 -12.52 2.22
C VAL B 48 3.20 -11.57 3.35
N LEU B 49 2.24 -10.69 3.68
CA LEU B 49 2.45 -9.74 4.76
C LEU B 49 2.60 -10.47 6.06
N SER B 50 1.81 -11.54 6.25
CA SER B 50 1.85 -12.29 7.50
C SER B 50 3.21 -12.90 7.70
N GLN B 51 3.82 -13.42 6.60
CA GLN B 51 5.12 -14.06 6.70
C GLN B 51 6.17 -13.04 7.05
N PHE B 52 6.05 -11.84 6.47
CA PHE B 52 7.03 -10.80 6.74
C PHE B 52 6.79 -10.29 8.13
N ALA B 53 5.54 -10.39 8.60
CA ALA B 53 5.20 -9.90 9.91
C ALA B 53 5.66 -10.88 10.94
N THR B 54 4.76 -11.81 11.33
CA THR B 54 5.10 -12.78 12.35
C THR B 54 3.82 -13.47 12.71
N GLY B 55 2.88 -12.71 13.30
CA GLY B 55 1.61 -13.28 13.69
C GLY B 55 0.56 -12.26 13.43
N THR B 56 0.24 -11.46 14.47
CA THR B 56 -0.78 -10.44 14.34
C THR B 56 -0.10 -9.11 14.43
N GLY B 57 0.02 -8.58 15.66
CA GLY B 57 0.67 -7.30 15.86
C GLY B 57 -0.36 -6.24 15.64
N THR B 58 -1.29 -6.08 16.61
CA THR B 58 -2.33 -5.08 16.50
C THR B 58 -1.67 -3.72 16.58
N CYS B 59 -0.61 -3.61 17.40
CA CYS B 59 0.09 -2.35 17.52
C CYS B 59 1.53 -2.71 17.75
N ASN B 60 2.37 -2.50 16.73
CA ASN B 60 3.76 -2.81 16.86
C ASN B 60 4.46 -2.00 15.82
N SER B 61 5.60 -1.38 16.18
CA SER B 61 6.34 -0.57 15.25
C SER B 61 6.87 -1.44 14.14
N ASN B 62 7.14 -2.73 14.43
CA ASN B 62 7.66 -3.62 13.41
C ASN B 62 6.62 -3.80 12.34
N ASP B 63 5.35 -4.01 12.76
CA ASP B 63 4.29 -4.22 11.80
C ASP B 63 4.00 -2.93 11.07
N LEU B 64 4.04 -1.78 11.78
CA LEU B 64 3.75 -0.53 11.13
C LEU B 64 4.82 -0.26 10.10
N ASN B 65 6.10 -0.51 10.46
CA ASN B 65 7.20 -0.29 9.54
C ASN B 65 7.05 -1.21 8.38
N LEU B 66 6.58 -2.46 8.63
CA LEU B 66 6.39 -3.41 7.56
C LEU B 66 5.40 -2.85 6.60
N LEU B 67 4.30 -2.24 7.12
CA LEU B 67 3.29 -1.68 6.26
C LEU B 67 3.88 -0.55 5.46
N MET B 68 4.75 0.28 6.08
CA MET B 68 5.35 1.39 5.37
C MET B 68 6.22 0.84 4.28
N ASP B 69 6.97 -0.24 4.58
CA ASP B 69 7.84 -0.85 3.60
C ASP B 69 6.99 -1.44 2.49
N ALA B 70 5.84 -2.04 2.86
CA ALA B 70 4.96 -2.64 1.89
C ALA B 70 4.44 -1.57 0.96
N LEU B 71 4.09 -0.39 1.52
CA LEU B 71 3.59 0.69 0.70
C LEU B 71 4.68 1.12 -0.24
N LEU B 72 5.93 1.17 0.26
CA LEU B 72 7.04 1.56 -0.57
C LEU B 72 7.15 0.62 -1.73
N SER B 73 7.06 -0.70 -1.48
CA SER B 73 7.19 -1.66 -2.56
C SER B 73 6.00 -1.55 -3.49
N ALA B 74 4.78 -1.30 -2.95
CA ALA B 74 3.60 -1.20 -3.78
C ALA B 74 3.71 0.02 -4.67
N LEU B 75 4.14 1.16 -4.08
CA LEU B 75 4.26 2.39 -4.84
C LEU B 75 5.40 2.25 -5.79
N HIS B 76 6.48 1.55 -5.35
CA HIS B 76 7.64 1.33 -6.18
C HIS B 76 7.20 0.58 -7.40
N THR B 77 6.39 -0.47 -7.20
CA THR B 77 5.92 -1.27 -8.31
C THR B 77 5.13 -0.39 -9.25
N LEU B 78 4.21 0.45 -8.71
CA LEU B 78 3.39 1.32 -9.54
C LEU B 78 4.25 2.28 -10.31
N SER B 79 5.27 2.86 -9.66
CA SER B 79 6.11 3.85 -10.31
C SER B 79 6.87 3.23 -11.46
N TYR B 80 7.46 2.03 -11.28
CA TYR B 80 8.24 1.44 -12.34
C TYR B 80 7.37 0.78 -13.36
N GLN B 81 6.15 0.32 -13.00
CA GLN B 81 5.30 -0.33 -14.00
C GLN B 81 4.92 0.66 -15.07
N GLY B 82 4.93 1.97 -14.73
CA GLY B 82 4.58 2.97 -15.70
C GLY B 82 5.73 3.15 -16.66
N MET B 83 6.91 2.59 -16.36
CA MET B 83 8.05 2.74 -17.23
C MET B 83 8.34 1.42 -17.90
N GLY B 84 8.03 0.29 -17.22
CA GLY B 84 8.30 -1.00 -17.82
C GLY B 84 8.31 -2.01 -16.72
N THR B 85 9.33 -2.90 -16.70
CA THR B 85 9.41 -3.90 -15.68
C THR B 85 9.96 -3.26 -14.44
N VAL B 86 9.77 -3.92 -13.28
CA VAL B 86 10.24 -3.36 -12.04
C VAL B 86 11.54 -4.04 -11.67
N PRO B 87 12.42 -3.29 -11.05
CA PRO B 87 13.71 -3.80 -10.60
C PRO B 87 13.59 -4.60 -9.35
N SER B 88 14.58 -5.47 -9.10
CA SER B 88 14.56 -6.31 -7.91
C SER B 88 14.96 -5.47 -6.74
N TYR B 89 15.45 -4.22 -6.98
CA TYR B 89 15.85 -3.38 -5.89
C TYR B 89 15.52 -1.97 -6.26
N PRO B 90 14.90 -1.24 -5.34
CA PRO B 90 14.51 0.15 -5.58
C PRO B 90 15.66 1.12 -5.49
N SER B 91 15.50 2.30 -6.13
CA SER B 91 16.56 3.29 -6.11
C SER B 91 16.55 3.92 -4.74
N PRO B 92 17.73 4.26 -4.25
CA PRO B 92 17.87 4.87 -2.93
C PRO B 92 17.33 6.26 -2.84
N SER B 93 17.27 7.00 -3.97
CA SER B 93 16.73 8.34 -3.94
C SER B 93 15.28 8.25 -3.59
N ALA B 94 14.58 7.25 -4.17
CA ALA B 94 13.17 7.08 -3.92
C ALA B 94 12.97 6.63 -2.50
N MET B 95 13.86 5.75 -2.02
CA MET B 95 13.75 5.23 -0.67
C MET B 95 13.95 6.36 0.28
N SER B 96 14.91 7.23 -0.05
CA SER B 96 15.23 8.35 0.78
C SER B 96 14.06 9.30 0.86
N ALA B 97 13.51 9.67 -0.30
CA ALA B 97 12.40 10.60 -0.34
C ALA B 97 11.21 10.04 0.37
N TYR B 98 10.93 8.75 0.10
CA TYR B 98 9.80 8.09 0.71
C TYR B 98 9.97 8.08 2.19
N SER B 99 11.18 7.72 2.65
CA SER B 99 11.42 7.61 4.07
C SER B 99 11.25 8.93 4.74
N GLN B 100 11.77 10.03 4.14
CA GLN B 100 11.67 11.33 4.76
C GLN B 100 10.24 11.74 4.91
N SER B 101 9.45 11.59 3.83
CA SER B 101 8.06 12.02 3.87
C SER B 101 7.25 11.13 4.78
N VAL B 102 7.41 9.81 4.64
CA VAL B 102 6.61 8.87 5.41
C VAL B 102 6.95 8.95 6.88
N ARG B 103 8.24 9.03 7.24
CA ARG B 103 8.60 9.07 8.64
C ARG B 103 8.03 10.30 9.29
N ARG B 104 8.07 11.45 8.58
CA ARG B 104 7.54 12.68 9.14
C ARG B 104 6.06 12.57 9.32
N CYS B 105 5.38 11.89 8.37
CA CYS B 105 3.93 11.79 8.42
C CYS B 105 3.48 11.06 9.68
N PHE B 106 4.13 9.95 10.06
CA PHE B 106 3.70 9.24 11.24
C PHE B 106 4.49 9.71 12.44
N GLY B 107 5.44 10.65 12.24
CA GLY B 107 6.20 11.16 13.36
C GLY B 107 7.14 10.09 13.85
N TYR B 108 7.60 9.23 12.94
CA TYR B 108 8.49 8.15 13.33
C TYR B 108 9.94 8.66 13.17
N GLY A 20 -21.98 16.13 -0.68
CA GLY A 20 -21.81 14.65 -0.59
C GLY A 20 -20.50 14.34 0.06
N SER A 21 -20.20 13.04 0.23
CA SER A 21 -18.96 12.65 0.85
C SER A 21 -18.61 11.31 0.29
N SER A 22 -17.30 11.04 0.13
CA SER A 22 -16.87 9.77 -0.40
C SER A 22 -15.83 9.23 0.54
N ARG A 23 -15.80 7.89 0.71
CA ARG A 23 -14.85 7.29 1.61
C ARG A 23 -13.76 6.66 0.78
N LEU A 24 -14.01 5.43 0.27
CA LEU A 24 -13.02 4.72 -0.52
C LEU A 24 -12.70 5.48 -1.80
N PRO A 25 -13.69 5.98 -2.53
CA PRO A 25 -13.43 6.71 -3.76
C PRO A 25 -12.47 7.86 -3.59
N SER A 26 -12.47 8.49 -2.40
CA SER A 26 -11.57 9.60 -2.16
C SER A 26 -10.15 9.09 -2.22
N LEU A 27 -9.91 7.89 -1.63
CA LEU A 27 -8.58 7.31 -1.64
C LEU A 27 -8.22 6.95 -3.05
N ILE A 28 -9.20 6.40 -3.82
CA ILE A 28 -8.96 6.00 -5.19
C ILE A 28 -8.57 7.21 -5.99
N ASN A 29 -9.29 8.34 -5.79
CA ASN A 29 -8.99 9.56 -6.51
C ASN A 29 -7.58 9.98 -6.16
N GLY A 30 -7.20 9.78 -4.88
CA GLY A 30 -5.88 10.13 -4.42
C GLY A 30 -4.85 9.31 -5.15
N ILE A 31 -5.16 8.01 -5.43
CA ILE A 31 -4.22 7.15 -6.11
C ILE A 31 -4.02 7.68 -7.51
N MET A 32 -5.14 8.04 -8.19
CA MET A 32 -5.07 8.54 -9.54
C MET A 32 -4.35 9.86 -9.53
N SER A 33 -4.59 10.66 -8.47
CA SER A 33 -3.97 11.96 -8.34
C SER A 33 -2.48 11.84 -8.28
N SER A 34 -1.97 10.86 -7.51
CA SER A 34 -0.53 10.71 -7.37
C SER A 34 0.01 9.92 -8.54
N MET A 35 -0.87 9.32 -9.34
CA MET A 35 -0.43 8.55 -10.50
C MET A 35 0.07 9.51 -11.55
N GLN A 36 -0.43 10.77 -11.50
CA GLN A 36 -0.02 11.76 -12.47
C GLN A 36 1.41 12.13 -12.19
N GLY A 37 2.16 12.49 -13.27
CA GLY A 37 3.55 12.87 -13.11
C GLY A 37 4.38 11.94 -13.94
N GLY A 38 3.80 10.78 -14.34
CA GLY A 38 4.53 9.85 -15.16
C GLY A 38 5.22 8.86 -14.25
N GLY A 39 5.15 9.10 -12.93
CA GLY A 39 5.77 8.22 -11.99
C GLY A 39 4.88 8.20 -10.79
N PHE A 40 5.40 8.67 -9.64
CA PHE A 40 4.59 8.68 -8.46
C PHE A 40 5.17 9.71 -7.54
N ASN A 41 4.31 10.60 -6.98
CA ASN A 41 4.79 11.61 -6.07
C ASN A 41 4.57 11.10 -4.69
N TYR A 42 5.68 10.82 -3.96
CA TYR A 42 5.59 10.30 -2.62
C TYR A 42 5.12 11.37 -1.69
N GLN A 43 5.50 12.65 -1.96
CA GLN A 43 5.13 13.74 -1.10
C GLN A 43 3.63 13.88 -1.09
N ASN A 44 3.01 13.77 -2.28
CA ASN A 44 1.57 13.90 -2.37
C ASN A 44 0.93 12.75 -1.64
N PHE A 45 1.52 11.54 -1.76
CA PHE A 45 0.96 10.37 -1.11
C PHE A 45 0.97 10.57 0.38
N GLY A 46 2.10 11.06 0.95
CA GLY A 46 2.19 11.27 2.37
C GLY A 46 1.17 12.29 2.79
N ASN A 47 0.99 13.36 1.99
CA ASN A 47 0.03 14.39 2.32
C ASN A 47 -1.35 13.80 2.29
N VAL A 48 -1.61 12.91 1.30
CA VAL A 48 -2.91 12.29 1.17
C VAL A 48 -3.20 11.48 2.41
N LEU A 49 -2.22 10.68 2.88
CA LEU A 49 -2.44 9.86 4.06
C LEU A 49 -2.67 10.75 5.25
N SER A 50 -1.88 11.84 5.36
CA SER A 50 -2.01 12.73 6.50
C SER A 50 -3.38 13.35 6.53
N GLN A 51 -3.88 13.78 5.35
CA GLN A 51 -5.17 14.44 5.26
C GLN A 51 -6.27 13.46 5.55
N PHE A 52 -6.12 12.21 5.08
CA PHE A 52 -7.15 11.21 5.30
C PHE A 52 -7.12 10.84 6.76
N ALA A 53 -5.93 10.94 7.38
CA ALA A 53 -5.80 10.56 8.76
C ALA A 53 -6.07 11.75 9.63
N THR A 54 -4.99 12.48 10.00
CA THR A 54 -5.12 13.63 10.87
C THR A 54 -3.73 14.02 11.25
N GLY A 55 -2.99 13.07 11.87
CA GLY A 55 -1.63 13.32 12.26
C GLY A 55 -1.55 13.08 13.74
N THR A 56 -1.90 11.85 14.18
CA THR A 56 -1.86 11.53 15.59
C THR A 56 -0.42 11.39 16.01
N GLY A 57 0.39 10.73 15.15
CA GLY A 57 1.79 10.54 15.44
C GLY A 57 1.93 9.34 16.34
N THR A 58 0.81 8.64 16.62
CA THR A 58 0.86 7.48 17.47
C THR A 58 0.09 6.39 16.80
N CYS A 59 0.28 5.12 17.25
CA CYS A 59 -0.43 4.01 16.67
C CYS A 59 -1.87 4.15 17.07
N ASN A 60 -2.78 4.09 16.08
CA ASN A 60 -4.18 4.21 16.35
C ASN A 60 -4.88 3.33 15.36
N SER A 61 -6.09 2.87 15.71
CA SER A 61 -6.83 2.01 14.83
C SER A 61 -7.21 2.77 13.58
N ASN A 62 -7.50 4.08 13.71
CA ASN A 62 -7.89 4.85 12.55
C ASN A 62 -6.74 4.92 11.57
N ASP A 63 -5.51 5.10 12.09
CA ASP A 63 -4.36 5.19 11.22
C ASP A 63 -4.07 3.85 10.61
N LEU A 64 -4.21 2.76 11.40
CA LEU A 64 -3.92 1.44 10.89
C LEU A 64 -4.95 1.08 9.84
N ASN A 65 -6.24 1.40 10.11
CA ASN A 65 -7.30 1.09 9.17
C ASN A 65 -7.09 1.89 7.92
N LEU A 66 -6.60 3.15 8.06
CA LEU A 66 -6.36 3.98 6.91
C LEU A 66 -5.36 3.30 6.02
N LEU A 67 -4.32 2.70 6.61
CA LEU A 67 -3.31 2.02 5.82
C LEU A 67 -3.94 0.87 5.10
N MET A 68 -4.86 0.14 5.76
CA MET A 68 -5.51 -0.99 5.12
C MET A 68 -6.33 -0.46 3.95
N ASP A 69 -7.00 0.69 4.15
CA ASP A 69 -7.80 1.28 3.09
C ASP A 69 -6.89 1.69 1.96
N ALA A 70 -5.71 2.26 2.30
CA ALA A 70 -4.77 2.71 1.30
C ALA A 70 -4.31 1.51 0.50
N LEU A 71 -4.05 0.38 1.19
CA LEU A 71 -3.60 -0.81 0.50
C LEU A 71 -4.70 -1.29 -0.38
N LEU A 72 -5.95 -1.25 0.12
CA LEU A 72 -7.07 -1.71 -0.66
C LEU A 72 -7.17 -0.89 -1.92
N SER A 73 -7.07 0.44 -1.81
CA SER A 73 -7.17 1.29 -2.98
C SER A 73 -5.99 1.03 -3.91
N ALA A 74 -4.77 0.89 -3.36
CA ALA A 74 -3.60 0.67 -4.18
C ALA A 74 -3.71 -0.65 -4.90
N LEU A 75 -4.12 -1.71 -4.18
CA LEU A 75 -4.23 -3.03 -4.78
C LEU A 75 -5.37 -3.02 -5.74
N HIS A 76 -6.45 -2.29 -5.39
CA HIS A 76 -7.61 -2.20 -6.24
C HIS A 76 -7.19 -1.59 -7.55
N THR A 77 -6.39 -0.50 -7.49
CA THR A 77 -5.94 0.15 -8.69
C THR A 77 -5.12 -0.83 -9.51
N LEU A 78 -4.19 -1.57 -8.86
CA LEU A 78 -3.34 -2.50 -9.59
C LEU A 78 -4.16 -3.58 -10.24
N SER A 79 -5.17 -4.11 -9.53
CA SER A 79 -5.98 -5.18 -10.06
C SER A 79 -6.70 -4.75 -11.30
N TYR A 80 -7.31 -3.54 -11.28
CA TYR A 80 -8.07 -3.09 -12.43
C TYR A 80 -7.19 -2.54 -13.50
N GLN A 81 -5.98 -2.03 -13.17
CA GLN A 81 -5.10 -1.51 -14.22
C GLN A 81 -4.75 -2.60 -15.19
N GLY A 82 -4.57 -3.83 -14.68
CA GLY A 82 -4.23 -4.94 -15.56
C GLY A 82 -5.41 -5.29 -16.42
N MET A 83 -6.61 -4.79 -16.07
CA MET A 83 -7.79 -5.10 -16.84
C MET A 83 -8.09 -3.95 -17.76
N GLY A 84 -7.72 -2.71 -17.36
CA GLY A 84 -7.99 -1.56 -18.19
C GLY A 84 -8.09 -0.38 -17.28
N THR A 85 -9.18 0.41 -17.42
CA THR A 85 -9.36 1.57 -16.59
C THR A 85 -9.88 1.11 -15.25
N VAL A 86 -9.71 1.96 -14.22
CA VAL A 86 -10.15 1.59 -12.90
C VAL A 86 -11.47 2.29 -12.63
N PRO A 87 -12.33 1.62 -11.88
CA PRO A 87 -13.62 2.16 -11.52
C PRO A 87 -13.53 3.12 -10.38
N SER A 88 -14.56 4.00 -10.25
CA SER A 88 -14.57 4.97 -9.20
C SER A 88 -15.04 4.31 -7.93
N TYR A 89 -15.52 3.05 -8.04
CA TYR A 89 -15.98 2.36 -6.86
C TYR A 89 -15.52 0.92 -6.98
N PRO A 90 -14.93 0.41 -5.92
CA PRO A 90 -14.43 -0.97 -5.91
C PRO A 90 -15.49 -2.01 -5.77
N SER A 91 -15.20 -3.23 -6.24
CA SER A 91 -16.15 -4.32 -6.15
C SER A 91 -16.20 -4.76 -4.71
N PRO A 92 -17.40 -4.88 -4.17
CA PRO A 92 -17.57 -5.29 -2.78
C PRO A 92 -17.16 -6.71 -2.51
N SER A 93 -17.19 -7.58 -3.55
CA SER A 93 -16.78 -8.95 -3.35
C SER A 93 -15.30 -8.95 -3.08
N ALA A 94 -14.56 -8.11 -3.82
CA ALA A 94 -13.14 -8.00 -3.65
C ALA A 94 -12.84 -7.36 -2.34
N MET A 95 -13.66 -6.35 -1.97
CA MET A 95 -13.48 -5.62 -0.75
C MET A 95 -13.67 -6.58 0.38
N SER A 96 -14.67 -7.45 0.23
CA SER A 96 -14.98 -8.43 1.25
C SER A 96 -13.83 -9.37 1.43
N ALA A 97 -13.28 -9.89 0.32
CA ALA A 97 -12.19 -10.84 0.39
C ALA A 97 -10.99 -10.19 1.02
N TYR A 98 -10.70 -8.95 0.60
CA TYR A 98 -9.57 -8.22 1.12
C TYR A 98 -9.76 -8.01 2.59
N SER A 99 -10.98 -7.60 2.98
CA SER A 99 -11.26 -7.29 4.36
C SER A 99 -11.04 -8.51 5.21
N GLN A 100 -11.49 -9.69 4.74
CA GLN A 100 -11.34 -10.89 5.51
C GLN A 100 -9.88 -11.24 5.63
N SER A 101 -9.13 -11.05 4.53
CA SER A 101 -7.72 -11.40 4.52
C SER A 101 -6.92 -10.53 5.46
N VAL A 102 -7.16 -9.21 5.46
CA VAL A 102 -6.37 -8.34 6.32
C VAL A 102 -6.89 -8.35 7.72
N ARG A 103 -8.21 -8.52 7.90
CA ARG A 103 -8.78 -8.52 9.24
C ARG A 103 -8.16 -9.66 10.01
N ARG A 104 -8.06 -10.85 9.39
CA ARG A 104 -7.51 -11.98 10.06
C ARG A 104 -6.03 -11.80 10.29
N CYS A 105 -5.31 -11.26 9.28
CA CYS A 105 -3.87 -11.11 9.39
C CYS A 105 -3.47 -10.14 10.47
N PHE A 106 -4.15 -8.98 10.59
CA PHE A 106 -3.76 -8.02 11.61
C PHE A 106 -4.56 -8.22 12.85
N GLY A 107 -5.75 -8.85 12.75
CA GLY A 107 -6.57 -9.08 13.93
C GLY A 107 -7.36 -7.83 14.20
N TYR A 108 -7.23 -6.81 13.33
CA TYR A 108 -7.95 -5.57 13.53
C TYR A 108 -9.14 -5.56 12.56
N GLY B 20 21.89 -16.21 0.90
CA GLY B 20 21.73 -14.72 0.90
C GLY B 20 20.40 -14.38 1.49
N SER B 21 20.10 -13.07 1.57
CA SER B 21 18.85 -12.64 2.14
C SER B 21 18.51 -11.33 1.49
N SER B 22 17.21 -11.08 1.27
CA SER B 22 16.79 -9.85 0.65
C SER B 22 15.73 -9.25 1.52
N ARG B 23 15.70 -7.91 1.62
CA ARG B 23 14.72 -7.25 2.45
C ARG B 23 13.65 -6.67 1.55
N LEU B 24 13.92 -5.48 0.97
CA LEU B 24 12.95 -4.82 0.11
C LEU B 24 12.66 -5.66 -1.11
N PRO B 25 13.67 -6.19 -1.79
CA PRO B 25 13.44 -7.01 -2.99
C PRO B 25 12.47 -8.15 -2.76
N SER B 26 12.45 -8.70 -1.53
CA SER B 26 11.53 -9.79 -1.24
C SER B 26 10.13 -9.28 -1.36
N LEU B 27 9.86 -8.06 -0.86
CA LEU B 27 8.54 -7.48 -0.94
C LEU B 27 8.22 -7.21 -2.38
N ILE B 28 9.22 -6.71 -3.14
CA ILE B 28 9.00 -6.39 -4.54
C ILE B 28 8.64 -7.66 -5.28
N ASN B 29 9.36 -8.77 -4.99
CA ASN B 29 9.07 -10.03 -5.65
C ASN B 29 7.66 -10.42 -5.32
N GLY B 30 7.25 -10.16 -4.06
CA GLY B 30 5.90 -10.48 -3.62
C GLY B 30 4.90 -9.71 -4.44
N ILE B 31 5.22 -8.44 -4.79
CA ILE B 31 4.30 -7.62 -5.56
C ILE B 31 4.13 -8.25 -6.92
N MET B 32 5.25 -8.64 -7.57
CA MET B 32 5.19 -9.24 -8.89
C MET B 32 4.49 -10.56 -8.79
N SER B 33 4.70 -11.28 -7.66
CA SER B 33 4.10 -12.57 -7.45
C SER B 33 2.60 -12.43 -7.45
N SER B 34 2.07 -11.39 -6.77
CA SER B 34 0.63 -11.22 -6.70
C SER B 34 0.13 -10.53 -7.94
N MET B 35 1.04 -10.00 -8.77
CA MET B 35 0.63 -9.33 -9.99
C MET B 35 0.12 -10.37 -10.96
N GLN B 36 0.60 -11.62 -10.81
CA GLN B 36 0.20 -12.67 -11.70
C GLN B 36 -1.23 -13.02 -11.42
N GLY B 37 -1.97 -13.43 -12.48
CA GLY B 37 -3.36 -13.78 -12.33
C GLY B 37 -4.16 -12.90 -13.25
N GLY B 38 -3.56 -11.78 -13.72
CA GLY B 38 -4.26 -10.89 -14.60
C GLY B 38 -4.95 -9.84 -13.79
N GLY B 39 -4.92 -9.99 -12.45
CA GLY B 39 -5.55 -9.05 -11.58
C GLY B 39 -4.70 -8.95 -10.37
N PHE B 40 -5.23 -9.35 -9.21
CA PHE B 40 -4.46 -9.28 -8.01
C PHE B 40 -5.06 -10.25 -7.03
N ASN B 41 -4.22 -11.10 -6.40
CA ASN B 41 -4.72 -12.06 -5.45
C ASN B 41 -4.54 -11.46 -4.09
N TYR B 42 -5.66 -11.14 -3.42
CA TYR B 42 -5.61 -10.53 -2.11
C TYR B 42 -5.17 -11.56 -1.10
N GLN B 43 -5.54 -12.84 -1.30
CA GLN B 43 -5.19 -13.87 -0.36
C GLN B 43 -3.69 -14.01 -0.30
N ASN B 44 -3.04 -13.97 -1.48
CA ASN B 44 -1.60 -14.10 -1.52
C ASN B 44 -0.98 -12.91 -0.85
N PHE B 45 -1.55 -11.72 -1.06
CA PHE B 45 -1.02 -10.51 -0.47
C PHE B 45 -1.07 -10.61 1.03
N GLY B 46 -2.22 -11.06 1.59
CA GLY B 46 -2.34 -11.19 3.03
C GLY B 46 -1.32 -12.17 3.53
N ASN B 47 -1.13 -13.30 2.80
CA ASN B 47 -0.18 -14.30 3.23
C ASN B 47 1.20 -13.71 3.18
N VAL B 48 1.49 -12.89 2.16
CA VAL B 48 2.78 -12.27 2.01
C VAL B 48 3.05 -11.39 3.21
N LEU B 49 2.06 -10.56 3.61
CA LEU B 49 2.25 -9.66 4.73
C LEU B 49 2.44 -10.47 6.00
N SER B 50 1.66 -11.56 6.15
CA SER B 50 1.76 -12.37 7.35
C SER B 50 3.13 -13.00 7.44
N GLN B 51 3.65 -13.50 6.31
CA GLN B 51 4.95 -14.16 6.29
C GLN B 51 6.04 -13.16 6.56
N PHE B 52 5.91 -11.94 5.99
CA PHE B 52 6.93 -10.94 6.18
C PHE B 52 6.86 -10.47 7.60
N ALA B 53 5.67 -10.53 8.21
CA ALA B 53 5.49 -10.07 9.55
C ALA B 53 5.74 -11.21 10.51
N THR B 54 4.65 -11.90 10.90
CA THR B 54 4.75 -12.99 11.84
C THR B 54 3.35 -13.36 12.21
N GLY B 55 2.61 -12.38 12.73
CA GLY B 55 1.23 -12.60 13.12
C GLY B 55 1.11 -12.27 14.57
N THR B 56 1.46 -11.02 14.95
CA THR B 56 1.37 -10.61 16.33
C THR B 56 -0.07 -10.43 16.70
N GLY B 57 -0.86 -9.83 15.79
CA GLY B 57 -2.27 -9.62 16.04
C GLY B 57 -2.43 -8.37 16.84
N THR B 58 -1.31 -7.65 17.11
CA THR B 58 -1.38 -6.44 17.89
C THR B 58 -0.59 -5.40 17.16
N CYS B 59 -0.79 -4.11 17.54
CA CYS B 59 -0.07 -3.04 16.90
C CYS B 59 1.36 -3.14 17.35
N ASN B 60 2.29 -3.15 16.37
CA ASN B 60 3.68 -3.24 16.69
C ASN B 60 4.41 -2.44 15.65
N SER B 61 5.62 -1.95 16.01
CA SER B 61 6.38 -1.14 15.09
C SER B 61 6.79 -1.97 13.91
N ASN B 62 7.08 -3.27 14.12
CA ASN B 62 7.49 -4.12 13.03
C ASN B 62 6.37 -4.25 12.03
N ASP B 63 5.13 -4.39 12.52
CA ASP B 63 4.00 -4.54 11.64
C ASP B 63 3.73 -3.23 10.92
N LEU B 64 3.85 -2.10 11.64
CA LEU B 64 3.58 -0.82 11.03
C LEU B 64 4.64 -0.54 10.00
N ASN B 65 5.91 -0.83 10.33
CA ASN B 65 7.01 -0.59 9.40
C ASN B 65 6.82 -1.48 8.20
N LEU B 66 6.32 -2.71 8.41
CA LEU B 66 6.11 -3.62 7.31
C LEU B 66 5.14 -3.00 6.35
N LEU B 67 4.08 -2.36 6.88
CA LEU B 67 3.10 -1.72 6.02
C LEU B 67 3.76 -0.63 5.25
N MET B 68 4.69 0.14 5.89
CA MET B 68 5.34 1.21 5.19
C MET B 68 6.16 0.63 4.07
N ASP B 69 6.83 -0.52 4.35
CA ASP B 69 7.64 -1.17 3.34
C ASP B 69 6.75 -1.66 2.23
N ALA B 70 5.56 -2.20 2.58
CA ALA B 70 4.64 -2.71 1.59
C ALA B 70 4.20 -1.57 0.71
N LEU B 71 3.93 -0.38 1.31
CA LEU B 71 3.50 0.76 0.54
C LEU B 71 4.64 1.18 -0.35
N LEU B 72 5.86 1.17 0.19
CA LEU B 72 7.01 1.58 -0.59
C LEU B 72 7.14 0.69 -1.79
N SER B 73 7.02 -0.64 -1.60
CA SER B 73 7.16 -1.56 -2.71
C SER B 73 6.00 -1.37 -3.68
N ALA B 74 4.77 -1.18 -3.17
CA ALA B 74 3.63 -1.02 -4.04
C ALA B 74 3.74 0.25 -4.84
N LEU B 75 4.14 1.36 -4.17
CA LEU B 75 4.27 2.63 -4.85
C LEU B 75 5.44 2.57 -5.79
N HIS B 76 6.51 1.87 -5.36
CA HIS B 76 7.69 1.71 -6.17
C HIS B 76 7.29 1.04 -7.46
N THR B 77 6.49 -0.05 -7.35
CA THR B 77 6.06 -0.77 -8.53
C THR B 77 5.27 0.15 -9.41
N LEU B 78 4.33 0.93 -8.85
CA LEU B 78 3.50 1.82 -9.65
C LEU B 78 4.33 2.86 -10.34
N SER B 79 5.33 3.42 -9.64
CA SER B 79 6.15 4.47 -10.22
C SER B 79 6.92 3.95 -11.40
N TYR B 80 7.51 2.74 -11.29
CA TYR B 80 8.30 2.22 -12.39
C TYR B 80 7.44 1.60 -13.45
N GLN B 81 6.23 1.11 -13.13
CA GLN B 81 5.38 0.52 -14.15
C GLN B 81 5.05 1.55 -15.19
N GLY B 82 4.86 2.80 -14.78
CA GLY B 82 4.53 3.85 -15.72
C GLY B 82 5.73 4.15 -16.57
N MET B 83 6.93 3.68 -16.16
CA MET B 83 8.13 3.94 -16.93
C MET B 83 8.45 2.74 -17.77
N GLY B 84 8.07 1.54 -17.30
CA GLY B 84 8.36 0.34 -18.05
C GLY B 84 8.44 -0.79 -17.07
N THR B 85 9.56 -1.56 -17.13
CA THR B 85 9.73 -2.67 -16.22
C THR B 85 10.19 -2.12 -14.90
N VAL B 86 10.03 -2.91 -13.82
CA VAL B 86 10.43 -2.46 -12.52
C VAL B 86 11.73 -3.14 -12.17
N PRO B 87 12.57 -2.42 -11.44
CA PRO B 87 13.86 -2.95 -11.00
C PRO B 87 13.73 -3.84 -9.82
N SER B 88 14.74 -4.70 -9.60
CA SER B 88 14.72 -5.62 -8.49
C SER B 88 15.16 -4.87 -7.25
N TYR B 89 15.64 -3.62 -7.42
CA TYR B 89 16.09 -2.86 -6.28
C TYR B 89 15.63 -1.44 -6.50
N PRO B 90 15.01 -0.85 -5.49
CA PRO B 90 14.50 0.51 -5.58
C PRO B 90 15.57 1.56 -5.49
N SER B 91 15.28 2.76 -6.03
CA SER B 91 16.23 3.85 -6.00
C SER B 91 16.24 4.39 -4.58
N PRO B 92 17.43 4.54 -4.02
CA PRO B 92 17.57 5.04 -2.66
C PRO B 92 17.13 6.47 -2.50
N SER B 93 17.20 7.27 -3.58
CA SER B 93 16.77 8.65 -3.49
C SER B 93 15.29 8.66 -3.25
N ALA B 94 14.56 7.77 -3.96
CA ALA B 94 13.13 7.67 -3.82
C ALA B 94 12.82 7.12 -2.47
N MET B 95 13.63 6.13 -2.02
CA MET B 95 13.42 5.50 -0.76
C MET B 95 13.58 6.51 0.32
N SER B 96 14.58 7.38 0.13
CA SER B 96 14.88 8.41 1.09
C SER B 96 13.72 9.36 1.19
N ALA B 97 13.20 9.82 0.02
CA ALA B 97 12.10 10.76 0.01
C ALA B 97 10.89 10.16 0.65
N TYR B 98 10.61 8.90 0.30
CA TYR B 98 9.47 8.20 0.84
C TYR B 98 9.62 8.08 2.32
N SER B 99 10.83 7.69 2.77
CA SER B 99 11.07 7.48 4.18
C SER B 99 10.84 8.75 4.94
N GLN B 100 11.30 9.89 4.40
CA GLN B 100 11.12 11.15 5.09
C GLN B 100 9.66 11.50 5.16
N SER B 101 8.94 11.24 4.06
CA SER B 101 7.54 11.58 3.98
C SER B 101 6.71 10.78 4.96
N VAL B 102 6.95 9.45 5.05
CA VAL B 102 6.14 8.64 5.94
C VAL B 102 6.62 8.75 7.35
N ARG B 103 7.94 8.93 7.55
CA ARG B 103 8.47 9.02 8.90
C ARG B 103 7.84 10.20 9.59
N ARG B 104 7.75 11.35 8.90
CA ARG B 104 7.19 12.53 9.48
C ARG B 104 5.70 12.35 9.68
N CYS B 105 5.00 11.76 8.68
CA CYS B 105 3.57 11.61 8.76
C CYS B 105 3.14 10.72 9.91
N PHE B 106 3.82 9.57 10.11
CA PHE B 106 3.39 8.68 11.18
C PHE B 106 4.17 8.94 12.43
N GLY B 107 5.36 9.57 12.32
CA GLY B 107 6.15 9.86 13.49
C GLY B 107 6.93 8.62 13.86
N TYR B 108 6.82 7.56 13.05
CA TYR B 108 7.52 6.34 13.35
C TYR B 108 8.73 6.26 12.40
N GLY A 20 -24.01 8.43 -0.77
CA GLY A 20 -23.25 7.37 -0.06
C GLY A 20 -22.11 7.99 0.68
N SER A 21 -21.31 7.17 1.40
CA SER A 21 -20.18 7.69 2.15
C SER A 21 -19.12 8.17 1.19
N SER A 22 -18.90 7.43 0.08
CA SER A 22 -17.89 7.80 -0.91
C SER A 22 -16.55 7.96 -0.24
N ARG A 23 -16.24 7.06 0.72
CA ARG A 23 -14.97 7.15 1.40
C ARG A 23 -13.90 6.52 0.56
N LEU A 24 -14.20 5.35 -0.07
CA LEU A 24 -13.21 4.66 -0.88
C LEU A 24 -12.85 5.48 -2.11
N PRO A 25 -13.81 6.01 -2.85
CA PRO A 25 -13.52 6.82 -4.03
C PRO A 25 -12.55 7.94 -3.77
N SER A 26 -12.63 8.56 -2.57
CA SER A 26 -11.73 9.65 -2.23
C SER A 26 -10.32 9.12 -2.20
N LEU A 27 -10.12 7.91 -1.63
CA LEU A 27 -8.80 7.32 -1.56
C LEU A 27 -8.35 6.97 -2.96
N ILE A 28 -9.29 6.48 -3.80
CA ILE A 28 -8.96 6.10 -5.16
C ILE A 28 -8.49 7.32 -5.89
N ASN A 29 -9.16 8.48 -5.67
CA ASN A 29 -8.76 9.70 -6.33
C ASN A 29 -7.35 10.03 -5.91
N GLY A 30 -7.03 9.77 -4.62
CA GLY A 30 -5.69 10.04 -4.11
C GLY A 30 -4.70 9.21 -4.87
N ILE A 31 -5.06 7.94 -5.19
CA ILE A 31 -4.15 7.07 -5.91
C ILE A 31 -3.91 7.64 -7.28
N MET A 32 -5.00 8.09 -7.95
CA MET A 32 -4.89 8.66 -9.28
C MET A 32 -4.09 9.93 -9.21
N SER A 33 -4.23 10.66 -8.08
CA SER A 33 -3.54 11.92 -7.90
C SER A 33 -2.05 11.70 -7.97
N SER A 34 -1.55 10.61 -7.32
CA SER A 34 -0.13 10.38 -7.32
C SER A 34 0.24 9.52 -8.50
N MET A 35 -0.75 8.97 -9.20
CA MET A 35 -0.49 8.13 -10.36
C MET A 35 0.00 9.02 -11.47
N GLN A 36 -0.47 10.29 -11.48
CA GLN A 36 -0.07 11.21 -12.51
C GLN A 36 1.35 11.63 -12.26
N GLY A 37 2.12 11.83 -13.36
CA GLY A 37 3.50 12.24 -13.22
C GLY A 37 4.34 11.30 -14.02
N GLY A 38 3.82 10.08 -14.30
CA GLY A 38 4.57 9.11 -15.07
C GLY A 38 5.36 8.25 -14.13
N GLY A 39 5.36 8.63 -12.83
CA GLY A 39 6.08 7.86 -11.85
C GLY A 39 5.21 7.87 -10.63
N PHE A 40 5.69 8.49 -9.55
CA PHE A 40 4.90 8.54 -8.35
C PHE A 40 5.33 9.76 -7.58
N ASN A 41 4.35 10.56 -7.13
CA ASN A 41 4.66 11.76 -6.37
C ASN A 41 4.54 11.40 -4.92
N TYR A 42 5.69 11.39 -4.21
CA TYR A 42 5.71 11.05 -2.81
C TYR A 42 5.08 12.14 -2.00
N GLN A 43 5.24 13.42 -2.43
CA GLN A 43 4.70 14.52 -1.67
C GLN A 43 3.19 14.45 -1.66
N ASN A 44 2.56 14.01 -2.76
CA ASN A 44 1.12 13.93 -2.80
C ASN A 44 0.68 12.81 -1.90
N PHE A 45 1.45 11.71 -1.89
CA PHE A 45 1.11 10.57 -1.07
C PHE A 45 1.22 10.96 0.37
N GLY A 46 2.29 11.70 0.73
CA GLY A 46 2.48 12.13 2.10
C GLY A 46 1.33 13.00 2.52
N ASN A 47 0.83 13.87 1.63
CA ASN A 47 -0.27 14.75 1.98
C ASN A 47 -1.49 13.90 2.26
N VAL A 48 -1.69 12.85 1.45
CA VAL A 48 -2.82 11.96 1.63
C VAL A 48 -2.68 11.26 2.96
N LEU A 49 -1.45 10.78 3.26
CA LEU A 49 -1.20 10.09 4.51
C LEU A 49 -1.42 11.02 5.67
N SER A 50 -1.04 12.30 5.51
CA SER A 50 -1.19 13.27 6.59
C SER A 50 -2.65 13.40 6.94
N GLN A 51 -3.53 13.38 5.92
CA GLN A 51 -4.94 13.52 6.15
C GLN A 51 -5.44 12.31 6.91
N PHE A 52 -4.90 11.12 6.54
CA PHE A 52 -5.30 9.89 7.20
C PHE A 52 -4.74 9.90 8.60
N ALA A 53 -3.55 10.49 8.74
CA ALA A 53 -2.88 10.52 10.02
C ALA A 53 -3.73 11.25 11.03
N THR A 54 -4.41 12.34 10.59
CA THR A 54 -5.27 13.14 11.46
C THR A 54 -4.42 14.12 12.21
N GLY A 55 -3.34 13.62 12.84
CA GLY A 55 -2.45 14.48 13.57
C GLY A 55 -2.40 14.03 15.01
N THR A 56 -2.98 12.86 15.31
CA THR A 56 -2.96 12.37 16.68
C THR A 56 -1.55 12.00 17.05
N GLY A 57 -0.82 11.39 16.09
CA GLY A 57 0.56 11.01 16.35
C GLY A 57 0.56 9.70 17.08
N THR A 58 -0.59 9.00 17.10
CA THR A 58 -0.68 7.74 17.77
C THR A 58 -1.21 6.75 16.78
N CYS A 59 -0.98 5.43 17.04
CA CYS A 59 -1.47 4.43 16.14
C CYS A 59 -2.81 4.00 16.64
N ASN A 60 -3.88 4.48 15.96
CA ASN A 60 -5.21 4.14 16.35
C ASN A 60 -5.68 3.11 15.36
N SER A 61 -6.82 2.44 15.66
CA SER A 61 -7.34 1.44 14.76
C SER A 61 -7.72 2.12 13.46
N ASN A 62 -8.12 3.40 13.53
CA ASN A 62 -8.50 4.12 12.34
C ASN A 62 -7.29 4.25 11.44
N ASP A 63 -6.11 4.50 12.03
CA ASP A 63 -4.91 4.67 11.23
C ASP A 63 -4.62 3.42 10.45
N LEU A 64 -4.75 2.23 11.09
CA LEU A 64 -4.47 1.01 10.38
C LEU A 64 -5.50 0.80 9.31
N ASN A 65 -6.77 1.09 9.63
CA ASN A 65 -7.83 0.91 8.66
C ASN A 65 -7.59 1.81 7.49
N LEU A 66 -7.13 3.05 7.76
CA LEU A 66 -6.87 3.99 6.68
C LEU A 66 -5.77 3.44 5.82
N LEU A 67 -4.74 2.83 6.43
CA LEU A 67 -3.66 2.26 5.67
C LEU A 67 -4.17 1.08 4.88
N MET A 68 -5.07 0.27 5.48
CA MET A 68 -5.58 -0.88 4.77
C MET A 68 -6.42 -0.40 3.62
N ASP A 69 -7.20 0.69 3.84
CA ASP A 69 -8.03 1.25 2.79
C ASP A 69 -7.15 1.77 1.68
N ALA A 70 -6.02 2.41 2.04
CA ALA A 70 -5.12 2.95 1.04
C ALA A 70 -4.59 1.82 0.21
N LEU A 71 -4.21 0.70 0.88
CA LEU A 71 -3.70 -0.44 0.17
C LEU A 71 -4.80 -1.03 -0.66
N LEU A 72 -6.04 -1.05 -0.14
CA LEU A 72 -7.14 -1.62 -0.89
C LEU A 72 -7.29 -0.84 -2.17
N SER A 73 -7.29 0.50 -2.09
CA SER A 73 -7.44 1.31 -3.28
C SER A 73 -6.26 1.13 -4.20
N ALA A 74 -5.02 1.10 -3.65
CA ALA A 74 -3.84 0.95 -4.48
C ALA A 74 -3.83 -0.40 -5.15
N LEU A 75 -4.10 -1.48 -4.37
CA LEU A 75 -4.09 -2.82 -4.92
C LEU A 75 -5.23 -2.97 -5.89
N HIS A 76 -6.39 -2.35 -5.55
CA HIS A 76 -7.56 -2.41 -6.41
C HIS A 76 -7.21 -1.80 -7.73
N THR A 77 -6.53 -0.62 -7.70
CA THR A 77 -6.15 0.06 -8.91
C THR A 77 -5.26 -0.84 -9.73
N LEU A 78 -4.29 -1.53 -9.10
CA LEU A 78 -3.38 -2.38 -9.84
C LEU A 78 -4.11 -3.50 -10.54
N SER A 79 -5.04 -4.15 -9.84
CA SER A 79 -5.75 -5.27 -10.41
C SER A 79 -6.70 -4.82 -11.50
N TYR A 80 -7.45 -3.72 -11.28
CA TYR A 80 -8.43 -3.29 -12.25
C TYR A 80 -7.86 -2.43 -13.34
N GLN A 81 -6.71 -1.75 -13.13
CA GLN A 81 -6.17 -0.89 -14.19
C GLN A 81 -5.80 -1.73 -15.38
N GLY A 82 -5.74 -3.07 -15.23
CA GLY A 82 -5.41 -3.93 -16.36
C GLY A 82 -6.53 -3.83 -17.37
N MET A 83 -7.73 -3.44 -16.92
CA MET A 83 -8.86 -3.31 -17.81
C MET A 83 -8.64 -2.12 -18.71
N GLY A 84 -7.87 -1.12 -18.20
CA GLY A 84 -7.60 0.06 -18.98
C GLY A 84 -8.21 1.24 -18.29
N THR A 85 -9.15 0.99 -17.37
CA THR A 85 -9.77 2.08 -16.65
C THR A 85 -9.72 1.75 -15.19
N VAL A 86 -9.80 2.80 -14.34
CA VAL A 86 -9.76 2.60 -12.92
C VAL A 86 -11.15 2.91 -12.39
N PRO A 87 -11.85 1.90 -11.91
CA PRO A 87 -13.19 2.08 -11.36
C PRO A 87 -13.23 3.02 -10.19
N SER A 88 -14.32 3.81 -10.08
CA SER A 88 -14.44 4.74 -9.00
C SER A 88 -14.93 4.01 -7.78
N TYR A 89 -15.35 2.74 -7.93
CA TYR A 89 -15.83 2.00 -6.80
C TYR A 89 -15.42 0.56 -6.99
N PRO A 90 -14.82 -0.02 -5.98
CA PRO A 90 -14.37 -1.40 -6.03
C PRO A 90 -15.47 -2.39 -5.82
N SER A 91 -15.25 -3.66 -6.26
CA SER A 91 -16.25 -4.68 -6.10
C SER A 91 -16.27 -5.07 -4.64
N PRO A 92 -17.46 -5.23 -4.10
CA PRO A 92 -17.62 -5.59 -2.70
C PRO A 92 -17.14 -6.96 -2.36
N SER A 93 -17.16 -7.90 -3.33
CA SER A 93 -16.70 -9.23 -3.06
C SER A 93 -15.21 -9.17 -2.79
N ALA A 94 -14.51 -8.36 -3.61
CA ALA A 94 -13.08 -8.21 -3.46
C ALA A 94 -12.78 -7.51 -2.17
N MET A 95 -13.60 -6.48 -1.85
CA MET A 95 -13.40 -5.71 -0.66
C MET A 95 -13.60 -6.61 0.51
N SER A 96 -14.62 -7.47 0.41
CA SER A 96 -14.94 -8.38 1.48
C SER A 96 -13.79 -9.33 1.73
N ALA A 97 -13.26 -9.94 0.64
CA ALA A 97 -12.18 -10.89 0.78
C ALA A 97 -10.96 -10.22 1.36
N TYR A 98 -10.67 -9.02 0.83
CA TYR A 98 -9.51 -8.28 1.27
C TYR A 98 -9.66 -7.93 2.73
N SER A 99 -10.85 -7.43 3.10
CA SER A 99 -11.07 -6.99 4.46
C SER A 99 -10.94 -8.14 5.42
N GLN A 100 -11.43 -9.34 5.05
CA GLN A 100 -11.35 -10.46 5.94
C GLN A 100 -9.92 -10.90 6.09
N SER A 101 -9.17 -10.90 4.98
CA SER A 101 -7.79 -11.34 5.00
C SER A 101 -6.94 -10.44 5.83
N VAL A 102 -7.07 -9.11 5.65
CA VAL A 102 -6.21 -8.19 6.37
C VAL A 102 -6.67 -8.03 7.80
N ARG A 103 -8.00 -8.14 8.04
CA ARG A 103 -8.52 -8.00 9.39
C ARG A 103 -7.93 -9.08 10.25
N ARG A 104 -7.89 -10.33 9.74
CA ARG A 104 -7.35 -11.43 10.50
C ARG A 104 -5.86 -11.25 10.68
N CYS A 105 -5.18 -10.70 9.67
CA CYS A 105 -3.73 -10.55 9.73
C CYS A 105 -3.31 -9.68 10.88
N PHE A 106 -3.96 -8.52 11.09
CA PHE A 106 -3.55 -7.65 12.18
C PHE A 106 -4.38 -7.95 13.41
N GLY A 107 -5.57 -8.55 13.21
CA GLY A 107 -6.42 -8.87 14.35
C GLY A 107 -7.11 -7.62 14.79
N TYR A 108 -7.13 -6.59 13.93
CA TYR A 108 -7.77 -5.34 14.28
C TYR A 108 -9.15 -5.32 13.61
N GLY B 20 24.43 -7.81 3.31
CA GLY B 20 23.71 -6.66 3.91
C GLY B 20 22.37 -7.09 4.37
N SER B 21 21.56 -6.13 4.87
CA SER B 21 20.24 -6.45 5.32
C SER B 21 19.34 -6.33 4.14
N SER B 22 19.14 -7.46 3.42
CA SER B 22 18.28 -7.44 2.26
C SER B 22 16.86 -7.51 2.73
N ARG B 23 16.43 -6.49 3.49
CA ARG B 23 15.09 -6.47 4.01
C ARG B 23 14.15 -5.93 2.95
N LEU B 24 14.55 -4.84 2.26
CA LEU B 24 13.69 -4.25 1.24
C LEU B 24 13.47 -5.22 0.10
N PRO B 25 14.52 -5.84 -0.44
CA PRO B 25 14.36 -6.79 -1.54
C PRO B 25 13.35 -7.86 -1.25
N SER B 26 13.28 -8.32 0.02
CA SER B 26 12.34 -9.36 0.40
C SER B 26 10.94 -8.83 0.20
N LEU B 27 10.70 -7.56 0.58
CA LEU B 27 9.39 -6.97 0.43
C LEU B 27 9.11 -6.80 -1.04
N ILE B 28 10.13 -6.41 -1.81
CA ILE B 28 9.98 -6.21 -3.24
C ILE B 28 9.58 -7.52 -3.86
N ASN B 29 10.21 -8.63 -3.43
CA ASN B 29 9.88 -9.94 -3.98
C ASN B 29 8.43 -10.22 -3.68
N GLY B 30 7.95 -9.80 -2.50
CA GLY B 30 6.56 -10.01 -2.12
C GLY B 30 5.68 -9.29 -3.09
N ILE B 31 6.08 -8.08 -3.53
CA ILE B 31 5.28 -7.31 -4.44
C ILE B 31 5.19 -8.06 -5.75
N MET B 32 6.35 -8.59 -6.24
CA MET B 32 6.36 -9.31 -7.49
C MET B 32 5.56 -10.58 -7.34
N SER B 33 5.55 -11.14 -6.10
CA SER B 33 4.84 -12.37 -5.84
C SER B 33 3.38 -12.17 -6.11
N SER B 34 2.81 -11.03 -5.69
CA SER B 34 1.39 -10.80 -5.89
C SER B 34 1.18 -10.10 -7.20
N MET B 35 2.26 -9.63 -7.84
CA MET B 35 2.14 -8.95 -9.11
C MET B 35 1.79 -9.97 -10.15
N GLN B 36 2.23 -11.23 -9.95
CA GLN B 36 1.96 -12.27 -10.91
C GLN B 36 0.52 -12.67 -10.77
N GLY B 37 -0.13 -13.01 -11.92
CA GLY B 37 -1.51 -13.41 -11.89
C GLY B 37 -2.25 -12.58 -12.90
N GLY B 38 -1.69 -11.41 -13.27
CA GLY B 38 -2.34 -10.54 -14.24
C GLY B 38 -3.22 -9.58 -13.51
N GLY B 39 -3.37 -9.79 -12.19
CA GLY B 39 -4.19 -8.91 -11.39
C GLY B 39 -3.47 -8.75 -10.09
N PHE B 40 -4.09 -9.24 -9.00
CA PHE B 40 -3.44 -9.14 -7.73
C PHE B 40 -3.96 -10.25 -6.87
N ASN B 41 -3.05 -10.99 -6.20
CA ASN B 41 -3.47 -12.07 -5.34
C ASN B 41 -3.51 -11.55 -3.94
N TYR B 42 -4.74 -11.45 -3.38
CA TYR B 42 -4.90 -10.92 -2.04
C TYR B 42 -4.39 -11.91 -1.03
N GLN B 43 -4.51 -13.23 -1.31
CA GLN B 43 -4.06 -14.23 -0.37
C GLN B 43 -2.56 -14.14 -0.19
N ASN B 44 -1.81 -13.84 -1.27
CA ASN B 44 -0.37 -13.75 -1.14
C ASN B 44 -0.04 -12.54 -0.34
N PHE B 45 -0.78 -11.44 -0.56
CA PHE B 45 -0.53 -10.20 0.14
C PHE B 45 -0.82 -10.41 1.61
N GLY B 46 -1.93 -11.11 1.93
CA GLY B 46 -2.28 -11.37 3.31
C GLY B 46 -1.19 -12.17 3.97
N ASN B 47 -0.60 -13.15 3.24
CA ASN B 47 0.45 -13.95 3.83
C ASN B 47 1.63 -13.07 4.15
N VAL B 48 1.93 -12.12 3.24
CA VAL B 48 3.04 -11.21 3.44
C VAL B 48 2.74 -10.36 4.64
N LEU B 49 1.49 -9.85 4.75
CA LEU B 49 1.11 -9.01 5.86
C LEU B 49 1.18 -9.79 7.15
N SER B 50 0.81 -11.09 7.10
CA SER B 50 0.83 -11.90 8.30
C SER B 50 2.24 -11.98 8.83
N GLN B 51 3.24 -12.08 7.93
CA GLN B 51 4.61 -12.18 8.35
C GLN B 51 5.01 -10.88 8.99
N PHE B 52 4.54 -9.75 8.43
CA PHE B 52 4.87 -8.45 8.96
C PHE B 52 4.14 -8.28 10.26
N ALA B 53 2.94 -8.86 10.35
CA ALA B 53 2.12 -8.74 11.53
C ALA B 53 2.84 -9.33 12.72
N THR B 54 3.57 -10.45 12.51
CA THR B 54 4.32 -11.14 13.56
C THR B 54 3.37 -12.01 14.33
N GLY B 55 2.23 -11.45 14.75
CA GLY B 55 1.25 -12.23 15.49
C GLY B 55 1.04 -11.60 16.84
N THR B 56 1.58 -10.39 17.06
CA THR B 56 1.41 -9.73 18.34
C THR B 56 -0.03 -9.33 18.49
N GLY B 57 -0.64 -8.86 17.39
CA GLY B 57 -2.03 -8.46 17.43
C GLY B 57 -2.11 -7.06 17.99
N THR B 58 -0.96 -6.35 18.04
CA THR B 58 -0.94 -5.02 18.56
C THR B 58 -0.29 -4.15 17.53
N CYS B 59 -0.55 -2.83 17.59
CA CYS B 59 0.05 -1.93 16.63
C CYS B 59 1.33 -1.45 17.23
N ASN B 60 2.46 -1.98 16.75
CA ASN B 60 3.74 -1.59 17.24
C ASN B 60 4.34 -0.69 16.19
N SER B 61 5.43 0.01 16.54
CA SER B 61 6.07 0.90 15.59
C SER B 61 6.58 0.09 14.44
N ASN B 62 6.97 -1.19 14.71
CA ASN B 62 7.47 -2.04 13.68
C ASN B 62 6.39 -2.30 12.67
N ASP B 63 5.13 -2.49 13.14
CA ASP B 63 4.04 -2.76 12.23
C ASP B 63 3.85 -1.62 11.27
N LEU B 64 3.92 -0.36 11.76
CA LEU B 64 3.73 0.77 10.88
C LEU B 64 4.87 0.84 9.92
N ASN B 65 6.10 0.61 10.42
CA ASN B 65 7.27 0.68 9.57
C ASN B 65 7.17 -0.38 8.50
N LEU B 66 6.67 -1.57 8.86
CA LEU B 66 6.52 -2.64 7.90
C LEU B 66 5.55 -2.21 6.84
N LEU B 67 4.45 -1.54 7.25
CA LEU B 67 3.47 -1.08 6.29
C LEU B 67 4.08 -0.01 5.43
N MET B 68 4.91 0.88 6.02
CA MET B 68 5.52 1.94 5.24
C MET B 68 6.48 1.32 4.27
N ASP B 69 7.21 0.27 4.71
CA ASP B 69 8.16 -0.40 3.84
C ASP B 69 7.42 -1.06 2.72
N ALA B 70 6.25 -1.67 3.02
CA ALA B 70 5.47 -2.33 1.99
C ALA B 70 5.04 -1.32 0.98
N LEU B 71 4.60 -0.13 1.45
CA LEU B 71 4.19 0.91 0.55
C LEU B 71 5.37 1.41 -0.21
N LEU B 72 6.54 1.49 0.44
CA LEU B 72 7.72 1.96 -0.24
C LEU B 72 8.02 1.04 -1.39
N SER B 73 7.99 -0.28 -1.14
CA SER B 73 8.27 -1.24 -2.19
C SER B 73 7.21 -1.18 -3.26
N ALA B 74 5.92 -1.08 -2.87
CA ALA B 74 4.85 -1.06 -3.84
C ALA B 74 4.91 0.20 -4.68
N LEU B 75 5.10 1.36 -4.02
CA LEU B 75 5.16 2.62 -4.73
C LEU B 75 6.41 2.65 -5.56
N HIS B 76 7.52 2.10 -5.02
CA HIS B 76 8.78 2.05 -5.73
C HIS B 76 8.58 1.28 -7.01
N THR B 77 7.90 0.12 -6.90
CA THR B 77 7.66 -0.70 -8.07
C THR B 77 6.87 0.08 -9.10
N LEU B 78 5.84 0.83 -8.66
CA LEU B 78 5.03 1.57 -9.61
C LEU B 78 5.84 2.60 -10.35
N SER B 79 6.70 3.34 -9.63
CA SER B 79 7.48 4.39 -10.27
C SER B 79 8.55 3.80 -11.18
N TYR B 80 9.25 2.74 -10.71
CA TYR B 80 10.35 2.19 -11.48
C TYR B 80 9.91 1.20 -12.52
N GLN B 81 8.74 0.53 -12.36
CA GLN B 81 8.32 -0.45 -13.35
C GLN B 81 8.10 0.22 -14.68
N GLY B 82 8.02 1.58 -14.71
CA GLY B 82 7.83 2.29 -15.95
C GLY B 82 9.05 2.08 -16.82
N MET B 83 10.20 1.76 -16.19
CA MET B 83 11.42 1.53 -16.93
C MET B 83 11.28 0.24 -17.69
N GLY B 84 10.47 -0.69 -17.15
CA GLY B 84 10.27 -1.97 -17.81
C GLY B 84 10.78 -3.05 -16.90
N THR B 85 11.62 -2.68 -15.91
CA THR B 85 12.15 -3.65 -14.99
C THR B 85 11.93 -3.15 -13.61
N VAL B 86 11.92 -4.08 -12.63
CA VAL B 86 11.71 -3.70 -11.25
C VAL B 86 13.02 -3.94 -10.54
N PRO B 87 13.67 -2.87 -10.11
CA PRO B 87 14.93 -2.97 -9.38
C PRO B 87 14.82 -3.75 -8.12
N SER B 88 15.89 -4.51 -7.78
CA SER B 88 15.88 -5.31 -6.58
C SER B 88 16.22 -4.43 -5.42
N TYR B 89 16.67 -3.18 -5.67
CA TYR B 89 17.01 -2.30 -4.59
C TYR B 89 16.63 -0.90 -5.01
N PRO B 90 15.92 -0.20 -4.15
CA PRO B 90 15.49 1.17 -4.44
C PRO B 90 16.57 2.18 -4.23
N SER B 91 16.41 3.38 -4.86
CA SER B 91 17.39 4.42 -4.70
C SER B 91 17.24 4.98 -3.32
N PRO B 92 18.36 5.22 -2.65
CA PRO B 92 18.35 5.75 -1.29
C PRO B 92 17.83 7.14 -1.19
N SER B 93 17.99 7.96 -2.25
CA SER B 93 17.50 9.32 -2.21
C SER B 93 16.00 9.28 -2.14
N ALA B 94 15.39 8.38 -2.93
CA ALA B 94 13.96 8.26 -2.96
C ALA B 94 13.47 7.73 -1.65
N MET B 95 14.20 6.73 -1.11
CA MET B 95 13.82 6.12 0.14
C MET B 95 13.93 7.14 1.22
N SER B 96 15.00 7.95 1.14
CA SER B 96 15.23 8.97 2.14
C SER B 96 14.09 9.96 2.14
N ALA B 97 13.69 10.43 0.95
CA ALA B 97 12.62 11.40 0.85
C ALA B 97 11.34 10.81 1.36
N TYR B 98 11.08 9.56 0.94
CA TYR B 98 9.86 8.87 1.34
C TYR B 98 9.84 8.72 2.82
N SER B 99 10.97 8.27 3.40
CA SER B 99 11.02 8.00 4.82
C SER B 99 10.80 9.26 5.61
N GLN B 100 11.33 10.40 5.14
CA GLN B 100 11.15 11.63 5.87
C GLN B 100 9.72 12.06 5.80
N SER B 101 9.11 11.93 4.60
CA SER B 101 7.74 12.36 4.41
C SER B 101 6.78 11.55 5.24
N VAL B 102 6.92 10.21 5.24
CA VAL B 102 5.99 9.38 5.98
C VAL B 102 6.28 9.42 7.45
N ARG B 103 7.56 9.58 7.83
CA ARG B 103 7.91 9.62 9.24
C ARG B 103 7.21 10.79 9.87
N ARG B 104 7.23 11.95 9.19
CA ARG B 104 6.60 13.15 9.73
C ARG B 104 5.11 12.96 9.76
N CYS B 105 4.55 12.26 8.77
CA CYS B 105 3.12 12.08 8.69
C CYS B 105 2.58 11.37 9.91
N PHE B 106 3.23 10.27 10.35
CA PHE B 106 2.72 9.56 11.51
C PHE B 106 3.40 10.02 12.75
N GLY B 107 4.62 10.60 12.62
CA GLY B 107 5.33 11.07 13.79
C GLY B 107 5.95 9.89 14.47
N TYR B 108 6.05 8.75 13.76
CA TYR B 108 6.63 7.57 14.33
C TYR B 108 8.07 7.47 13.84
N GLY A 20 -24.30 14.02 -0.80
CA GLY A 20 -23.67 12.86 -1.47
C GLY A 20 -22.94 12.03 -0.46
N SER A 21 -22.37 10.89 -0.90
CA SER A 21 -21.65 10.04 0.00
C SER A 21 -20.33 9.74 -0.66
N SER A 22 -19.28 9.55 0.15
CA SER A 22 -17.99 9.25 -0.40
C SER A 22 -17.20 8.55 0.67
N ARG A 23 -16.15 7.81 0.26
CA ARG A 23 -15.34 7.10 1.20
C ARG A 23 -14.17 6.55 0.44
N LEU A 24 -14.32 5.33 -0.11
CA LEU A 24 -13.25 4.70 -0.87
C LEU A 24 -12.89 5.53 -2.09
N PRO A 25 -13.87 6.04 -2.84
CA PRO A 25 -13.57 6.86 -4.02
C PRO A 25 -12.61 7.98 -3.77
N SER A 26 -12.67 8.60 -2.57
CA SER A 26 -11.77 9.70 -2.25
C SER A 26 -10.35 9.17 -2.27
N LEU A 27 -10.13 7.98 -1.64
CA LEU A 27 -8.81 7.40 -1.60
C LEU A 27 -8.40 7.00 -2.99
N ILE A 28 -9.35 6.45 -3.78
CA ILE A 28 -9.05 6.03 -5.14
C ILE A 28 -8.61 7.22 -5.94
N ASN A 29 -9.31 8.36 -5.78
CA ASN A 29 -8.95 9.56 -6.51
C ASN A 29 -7.56 9.95 -6.10
N GLY A 30 -7.23 9.79 -4.80
CA GLY A 30 -5.92 10.14 -4.30
C GLY A 30 -4.89 9.28 -4.98
N ILE A 31 -5.19 7.98 -5.19
CA ILE A 31 -4.24 7.09 -5.83
C ILE A 31 -4.04 7.54 -7.25
N MET A 32 -5.15 7.89 -7.94
CA MET A 32 -5.07 8.33 -9.32
C MET A 32 -4.29 9.62 -9.37
N SER A 33 -4.48 10.47 -8.35
CA SER A 33 -3.82 11.75 -8.28
C SER A 33 -2.33 11.56 -8.26
N SER A 34 -1.82 10.58 -7.49
CA SER A 34 -0.40 10.37 -7.39
C SER A 34 0.06 9.48 -8.51
N MET A 35 -0.88 8.84 -9.22
CA MET A 35 -0.50 7.97 -10.32
C MET A 35 -0.02 8.83 -11.45
N GLN A 36 -0.54 10.07 -11.52
CA GLN A 36 -0.15 10.96 -12.60
C GLN A 36 1.24 11.45 -12.33
N GLY A 37 2.00 11.72 -13.41
CA GLY A 37 3.36 12.19 -13.26
C GLY A 37 4.26 11.28 -14.05
N GLY A 38 3.75 10.07 -14.41
CA GLY A 38 4.54 9.14 -15.16
C GLY A 38 5.25 8.22 -14.21
N GLY A 39 5.18 8.54 -12.91
CA GLY A 39 5.83 7.73 -11.91
C GLY A 39 4.93 7.74 -10.72
N PHE A 40 5.45 8.24 -9.58
CA PHE A 40 4.64 8.29 -8.40
C PHE A 40 5.23 9.35 -7.52
N ASN A 41 4.38 10.27 -7.03
CA ASN A 41 4.86 11.33 -6.17
C ASN A 41 4.63 10.89 -4.75
N TYR A 42 5.74 10.65 -4.02
CA TYR A 42 5.65 10.19 -2.64
C TYR A 42 5.10 11.29 -1.77
N GLN A 43 5.45 12.56 -2.08
CA GLN A 43 5.00 13.67 -1.27
C GLN A 43 3.50 13.77 -1.30
N ASN A 44 2.91 13.60 -2.49
CA ASN A 44 1.47 13.69 -2.60
C ASN A 44 0.84 12.57 -1.83
N PHE A 45 1.44 11.37 -1.90
CA PHE A 45 0.90 10.23 -1.20
C PHE A 45 0.91 10.49 0.28
N GLY A 46 2.05 11.00 0.81
CA GLY A 46 2.15 11.26 2.23
C GLY A 46 1.14 12.30 2.62
N ASN A 47 0.98 13.35 1.78
CA ASN A 47 0.03 14.41 2.09
C ASN A 47 -1.35 13.84 2.11
N VAL A 48 -1.65 12.93 1.17
CA VAL A 48 -2.96 12.32 1.09
C VAL A 48 -3.23 11.54 2.35
N LEU A 49 -2.25 10.74 2.81
CA LEU A 49 -2.44 9.95 4.00
C LEU A 49 -2.62 10.84 5.20
N SER A 50 -1.85 11.93 5.27
CA SER A 50 -1.93 12.84 6.40
C SER A 50 -3.30 13.47 6.45
N GLN A 51 -3.81 13.92 5.28
CA GLN A 51 -5.09 14.59 5.21
C GLN A 51 -6.19 13.63 5.52
N PHE A 52 -6.07 12.37 5.04
CA PHE A 52 -7.10 11.39 5.29
C PHE A 52 -7.05 11.02 6.74
N ALA A 53 -5.85 11.11 7.34
CA ALA A 53 -5.68 10.72 8.71
C ALA A 53 -5.96 11.90 9.60
N THR A 54 -4.89 12.60 10.01
CA THR A 54 -5.03 13.73 10.91
C THR A 54 -3.65 14.04 11.42
N GLY A 55 -3.07 13.08 12.16
CA GLY A 55 -1.73 13.26 12.71
C GLY A 55 -1.85 13.03 14.19
N THR A 56 -1.66 11.76 14.61
CA THR A 56 -1.77 11.44 16.02
C THR A 56 -0.39 11.37 16.62
N GLY A 57 0.53 10.67 15.92
CA GLY A 57 1.88 10.54 16.42
C GLY A 57 1.91 9.42 17.41
N THR A 58 0.79 8.67 17.53
CA THR A 58 0.71 7.58 18.46
C THR A 58 0.19 6.39 17.72
N CYS A 59 0.22 5.20 18.37
CA CYS A 59 -0.28 4.00 17.72
C CYS A 59 -1.77 4.06 17.81
N ASN A 60 -2.44 4.35 16.66
CA ASN A 60 -3.87 4.46 16.65
C ASN A 60 -4.36 3.55 15.57
N SER A 61 -5.39 2.72 15.90
CA SER A 61 -5.93 1.78 14.95
C SER A 61 -6.63 2.53 13.83
N ASN A 62 -7.03 3.80 14.06
CA ASN A 62 -7.69 4.56 13.03
C ASN A 62 -6.72 4.75 11.89
N ASP A 63 -5.45 5.07 12.22
CA ASP A 63 -4.44 5.27 11.20
C ASP A 63 -4.17 3.95 10.51
N LEU A 64 -4.17 2.84 11.28
CA LEU A 64 -3.92 1.55 10.71
C LEU A 64 -5.02 1.22 9.73
N ASN A 65 -6.28 1.51 10.12
CA ASN A 65 -7.42 1.23 9.27
C ASN A 65 -7.31 2.07 8.03
N LEU A 66 -6.82 3.32 8.16
CA LEU A 66 -6.68 4.18 7.01
C LEU A 66 -5.74 3.54 6.04
N LEU A 67 -4.63 2.96 6.55
CA LEU A 67 -3.66 2.32 5.69
C LEU A 67 -4.30 1.15 5.00
N MET A 68 -5.18 0.41 5.71
CA MET A 68 -5.82 -0.73 5.09
C MET A 68 -6.66 -0.23 3.94
N ASP A 69 -7.37 0.91 4.14
CA ASP A 69 -8.20 1.46 3.09
C ASP A 69 -7.33 1.95 1.97
N ALA A 70 -6.17 2.58 2.30
CA ALA A 70 -5.28 3.10 1.29
C ALA A 70 -4.75 1.96 0.47
N LEU A 71 -4.38 0.84 1.14
CA LEU A 71 -3.86 -0.31 0.43
C LEU A 71 -4.94 -0.90 -0.41
N LEU A 72 -6.21 -0.90 0.07
CA LEU A 72 -7.28 -1.46 -0.72
C LEU A 72 -7.36 -0.70 -2.01
N SER A 73 -7.29 0.65 -1.93
CA SER A 73 -7.38 1.48 -3.11
C SER A 73 -6.15 1.29 -3.97
N ALA A 74 -4.94 1.22 -3.34
CA ALA A 74 -3.71 1.07 -4.10
C ALA A 74 -3.71 -0.26 -4.82
N LEU A 75 -4.09 -1.35 -4.11
CA LEU A 75 -4.09 -2.66 -4.72
C LEU A 75 -5.22 -2.72 -5.72
N HIS A 76 -6.34 -2.02 -5.41
CA HIS A 76 -7.47 -1.96 -6.31
C HIS A 76 -7.01 -1.40 -7.62
N THR A 77 -6.24 -0.29 -7.55
CA THR A 77 -5.74 0.34 -8.75
C THR A 77 -4.88 -0.64 -9.52
N LEU A 78 -3.99 -1.38 -8.81
CA LEU A 78 -3.12 -2.32 -9.48
C LEU A 78 -3.91 -3.43 -10.14
N SER A 79 -4.91 -3.97 -9.44
CA SER A 79 -5.69 -5.06 -9.97
C SER A 79 -6.54 -4.63 -11.14
N TYR A 80 -7.22 -3.48 -11.03
CA TYR A 80 -8.11 -3.05 -12.08
C TYR A 80 -7.40 -2.37 -13.22
N GLN A 81 -6.23 -1.74 -12.99
CA GLN A 81 -5.58 -1.06 -14.11
C GLN A 81 -5.13 -2.09 -15.12
N GLY A 82 -5.00 -3.36 -14.70
CA GLY A 82 -4.58 -4.39 -15.61
C GLY A 82 -5.79 -4.85 -16.41
N MET A 83 -6.99 -4.44 -15.97
CA MET A 83 -8.20 -4.82 -16.67
C MET A 83 -8.41 -3.87 -17.81
N GLY A 84 -7.92 -2.61 -17.66
CA GLY A 84 -8.09 -1.66 -18.73
C GLY A 84 -8.34 -0.31 -18.11
N THR A 85 -9.13 -0.25 -17.01
CA THR A 85 -9.42 1.02 -16.40
C THR A 85 -9.68 0.76 -14.95
N VAL A 86 -9.56 1.83 -14.15
CA VAL A 86 -9.76 1.73 -12.72
C VAL A 86 -11.08 2.40 -12.39
N PRO A 87 -12.03 1.62 -11.88
CA PRO A 87 -13.33 2.16 -11.52
C PRO A 87 -13.26 2.98 -10.26
N SER A 88 -14.24 3.89 -10.10
CA SER A 88 -14.26 4.76 -8.94
C SER A 88 -14.83 3.99 -7.79
N TYR A 89 -15.32 2.75 -8.02
CA TYR A 89 -15.88 1.99 -6.95
C TYR A 89 -15.49 0.54 -7.17
N PRO A 90 -14.91 -0.06 -6.15
CA PRO A 90 -14.50 -1.46 -6.22
C PRO A 90 -15.62 -2.44 -6.06
N SER A 91 -15.43 -3.68 -6.55
CA SER A 91 -16.47 -4.67 -6.42
C SER A 91 -16.48 -5.17 -5.00
N PRO A 92 -17.66 -5.51 -4.50
CA PRO A 92 -17.83 -6.00 -3.13
C PRO A 92 -17.09 -7.27 -2.86
N SER A 93 -16.97 -8.15 -3.86
CA SER A 93 -16.28 -9.40 -3.66
C SER A 93 -14.84 -9.10 -3.33
N ALA A 94 -14.24 -8.15 -4.07
CA ALA A 94 -12.86 -7.78 -3.84
C ALA A 94 -12.72 -7.15 -2.48
N MET A 95 -13.68 -6.29 -2.11
CA MET A 95 -13.63 -5.61 -0.84
C MET A 95 -13.73 -6.63 0.25
N SER A 96 -14.62 -7.60 0.02
CA SER A 96 -14.85 -8.65 1.00
C SER A 96 -13.61 -9.48 1.17
N ALA A 97 -13.00 -9.91 0.05
CA ALA A 97 -11.82 -10.75 0.11
C ALA A 97 -10.70 -10.02 0.78
N TYR A 98 -10.50 -8.76 0.40
CA TYR A 98 -9.43 -7.96 0.95
C TYR A 98 -9.66 -7.79 2.42
N SER A 99 -10.91 -7.46 2.79
CA SER A 99 -11.24 -7.21 4.18
C SER A 99 -10.96 -8.43 5.01
N GLN A 100 -11.36 -9.61 4.51
CA GLN A 100 -11.16 -10.82 5.28
C GLN A 100 -9.69 -11.11 5.38
N SER A 101 -8.94 -10.90 4.28
CA SER A 101 -7.53 -11.19 4.26
C SER A 101 -6.76 -10.33 5.23
N VAL A 102 -7.02 -9.01 5.25
CA VAL A 102 -6.25 -8.14 6.13
C VAL A 102 -6.77 -8.20 7.54
N ARG A 103 -8.08 -8.38 7.72
CA ARG A 103 -8.65 -8.42 9.05
C ARG A 103 -8.05 -9.57 9.81
N ARG A 104 -7.97 -10.76 9.18
CA ARG A 104 -7.43 -11.91 9.88
C ARG A 104 -5.94 -11.76 10.08
N CYS A 105 -5.23 -11.23 9.06
CA CYS A 105 -3.78 -11.11 9.14
C CYS A 105 -3.35 -10.16 10.22
N PHE A 106 -4.00 -8.99 10.35
CA PHE A 106 -3.56 -8.05 11.36
C PHE A 106 -4.34 -8.27 12.64
N GLY A 107 -5.55 -8.86 12.54
CA GLY A 107 -6.33 -9.10 13.72
C GLY A 107 -7.21 -7.90 13.95
N TYR A 108 -6.96 -6.81 13.19
CA TYR A 108 -7.74 -5.60 13.33
C TYR A 108 -7.52 -5.04 14.74
N GLY B 20 24.46 -13.55 3.17
CA GLY B 20 23.92 -12.45 2.33
C GLY B 20 23.07 -11.56 3.16
N SER B 21 22.58 -10.46 2.56
CA SER B 21 21.75 -9.53 3.29
C SER B 21 20.52 -9.30 2.47
N SER B 22 19.39 -9.03 3.14
CA SER B 22 18.17 -8.79 2.43
C SER B 22 17.27 -7.99 3.33
N ARG B 23 16.27 -7.32 2.74
CA ARG B 23 15.35 -6.53 3.52
C ARG B 23 14.28 -6.05 2.59
N LEU B 24 14.50 -4.88 1.94
CA LEU B 24 13.53 -4.34 1.02
C LEU B 24 13.31 -5.27 -0.15
N PRO B 25 14.36 -5.85 -0.73
CA PRO B 25 14.20 -6.77 -1.86
C PRO B 25 13.20 -7.87 -1.61
N SER B 26 13.12 -8.37 -0.36
CA SER B 26 12.20 -9.44 -0.05
C SER B 26 10.79 -8.92 -0.26
N LEU B 27 10.51 -7.69 0.22
CA LEU B 27 9.19 -7.11 0.06
C LEU B 27 8.94 -6.84 -1.40
N ILE B 28 9.98 -6.37 -2.12
CA ILE B 28 9.83 -6.06 -3.54
C ILE B 28 9.46 -7.33 -4.27
N ASN B 29 10.14 -8.44 -3.93
CA ASN B 29 9.85 -9.71 -4.59
C ASN B 29 8.42 -10.07 -4.30
N GLY B 30 7.97 -9.79 -3.06
CA GLY B 30 6.60 -10.10 -2.68
C GLY B 30 5.65 -9.31 -3.54
N ILE B 31 5.99 -8.04 -3.84
CA ILE B 31 5.12 -7.21 -4.66
C ILE B 31 5.07 -7.80 -6.04
N MET B 32 6.25 -8.20 -6.57
CA MET B 32 6.33 -8.77 -7.90
C MET B 32 5.54 -10.06 -7.92
N SER B 33 5.60 -10.81 -6.81
CA SER B 33 4.92 -12.07 -6.70
C SER B 33 3.43 -11.89 -6.87
N SER B 34 2.86 -10.84 -6.24
CA SER B 34 1.43 -10.64 -6.32
C SER B 34 1.10 -9.85 -7.57
N MET B 35 2.12 -9.27 -8.23
CA MET B 35 1.89 -8.51 -9.43
C MET B 35 1.53 -9.48 -10.52
N GLN B 36 2.05 -10.72 -10.42
CA GLN B 36 1.78 -11.71 -11.44
C GLN B 36 0.36 -12.18 -11.28
N GLY B 37 -0.27 -12.55 -12.42
CA GLY B 37 -1.64 -13.01 -12.38
C GLY B 37 -2.44 -12.18 -13.34
N GLY B 38 -1.89 -11.01 -13.74
CA GLY B 38 -2.59 -10.16 -14.67
C GLY B 38 -3.40 -9.17 -13.89
N GLY B 39 -3.48 -9.36 -12.57
CA GLY B 39 -4.23 -8.46 -11.73
C GLY B 39 -3.47 -8.36 -10.45
N PHE B 40 -4.11 -8.75 -9.33
CA PHE B 40 -3.44 -8.68 -8.07
C PHE B 40 -4.13 -9.67 -7.16
N ASN B 41 -3.34 -10.54 -6.49
CA ASN B 41 -3.91 -11.51 -5.60
C ASN B 41 -3.85 -10.94 -4.21
N TYR B 42 -5.02 -10.64 -3.62
CA TYR B 42 -5.08 -10.06 -2.30
C TYR B 42 -4.64 -11.07 -1.28
N GLN B 43 -4.95 -12.37 -1.51
CA GLN B 43 -4.61 -13.39 -0.55
C GLN B 43 -3.12 -13.49 -0.41
N ASN B 44 -2.39 -13.43 -1.54
CA ASN B 44 -0.95 -13.52 -1.49
C ASN B 44 -0.40 -12.33 -0.74
N PHE B 45 -0.98 -11.15 -0.99
CA PHE B 45 -0.53 -9.94 -0.35
C PHE B 45 -0.70 -10.06 1.14
N GLY B 46 -1.89 -10.53 1.59
CA GLY B 46 -2.15 -10.67 3.01
C GLY B 46 -1.19 -11.66 3.60
N ASN B 47 -0.94 -12.78 2.88
CA ASN B 47 -0.04 -13.80 3.39
C ASN B 47 1.33 -13.22 3.51
N VAL B 48 1.74 -12.40 2.52
CA VAL B 48 3.05 -11.79 2.53
C VAL B 48 3.18 -10.91 3.74
N LEU B 49 2.15 -10.07 4.01
CA LEU B 49 2.23 -9.17 5.14
C LEU B 49 2.27 -9.95 6.43
N SER B 50 1.48 -11.04 6.52
CA SER B 50 1.45 -11.83 7.72
C SER B 50 2.80 -12.46 7.98
N GLN B 51 3.42 -13.00 6.92
CA GLN B 51 4.70 -13.67 7.05
C GLN B 51 5.77 -12.68 7.39
N PHE B 52 5.71 -11.47 6.78
CA PHE B 52 6.72 -10.47 7.05
C PHE B 52 6.51 -9.97 8.44
N ALA B 53 5.23 -10.01 8.91
CA ALA B 53 4.91 -9.50 10.21
C ALA B 53 5.10 -10.58 11.24
N THR B 54 3.98 -11.24 11.61
CA THR B 54 4.02 -12.28 12.61
C THR B 54 2.60 -12.56 13.00
N GLY B 55 1.94 -11.54 13.57
CA GLY B 55 0.56 -11.68 13.99
C GLY B 55 0.51 -11.30 15.44
N THR B 56 0.28 -10.01 15.74
CA THR B 56 0.23 -9.55 17.10
C THR B 56 -1.20 -9.44 17.53
N GLY B 57 -2.03 -8.81 16.68
CA GLY B 57 -3.43 -8.64 17.01
C GLY B 57 -3.57 -7.43 17.89
N THR B 58 -2.46 -6.67 18.06
CA THR B 58 -2.47 -5.49 18.89
C THR B 58 -1.87 -4.38 18.10
N CYS B 59 -1.96 -3.13 18.63
CA CYS B 59 -1.39 -2.00 17.94
C CYS B 59 0.09 -2.04 18.19
N ASN B 60 0.87 -2.43 17.16
CA ASN B 60 2.29 -2.54 17.31
C ASN B 60 2.90 -1.72 16.22
N SER B 61 3.88 -0.86 16.58
CA SER B 61 4.54 -0.01 15.61
C SER B 61 5.34 -0.85 14.65
N ASN B 62 5.70 -2.10 15.04
CA ASN B 62 6.48 -2.94 14.16
C ASN B 62 5.64 -3.24 12.94
N ASP B 63 4.34 -3.52 13.16
CA ASP B 63 3.45 -3.83 12.07
C ASP B 63 3.27 -2.59 11.23
N LEU B 64 3.18 -1.41 11.88
CA LEU B 64 3.01 -0.17 11.16
C LEU B 64 4.21 0.07 10.29
N ASN B 65 5.41 -0.18 10.85
CA ASN B 65 6.64 0.02 10.10
C ASN B 65 6.66 -0.92 8.93
N LEU B 66 6.16 -2.15 9.13
CA LEU B 66 6.14 -3.12 8.06
C LEU B 66 5.32 -2.58 6.93
N LEU B 67 4.15 -1.97 7.26
CA LEU B 67 3.30 -1.41 6.24
C LEU B 67 4.01 -0.31 5.53
N MET B 68 4.82 0.50 6.26
CA MET B 68 5.53 1.58 5.61
C MET B 68 6.48 0.98 4.61
N ASP B 69 7.16 -0.13 4.99
CA ASP B 69 8.10 -0.77 4.09
C ASP B 69 7.35 -1.37 2.92
N ALA B 70 6.17 -1.96 3.19
CA ALA B 70 5.39 -2.58 2.14
C ALA B 70 4.95 -1.52 1.16
N LEU B 71 4.53 -0.35 1.68
CA LEU B 71 4.10 0.73 0.82
C LEU B 71 5.26 1.24 0.05
N LEU B 72 6.45 1.29 0.66
CA LEU B 72 7.62 1.79 -0.05
C LEU B 72 7.83 0.91 -1.25
N SER B 73 7.74 -0.43 -1.05
CA SER B 73 7.96 -1.36 -2.14
C SER B 73 6.83 -1.26 -3.14
N ALA B 74 5.57 -1.13 -2.66
CA ALA B 74 4.44 -1.06 -3.56
C ALA B 74 4.51 0.20 -4.39
N LEU B 75 4.81 1.34 -3.75
CA LEU B 75 4.90 2.59 -4.47
C LEU B 75 6.13 2.57 -5.33
N HIS B 76 7.20 1.90 -4.85
CA HIS B 76 8.42 1.78 -5.61
C HIS B 76 8.11 1.08 -6.90
N THR B 77 7.32 -0.01 -6.82
CA THR B 77 6.96 -0.75 -8.00
C THR B 77 6.19 0.16 -8.94
N LEU B 78 5.23 0.95 -8.41
CA LEU B 78 4.45 1.82 -9.26
C LEU B 78 5.32 2.86 -9.93
N SER B 79 6.23 3.46 -9.17
CA SER B 79 7.07 4.52 -9.71
C SER B 79 8.04 3.98 -10.74
N TYR B 80 8.70 2.84 -10.44
CA TYR B 80 9.70 2.34 -11.36
C TYR B 80 9.12 1.54 -12.49
N GLN B 81 7.92 0.93 -12.34
CA GLN B 81 7.39 0.16 -13.45
C GLN B 81 7.06 1.08 -14.60
N GLY B 82 6.89 2.39 -14.31
CA GLY B 82 6.58 3.33 -15.35
C GLY B 82 7.87 3.71 -16.04
N MET B 83 9.03 3.35 -15.45
CA MET B 83 10.30 3.68 -16.04
C MET B 83 10.63 2.63 -17.06
N GLY B 84 10.13 1.38 -16.85
CA GLY B 84 10.40 0.33 -17.79
C GLY B 84 10.57 -0.95 -17.04
N THR B 85 11.24 -0.89 -15.86
CA THR B 85 11.45 -2.11 -15.10
C THR B 85 11.55 -1.72 -13.66
N VAL B 86 11.33 -2.72 -12.77
CA VAL B 86 11.39 -2.48 -11.36
C VAL B 86 12.65 -3.11 -10.83
N PRO B 87 13.55 -2.29 -10.30
CA PRO B 87 14.80 -2.78 -9.73
C PRO B 87 14.59 -3.49 -8.43
N SER B 88 15.54 -4.39 -8.08
CA SER B 88 15.42 -5.14 -6.86
C SER B 88 15.87 -4.27 -5.71
N TYR B 89 16.40 -3.06 -6.02
CA TYR B 89 16.84 -2.20 -4.95
C TYR B 89 16.49 -0.78 -5.35
N PRO B 90 15.79 -0.09 -4.47
CA PRO B 90 15.39 1.29 -4.72
C PRO B 90 16.50 2.28 -4.51
N SER B 91 16.38 3.47 -5.14
CA SER B 91 17.40 4.49 -4.97
C SER B 91 17.23 5.08 -3.60
N PRO B 92 18.34 5.46 -2.99
CA PRO B 92 18.32 6.05 -1.65
C PRO B 92 17.64 7.37 -1.59
N SER B 93 17.63 8.13 -2.70
CA SER B 93 16.97 9.41 -2.70
C SER B 93 15.51 9.18 -2.49
N ALA B 94 14.96 8.18 -3.20
CA ALA B 94 13.55 7.85 -3.09
C ALA B 94 13.25 7.35 -1.71
N MET B 95 14.16 6.52 -1.17
CA MET B 95 13.95 5.95 0.15
C MET B 95 13.95 7.07 1.14
N SER B 96 14.86 8.02 0.93
CA SER B 96 14.99 9.14 1.83
C SER B 96 13.74 9.98 1.78
N ALA B 97 13.27 10.30 0.57
CA ALA B 97 12.09 11.14 0.43
C ALA B 97 10.89 10.47 1.03
N TYR B 98 10.74 9.17 0.74
CA TYR B 98 9.61 8.43 1.24
C TYR B 98 9.68 8.40 2.74
N SER B 99 10.87 8.10 3.27
CA SER B 99 11.05 7.98 4.71
C SER B 99 10.68 9.26 5.39
N GLN B 100 11.14 10.41 4.83
CA GLN B 100 10.86 11.68 5.45
C GLN B 100 9.38 11.97 5.38
N SER B 101 8.77 11.64 4.22
CA SER B 101 7.37 11.93 4.01
C SER B 101 6.49 11.16 4.98
N VAL B 102 6.73 9.85 5.15
CA VAL B 102 5.88 9.06 6.01
C VAL B 102 6.24 9.25 7.45
N ARG B 103 7.53 9.46 7.76
CA ARG B 103 7.95 9.62 9.13
C ARG B 103 7.27 10.83 9.72
N ARG B 104 7.26 11.95 8.99
CA ARG B 104 6.66 13.16 9.50
C ARG B 104 5.16 13.03 9.55
N CYS B 105 4.56 12.41 8.51
CA CYS B 105 3.12 12.29 8.44
C CYS B 105 2.56 11.44 9.55
N PHE B 106 3.18 10.29 9.86
CA PHE B 106 2.63 9.44 10.90
C PHE B 106 3.25 9.78 12.22
N GLY B 107 4.47 10.36 12.21
CA GLY B 107 5.12 10.71 13.45
C GLY B 107 5.96 9.54 13.89
N TYR B 108 5.79 8.39 13.19
CA TYR B 108 6.55 7.20 13.53
C TYR B 108 6.17 6.77 14.95
N GLY A 20 -18.57 6.25 6.36
CA GLY A 20 -19.73 6.85 5.67
C GLY A 20 -20.20 5.94 4.59
N SER A 21 -21.21 6.40 3.80
CA SER A 21 -21.72 5.58 2.72
C SER A 21 -20.62 5.41 1.71
N SER A 22 -19.87 6.50 1.44
CA SER A 22 -18.79 6.43 0.49
C SER A 22 -17.59 7.02 1.14
N ARG A 23 -16.39 6.47 0.85
CA ARG A 23 -15.20 7.00 1.44
C ARG A 23 -14.02 6.45 0.68
N LEU A 24 -14.15 5.21 0.16
CA LEU A 24 -13.08 4.59 -0.59
C LEU A 24 -12.75 5.39 -1.84
N PRO A 25 -13.74 5.87 -2.58
CA PRO A 25 -13.48 6.66 -3.79
C PRO A 25 -12.52 7.80 -3.57
N SER A 26 -12.55 8.42 -2.38
CA SER A 26 -11.66 9.54 -2.10
C SER A 26 -10.24 9.02 -2.13
N LEU A 27 -10.00 7.83 -1.55
CA LEU A 27 -8.67 7.25 -1.52
C LEU A 27 -8.30 6.87 -2.92
N ILE A 28 -9.27 6.32 -3.70
CA ILE A 28 -8.99 5.90 -5.06
C ILE A 28 -8.57 7.10 -5.86
N ASN A 29 -9.28 8.24 -5.69
CA ASN A 29 -8.94 9.44 -6.40
C ASN A 29 -7.56 9.86 -5.98
N GLY A 30 -7.24 9.66 -4.69
CA GLY A 30 -5.94 10.00 -4.16
C GLY A 30 -4.88 9.19 -4.85
N ILE A 31 -5.17 7.90 -5.16
CA ILE A 31 -4.21 7.05 -5.82
C ILE A 31 -3.92 7.63 -7.18
N MET A 32 -4.99 8.00 -7.93
CA MET A 32 -4.81 8.56 -9.26
C MET A 32 -4.14 9.89 -9.14
N SER A 33 -4.37 10.60 -8.01
CA SER A 33 -3.80 11.90 -7.81
C SER A 33 -2.30 11.81 -7.81
N SER A 34 -1.73 10.79 -7.14
CA SER A 34 -0.29 10.68 -7.08
C SER A 34 0.21 9.85 -8.23
N MET A 35 -0.70 9.08 -8.87
CA MET A 35 -0.31 8.28 -10.00
C MET A 35 0.03 9.21 -11.13
N GLN A 36 -0.73 10.33 -11.22
CA GLN A 36 -0.53 11.32 -12.27
C GLN A 36 -0.60 10.60 -13.60
N GLY A 37 0.47 10.74 -14.42
CA GLY A 37 0.50 10.09 -15.71
C GLY A 37 1.90 9.64 -15.94
N GLY A 38 2.58 9.24 -14.85
CA GLY A 38 3.94 8.79 -14.96
C GLY A 38 4.73 9.55 -13.95
N GLY A 39 5.32 8.82 -12.98
CA GLY A 39 6.09 9.46 -11.94
C GLY A 39 5.22 9.49 -10.72
N PHE A 40 5.67 8.81 -9.65
CA PHE A 40 4.89 8.77 -8.44
C PHE A 40 5.55 9.70 -7.46
N ASN A 41 4.75 10.65 -6.92
CA ASN A 41 5.29 11.60 -5.97
C ASN A 41 4.96 11.09 -4.59
N TYR A 42 6.01 10.83 -3.77
CA TYR A 42 5.81 10.33 -2.43
C TYR A 42 5.28 11.45 -1.56
N GLN A 43 5.64 12.71 -1.88
CA GLN A 43 5.20 13.82 -1.06
C GLN A 43 3.70 13.97 -1.19
N ASN A 44 3.14 13.73 -2.39
CA ASN A 44 1.71 13.86 -2.56
C ASN A 44 1.05 12.73 -1.83
N PHE A 45 1.67 11.53 -1.88
CA PHE A 45 1.11 10.36 -1.22
C PHE A 45 1.07 10.62 0.27
N GLY A 46 2.18 11.14 0.83
CA GLY A 46 2.24 11.41 2.26
C GLY A 46 1.20 12.43 2.62
N ASN A 47 1.01 13.48 1.77
CA ASN A 47 0.05 14.51 2.06
C ASN A 47 -1.33 13.89 2.04
N VAL A 48 -1.57 12.98 1.08
CA VAL A 48 -2.88 12.35 0.97
C VAL A 48 -3.15 11.55 2.23
N LEU A 49 -2.15 10.78 2.70
CA LEU A 49 -2.33 9.97 3.89
C LEU A 49 -2.54 10.87 5.07
N SER A 50 -1.80 11.98 5.15
CA SER A 50 -1.92 12.89 6.28
C SER A 50 -3.30 13.47 6.35
N GLN A 51 -3.86 13.84 5.17
CA GLN A 51 -5.18 14.45 5.12
C GLN A 51 -6.22 13.44 5.46
N PHE A 52 -6.05 12.19 4.97
CA PHE A 52 -7.02 11.15 5.24
C PHE A 52 -6.90 10.77 6.68
N ALA A 53 -5.70 10.92 7.25
CA ALA A 53 -5.48 10.52 8.62
C ALA A 53 -5.88 11.63 9.55
N THR A 54 -4.92 12.50 9.91
CA THR A 54 -5.19 13.56 10.84
C THR A 54 -3.87 14.21 11.15
N GLY A 55 -2.91 13.39 11.62
CA GLY A 55 -1.60 13.90 11.94
C GLY A 55 -1.47 13.95 13.44
N THR A 56 -2.41 13.31 14.17
CA THR A 56 -2.35 13.31 15.62
C THR A 56 -1.08 12.64 16.06
N GLY A 57 -0.78 11.47 15.44
CA GLY A 57 0.43 10.76 15.79
C GLY A 57 0.18 9.98 17.05
N THR A 58 -0.77 9.03 17.01
CA THR A 58 -1.07 8.22 18.17
C THR A 58 -1.53 6.89 17.68
N CYS A 59 -1.44 5.85 18.54
CA CYS A 59 -1.85 4.53 18.15
C CYS A 59 -3.35 4.49 18.15
N ASN A 60 -3.94 4.10 17.01
CA ASN A 60 -5.37 4.01 16.90
C ASN A 60 -5.66 3.08 15.76
N SER A 61 -6.93 2.68 15.62
CA SER A 61 -7.29 1.77 14.55
C SER A 61 -7.44 2.54 13.27
N ASN A 62 -7.64 3.87 13.36
CA ASN A 62 -7.83 4.68 12.18
C ASN A 62 -6.60 4.63 11.32
N ASP A 63 -5.41 4.72 11.95
CA ASP A 63 -4.17 4.71 11.19
C ASP A 63 -4.00 3.38 10.51
N LEU A 64 -4.30 2.26 11.21
CA LEU A 64 -4.15 0.95 10.61
C LEU A 64 -5.12 0.79 9.48
N ASN A 65 -6.38 1.21 9.70
CA ASN A 65 -7.39 1.08 8.69
C ASN A 65 -7.06 1.95 7.53
N LEU A 66 -6.50 3.15 7.78
CA LEU A 66 -6.16 4.05 6.69
C LEU A 66 -5.13 3.40 5.82
N LEU A 67 -4.08 2.81 6.45
CA LEU A 67 -3.03 2.17 5.69
C LEU A 67 -3.59 1.02 4.90
N MET A 68 -4.50 0.24 5.52
CA MET A 68 -5.06 -0.90 4.84
C MET A 68 -5.98 -0.42 3.73
N ASP A 69 -6.72 0.67 3.98
CA ASP A 69 -7.62 1.21 2.98
C ASP A 69 -6.80 1.69 1.80
N ALA A 70 -5.63 2.32 2.08
CA ALA A 70 -4.79 2.82 1.03
C ALA A 70 -4.30 1.66 0.21
N LEU A 71 -3.94 0.55 0.88
CA LEU A 71 -3.49 -0.63 0.17
C LEU A 71 -4.62 -1.22 -0.60
N LEU A 72 -5.84 -1.18 -0.06
CA LEU A 72 -6.97 -1.75 -0.76
C LEU A 72 -7.13 -0.99 -2.05
N SER A 73 -7.06 0.35 -1.98
CA SER A 73 -7.21 1.17 -3.16
C SER A 73 -6.04 0.95 -4.10
N ALA A 74 -4.80 0.85 -3.56
CA ALA A 74 -3.64 0.66 -4.41
C ALA A 74 -3.70 -0.68 -5.09
N LEU A 75 -4.03 -1.75 -4.34
CA LEU A 75 -4.10 -3.07 -4.91
C LEU A 75 -5.27 -3.11 -5.87
N HIS A 76 -6.37 -2.42 -5.50
CA HIS A 76 -7.54 -2.35 -6.35
C HIS A 76 -7.15 -1.74 -7.66
N THR A 77 -6.36 -0.64 -7.60
CA THR A 77 -5.93 0.03 -8.79
C THR A 77 -5.13 -0.93 -9.64
N LEU A 78 -4.21 -1.69 -9.02
CA LEU A 78 -3.38 -2.63 -9.77
C LEU A 78 -4.22 -3.68 -10.44
N SER A 79 -5.25 -4.20 -9.72
CA SER A 79 -6.08 -5.24 -10.26
C SER A 79 -6.81 -4.77 -11.50
N TYR A 80 -7.40 -3.55 -11.45
CA TYR A 80 -8.16 -3.07 -12.58
C TYR A 80 -7.27 -2.47 -13.64
N GLN A 81 -6.07 -1.97 -13.26
CA GLN A 81 -5.19 -1.38 -14.26
C GLN A 81 -4.82 -2.41 -15.29
N GLY A 82 -4.67 -3.68 -14.86
CA GLY A 82 -4.31 -4.73 -15.79
C GLY A 82 -5.48 -5.02 -16.70
N MET A 83 -6.69 -4.51 -16.35
CA MET A 83 -7.85 -4.76 -17.17
C MET A 83 -8.14 -3.55 -18.01
N GLY A 84 -7.76 -2.34 -17.51
CA GLY A 84 -8.01 -1.14 -18.26
C GLY A 84 -8.10 -0.02 -17.28
N THR A 85 -9.18 0.79 -17.36
CA THR A 85 -9.35 1.88 -16.44
C THR A 85 -9.89 1.34 -15.16
N VAL A 86 -9.76 2.12 -14.07
CA VAL A 86 -10.23 1.67 -12.79
C VAL A 86 -11.53 2.37 -12.49
N PRO A 87 -12.42 1.66 -11.81
CA PRO A 87 -13.71 2.20 -11.41
C PRO A 87 -13.61 3.11 -10.23
N SER A 88 -14.60 4.02 -10.09
CA SER A 88 -14.59 4.94 -8.98
C SER A 88 -15.04 4.21 -7.75
N TYR A 89 -15.58 2.97 -7.92
CA TYR A 89 -16.04 2.23 -6.77
C TYR A 89 -15.57 0.80 -6.96
N PRO A 90 -14.92 0.25 -5.96
CA PRO A 90 -14.41 -1.11 -6.02
C PRO A 90 -15.47 -2.16 -5.85
N SER A 91 -15.16 -3.39 -6.35
CA SER A 91 -16.11 -4.48 -6.24
C SER A 91 -16.16 -4.91 -4.80
N PRO A 92 -17.35 -5.07 -4.27
CA PRO A 92 -17.54 -5.47 -2.87
C PRO A 92 -17.04 -6.85 -2.58
N SER A 93 -16.98 -7.73 -3.61
CA SER A 93 -16.50 -9.07 -3.39
C SER A 93 -15.04 -8.97 -3.03
N ALA A 94 -14.32 -8.07 -3.73
CA ALA A 94 -12.91 -7.88 -3.48
C ALA A 94 -12.73 -7.24 -2.14
N MET A 95 -13.63 -6.29 -1.80
CA MET A 95 -13.55 -5.59 -0.53
C MET A 95 -13.74 -6.59 0.55
N SER A 96 -14.69 -7.50 0.33
CA SER A 96 -15.01 -8.50 1.31
C SER A 96 -13.83 -9.41 1.53
N ALA A 97 -13.23 -9.91 0.43
CA ALA A 97 -12.11 -10.82 0.55
C ALA A 97 -10.95 -10.14 1.21
N TYR A 98 -10.68 -8.90 0.80
CA TYR A 98 -9.58 -8.14 1.33
C TYR A 98 -9.82 -7.93 2.80
N SER A 99 -11.06 -7.53 3.15
CA SER A 99 -11.37 -7.22 4.53
C SER A 99 -11.20 -8.45 5.38
N GLN A 100 -11.68 -9.62 4.92
CA GLN A 100 -11.59 -10.83 5.72
C GLN A 100 -10.15 -11.21 5.95
N SER A 101 -9.33 -11.18 4.89
CA SER A 101 -7.94 -11.60 5.01
C SER A 101 -7.16 -10.60 5.80
N VAL A 102 -7.37 -9.30 5.53
CA VAL A 102 -6.62 -8.26 6.20
C VAL A 102 -7.03 -8.16 7.66
N ARG A 103 -8.34 -8.27 7.95
CA ARG A 103 -8.80 -8.16 9.32
C ARG A 103 -8.16 -9.23 10.15
N ARG A 104 -8.13 -10.47 9.64
CA ARG A 104 -7.55 -11.58 10.39
C ARG A 104 -6.07 -11.37 10.53
N CYS A 105 -5.44 -10.78 9.51
CA CYS A 105 -4.00 -10.60 9.49
C CYS A 105 -3.53 -9.76 10.65
N PHE A 106 -4.15 -8.58 10.90
CA PHE A 106 -3.69 -7.74 11.98
C PHE A 106 -4.56 -7.92 13.19
N GLY A 107 -5.76 -8.51 13.01
CA GLY A 107 -6.64 -8.71 14.15
C GLY A 107 -7.31 -7.41 14.46
N TYR A 108 -7.28 -6.45 13.52
CA TYR A 108 -7.89 -5.16 13.74
C TYR A 108 -8.98 -4.98 12.68
N GLY B 20 17.69 -5.40 9.52
CA GLY B 20 18.93 -6.08 9.08
C GLY B 20 19.53 -5.32 7.95
N SER B 21 20.64 -5.87 7.37
CA SER B 21 21.29 -5.20 6.26
C SER B 21 20.34 -5.19 5.10
N SER B 22 19.61 -6.30 4.88
CA SER B 22 18.67 -6.37 3.81
C SER B 22 17.39 -6.88 4.37
N ARG B 23 16.24 -6.39 3.85
CA ARG B 23 14.97 -6.84 4.36
C ARG B 23 13.91 -6.41 3.38
N LEU B 24 14.12 -5.23 2.72
CA LEU B 24 13.15 -4.74 1.76
C LEU B 24 12.98 -5.70 0.60
N PRO B 25 14.06 -6.28 0.06
CA PRO B 25 13.94 -7.22 -1.05
C PRO B 25 12.97 -8.33 -0.82
N SER B 26 12.83 -8.79 0.45
CA SER B 26 11.90 -9.85 0.76
C SER B 26 10.51 -9.37 0.47
N LEU B 27 10.20 -8.10 0.86
CA LEU B 27 8.88 -7.55 0.63
C LEU B 27 8.70 -7.36 -0.85
N ILE B 28 9.76 -6.90 -1.55
CA ILE B 28 9.67 -6.68 -2.99
C ILE B 28 9.35 -7.98 -3.66
N ASN B 29 10.03 -9.08 -3.25
CA ASN B 29 9.77 -10.37 -3.82
C ASN B 29 8.34 -10.73 -3.54
N GLY B 30 7.85 -10.37 -2.34
CA GLY B 30 6.49 -10.65 -1.95
C GLY B 30 5.54 -9.94 -2.88
N ILE B 31 5.89 -8.70 -3.30
CA ILE B 31 5.01 -7.96 -4.19
C ILE B 31 4.90 -8.72 -5.50
N MET B 32 6.05 -9.18 -6.04
CA MET B 32 6.04 -9.92 -7.29
C MET B 32 5.35 -11.23 -7.08
N SER B 33 5.43 -11.77 -5.86
CA SER B 33 4.83 -13.04 -5.55
C SER B 33 3.33 -12.97 -5.75
N SER B 34 2.70 -11.86 -5.30
CA SER B 34 1.26 -11.76 -5.45
C SER B 34 0.93 -11.10 -6.75
N MET B 35 1.92 -10.41 -7.38
CA MET B 35 1.68 -9.77 -8.64
C MET B 35 1.48 -10.86 -9.67
N GLN B 36 2.24 -11.98 -9.51
CA GLN B 36 2.17 -13.08 -10.44
C GLN B 36 2.42 -12.57 -11.83
N GLY B 37 1.46 -12.81 -12.76
CA GLY B 37 1.61 -12.35 -14.11
C GLY B 37 0.25 -11.95 -14.58
N GLY B 38 -0.57 -11.42 -13.65
CA GLY B 38 -1.90 -11.00 -14.00
C GLY B 38 -2.81 -11.62 -13.00
N GLY B 39 -3.52 -10.77 -12.22
CA GLY B 39 -4.42 -11.27 -11.21
C GLY B 39 -3.72 -11.12 -9.91
N PHE B 40 -4.30 -10.31 -8.99
CA PHE B 40 -3.68 -10.10 -7.72
C PHE B 40 -4.47 -10.90 -6.71
N ASN B 41 -3.76 -11.76 -5.94
CA ASN B 41 -4.42 -12.57 -4.95
C ASN B 41 -4.27 -11.89 -3.63
N TYR B 42 -5.42 -11.53 -3.00
CA TYR B 42 -5.38 -10.85 -1.72
C TYR B 42 -4.98 -11.83 -0.65
N GLN B 43 -5.31 -13.13 -0.84
CA GLN B 43 -4.99 -14.11 0.18
C GLN B 43 -3.49 -14.27 0.27
N ASN B 44 -2.77 -14.19 -0.87
CA ASN B 44 -1.33 -14.33 -0.84
C ASN B 44 -0.76 -13.10 -0.18
N PHE B 45 -1.35 -11.92 -0.48
CA PHE B 45 -0.88 -10.67 0.08
C PHE B 45 -1.04 -10.72 1.58
N GLY B 46 -2.21 -11.18 2.07
CA GLY B 46 -2.45 -11.25 3.49
C GLY B 46 -1.48 -12.21 4.12
N ASN B 47 -1.20 -13.35 3.45
CA ASN B 47 -0.28 -14.32 4.00
C ASN B 47 1.09 -13.71 4.08
N VAL B 48 1.47 -12.93 3.04
CA VAL B 48 2.77 -12.30 3.02
C VAL B 48 2.89 -11.35 4.18
N LEU B 49 1.84 -10.53 4.40
CA LEU B 49 1.88 -9.56 5.49
C LEU B 49 1.92 -10.29 6.81
N SER B 50 1.16 -11.40 6.93
CA SER B 50 1.12 -12.13 8.18
C SER B 50 2.49 -12.69 8.50
N GLN B 51 3.19 -13.22 7.47
CA GLN B 51 4.50 -13.81 7.68
C GLN B 51 5.50 -12.75 8.00
N PHE B 52 5.39 -11.58 7.34
CA PHE B 52 6.33 -10.51 7.58
C PHE B 52 6.03 -9.93 8.94
N ALA B 53 4.77 -10.02 9.37
CA ALA B 53 4.38 -9.45 10.63
C ALA B 53 4.65 -10.42 11.74
N THR B 54 3.63 -11.24 12.09
CA THR B 54 3.77 -12.17 13.19
C THR B 54 2.42 -12.77 13.39
N GLY B 55 1.41 -11.91 13.62
CA GLY B 55 0.06 -12.37 13.84
C GLY B 55 -0.26 -12.23 15.30
N THR B 56 0.59 -11.49 16.05
CA THR B 56 0.35 -11.30 17.47
C THR B 56 -0.96 -10.57 17.65
N GLY B 57 -1.18 -9.50 16.84
CA GLY B 57 -2.41 -8.75 16.93
C GLY B 57 -2.32 -7.81 18.09
N THR B 58 -1.36 -6.87 18.05
CA THR B 58 -1.21 -5.92 19.12
C THR B 58 -0.68 -4.66 18.53
N CYS B 59 -0.87 -3.51 19.21
CA CYS B 59 -0.39 -2.25 18.71
C CYS B 59 1.09 -2.20 18.90
N ASN B 60 1.82 -1.96 17.80
CA ASN B 60 3.25 -1.88 17.87
C ASN B 60 3.69 -1.12 16.66
N SER B 61 4.98 -0.71 16.62
CA SER B 61 5.48 0.05 15.49
C SER B 61 5.80 -0.89 14.36
N ASN B 62 5.97 -2.20 14.66
CA ASN B 62 6.30 -3.15 13.62
C ASN B 62 5.18 -3.24 12.63
N ASP B 63 3.93 -3.25 13.10
CA ASP B 63 2.80 -3.35 12.20
C ASP B 63 2.73 -2.12 11.33
N LEU B 64 2.95 -0.92 11.90
CA LEU B 64 2.88 0.29 11.11
C LEU B 64 3.99 0.30 10.11
N ASN B 65 5.21 -0.07 10.55
CA ASN B 65 6.35 -0.06 9.66
C ASN B 65 6.16 -1.09 8.59
N LEU B 66 5.57 -2.25 8.93
CA LEU B 66 5.36 -3.28 7.94
C LEU B 66 4.46 -2.77 6.86
N LEU B 67 3.35 -2.10 7.26
CA LEU B 67 2.40 -1.59 6.29
C LEU B 67 3.07 -0.54 5.44
N MET B 68 3.90 0.31 6.05
CA MET B 68 4.56 1.36 5.32
C MET B 68 5.60 0.75 4.42
N ASP B 69 6.30 -0.30 4.90
CA ASP B 69 7.31 -0.96 4.10
C ASP B 69 6.65 -1.61 2.90
N ALA B 70 5.45 -2.20 3.12
CA ALA B 70 4.75 -2.84 2.04
C ALA B 70 4.39 -1.81 1.01
N LEU B 71 3.94 -0.62 1.47
CA LEU B 71 3.59 0.44 0.56
C LEU B 71 4.82 0.94 -0.14
N LEU B 72 5.96 0.99 0.57
CA LEU B 72 7.18 1.46 -0.05
C LEU B 72 7.49 0.54 -1.20
N SER B 73 7.40 -0.78 -0.96
CA SER B 73 7.70 -1.75 -2.00
C SER B 73 6.66 -1.66 -3.10
N ALA B 74 5.37 -1.51 -2.73
CA ALA B 74 4.32 -1.45 -3.74
C ALA B 74 4.49 -0.22 -4.59
N LEU B 75 4.72 0.95 -3.95
CA LEU B 75 4.89 2.19 -4.68
C LEU B 75 6.17 2.10 -5.48
N HIS B 76 7.20 1.49 -4.88
CA HIS B 76 8.47 1.32 -5.56
C HIS B 76 8.25 0.53 -6.81
N THR B 77 7.45 -0.57 -6.69
CA THR B 77 7.17 -1.40 -7.85
C THR B 77 6.50 -0.56 -8.91
N LEU B 78 5.50 0.27 -8.53
CA LEU B 78 4.79 1.07 -9.50
C LEU B 78 5.73 2.05 -10.18
N SER B 79 6.65 2.65 -9.41
CA SER B 79 7.55 3.64 -9.98
C SER B 79 8.44 3.01 -11.03
N TYR B 80 9.00 1.81 -10.74
CA TYR B 80 9.90 1.19 -11.68
C TYR B 80 9.15 0.44 -12.75
N GLN B 81 7.90 -0.01 -12.49
CA GLN B 81 7.15 -0.74 -13.49
C GLN B 81 6.93 0.14 -14.70
N GLY B 82 6.74 1.46 -14.46
CA GLY B 82 6.52 2.36 -15.57
C GLY B 82 7.80 2.54 -16.34
N MET B 83 8.95 2.09 -15.78
CA MET B 83 10.20 2.24 -16.47
C MET B 83 10.58 0.93 -17.10
N GLY B 84 10.14 -0.20 -16.49
CA GLY B 84 10.48 -1.49 -17.03
C GLY B 84 10.42 -2.47 -15.90
N THR B 85 11.49 -3.27 -15.73
CA THR B 85 11.53 -4.24 -14.66
C THR B 85 11.90 -3.51 -13.40
N VAL B 86 11.63 -4.14 -12.24
CA VAL B 86 11.94 -3.52 -10.99
C VAL B 86 13.19 -4.16 -10.43
N PRO B 87 13.98 -3.36 -9.74
CA PRO B 87 15.21 -3.83 -9.12
C PRO B 87 14.95 -4.57 -7.84
N SER B 88 15.90 -5.44 -7.46
CA SER B 88 15.75 -6.21 -6.25
C SER B 88 16.04 -5.32 -5.07
N TYR B 89 16.60 -4.12 -5.33
CA TYR B 89 16.91 -3.20 -4.25
C TYR B 89 16.49 -1.83 -4.69
N PRO B 90 15.71 -1.15 -3.86
CA PRO B 90 15.23 0.18 -4.18
C PRO B 90 16.27 1.26 -4.02
N SER B 91 16.04 2.40 -4.70
CA SER B 91 16.97 3.51 -4.63
C SER B 91 16.84 4.12 -3.26
N PRO B 92 17.96 4.36 -2.61
CA PRO B 92 17.97 4.96 -1.27
C PRO B 92 17.44 6.36 -1.23
N SER B 93 17.54 7.09 -2.36
CA SER B 93 17.03 8.45 -2.39
C SER B 93 15.54 8.38 -2.21
N ALA B 94 14.90 7.39 -2.88
CA ALA B 94 13.48 7.22 -2.79
C ALA B 94 13.12 6.77 -1.40
N MET B 95 13.95 5.88 -0.83
CA MET B 95 13.70 5.36 0.50
C MET B 95 13.76 6.49 1.46
N SER B 96 14.75 7.38 1.24
CA SER B 96 14.94 8.51 2.11
C SER B 96 13.76 9.42 2.06
N ALA B 97 13.30 9.77 0.83
CA ALA B 97 12.19 10.67 0.67
C ALA B 97 10.94 10.08 1.26
N TYR B 98 10.71 8.78 0.99
CA TYR B 98 9.55 8.10 1.48
C TYR B 98 9.59 8.09 2.98
N SER B 99 10.77 7.76 3.53
CA SER B 99 10.91 7.65 4.97
C SER B 99 10.64 8.97 5.63
N GLN B 100 11.18 10.07 5.07
CA GLN B 100 11.01 11.37 5.69
C GLN B 100 9.55 11.77 5.67
N SER B 101 8.87 11.60 4.52
CA SER B 101 7.49 12.01 4.40
C SER B 101 6.59 11.12 5.22
N VAL B 102 6.82 9.80 5.16
CA VAL B 102 5.98 8.85 5.86
C VAL B 102 6.21 8.95 7.35
N ARG B 103 7.46 9.11 7.79
CA ARG B 103 7.75 9.18 9.22
C ARG B 103 7.02 10.36 9.81
N ARG B 104 7.06 11.52 9.14
CA ARG B 104 6.40 12.70 9.65
C ARG B 104 4.91 12.51 9.62
N CYS B 105 4.42 11.79 8.61
CA CYS B 105 2.99 11.58 8.44
C CYS B 105 2.37 10.91 9.63
N PHE B 106 2.94 9.78 10.10
CA PHE B 106 2.33 9.09 11.23
C PHE B 106 3.04 9.44 12.50
N GLY B 107 4.25 10.00 12.41
CA GLY B 107 4.98 10.36 13.61
C GLY B 107 5.60 9.12 14.18
N TYR B 108 5.68 8.05 13.38
CA TYR B 108 6.24 6.81 13.85
C TYR B 108 7.46 6.49 12.97
N GLY A 20 -18.75 7.59 5.07
CA GLY A 20 -19.67 7.80 3.93
C GLY A 20 -19.31 6.88 2.81
N SER A 21 -20.20 6.80 1.78
CA SER A 21 -19.93 5.92 0.66
C SER A 21 -18.88 6.56 -0.21
N SER A 22 -18.61 7.87 -0.01
CA SER A 22 -17.62 8.56 -0.81
C SER A 22 -16.29 8.48 -0.12
N ARG A 23 -16.23 7.77 1.04
CA ARG A 23 -14.99 7.65 1.77
C ARG A 23 -13.97 6.90 0.95
N LEU A 24 -14.37 5.76 0.35
CA LEU A 24 -13.43 4.98 -0.44
C LEU A 24 -13.04 5.72 -1.70
N PRO A 25 -13.99 6.21 -2.48
CA PRO A 25 -13.68 6.96 -3.69
C PRO A 25 -12.68 8.06 -3.49
N SER A 26 -12.67 8.70 -2.30
CA SER A 26 -11.72 9.75 -2.03
C SER A 26 -10.34 9.17 -2.11
N LEU A 27 -10.14 7.96 -1.52
CA LEU A 27 -8.85 7.31 -1.54
C LEU A 27 -8.54 6.91 -2.95
N ILE A 28 -9.56 6.46 -3.72
CA ILE A 28 -9.34 6.02 -5.10
C ILE A 28 -8.82 7.21 -5.87
N ASN A 29 -9.45 8.39 -5.68
CA ASN A 29 -9.04 9.59 -6.37
C ASN A 29 -7.64 9.92 -5.94
N GLY A 30 -7.31 9.70 -4.65
CA GLY A 30 -5.99 9.99 -4.15
C GLY A 30 -4.97 9.15 -4.88
N ILE A 31 -5.31 7.87 -5.17
CA ILE A 31 -4.37 7.00 -5.85
C ILE A 31 -4.16 7.53 -7.25
N MET A 32 -5.26 7.93 -7.92
CA MET A 32 -5.17 8.45 -9.26
C MET A 32 -4.39 9.75 -9.25
N SER A 33 -4.58 10.53 -8.17
CA SER A 33 -3.92 11.81 -8.03
C SER A 33 -2.41 11.62 -8.06
N SER A 34 -1.89 10.60 -7.35
CA SER A 34 -0.46 10.40 -7.31
C SER A 34 -0.03 9.55 -8.47
N MET A 35 -0.99 8.94 -9.18
CA MET A 35 -0.66 8.12 -10.33
C MET A 35 -0.20 9.03 -11.43
N GLN A 36 -0.71 10.27 -11.46
CA GLN A 36 -0.34 11.21 -12.50
C GLN A 36 1.07 11.67 -12.24
N GLY A 37 1.81 11.94 -13.33
CA GLY A 37 3.18 12.39 -13.20
C GLY A 37 4.04 11.48 -14.01
N GLY A 38 3.53 10.27 -14.33
CA GLY A 38 4.30 9.33 -15.13
C GLY A 38 5.05 8.43 -14.18
N GLY A 39 5.01 8.76 -12.88
CA GLY A 39 5.70 7.96 -11.90
C GLY A 39 4.83 7.93 -10.70
N PHE A 40 5.30 8.48 -9.57
CA PHE A 40 4.50 8.50 -8.38
C PHE A 40 5.01 9.63 -7.53
N ASN A 41 4.07 10.45 -7.00
CA ASN A 41 4.47 11.56 -6.16
C ASN A 41 4.36 11.09 -4.75
N TYR A 42 5.52 10.87 -4.09
CA TYR A 42 5.54 10.39 -2.73
C TYR A 42 5.07 11.48 -1.81
N GLN A 43 5.42 12.74 -2.09
CA GLN A 43 5.05 13.84 -1.22
C GLN A 43 3.54 14.00 -1.24
N ASN A 44 2.89 13.79 -2.40
CA ASN A 44 1.45 13.95 -2.47
C ASN A 44 0.82 12.82 -1.70
N PHE A 45 1.41 11.61 -1.82
CA PHE A 45 0.87 10.45 -1.15
C PHE A 45 0.99 10.65 0.33
N GLY A 46 2.13 11.20 0.81
CA GLY A 46 2.31 11.42 2.22
C GLY A 46 1.27 12.37 2.72
N ASN A 47 0.98 13.43 1.94
CA ASN A 47 -0.01 14.41 2.35
C ASN A 47 -1.35 13.74 2.38
N VAL A 48 -1.62 12.86 1.39
CA VAL A 48 -2.87 12.16 1.32
C VAL A 48 -3.04 11.30 2.55
N LEU A 49 -1.98 10.55 2.92
CA LEU A 49 -2.08 9.67 4.08
C LEU A 49 -2.31 10.48 5.33
N SER A 50 -1.63 11.64 5.46
CA SER A 50 -1.79 12.45 6.65
C SER A 50 -3.21 12.94 6.77
N GLN A 51 -3.77 13.43 5.64
CA GLN A 51 -5.11 13.98 5.64
C GLN A 51 -6.12 12.89 5.85
N PHE A 52 -5.89 11.72 5.24
CA PHE A 52 -6.81 10.63 5.35
C PHE A 52 -6.73 10.10 6.76
N ALA A 53 -5.53 10.21 7.36
CA ALA A 53 -5.33 9.69 8.68
C ALA A 53 -5.79 10.69 9.70
N THR A 54 -4.85 11.51 10.21
CA THR A 54 -5.17 12.48 11.23
C THR A 54 -3.99 13.39 11.33
N GLY A 55 -2.78 12.78 11.37
CA GLY A 55 -1.57 13.55 11.49
C GLY A 55 -1.21 13.61 12.94
N THR A 56 -1.87 12.79 13.78
CA THR A 56 -1.60 12.78 15.21
C THR A 56 -0.19 12.29 15.40
N GLY A 57 0.22 11.23 14.67
CA GLY A 57 1.57 10.72 14.80
C GLY A 57 1.59 9.61 15.81
N THR A 58 0.41 9.12 16.22
CA THR A 58 0.35 8.04 17.19
C THR A 58 -0.27 6.86 16.51
N CYS A 59 -0.06 5.65 17.08
CA CYS A 59 -0.63 4.47 16.49
C CYS A 59 -2.06 4.40 16.93
N ASN A 60 -2.99 4.49 15.96
CA ASN A 60 -4.39 4.43 16.26
C ASN A 60 -4.96 3.39 15.37
N SER A 61 -6.04 2.73 15.83
CA SER A 61 -6.67 1.68 15.05
C SER A 61 -7.20 2.28 13.78
N ASN A 62 -7.76 3.51 13.87
CA ASN A 62 -8.31 4.16 12.70
C ASN A 62 -7.22 4.41 11.71
N ASP A 63 -6.03 4.83 12.18
CA ASP A 63 -4.93 5.12 11.29
C ASP A 63 -4.47 3.85 10.62
N LEU A 64 -4.40 2.73 11.38
CA LEU A 64 -3.95 1.49 10.80
C LEU A 64 -4.96 1.03 9.78
N ASN A 65 -6.27 1.16 10.11
CA ASN A 65 -7.32 0.76 9.20
C ASN A 65 -7.25 1.63 7.97
N LEU A 66 -6.96 2.93 8.16
CA LEU A 66 -6.88 3.85 7.05
C LEU A 66 -5.80 3.37 6.10
N LEU A 67 -4.66 2.89 6.66
CA LEU A 67 -3.58 2.41 5.83
C LEU A 67 -4.07 1.22 5.05
N MET A 68 -4.91 0.37 5.67
CA MET A 68 -5.42 -0.79 4.99
C MET A 68 -6.31 -0.33 3.86
N ASP A 69 -7.11 0.74 4.11
CA ASP A 69 -7.99 1.28 3.08
C ASP A 69 -7.15 1.80 1.95
N ALA A 70 -6.02 2.46 2.27
CA ALA A 70 -5.15 3.00 1.24
C ALA A 70 -4.63 1.87 0.41
N LEU A 71 -4.23 0.76 1.07
CA LEU A 71 -3.72 -0.39 0.36
C LEU A 71 -4.83 -0.99 -0.45
N LEU A 72 -6.06 -1.01 0.07
CA LEU A 72 -7.16 -1.58 -0.67
C LEU A 72 -7.31 -0.81 -1.95
N SER A 73 -7.31 0.54 -1.88
CA SER A 73 -7.47 1.35 -3.06
C SER A 73 -6.28 1.16 -3.99
N ALA A 74 -5.05 1.15 -3.42
CA ALA A 74 -3.86 1.02 -4.25
C ALA A 74 -3.83 -0.34 -4.93
N LEU A 75 -4.10 -1.42 -4.16
CA LEU A 75 -4.08 -2.76 -4.72
C LEU A 75 -5.24 -2.92 -5.66
N HIS A 76 -6.40 -2.29 -5.33
CA HIS A 76 -7.56 -2.37 -6.18
C HIS A 76 -7.21 -1.77 -7.51
N THR A 77 -6.52 -0.61 -7.49
CA THR A 77 -6.13 0.05 -8.71
C THR A 77 -5.26 -0.89 -9.51
N LEU A 78 -4.31 -1.59 -8.84
CA LEU A 78 -3.42 -2.50 -9.55
C LEU A 78 -4.22 -3.62 -10.16
N SER A 79 -5.23 -4.12 -9.45
CA SER A 79 -6.03 -5.23 -9.94
C SER A 79 -6.73 -4.84 -11.22
N TYR A 80 -7.28 -3.61 -11.27
CA TYR A 80 -8.00 -3.19 -12.45
C TYR A 80 -7.06 -2.69 -13.52
N GLN A 81 -5.85 -2.22 -13.14
CA GLN A 81 -4.92 -1.73 -14.14
C GLN A 81 -4.57 -2.84 -15.10
N GLY A 82 -4.47 -4.08 -14.58
CA GLY A 82 -4.13 -5.20 -15.43
C GLY A 82 -5.30 -5.52 -16.32
N MET A 83 -6.49 -4.95 -16.04
CA MET A 83 -7.66 -5.23 -16.84
C MET A 83 -7.90 -4.08 -17.78
N GLY A 84 -7.50 -2.86 -17.38
CA GLY A 84 -7.71 -1.71 -18.23
C GLY A 84 -7.85 -0.51 -17.34
N THR A 85 -8.96 0.25 -17.51
CA THR A 85 -9.19 1.43 -16.71
C THR A 85 -9.68 1.00 -15.36
N VAL A 86 -9.57 1.90 -14.37
CA VAL A 86 -10.00 1.57 -13.04
C VAL A 86 -11.23 2.37 -12.73
N PRO A 87 -12.11 1.79 -11.92
CA PRO A 87 -13.34 2.44 -11.50
C PRO A 87 -13.12 3.39 -10.37
N SER A 88 -14.09 4.29 -10.16
CA SER A 88 -13.97 5.26 -9.08
C SER A 88 -14.49 4.63 -7.82
N TYR A 89 -14.98 3.36 -7.92
CA TYR A 89 -15.51 2.70 -6.76
C TYR A 89 -15.02 1.27 -6.82
N PRO A 90 -14.49 0.77 -5.72
CA PRO A 90 -13.98 -0.58 -5.66
C PRO A 90 -15.05 -1.63 -5.65
N SER A 91 -14.71 -2.84 -6.11
CA SER A 91 -15.67 -3.93 -6.15
C SER A 91 -15.82 -4.45 -4.74
N PRO A 92 -17.05 -4.60 -4.28
CA PRO A 92 -17.31 -5.09 -2.94
C PRO A 92 -16.87 -6.50 -2.72
N SER A 93 -16.83 -7.33 -3.78
CA SER A 93 -16.40 -8.70 -3.63
C SER A 93 -14.93 -8.69 -3.32
N ALA A 94 -14.17 -7.78 -3.99
CA ALA A 94 -12.75 -7.68 -3.78
C ALA A 94 -12.50 -7.13 -2.41
N MET A 95 -13.31 -6.13 -2.01
CA MET A 95 -13.14 -5.51 -0.72
C MET A 95 -13.45 -6.53 0.32
N SER A 96 -14.47 -7.36 0.06
CA SER A 96 -14.87 -8.37 1.02
C SER A 96 -13.73 -9.33 1.22
N ALA A 97 -13.13 -9.82 0.11
CA ALA A 97 -12.03 -10.77 0.21
C ALA A 97 -10.86 -10.13 0.89
N TYR A 98 -10.58 -8.87 0.53
CA TYR A 98 -9.49 -8.13 1.08
C TYR A 98 -9.67 -7.99 2.56
N SER A 99 -10.90 -7.62 2.98
CA SER A 99 -11.15 -7.39 4.39
C SER A 99 -10.99 -8.66 5.18
N GLN A 100 -11.42 -9.81 4.63
CA GLN A 100 -11.33 -11.04 5.39
C GLN A 100 -9.89 -11.41 5.63
N SER A 101 -9.05 -11.31 4.59
CA SER A 101 -7.66 -11.69 4.73
C SER A 101 -6.89 -10.66 5.50
N VAL A 102 -7.16 -9.37 5.25
CA VAL A 102 -6.43 -8.31 5.92
C VAL A 102 -6.79 -8.23 7.38
N ARG A 103 -8.10 -8.33 7.72
CA ARG A 103 -8.49 -8.24 9.11
C ARG A 103 -7.91 -9.41 9.86
N ARG A 104 -7.91 -10.60 9.26
CA ARG A 104 -7.39 -11.77 9.90
C ARG A 104 -5.90 -11.60 10.10
N CYS A 105 -5.22 -11.01 9.10
CA CYS A 105 -3.77 -10.84 9.16
C CYS A 105 -3.35 -10.00 10.34
N PHE A 106 -3.99 -8.84 10.56
CA PHE A 106 -3.56 -7.98 11.65
C PHE A 106 -4.40 -8.25 12.88
N GLY A 107 -5.37 -9.19 12.80
CA GLY A 107 -6.18 -9.49 13.96
C GLY A 107 -7.08 -8.33 14.24
N TYR A 108 -7.48 -7.60 13.18
CA TYR A 108 -8.34 -6.45 13.36
C TYR A 108 -9.75 -6.95 13.70
N GLY B 20 19.10 -6.72 6.54
CA GLY B 20 20.08 -7.05 5.46
C GLY B 20 19.76 -6.26 4.24
N SER B 21 20.68 -6.28 3.24
CA SER B 21 20.46 -5.53 2.03
C SER B 21 19.45 -6.25 1.18
N SER B 22 19.16 -7.53 1.51
CA SER B 22 18.21 -8.30 0.75
C SER B 22 16.85 -8.15 1.39
N ARG B 23 16.75 -7.33 2.45
CA ARG B 23 15.49 -7.14 3.14
C ARG B 23 14.49 -6.49 2.19
N LEU B 24 14.91 -5.41 1.51
CA LEU B 24 14.00 -4.71 0.61
C LEU B 24 13.66 -5.58 -0.59
N PRO B 25 14.64 -6.14 -1.28
CA PRO B 25 14.39 -7.01 -2.42
C PRO B 25 13.37 -8.09 -2.16
N SER B 26 13.31 -8.60 -0.90
CA SER B 26 12.36 -9.63 -0.56
C SER B 26 10.98 -9.05 -0.75
N LEU B 27 10.76 -7.80 -0.29
CA LEU B 27 9.48 -7.16 -0.43
C LEU B 27 9.21 -6.91 -1.89
N ILE B 28 10.26 -6.52 -2.65
CA ILE B 28 10.10 -6.24 -4.07
C ILE B 28 9.60 -7.50 -4.74
N ASN B 29 10.24 -8.65 -4.41
CA ASN B 29 9.85 -9.91 -4.99
C ASN B 29 8.43 -10.21 -4.59
N GLY B 30 8.06 -9.86 -3.34
CA GLY B 30 6.71 -10.10 -2.86
C GLY B 30 5.72 -9.34 -3.71
N ILE B 31 6.07 -8.10 -4.12
CA ILE B 31 5.17 -7.31 -4.92
C ILE B 31 5.00 -7.99 -6.26
N MET B 32 6.12 -8.44 -6.86
CA MET B 32 6.07 -9.10 -8.15
C MET B 32 5.33 -10.40 -8.02
N SER B 33 5.45 -11.03 -6.85
CA SER B 33 4.79 -12.30 -6.60
C SER B 33 3.30 -12.14 -6.71
N SER B 34 2.74 -11.05 -6.14
CA SER B 34 1.31 -10.86 -6.19
C SER B 34 0.93 -10.13 -7.44
N MET B 35 1.93 -9.59 -8.17
CA MET B 35 1.64 -8.88 -9.40
C MET B 35 1.22 -9.89 -10.43
N GLN B 36 1.72 -11.13 -10.31
CA GLN B 36 1.38 -12.16 -11.26
C GLN B 36 -0.03 -12.60 -11.00
N GLY B 37 -0.74 -12.99 -12.10
CA GLY B 37 -2.11 -13.42 -11.97
C GLY B 37 -2.95 -12.60 -12.90
N GLY B 38 -2.41 -11.42 -13.33
CA GLY B 38 -3.15 -10.58 -14.23
C GLY B 38 -3.94 -9.59 -13.43
N GLY B 39 -3.95 -9.78 -12.09
CA GLY B 39 -4.68 -8.89 -11.23
C GLY B 39 -3.84 -8.74 -10.01
N PHE B 40 -4.36 -9.17 -8.85
CA PHE B 40 -3.61 -9.06 -7.64
C PHE B 40 -4.15 -10.10 -6.69
N ASN B 41 -3.24 -10.86 -6.05
CA ASN B 41 -3.66 -11.88 -5.12
C ASN B 41 -3.61 -11.26 -3.74
N TYR B 42 -4.80 -10.98 -3.16
CA TYR B 42 -4.87 -10.38 -1.86
C TYR B 42 -4.43 -11.36 -0.81
N GLN B 43 -4.78 -12.65 -0.98
CA GLN B 43 -4.43 -13.64 0.01
C GLN B 43 -2.93 -13.80 0.08
N ASN B 44 -2.24 -13.72 -1.08
CA ASN B 44 -0.80 -13.88 -1.07
C ASN B 44 -0.19 -12.67 -0.41
N PHE B 45 -0.78 -11.48 -0.68
CA PHE B 45 -0.26 -10.26 -0.11
C PHE B 45 -0.44 -10.30 1.39
N GLY B 46 -1.60 -10.80 1.87
CA GLY B 46 -1.84 -10.87 3.29
C GLY B 46 -0.81 -11.77 3.93
N ASN B 47 -0.50 -12.92 3.27
CA ASN B 47 0.47 -13.83 3.81
C ASN B 47 1.82 -13.16 3.84
N VAL B 48 2.11 -12.39 2.76
CA VAL B 48 3.38 -11.70 2.67
C VAL B 48 3.50 -10.71 3.80
N LEU B 49 2.43 -9.93 4.07
CA LEU B 49 2.48 -8.94 5.12
C LEU B 49 2.67 -9.62 6.45
N SER B 50 1.99 -10.75 6.68
CA SER B 50 2.09 -11.43 7.96
C SER B 50 3.50 -11.91 8.18
N GLN B 51 4.11 -12.51 7.13
CA GLN B 51 5.45 -13.06 7.24
C GLN B 51 6.45 -11.96 7.37
N PHE B 52 6.25 -10.86 6.62
CA PHE B 52 7.17 -9.75 6.68
C PHE B 52 7.02 -9.08 8.01
N ALA B 53 5.81 -9.13 8.57
CA ALA B 53 5.56 -8.47 9.83
C ALA B 53 5.97 -9.37 10.96
N THR B 54 5.01 -10.13 11.51
CA THR B 54 5.29 -10.99 12.64
C THR B 54 4.11 -11.89 12.80
N GLY B 55 2.90 -11.28 12.72
CA GLY B 55 1.69 -12.04 12.87
C GLY B 55 1.27 -11.95 14.31
N THR B 56 1.91 -11.05 15.08
CA THR B 56 1.58 -10.88 16.48
C THR B 56 0.16 -10.39 16.58
N GLY B 57 -0.22 -9.42 15.73
CA GLY B 57 -1.57 -8.89 15.75
C GLY B 57 -1.63 -7.68 16.64
N THR B 58 -0.46 -7.14 17.04
CA THR B 58 -0.44 -5.98 17.90
C THR B 58 0.20 -4.87 17.12
N CYS B 59 -0.03 -3.60 17.56
CA CYS B 59 0.57 -2.49 16.87
C CYS B 59 1.98 -2.38 17.36
N ASN B 60 2.94 -2.55 16.42
CA ASN B 60 4.33 -2.47 16.77
C ASN B 60 4.95 -1.51 15.81
N SER B 61 6.01 -0.81 16.25
CA SER B 61 6.67 0.15 15.38
C SER B 61 7.24 -0.58 14.21
N ASN B 62 7.80 -1.80 14.44
CA ASN B 62 8.40 -2.56 13.37
C ASN B 62 7.34 -2.92 12.37
N ASP B 63 6.13 -3.29 12.83
CA ASP B 63 5.06 -3.67 11.93
C ASP B 63 4.64 -2.47 11.11
N LEU B 64 4.54 -1.28 11.75
CA LEU B 64 4.12 -0.10 11.04
C LEU B 64 5.17 0.24 10.00
N ASN B 65 6.46 0.15 10.40
CA ASN B 65 7.54 0.46 9.50
C ASN B 65 7.53 -0.53 8.36
N LEU B 66 7.21 -1.81 8.68
CA LEU B 66 7.16 -2.83 7.66
C LEU B 66 6.13 -2.45 6.63
N LEU B 67 4.97 -1.93 7.10
CA LEU B 67 3.93 -1.53 6.18
C LEU B 67 4.45 -0.43 5.30
N MET B 68 5.27 0.49 5.86
CA MET B 68 5.81 1.58 5.08
C MET B 68 6.74 0.99 4.04
N ASP B 69 7.52 -0.05 4.43
CA ASP B 69 8.44 -0.67 3.50
C ASP B 69 7.64 -1.31 2.39
N ALA B 70 6.50 -1.94 2.73
CA ALA B 70 5.68 -2.59 1.74
C ALA B 70 5.18 -1.54 0.78
N LEU B 71 4.77 -0.38 1.30
CA LEU B 71 4.29 0.69 0.45
C LEU B 71 5.42 1.21 -0.37
N LEU B 72 6.64 1.27 0.19
CA LEU B 72 7.76 1.76 -0.56
C LEU B 72 7.96 0.88 -1.75
N SER B 73 7.95 -0.46 -1.54
CA SER B 73 8.15 -1.38 -2.63
C SER B 73 7.01 -1.30 -3.61
N ALA B 74 5.75 -1.22 -3.10
CA ALA B 74 4.60 -1.18 -3.99
C ALA B 74 4.60 0.10 -4.80
N LEU B 75 4.84 1.25 -4.13
CA LEU B 75 4.85 2.51 -4.82
C LEU B 75 6.04 2.58 -5.73
N HIS B 76 7.18 2.00 -5.29
CA HIS B 76 8.38 1.99 -6.10
C HIS B 76 8.07 1.25 -7.38
N THR B 77 7.38 0.10 -7.27
CA THR B 77 7.03 -0.67 -8.44
C THR B 77 6.19 0.19 -9.36
N LEU B 78 5.21 0.94 -8.80
CA LEU B 78 4.37 1.79 -9.62
C LEU B 78 5.18 2.84 -10.33
N SER B 79 6.19 3.40 -9.62
CA SER B 79 7.00 4.45 -10.19
C SER B 79 7.75 3.93 -11.40
N TYR B 80 8.30 2.71 -11.30
CA TYR B 80 9.07 2.17 -12.41
C TYR B 80 8.16 1.57 -13.45
N GLN B 81 6.94 1.13 -13.07
CA GLN B 81 6.04 0.53 -14.05
C GLN B 81 5.73 1.54 -15.12
N GLY B 82 5.62 2.84 -14.75
CA GLY B 82 5.31 3.85 -15.71
C GLY B 82 6.52 4.09 -16.59
N MET B 83 7.70 3.55 -16.21
CA MET B 83 8.89 3.76 -16.99
C MET B 83 9.16 2.51 -17.80
N GLY B 84 8.76 1.34 -17.29
CA GLY B 84 9.00 0.11 -18.00
C GLY B 84 9.10 -1.00 -17.00
N THR B 85 10.21 -1.77 -17.05
CA THR B 85 10.40 -2.85 -16.12
C THR B 85 10.84 -2.28 -14.81
N VAL B 86 10.70 -3.08 -13.73
CA VAL B 86 11.08 -2.62 -12.42
C VAL B 86 12.30 -3.38 -11.98
N PRO B 87 13.15 -2.72 -11.21
CA PRO B 87 14.35 -3.31 -10.68
C PRO B 87 14.08 -4.14 -9.47
N SER B 88 15.05 -5.01 -9.11
CA SER B 88 14.89 -5.86 -7.95
C SER B 88 15.37 -5.09 -6.74
N TYR B 89 15.85 -3.85 -6.95
CA TYR B 89 16.33 -3.06 -5.84
C TYR B 89 15.85 -1.64 -6.07
N PRO B 90 15.30 -1.04 -5.04
CA PRO B 90 14.79 0.32 -5.13
C PRO B 90 15.86 1.37 -5.20
N SER B 91 15.51 2.54 -5.79
CA SER B 91 16.47 3.61 -5.93
C SER B 91 16.60 4.30 -4.58
N PRO B 92 17.82 4.50 -4.12
CA PRO B 92 18.07 5.16 -2.84
C PRO B 92 17.54 6.55 -2.77
N SER B 93 17.56 7.30 -3.90
CA SER B 93 17.07 8.66 -3.88
C SER B 93 15.59 8.63 -3.62
N ALA B 94 14.89 7.64 -4.21
CA ALA B 94 13.46 7.51 -4.02
C ALA B 94 13.20 7.10 -2.59
N MET B 95 14.04 6.19 -2.08
CA MET B 95 13.89 5.70 -0.74
C MET B 95 14.09 6.84 0.20
N SER B 96 15.09 7.67 -0.11
CA SER B 96 15.42 8.79 0.72
C SER B 96 14.26 9.75 0.78
N ALA B 97 13.70 10.10 -0.40
CA ALA B 97 12.58 11.03 -0.45
C ALA B 97 11.40 10.45 0.26
N TYR B 98 11.15 9.16 0.02
CA TYR B 98 10.03 8.47 0.60
C TYR B 98 10.17 8.48 2.09
N SER B 99 11.37 8.17 2.59
CA SER B 99 11.58 8.08 4.02
C SER B 99 11.39 9.43 4.68
N GLN B 100 11.85 10.52 4.03
CA GLN B 100 11.72 11.82 4.66
C GLN B 100 10.28 12.21 4.80
N SER B 101 9.48 12.01 3.74
CA SER B 101 8.08 12.39 3.79
C SER B 101 7.28 11.44 4.63
N VAL B 102 7.55 10.13 4.53
CA VAL B 102 6.79 9.14 5.27
C VAL B 102 7.10 9.22 6.74
N ARG B 103 8.40 9.35 7.12
CA ARG B 103 8.73 9.41 8.52
C ARG B 103 8.13 10.64 9.13
N ARG B 104 8.16 11.78 8.41
CA ARG B 104 7.61 13.00 8.91
C ARG B 104 6.11 12.85 9.07
N CYS B 105 5.47 12.16 8.12
CA CYS B 105 4.02 11.99 8.13
C CYS B 105 3.55 11.29 9.37
N PHE B 106 4.18 10.15 9.73
CA PHE B 106 3.72 9.41 10.89
C PHE B 106 4.50 9.80 12.11
N GLY B 107 5.47 10.72 11.98
CA GLY B 107 6.24 11.14 13.13
C GLY B 107 7.13 10.01 13.56
N TYR B 108 7.56 9.19 12.60
CA TYR B 108 8.41 8.07 12.93
C TYR B 108 9.82 8.61 13.27
N GLY A 20 -20.54 16.95 -1.21
CA GLY A 20 -20.88 15.52 -1.06
C GLY A 20 -19.91 14.88 -0.11
N SER A 21 -20.13 13.58 0.17
CA SER A 21 -19.25 12.87 1.08
C SER A 21 -18.87 11.59 0.40
N SER A 22 -17.65 11.09 0.70
CA SER A 22 -17.21 9.87 0.10
C SER A 22 -16.17 9.29 1.02
N ARG A 23 -15.90 7.97 0.86
CA ARG A 23 -14.92 7.33 1.70
C ARG A 23 -13.85 6.76 0.81
N LEU A 24 -14.10 5.55 0.26
CA LEU A 24 -13.14 4.89 -0.59
C LEU A 24 -12.83 5.69 -1.82
N PRO A 25 -13.83 6.24 -2.51
CA PRO A 25 -13.58 7.03 -3.72
C PRO A 25 -12.58 8.14 -3.51
N SER A 26 -12.56 8.75 -2.31
CA SER A 26 -11.62 9.81 -2.04
C SER A 26 -10.23 9.23 -2.08
N LEU A 27 -10.03 8.04 -1.48
CA LEU A 27 -8.73 7.41 -1.48
C LEU A 27 -8.37 7.03 -2.89
N ILE A 28 -9.36 6.52 -3.66
CA ILE A 28 -9.11 6.10 -5.02
C ILE A 28 -8.66 7.29 -5.82
N ASN A 29 -9.34 8.45 -5.63
CA ASN A 29 -8.97 9.65 -6.36
C ASN A 29 -7.56 10.02 -5.97
N GLY A 30 -7.22 9.81 -4.68
CA GLY A 30 -5.90 10.11 -4.18
C GLY A 30 -4.89 9.26 -4.89
N ILE A 31 -5.24 7.97 -5.17
CA ILE A 31 -4.30 7.09 -5.85
C ILE A 31 -4.06 7.62 -7.23
N MET A 32 -5.15 8.03 -7.93
CA MET A 32 -5.00 8.55 -9.28
C MET A 32 -4.24 9.85 -9.22
N SER A 33 -4.41 10.61 -8.13
CA SER A 33 -3.74 11.87 -7.96
C SER A 33 -2.25 11.66 -7.94
N SER A 34 -1.78 10.61 -7.23
CA SER A 34 -0.35 10.37 -7.14
C SER A 34 0.10 9.62 -8.36
N MET A 35 -0.84 9.09 -9.16
CA MET A 35 -0.48 8.37 -10.37
C MET A 35 0.00 9.36 -11.38
N GLN A 36 -0.41 10.63 -11.25
CA GLN A 36 -0.02 11.64 -12.20
C GLN A 36 1.44 11.92 -12.04
N GLY A 37 2.11 12.29 -13.16
CA GLY A 37 3.53 12.57 -13.13
C GLY A 37 4.22 11.52 -13.94
N GLY A 38 3.55 10.37 -14.16
CA GLY A 38 4.15 9.31 -14.95
C GLY A 38 4.89 8.39 -14.03
N GLY A 39 5.01 8.78 -12.74
CA GLY A 39 5.69 7.94 -11.79
C GLY A 39 4.84 7.91 -10.58
N PHE A 40 5.39 8.40 -9.44
CA PHE A 40 4.61 8.41 -8.23
C PHE A 40 5.19 9.48 -7.36
N ASN A 41 4.31 10.33 -6.78
CA ASN A 41 4.76 11.39 -5.92
C ASN A 41 4.58 10.94 -4.50
N TYR A 42 5.70 10.74 -3.78
CA TYR A 42 5.64 10.28 -2.41
C TYR A 42 5.12 11.39 -1.53
N GLN A 43 5.49 12.65 -1.86
CA GLN A 43 5.07 13.78 -1.04
C GLN A 43 3.58 13.89 -1.07
N ASN A 44 2.98 13.72 -2.27
CA ASN A 44 1.54 13.82 -2.38
C ASN A 44 0.91 12.69 -1.62
N PHE A 45 1.51 11.49 -1.71
CA PHE A 45 0.98 10.33 -1.03
C PHE A 45 0.99 10.57 0.46
N GLY A 46 2.12 11.08 1.00
CA GLY A 46 2.23 11.33 2.42
C GLY A 46 1.22 12.37 2.82
N ASN A 47 1.03 13.42 1.99
CA ASN A 47 0.08 14.46 2.32
C ASN A 47 -1.30 13.87 2.31
N VAL A 48 -1.59 12.98 1.35
CA VAL A 48 -2.89 12.35 1.26
C VAL A 48 -3.16 11.56 2.51
N LEU A 49 -2.17 10.76 2.96
CA LEU A 49 -2.36 9.95 4.15
C LEU A 49 -2.53 10.83 5.34
N SER A 50 -1.76 11.93 5.43
CA SER A 50 -1.85 12.81 6.57
C SER A 50 -3.21 13.44 6.65
N GLN A 51 -3.75 13.85 5.49
CA GLN A 51 -5.05 14.51 5.45
C GLN A 51 -6.13 13.52 5.76
N PHE A 52 -5.99 12.28 5.25
CA PHE A 52 -7.00 11.28 5.49
C PHE A 52 -6.93 10.87 6.93
N ALA A 53 -5.72 10.96 7.52
CA ALA A 53 -5.55 10.55 8.89
C ALA A 53 -5.79 11.71 9.80
N THR A 54 -4.70 12.41 10.17
CA THR A 54 -4.79 13.52 11.08
C THR A 54 -3.38 13.87 11.47
N GLY A 55 -2.62 12.84 11.89
CA GLY A 55 -1.24 13.03 12.27
C GLY A 55 -1.17 13.05 13.78
N THR A 56 -1.69 11.97 14.42
CA THR A 56 -1.65 11.90 15.87
C THR A 56 -0.25 11.66 16.31
N GLY A 57 0.49 10.80 15.57
CA GLY A 57 1.85 10.50 15.93
C GLY A 57 1.86 9.41 16.96
N THR A 58 0.68 8.82 17.23
CA THR A 58 0.58 7.76 18.20
C THR A 58 -0.13 6.62 17.56
N CYS A 59 -0.05 5.41 18.17
CA CYS A 59 -0.70 4.25 17.62
C CYS A 59 -2.18 4.48 17.68
N ASN A 60 -2.86 4.29 16.54
CA ASN A 60 -4.28 4.48 16.48
C ASN A 60 -4.79 3.50 15.47
N SER A 61 -5.94 2.85 15.77
CA SER A 61 -6.50 1.88 14.86
C SER A 61 -6.91 2.57 13.59
N ASN A 62 -7.20 3.90 13.67
CA ASN A 62 -7.60 4.63 12.49
C ASN A 62 -6.46 4.64 11.52
N ASP A 63 -5.22 4.81 12.02
CA ASP A 63 -4.06 4.85 11.15
C ASP A 63 -3.90 3.52 10.46
N LEU A 64 -4.10 2.40 11.21
CA LEU A 64 -3.95 1.08 10.61
C LEU A 64 -5.01 0.90 9.55
N ASN A 65 -6.25 1.27 9.88
CA ASN A 65 -7.33 1.11 8.93
C ASN A 65 -7.08 1.98 7.73
N LEU A 66 -6.54 3.19 7.96
CA LEU A 66 -6.28 4.09 6.85
C LEU A 66 -5.27 3.44 5.93
N LEU A 67 -4.21 2.84 6.50
CA LEU A 67 -3.20 2.22 5.68
C LEU A 67 -3.82 1.08 4.90
N MET A 68 -4.72 0.31 5.55
CA MET A 68 -5.34 -0.80 4.88
C MET A 68 -6.28 -0.27 3.82
N ASP A 69 -6.98 0.85 4.09
CA ASP A 69 -7.89 1.42 3.12
C ASP A 69 -7.08 1.91 1.94
N ALA A 70 -5.91 2.53 2.22
CA ALA A 70 -5.06 3.03 1.16
C ALA A 70 -4.59 1.87 0.32
N LEU A 71 -4.20 0.77 0.99
CA LEU A 71 -3.73 -0.40 0.27
C LEU A 71 -4.87 -0.98 -0.52
N LEU A 72 -6.09 -0.96 0.03
CA LEU A 72 -7.22 -1.50 -0.68
C LEU A 72 -7.37 -0.75 -1.97
N SER A 73 -7.33 0.59 -1.92
CA SER A 73 -7.49 1.39 -3.11
C SER A 73 -6.30 1.21 -4.03
N ALA A 74 -5.07 1.18 -3.48
CA ALA A 74 -3.88 1.05 -4.30
C ALA A 74 -3.85 -0.30 -4.97
N LEU A 75 -4.12 -1.39 -4.21
CA LEU A 75 -4.09 -2.72 -4.77
C LEU A 75 -5.26 -2.87 -5.71
N HIS A 76 -6.40 -2.25 -5.36
CA HIS A 76 -7.58 -2.30 -6.18
C HIS A 76 -7.24 -1.71 -7.52
N THR A 77 -6.54 -0.55 -7.50
CA THR A 77 -6.16 0.10 -8.73
C THR A 77 -5.31 -0.83 -9.55
N LEU A 78 -4.31 -1.50 -8.93
CA LEU A 78 -3.42 -2.39 -9.67
C LEU A 78 -4.19 -3.54 -10.29
N SER A 79 -5.15 -4.12 -9.55
CA SER A 79 -5.88 -5.25 -10.08
C SER A 79 -6.74 -4.86 -11.26
N TYR A 80 -7.33 -3.65 -11.24
CA TYR A 80 -8.20 -3.25 -12.33
C TYR A 80 -7.42 -2.63 -13.47
N GLN A 81 -6.22 -2.07 -13.22
CA GLN A 81 -5.46 -1.47 -14.31
C GLN A 81 -5.14 -2.53 -15.32
N GLY A 82 -4.86 -3.77 -14.86
CA GLY A 82 -4.54 -4.84 -15.77
C GLY A 82 -5.77 -5.23 -16.55
N MET A 83 -6.96 -4.76 -16.10
CA MET A 83 -8.18 -5.11 -16.79
C MET A 83 -8.46 -4.07 -17.85
N GLY A 84 -7.72 -2.94 -17.83
CA GLY A 84 -7.94 -1.91 -18.82
C GLY A 84 -8.05 -0.58 -18.12
N THR A 85 -9.05 -0.45 -17.21
CA THR A 85 -9.22 0.80 -16.51
C THR A 85 -9.78 0.48 -15.17
N VAL A 86 -9.72 1.45 -14.24
CA VAL A 86 -10.21 1.23 -12.92
C VAL A 86 -11.52 1.96 -12.74
N PRO A 87 -12.40 1.36 -11.96
CA PRO A 87 -13.69 1.94 -11.65
C PRO A 87 -13.62 2.95 -10.55
N SER A 88 -14.64 3.83 -10.46
CA SER A 88 -14.66 4.82 -9.43
C SER A 88 -15.13 4.18 -8.15
N TYR A 89 -15.61 2.92 -8.24
CA TYR A 89 -16.08 2.25 -7.05
C TYR A 89 -15.68 0.79 -7.19
N PRO A 90 -15.07 0.26 -6.15
CA PRO A 90 -14.61 -1.13 -6.15
C PRO A 90 -15.73 -2.12 -5.98
N SER A 91 -15.50 -3.37 -6.45
CA SER A 91 -16.50 -4.40 -6.34
C SER A 91 -16.44 -4.92 -4.92
N PRO A 92 -17.59 -5.16 -4.33
CA PRO A 92 -17.67 -5.65 -2.96
C PRO A 92 -17.11 -7.03 -2.76
N SER A 93 -17.10 -7.87 -3.82
CA SER A 93 -16.56 -9.21 -3.69
C SER A 93 -15.09 -9.10 -3.42
N ALA A 94 -14.41 -8.18 -4.14
CA ALA A 94 -12.99 -7.98 -3.98
C ALA A 94 -12.72 -7.40 -2.62
N MET A 95 -13.57 -6.46 -2.18
CA MET A 95 -13.37 -5.80 -0.91
C MET A 95 -13.58 -6.81 0.17
N SER A 96 -14.55 -7.71 -0.05
CA SER A 96 -14.86 -8.72 0.93
C SER A 96 -13.67 -9.62 1.11
N ALA A 97 -13.06 -10.08 0.00
CA ALA A 97 -11.92 -10.96 0.07
C ALA A 97 -10.78 -10.28 0.76
N TYR A 98 -10.55 -9.01 0.39
CA TYR A 98 -9.47 -8.23 0.95
C TYR A 98 -9.70 -8.09 2.42
N SER A 99 -10.94 -7.75 2.80
CA SER A 99 -11.27 -7.51 4.18
C SER A 99 -11.05 -8.75 5.01
N GLN A 100 -11.45 -9.93 4.49
CA GLN A 100 -11.32 -11.15 5.27
C GLN A 100 -9.87 -11.44 5.56
N SER A 101 -9.02 -11.36 4.53
CA SER A 101 -7.61 -11.68 4.71
C SER A 101 -6.92 -10.62 5.52
N VAL A 102 -7.17 -9.35 5.19
CA VAL A 102 -6.52 -8.25 5.88
C VAL A 102 -6.96 -8.17 7.31
N ARG A 103 -8.26 -8.38 7.60
CA ARG A 103 -8.75 -8.28 8.96
C ARG A 103 -8.04 -9.29 9.83
N ARG A 104 -7.92 -10.54 9.37
CA ARG A 104 -7.26 -11.56 10.17
C ARG A 104 -5.78 -11.30 10.22
N CYS A 105 -5.24 -10.65 9.16
CA CYS A 105 -3.82 -10.40 9.08
C CYS A 105 -3.34 -9.56 10.23
N PHE A 106 -4.00 -8.42 10.52
CA PHE A 106 -3.53 -7.56 11.59
C PHE A 106 -4.45 -7.66 12.77
N GLY A 107 -5.63 -8.27 12.60
CA GLY A 107 -6.55 -8.40 13.72
C GLY A 107 -7.33 -7.13 13.85
N TYR A 108 -7.12 -6.17 12.92
CA TYR A 108 -7.82 -4.91 12.98
C TYR A 108 -8.72 -4.82 11.74
N GLY B 20 20.88 -16.74 1.90
CA GLY B 20 21.21 -15.29 1.98
C GLY B 20 20.16 -14.59 2.79
N SER B 21 20.34 -13.26 3.00
CA SER B 21 19.39 -12.50 3.76
C SER B 21 19.08 -11.28 2.97
N SER B 22 17.84 -10.76 3.11
CA SER B 22 17.46 -9.57 2.38
C SER B 22 16.35 -8.92 3.16
N ARG B 23 16.08 -7.64 2.86
CA ARG B 23 15.05 -6.93 3.57
C ARG B 23 14.06 -6.42 2.54
N LEU B 24 14.37 -5.25 1.94
CA LEU B 24 13.49 -4.66 0.96
C LEU B 24 13.29 -5.56 -0.24
N PRO B 25 14.34 -6.15 -0.78
CA PRO B 25 14.21 -7.04 -1.94
C PRO B 25 13.19 -8.14 -1.74
N SER B 26 13.06 -8.66 -0.50
CA SER B 26 12.10 -9.70 -0.23
C SER B 26 10.71 -9.14 -0.46
N LEU B 27 10.46 -7.92 0.04
CA LEU B 27 9.16 -7.29 -0.12
C LEU B 27 8.94 -7.01 -1.58
N ILE B 28 9.99 -6.55 -2.29
CA ILE B 28 9.87 -6.24 -3.70
C ILE B 28 9.49 -7.50 -4.45
N ASN B 29 10.15 -8.63 -4.12
CA ASN B 29 9.84 -9.87 -4.78
C ASN B 29 8.40 -10.22 -4.49
N GLY B 30 7.95 -9.92 -3.25
CA GLY B 30 6.59 -10.19 -2.86
C GLY B 30 5.64 -9.40 -3.72
N ILE B 31 6.03 -8.14 -4.06
CA ILE B 31 5.16 -7.31 -4.88
C ILE B 31 5.03 -7.95 -6.23
N MET B 32 6.17 -8.40 -6.81
CA MET B 32 6.14 -9.02 -8.12
C MET B 32 5.37 -10.32 -8.04
N SER B 33 5.46 -11.00 -6.87
CA SER B 33 4.80 -12.26 -6.68
C SER B 33 3.30 -12.06 -6.80
N SER B 34 2.77 -10.97 -6.20
CA SER B 34 1.35 -10.74 -6.24
C SER B 34 0.99 -10.06 -7.54
N MET B 35 2.01 -9.58 -8.29
CA MET B 35 1.75 -8.91 -9.54
C MET B 35 1.40 -9.95 -10.58
N GLN B 36 1.76 -11.23 -10.31
CA GLN B 36 1.47 -12.29 -11.24
C GLN B 36 -0.01 -12.56 -11.21
N GLY B 37 -0.55 -13.03 -12.36
CA GLY B 37 -1.97 -13.33 -12.44
C GLY B 37 -2.59 -12.34 -13.38
N GLY B 38 -1.91 -11.20 -13.63
CA GLY B 38 -2.43 -10.20 -14.54
C GLY B 38 -3.25 -9.22 -13.76
N GLY B 39 -3.50 -9.52 -12.46
CA GLY B 39 -4.26 -8.64 -11.63
C GLY B 39 -3.53 -8.52 -10.34
N PHE B 40 -4.17 -8.92 -9.23
CA PHE B 40 -3.52 -8.84 -7.96
C PHE B 40 -4.18 -9.84 -7.06
N ASN B 41 -3.36 -10.65 -6.34
CA ASN B 41 -3.90 -11.65 -5.46
C ASN B 41 -3.84 -11.08 -4.06
N TYR B 42 -5.02 -10.83 -3.46
CA TYR B 42 -5.07 -10.27 -2.13
C TYR B 42 -4.63 -11.31 -1.13
N GLN B 43 -4.97 -12.60 -1.39
CA GLN B 43 -4.63 -13.66 -0.47
C GLN B 43 -3.14 -13.76 -0.35
N ASN B 44 -2.43 -13.70 -1.50
CA ASN B 44 -0.99 -13.80 -1.47
C ASN B 44 -0.43 -12.60 -0.74
N PHE B 45 -1.02 -11.42 -0.98
CA PHE B 45 -0.55 -10.20 -0.34
C PHE B 45 -0.69 -10.33 1.16
N GLY B 46 -1.88 -10.80 1.63
CA GLY B 46 -2.11 -10.95 3.05
C GLY B 46 -1.14 -11.95 3.62
N ASN B 47 -0.88 -13.05 2.88
CA ASN B 47 0.04 -14.07 3.37
C ASN B 47 1.41 -13.48 3.45
N VAL B 48 1.79 -12.66 2.45
CA VAL B 48 3.10 -12.04 2.43
C VAL B 48 3.24 -11.16 3.65
N LEU B 49 2.22 -10.32 3.93
CA LEU B 49 2.31 -9.43 5.07
C LEU B 49 2.37 -10.21 6.35
N SER B 50 1.59 -11.31 6.44
CA SER B 50 1.56 -12.10 7.65
C SER B 50 2.92 -12.71 7.90
N GLN B 51 3.57 -13.22 6.82
CA GLN B 51 4.86 -13.87 6.95
C GLN B 51 5.91 -12.86 7.29
N PHE B 52 5.82 -11.66 6.68
CA PHE B 52 6.81 -10.64 6.93
C PHE B 52 6.62 -10.13 8.32
N ALA B 53 5.36 -10.17 8.80
CA ALA B 53 5.06 -9.66 10.11
C ALA B 53 5.22 -10.76 11.13
N THR B 54 4.09 -11.43 11.45
CA THR B 54 4.09 -12.48 12.45
C THR B 54 2.65 -12.80 12.73
N GLY B 55 1.86 -11.75 13.00
CA GLY B 55 0.46 -11.92 13.28
C GLY B 55 0.25 -11.82 14.76
N THR B 56 0.70 -10.69 15.36
CA THR B 56 0.54 -10.52 16.80
C THR B 56 -0.90 -10.25 17.10
N GLY B 57 -1.55 -9.44 16.24
CA GLY B 57 -2.95 -9.13 16.44
C GLY B 57 -3.05 -7.96 17.38
N THR B 58 -1.89 -7.35 17.71
CA THR B 58 -1.87 -6.23 18.61
C THR B 58 -1.11 -5.12 17.94
N CYS B 59 -1.25 -3.88 18.46
CA CYS B 59 -0.54 -2.75 17.89
C CYS B 59 0.93 -2.97 18.11
N ASN B 60 1.71 -2.87 17.01
CA ASN B 60 3.13 -3.05 17.11
C ASN B 60 3.72 -2.15 16.07
N SER B 61 4.85 -1.48 16.42
CA SER B 61 5.49 -0.58 15.50
C SER B 61 6.02 -1.36 14.32
N ASN B 62 6.29 -2.67 14.52
CA ASN B 62 6.80 -3.49 13.44
C ASN B 62 5.74 -3.58 12.38
N ASP B 63 4.46 -3.72 12.77
CA ASP B 63 3.39 -3.83 11.81
C ASP B 63 3.29 -2.54 11.02
N LEU B 64 3.43 -1.37 11.68
CA LEU B 64 3.35 -0.11 10.98
C LEU B 64 4.48 0.00 10.02
N ASN B 65 5.70 -0.34 10.47
CA ASN B 65 6.87 -0.25 9.62
C ASN B 65 6.72 -1.20 8.48
N LEU B 66 6.15 -2.40 8.73
CA LEU B 66 5.99 -3.37 7.68
C LEU B 66 5.07 -2.81 6.63
N LEU B 67 3.97 -2.16 7.06
CA LEU B 67 3.03 -1.59 6.10
C LEU B 67 3.72 -0.53 5.31
N MET B 68 4.56 0.29 5.97
CA MET B 68 5.25 1.35 5.28
C MET B 68 6.28 0.75 4.35
N ASP B 69 6.95 -0.34 4.78
CA ASP B 69 7.94 -0.99 3.94
C ASP B 69 7.23 -1.56 2.73
N ALA B 70 6.04 -2.16 2.93
CA ALA B 70 5.30 -2.74 1.84
C ALA B 70 4.90 -1.66 0.88
N LEU B 71 4.46 -0.50 1.43
CA LEU B 71 4.06 0.61 0.58
C LEU B 71 5.27 1.13 -0.14
N LEU B 72 6.44 1.15 0.52
CA LEU B 72 7.63 1.65 -0.13
C LEU B 72 7.89 0.81 -1.34
N SER B 73 7.84 -0.54 -1.19
CA SER B 73 8.10 -1.41 -2.31
C SER B 73 7.01 -1.30 -3.34
N ALA B 74 5.72 -1.25 -2.90
CA ALA B 74 4.62 -1.17 -3.84
C ALA B 74 4.64 0.13 -4.61
N LEU B 75 4.85 1.26 -3.91
CA LEU B 75 4.87 2.55 -4.56
C LEU B 75 6.12 2.64 -5.40
N HIS B 76 7.23 2.04 -4.90
CA HIS B 76 8.49 2.05 -5.62
C HIS B 76 8.26 1.35 -6.94
N THR B 77 7.55 0.20 -6.89
CA THR B 77 7.28 -0.55 -8.10
C THR B 77 6.52 0.33 -9.07
N LEU B 78 5.47 1.03 -8.58
CA LEU B 78 4.66 1.85 -9.46
C LEU B 78 5.47 2.95 -10.10
N SER B 79 6.38 3.59 -9.33
CA SER B 79 7.15 4.70 -9.86
C SER B 79 8.11 4.22 -10.92
N TYR B 80 8.69 3.01 -10.77
CA TYR B 80 9.66 2.54 -11.74
C TYR B 80 8.98 1.85 -12.89
N GLN B 81 7.76 1.30 -12.71
CA GLN B 81 7.10 0.63 -13.83
C GLN B 81 6.88 1.61 -14.95
N GLY B 82 6.57 2.87 -14.60
CA GLY B 82 6.33 3.88 -15.60
C GLY B 82 7.63 4.20 -16.30
N MET B 83 8.78 3.77 -15.72
CA MET B 83 10.06 4.07 -16.31
C MET B 83 10.42 2.94 -17.26
N GLY B 84 9.69 1.82 -17.22
CA GLY B 84 9.98 0.71 -18.11
C GLY B 84 10.02 -0.54 -17.31
N THR B 85 10.94 -0.62 -16.31
CA THR B 85 11.04 -1.81 -15.50
C THR B 85 11.48 -1.38 -14.14
N VAL B 86 11.34 -2.29 -13.16
CA VAL B 86 11.71 -1.96 -11.81
C VAL B 86 12.98 -2.67 -11.46
N PRO B 87 13.80 -2.02 -10.65
CA PRO B 87 15.06 -2.57 -10.19
C PRO B 87 14.87 -3.49 -9.02
N SER B 88 15.89 -4.34 -8.77
CA SER B 88 15.80 -5.26 -7.67
C SER B 88 16.15 -4.53 -6.41
N TYR B 89 16.63 -3.27 -6.53
CA TYR B 89 16.99 -2.51 -5.36
C TYR B 89 16.62 -1.07 -5.64
N PRO B 90 15.92 -0.46 -4.70
CA PRO B 90 15.47 0.92 -4.84
C PRO B 90 16.57 1.93 -4.66
N SER B 91 16.38 3.15 -5.24
CA SER B 91 17.38 4.18 -5.13
C SER B 91 17.22 4.83 -3.78
N PRO B 92 18.33 5.13 -3.13
CA PRO B 92 18.33 5.76 -1.81
C PRO B 92 17.67 7.11 -1.76
N SER B 93 17.75 7.88 -2.87
CA SER B 93 17.15 9.20 -2.88
C SER B 93 15.67 9.06 -2.71
N ALA B 94 15.07 8.07 -3.41
CA ALA B 94 13.65 7.85 -3.33
C ALA B 94 13.29 7.35 -1.96
N MET B 95 14.15 6.46 -1.41
CA MET B 95 13.91 5.88 -0.11
C MET B 95 13.96 6.96 0.91
N SER B 96 14.92 7.88 0.71
CA SER B 96 15.11 8.98 1.64
C SER B 96 13.90 9.88 1.64
N ALA B 97 13.41 10.24 0.44
CA ALA B 97 12.26 11.12 0.34
C ALA B 97 11.06 10.49 0.97
N TYR B 98 10.87 9.20 0.67
CA TYR B 98 9.74 8.46 1.20
C TYR B 98 9.84 8.43 2.70
N SER B 99 11.05 8.13 3.20
CA SER B 99 11.25 8.00 4.63
C SER B 99 10.97 9.29 5.34
N GLN B 100 11.41 10.44 4.76
CA GLN B 100 11.22 11.71 5.43
C GLN B 100 9.75 12.02 5.57
N SER B 101 8.99 11.87 4.48
CA SER B 101 7.57 12.20 4.50
C SER B 101 6.81 11.20 5.32
N VAL B 102 7.09 9.90 5.13
CA VAL B 102 6.37 8.85 5.82
C VAL B 102 6.67 8.88 7.30
N ARG B 103 7.95 9.13 7.68
CA ARG B 103 8.31 9.13 9.09
C ARG B 103 7.53 10.19 9.80
N ARG B 104 7.44 11.41 9.24
CA ARG B 104 6.72 12.48 9.90
C ARG B 104 5.24 12.22 9.83
N CYS B 105 4.80 11.50 8.80
CA CYS B 105 3.39 11.24 8.59
C CYS B 105 2.80 10.47 9.76
N PHE B 106 3.43 9.35 10.19
CA PHE B 106 2.86 8.59 11.27
C PHE B 106 3.66 8.77 12.52
N GLY B 107 4.87 9.37 12.42
CA GLY B 107 5.68 9.59 13.60
C GLY B 107 6.44 8.32 13.90
N TYR B 108 6.31 7.31 13.03
CA TYR B 108 7.00 6.06 13.25
C TYR B 108 8.00 5.88 12.10
N GLY A 20 -8.92 12.65 8.48
CA GLY A 20 -10.32 13.13 8.38
C GLY A 20 -11.23 12.00 8.02
N SER A 21 -12.40 12.32 7.43
CA SER A 21 -13.33 11.29 7.05
C SER A 21 -13.16 11.08 5.57
N SER A 22 -12.80 9.85 5.16
CA SER A 22 -12.61 9.55 3.77
C SER A 22 -12.95 8.11 3.58
N ARG A 23 -13.30 7.73 2.33
CA ARG A 23 -13.65 6.34 2.06
C ARG A 23 -12.76 5.86 0.93
N LEU A 24 -13.08 4.65 0.40
CA LEU A 24 -12.28 4.05 -0.65
C LEU A 24 -12.11 4.95 -1.86
N PRO A 25 -13.18 5.54 -2.38
CA PRO A 25 -13.05 6.41 -3.55
C PRO A 25 -12.06 7.52 -3.38
N SER A 26 -11.99 8.11 -2.18
CA SER A 26 -11.07 9.20 -1.93
C SER A 26 -9.66 8.66 -2.01
N LEU A 27 -9.41 7.46 -1.42
CA LEU A 27 -8.09 6.89 -1.44
C LEU A 27 -7.72 6.50 -2.86
N ILE A 28 -8.69 5.94 -3.61
CA ILE A 28 -8.43 5.54 -4.98
C ILE A 28 -8.07 6.76 -5.77
N ASN A 29 -8.81 7.87 -5.55
CA ASN A 29 -8.54 9.10 -6.26
C ASN A 29 -7.18 9.61 -5.86
N GLY A 30 -6.75 9.31 -4.61
CA GLY A 30 -5.46 9.79 -4.14
C GLY A 30 -4.36 9.19 -4.98
N ILE A 31 -4.44 7.86 -5.27
CA ILE A 31 -3.42 7.21 -6.07
C ILE A 31 -3.49 7.75 -7.48
N MET A 32 -4.73 7.89 -8.02
CA MET A 32 -4.89 8.39 -9.37
C MET A 32 -4.37 9.79 -9.44
N SER A 33 -4.58 10.55 -8.35
CA SER A 33 -4.16 11.94 -8.28
C SER A 33 -2.67 12.04 -8.45
N SER A 34 -1.90 11.17 -7.79
CA SER A 34 -0.45 11.25 -7.89
C SER A 34 0.02 10.49 -9.10
N MET A 35 -0.83 9.64 -9.66
CA MET A 35 -0.46 8.89 -10.83
C MET A 35 -0.40 9.84 -12.00
N GLN A 36 -1.27 10.88 -11.97
CA GLN A 36 -1.31 11.83 -13.05
C GLN A 36 -0.18 12.81 -12.90
N GLY A 37 0.28 13.36 -14.04
CA GLY A 37 1.36 14.32 -14.03
C GLY A 37 2.61 13.64 -14.48
N GLY A 38 2.67 12.29 -14.35
CA GLY A 38 3.85 11.57 -14.76
C GLY A 38 4.81 11.59 -13.62
N GLY A 39 5.00 10.43 -12.95
CA GLY A 39 5.91 10.37 -11.85
C GLY A 39 5.07 10.42 -10.62
N PHE A 40 5.19 9.37 -9.77
CA PHE A 40 4.41 9.32 -8.57
C PHE A 40 5.01 10.29 -7.58
N ASN A 41 4.16 11.20 -7.04
CA ASN A 41 4.63 12.17 -6.09
C ASN A 41 4.43 11.60 -4.71
N TYR A 42 5.54 11.30 -4.02
CA TYR A 42 5.47 10.72 -2.69
C TYR A 42 4.98 11.75 -1.71
N GLN A 43 5.40 13.03 -1.90
CA GLN A 43 5.02 14.07 -0.97
C GLN A 43 3.53 14.28 -1.05
N ASN A 44 2.94 14.10 -2.25
CA ASN A 44 1.50 14.28 -2.40
C ASN A 44 0.81 13.17 -1.68
N PHE A 45 1.36 11.94 -1.80
CA PHE A 45 0.76 10.78 -1.18
C PHE A 45 0.85 10.94 0.32
N GLY A 46 2.00 11.44 0.82
CA GLY A 46 2.17 11.62 2.25
C GLY A 46 1.14 12.59 2.75
N ASN A 47 0.88 13.67 1.98
CA ASN A 47 -0.10 14.65 2.39
C ASN A 47 -1.45 14.00 2.40
N VAL A 48 -1.72 13.14 1.39
CA VAL A 48 -3.00 12.47 1.29
C VAL A 48 -3.20 11.61 2.51
N LEU A 49 -2.17 10.83 2.91
CA LEU A 49 -2.30 9.95 4.05
C LEU A 49 -2.50 10.77 5.30
N SER A 50 -1.78 11.90 5.41
CA SER A 50 -1.88 12.74 6.60
C SER A 50 -3.27 13.30 6.71
N GLN A 51 -3.85 13.73 5.58
CA GLN A 51 -5.18 14.33 5.58
C GLN A 51 -6.20 13.29 5.91
N PHE A 52 -6.01 12.06 5.38
CA PHE A 52 -6.94 11.00 5.63
C PHE A 52 -6.82 10.63 7.08
N ALA A 53 -5.59 10.73 7.61
CA ALA A 53 -5.36 10.36 8.97
C ALA A 53 -5.68 11.51 9.87
N THR A 54 -4.63 12.26 10.28
CA THR A 54 -4.81 13.36 11.20
C THR A 54 -3.44 13.85 11.55
N GLY A 55 -2.64 12.94 12.14
CA GLY A 55 -1.28 13.28 12.53
C GLY A 55 -1.15 13.14 14.00
N THR A 56 -1.67 12.01 14.56
CA THR A 56 -1.59 11.79 15.99
C THR A 56 -0.17 11.46 16.33
N GLY A 57 0.51 10.69 15.47
CA GLY A 57 1.88 10.32 15.72
C GLY A 57 1.89 9.12 16.62
N THR A 58 0.71 8.50 16.85
CA THR A 58 0.62 7.36 17.70
C THR A 58 -0.09 6.28 16.93
N CYS A 59 0.09 5.02 17.36
CA CYS A 59 -0.56 3.91 16.69
C CYS A 59 -2.02 3.96 17.04
N ASN A 60 -2.87 3.89 15.99
CA ASN A 60 -4.30 3.93 16.22
C ASN A 60 -4.90 3.02 15.19
N SER A 61 -6.10 2.48 15.50
CA SER A 61 -6.76 1.58 14.59
C SER A 61 -7.15 2.32 13.34
N ASN A 62 -7.41 3.65 13.46
CA ASN A 62 -7.80 4.43 12.31
C ASN A 62 -6.67 4.43 11.31
N ASP A 63 -5.42 4.56 11.80
CA ASP A 63 -4.28 4.59 10.92
C ASP A 63 -4.15 3.26 10.21
N LEU A 64 -4.37 2.14 10.93
CA LEU A 64 -4.24 0.84 10.30
C LEU A 64 -5.30 0.68 9.25
N ASN A 65 -6.53 1.09 9.56
CA ASN A 65 -7.63 0.94 8.62
C ASN A 65 -7.34 1.76 7.39
N LEU A 66 -6.78 2.98 7.56
CA LEU A 66 -6.47 3.80 6.42
C LEU A 66 -5.41 3.12 5.61
N LEU A 67 -4.41 2.49 6.28
CA LEU A 67 -3.36 1.80 5.58
C LEU A 67 -3.95 0.63 4.83
N MET A 68 -4.92 -0.09 5.45
CA MET A 68 -5.50 -1.24 4.77
C MET A 68 -6.28 -0.75 3.58
N ASP A 69 -7.01 0.37 3.74
CA ASP A 69 -7.79 0.92 2.65
C ASP A 69 -6.86 1.38 1.56
N ALA A 70 -5.73 2.00 1.94
CA ALA A 70 -4.77 2.50 0.98
C ALA A 70 -4.18 1.34 0.23
N LEU A 71 -3.88 0.23 0.95
CA LEU A 71 -3.29 -0.93 0.32
C LEU A 71 -4.31 -1.52 -0.62
N LEU A 72 -5.59 -1.59 -0.17
CA LEU A 72 -6.63 -2.14 -0.99
C LEU A 72 -6.76 -1.31 -2.24
N SER A 73 -6.73 0.03 -2.09
CA SER A 73 -6.87 0.90 -3.24
C SER A 73 -5.71 0.69 -4.18
N ALA A 74 -4.48 0.55 -3.64
CA ALA A 74 -3.32 0.36 -4.49
C ALA A 74 -3.43 -0.96 -5.23
N LEU A 75 -3.85 -2.04 -4.52
CA LEU A 75 -3.96 -3.35 -5.13
C LEU A 75 -5.10 -3.32 -6.11
N HIS A 76 -6.18 -2.60 -5.78
CA HIS A 76 -7.33 -2.49 -6.63
C HIS A 76 -6.90 -1.89 -7.94
N THR A 77 -6.10 -0.82 -7.86
CA THR A 77 -5.63 -0.16 -9.06
C THR A 77 -4.79 -1.13 -9.87
N LEU A 78 -3.87 -1.85 -9.20
CA LEU A 78 -3.00 -2.79 -9.92
C LEU A 78 -3.80 -3.87 -10.58
N SER A 79 -4.80 -4.42 -9.88
CA SER A 79 -5.59 -5.50 -10.42
C SER A 79 -6.40 -5.04 -11.61
N TYR A 80 -7.08 -3.88 -11.51
CA TYR A 80 -7.92 -3.42 -12.60
C TYR A 80 -7.12 -2.84 -13.73
N GLN A 81 -5.91 -2.28 -13.47
CA GLN A 81 -5.14 -1.70 -14.57
C GLN A 81 -4.77 -2.79 -15.55
N GLY A 82 -4.67 -4.05 -15.07
CA GLY A 82 -4.33 -5.13 -15.96
C GLY A 82 -5.52 -5.47 -16.82
N MET A 83 -6.72 -4.93 -16.46
CA MET A 83 -7.90 -5.23 -17.23
C MET A 83 -8.25 -4.04 -18.09
N GLY A 84 -7.90 -2.82 -17.63
CA GLY A 84 -8.21 -1.64 -18.40
C GLY A 84 -8.29 -0.49 -17.46
N THR A 85 -9.24 0.45 -17.70
CA THR A 85 -9.40 1.59 -16.85
C THR A 85 -9.95 1.10 -15.54
N VAL A 86 -9.48 1.70 -14.43
CA VAL A 86 -9.92 1.28 -13.13
C VAL A 86 -11.18 2.01 -12.80
N PRO A 87 -12.07 1.34 -12.08
CA PRO A 87 -13.32 1.92 -11.64
C PRO A 87 -13.15 2.82 -10.46
N SER A 88 -14.10 3.77 -10.28
CA SER A 88 -14.02 4.69 -9.17
C SER A 88 -14.49 3.99 -7.93
N TYR A 89 -15.07 2.78 -8.08
CA TYR A 89 -15.54 2.07 -6.91
C TYR A 89 -15.22 0.61 -7.13
N PRO A 90 -14.62 -0.02 -6.13
CA PRO A 90 -14.24 -1.41 -6.20
C PRO A 90 -15.40 -2.35 -5.99
N SER A 91 -15.22 -3.63 -6.38
CA SER A 91 -16.27 -4.61 -6.19
C SER A 91 -16.37 -4.87 -4.72
N PRO A 92 -17.57 -4.72 -4.16
CA PRO A 92 -17.78 -4.92 -2.74
C PRO A 92 -17.52 -6.32 -2.27
N SER A 93 -17.73 -7.33 -3.15
CA SER A 93 -17.48 -8.70 -2.75
C SER A 93 -16.00 -8.87 -2.56
N ALA A 94 -15.20 -8.30 -3.48
CA ALA A 94 -13.76 -8.40 -3.42
C ALA A 94 -13.26 -7.62 -2.23
N MET A 95 -13.84 -6.42 -2.02
CA MET A 95 -13.44 -5.56 -0.95
C MET A 95 -13.74 -6.24 0.35
N SER A 96 -14.91 -6.90 0.39
CA SER A 96 -15.34 -7.59 1.58
C SER A 96 -14.38 -8.71 1.89
N ALA A 97 -13.99 -9.49 0.86
CA ALA A 97 -13.09 -10.60 1.07
C ALA A 97 -11.77 -10.11 1.59
N TYR A 98 -11.25 -9.04 0.98
CA TYR A 98 -9.98 -8.49 1.38
C TYR A 98 -10.09 -8.03 2.80
N SER A 99 -11.18 -7.31 3.10
CA SER A 99 -11.36 -6.75 4.43
C SER A 99 -11.44 -7.85 5.47
N GLN A 100 -12.17 -8.95 5.17
CA GLN A 100 -12.31 -10.01 6.14
C GLN A 100 -10.98 -10.66 6.43
N SER A 101 -10.22 -10.99 5.37
CA SER A 101 -8.95 -11.67 5.57
C SER A 101 -7.93 -10.74 6.17
N VAL A 102 -7.89 -9.48 5.70
CA VAL A 102 -6.92 -8.53 6.20
C VAL A 102 -7.21 -8.19 7.63
N ARG A 103 -8.51 -8.04 7.98
CA ARG A 103 -8.87 -7.69 9.34
C ARG A 103 -8.38 -8.76 10.28
N ARG A 104 -8.58 -10.04 9.91
CA ARG A 104 -8.14 -11.13 10.77
C ARG A 104 -6.65 -11.15 10.89
N CYS A 105 -5.94 -10.83 9.79
CA CYS A 105 -4.49 -10.88 9.78
C CYS A 105 -3.89 -9.92 10.78
N PHE A 106 -4.40 -8.67 10.88
CA PHE A 106 -3.81 -7.74 11.81
C PHE A 106 -4.57 -7.77 13.10
N GLY A 107 -5.84 -8.24 13.08
CA GLY A 107 -6.62 -8.31 14.29
C GLY A 107 -7.25 -6.98 14.53
N TYR A 108 -7.08 -6.04 13.58
CA TYR A 108 -7.65 -4.72 13.73
C TYR A 108 -8.66 -4.52 12.60
N GLY B 20 8.48 -12.40 9.40
CA GLY B 20 9.88 -12.89 9.34
C GLY B 20 10.79 -11.80 8.89
N SER B 21 11.95 -12.16 8.30
CA SER B 21 12.87 -11.16 7.84
C SER B 21 12.69 -11.06 6.35
N SER B 22 12.34 -9.86 5.87
CA SER B 22 12.14 -9.68 4.45
C SER B 22 12.47 -8.26 4.14
N ARG B 23 12.82 -7.98 2.87
CA ARG B 23 13.16 -6.63 2.48
C ARG B 23 12.27 -6.23 1.33
N LEU B 24 12.58 -5.08 0.71
CA LEU B 24 11.78 -4.54 -0.38
C LEU B 24 11.60 -5.54 -1.51
N PRO B 25 12.67 -6.17 -2.00
CA PRO B 25 12.53 -7.13 -3.10
C PRO B 25 11.54 -8.22 -2.85
N SER B 26 11.48 -8.72 -1.59
CA SER B 26 10.55 -9.77 -1.26
C SER B 26 9.15 -9.25 -1.37
N LEU B 27 8.91 -8.01 -0.88
CA LEU B 27 7.58 -7.44 -0.93
C LEU B 27 7.21 -7.16 -2.36
N ILE B 28 8.17 -6.66 -3.17
CA ILE B 28 7.90 -6.37 -4.56
C ILE B 28 7.52 -7.64 -5.25
N ASN B 29 8.27 -8.73 -4.96
CA ASN B 29 8.00 -10.00 -5.57
C ASN B 29 6.65 -10.49 -5.11
N GLY B 30 6.22 -10.11 -3.88
CA GLY B 30 4.93 -10.54 -3.38
C GLY B 30 3.83 -10.00 -4.26
N ILE B 31 3.90 -8.71 -4.64
CA ILE B 31 2.88 -8.13 -5.48
C ILE B 31 2.93 -8.77 -6.85
N MET B 32 4.17 -8.95 -7.38
CA MET B 32 4.33 -9.55 -8.70
C MET B 32 3.81 -10.96 -8.65
N SER B 33 4.04 -11.63 -7.52
CA SER B 33 3.64 -13.01 -7.34
C SER B 33 2.15 -13.14 -7.49
N SER B 34 1.38 -12.21 -6.89
CA SER B 34 -0.07 -12.32 -6.97
C SER B 34 -0.56 -11.65 -8.22
N MET B 35 0.29 -10.83 -8.86
CA MET B 35 -0.10 -10.17 -10.08
C MET B 35 -0.17 -11.20 -11.17
N GLN B 36 0.70 -12.25 -11.07
CA GLN B 36 0.73 -13.27 -12.08
C GLN B 36 -0.39 -14.23 -11.84
N GLY B 37 -0.86 -14.86 -12.94
CA GLY B 37 -1.94 -15.83 -12.85
C GLY B 37 -3.20 -15.18 -13.33
N GLY B 38 -3.25 -13.82 -13.32
CA GLY B 38 -4.43 -13.14 -13.78
C GLY B 38 -5.40 -13.07 -12.63
N GLY B 39 -5.58 -11.87 -12.05
CA GLY B 39 -6.48 -11.72 -10.94
C GLY B 39 -5.63 -11.67 -9.71
N PHE B 40 -5.74 -10.56 -8.96
CA PHE B 40 -4.95 -10.42 -7.76
C PHE B 40 -5.55 -11.32 -6.71
N ASN B 41 -4.69 -12.16 -6.10
CA ASN B 41 -5.16 -13.06 -5.06
C ASN B 41 -4.95 -12.39 -3.75
N TYR B 42 -6.06 -12.03 -3.06
CA TYR B 42 -5.97 -11.35 -1.79
C TYR B 42 -5.49 -12.31 -0.74
N GLN B 43 -5.91 -13.60 -0.82
CA GLN B 43 -5.51 -14.56 0.18
C GLN B 43 -4.03 -14.78 0.11
N ASN B 44 -3.44 -14.69 -1.11
CA ASN B 44 -2.02 -14.88 -1.24
C ASN B 44 -1.31 -13.71 -0.62
N PHE B 45 -1.86 -12.49 -0.85
CA PHE B 45 -1.26 -11.30 -0.30
C PHE B 45 -1.34 -11.33 1.20
N GLY B 46 -2.50 -11.80 1.74
CA GLY B 46 -2.65 -11.86 3.18
C GLY B 46 -1.62 -12.79 3.75
N ASN B 47 -1.36 -13.93 3.06
CA ASN B 47 -0.38 -14.88 3.54
C ASN B 47 0.98 -14.23 3.49
N VAL B 48 1.24 -13.45 2.43
CA VAL B 48 2.51 -12.79 2.26
C VAL B 48 2.73 -11.82 3.41
N LEU B 49 1.70 -11.02 3.75
CA LEU B 49 1.84 -10.06 4.82
C LEU B 49 2.04 -10.78 6.13
N SER B 50 1.32 -11.90 6.33
CA SER B 50 1.43 -12.63 7.58
C SER B 50 2.82 -13.19 7.73
N GLN B 51 3.39 -13.71 6.63
CA GLN B 51 4.72 -14.31 6.67
C GLN B 51 5.74 -13.24 6.91
N PHE B 52 5.55 -12.06 6.29
CA PHE B 52 6.49 -10.98 6.45
C PHE B 52 6.37 -10.49 7.86
N ALA B 53 5.15 -10.57 8.41
CA ALA B 53 4.91 -10.08 9.74
C ALA B 53 5.24 -11.16 10.73
N THR B 54 4.20 -11.88 11.19
CA THR B 54 4.38 -12.90 12.19
C THR B 54 3.01 -13.35 12.59
N GLY B 55 2.22 -12.41 13.12
CA GLY B 55 0.86 -12.71 13.53
C GLY B 55 0.75 -12.45 15.00
N THR B 56 1.27 -11.29 15.47
CA THR B 56 1.19 -10.96 16.86
C THR B 56 -0.23 -10.61 17.21
N GLY B 57 -0.91 -9.90 16.28
CA GLY B 57 -2.28 -9.52 16.51
C GLY B 57 -2.29 -8.24 17.32
N THR B 58 -1.10 -7.62 17.49
CA THR B 58 -1.02 -6.41 18.24
C THR B 58 -0.30 -5.39 17.39
N CYS B 59 -0.48 -4.10 17.72
CA CYS B 59 0.17 -3.05 16.96
C CYS B 59 1.63 -3.08 17.30
N ASN B 60 2.48 -3.09 16.25
CA ASN B 60 3.89 -3.11 16.46
C ASN B 60 4.50 -2.28 15.36
N SER B 61 5.70 -1.72 15.63
CA SER B 61 6.35 -0.88 14.63
C SER B 61 6.74 -1.73 13.45
N ASN B 62 6.99 -3.03 13.68
CA ASN B 62 7.38 -3.91 12.59
C ASN B 62 6.24 -3.99 11.60
N ASP B 63 5.00 -4.09 12.11
CA ASP B 63 3.85 -4.19 11.24
C ASP B 63 3.72 -2.91 10.43
N LEU B 64 3.93 -1.73 11.06
CA LEU B 64 3.81 -0.49 10.33
C LEU B 64 4.86 -0.40 9.26
N ASN B 65 6.10 -0.80 9.60
CA ASN B 65 7.18 -0.73 8.64
C ASN B 65 6.88 -1.64 7.48
N LEU B 66 6.32 -2.83 7.75
CA LEU B 66 6.01 -3.74 6.68
C LEU B 66 4.94 -3.13 5.82
N LEU B 67 3.96 -2.45 6.44
CA LEU B 67 2.91 -1.81 5.70
C LEU B 67 3.48 -0.71 4.86
N MET B 68 4.46 0.06 5.41
CA MET B 68 5.03 1.15 4.64
C MET B 68 5.80 0.57 3.49
N ASP B 69 6.54 -0.53 3.74
CA ASP B 69 7.31 -1.17 2.69
C ASP B 69 6.37 -1.71 1.64
N ALA B 70 5.24 -2.30 2.08
CA ALA B 70 4.28 -2.88 1.15
C ALA B 70 3.68 -1.78 0.32
N LEU B 71 3.38 -0.61 0.96
CA LEU B 71 2.80 0.49 0.25
C LEU B 71 3.81 1.01 -0.74
N LEU B 72 5.09 1.11 -0.31
CA LEU B 72 6.13 1.60 -1.18
C LEU B 72 6.24 0.68 -2.36
N SER B 73 6.21 -0.65 -2.11
CA SER B 73 6.34 -1.61 -3.18
C SER B 73 5.18 -1.48 -4.14
N ALA B 74 3.96 -1.29 -3.60
CA ALA B 74 2.80 -1.16 -4.46
C ALA B 74 2.90 0.09 -5.29
N LEU B 75 3.32 1.21 -4.66
CA LEU B 75 3.43 2.48 -5.38
C LEU B 75 4.57 2.38 -6.38
N HIS B 76 5.64 1.69 -5.98
CA HIS B 76 6.79 1.50 -6.83
C HIS B 76 6.34 0.81 -8.08
N THR B 77 5.56 -0.27 -7.92
CA THR B 77 5.07 -1.01 -9.06
C THR B 77 4.23 -0.11 -9.93
N LEU B 78 3.31 0.68 -9.33
CA LEU B 78 2.44 1.54 -10.09
C LEU B 78 3.24 2.58 -10.86
N SER B 79 4.24 3.17 -10.20
CA SER B 79 5.03 4.21 -10.83
C SER B 79 5.83 3.66 -11.99
N TYR B 80 6.50 2.51 -11.80
CA TYR B 80 7.33 1.97 -12.85
C TYR B 80 6.53 1.30 -13.93
N GLN B 81 5.33 0.76 -13.63
CA GLN B 81 4.55 0.10 -14.67
C GLN B 81 4.17 1.11 -15.73
N GLY B 82 4.07 2.40 -15.36
CA GLY B 82 3.73 3.40 -16.32
C GLY B 82 4.92 3.68 -17.21
N MET B 83 6.12 3.18 -16.82
CA MET B 83 7.30 3.42 -17.61
C MET B 83 7.64 2.15 -18.38
N GLY B 84 7.29 0.97 -17.82
CA GLY B 84 7.60 -0.26 -18.50
C GLY B 84 7.68 -1.34 -17.47
N THR B 85 8.64 -2.28 -17.66
CA THR B 85 8.80 -3.37 -16.72
C THR B 85 9.36 -2.78 -15.46
N VAL B 86 8.88 -3.28 -14.30
CA VAL B 86 9.34 -2.75 -13.04
C VAL B 86 10.61 -3.46 -12.65
N PRO B 87 11.49 -2.74 -11.99
CA PRO B 87 12.75 -3.28 -11.52
C PRO B 87 12.58 -4.10 -10.27
N SER B 88 13.55 -5.01 -10.02
CA SER B 88 13.47 -5.84 -8.84
C SER B 88 13.95 -5.04 -7.65
N TYR B 89 14.52 -3.85 -7.90
CA TYR B 89 15.00 -3.04 -6.80
C TYR B 89 14.68 -1.61 -7.14
N PRO B 90 14.10 -0.90 -6.18
CA PRO B 90 13.72 0.50 -6.35
C PRO B 90 14.88 1.45 -6.23
N SER B 91 14.68 2.69 -6.71
CA SER B 91 15.72 3.69 -6.63
C SER B 91 15.87 4.08 -5.17
N PRO B 92 17.08 3.98 -4.65
CA PRO B 92 17.34 4.31 -3.25
C PRO B 92 17.00 5.72 -2.87
N SER B 93 17.22 6.68 -3.79
CA SER B 93 16.93 8.07 -3.49
C SER B 93 15.45 8.21 -3.32
N ALA B 94 14.67 7.55 -4.19
CA ALA B 94 13.22 7.64 -4.13
C ALA B 94 12.74 6.95 -2.89
N MET B 95 13.32 5.78 -2.58
CA MET B 95 12.93 5.00 -1.45
C MET B 95 13.25 5.79 -0.21
N SER B 96 14.41 6.45 -0.23
CA SER B 96 14.85 7.23 0.90
C SER B 96 13.89 8.36 1.14
N ALA B 97 13.49 9.06 0.06
CA ALA B 97 12.59 10.20 0.18
C ALA B 97 11.28 9.75 0.74
N TYR B 98 10.76 8.63 0.22
CA TYR B 98 9.49 8.11 0.67
C TYR B 98 9.60 7.76 2.12
N SER B 99 10.70 7.08 2.48
CA SER B 99 10.89 6.62 3.84
C SER B 99 10.97 7.80 4.78
N GLN B 100 11.69 8.86 4.40
CA GLN B 100 11.84 10.00 5.29
C GLN B 100 10.52 10.67 5.53
N SER B 101 9.75 10.92 4.46
CA SER B 101 8.48 11.62 4.61
C SER B 101 7.47 10.73 5.27
N VAL B 102 7.43 9.44 4.91
CA VAL B 102 6.45 8.53 5.48
C VAL B 102 6.76 8.31 6.95
N ARG B 103 8.06 8.18 7.30
CA ARG B 103 8.44 7.93 8.68
C ARG B 103 7.94 9.07 9.53
N ARG B 104 8.13 10.32 9.07
CA ARG B 104 7.71 11.48 9.83
C ARG B 104 6.21 11.51 9.96
N CYS B 105 5.51 11.10 8.89
CA CYS B 105 4.05 11.16 8.90
C CYS B 105 3.46 10.27 9.97
N PHE B 106 3.97 9.05 10.16
CA PHE B 106 3.39 8.18 11.16
C PHE B 106 4.15 8.32 12.45
N GLY B 107 5.41 8.79 12.38
CA GLY B 107 6.20 8.95 13.58
C GLY B 107 6.84 7.63 13.92
N TYR B 108 6.66 6.62 13.05
CA TYR B 108 7.23 5.32 13.29
C TYR B 108 8.23 5.04 12.18
N GLY A 20 -26.09 6.48 1.23
CA GLY A 20 -24.84 6.11 1.94
C GLY A 20 -23.71 6.93 1.43
N SER A 21 -22.50 6.69 1.97
CA SER A 21 -21.34 7.44 1.53
C SER A 21 -20.16 6.56 1.74
N SER A 22 -19.16 6.68 0.84
CA SER A 22 -17.97 5.87 0.96
C SER A 22 -16.79 6.78 0.82
N ARG A 23 -15.70 6.46 1.55
CA ARG A 23 -14.51 7.28 1.48
C ARG A 23 -13.50 6.59 0.61
N LEU A 24 -13.84 5.39 0.10
CA LEU A 24 -12.92 4.65 -0.74
C LEU A 24 -12.59 5.43 -2.00
N PRO A 25 -13.56 6.03 -2.67
CA PRO A 25 -13.27 6.80 -3.87
C PRO A 25 -12.24 7.86 -3.67
N SER A 26 -12.22 8.50 -2.48
CA SER A 26 -11.25 9.53 -2.20
C SER A 26 -9.88 8.91 -2.18
N LEU A 27 -9.75 7.71 -1.58
CA LEU A 27 -8.47 7.04 -1.51
C LEU A 27 -8.06 6.64 -2.91
N ILE A 28 -9.02 6.16 -3.72
CA ILE A 28 -8.74 5.75 -5.08
C ILE A 28 -8.24 6.96 -5.84
N ASN A 29 -8.92 8.10 -5.65
CA ASN A 29 -8.54 9.32 -6.32
C ASN A 29 -7.15 9.71 -5.89
N GLY A 30 -6.80 9.46 -4.60
CA GLY A 30 -5.48 9.81 -4.10
C GLY A 30 -4.42 9.06 -4.87
N ILE A 31 -4.63 7.76 -5.16
CA ILE A 31 -3.64 7.00 -5.88
C ILE A 31 -3.56 7.51 -7.30
N MET A 32 -4.72 7.78 -7.94
CA MET A 32 -4.71 8.28 -9.31
C MET A 32 -4.12 9.66 -9.33
N SER A 33 -4.30 10.40 -8.23
CA SER A 33 -3.80 11.76 -8.12
C SER A 33 -2.30 11.74 -8.23
N SER A 34 -1.65 10.77 -7.53
CA SER A 34 -0.21 10.71 -7.56
C SER A 34 0.24 9.89 -8.73
N MET A 35 -0.70 9.19 -9.41
CA MET A 35 -0.36 8.38 -10.55
C MET A 35 0.01 9.31 -11.68
N GLN A 36 -0.59 10.52 -11.69
CA GLN A 36 -0.30 11.47 -12.73
C GLN A 36 1.06 12.05 -12.47
N GLY A 37 1.77 12.41 -13.57
CA GLY A 37 3.09 12.98 -13.44
C GLY A 37 4.06 12.12 -14.20
N GLY A 38 3.62 10.89 -14.56
CA GLY A 38 4.49 10.00 -15.31
C GLY A 38 5.36 9.25 -14.34
N GLY A 39 5.13 9.46 -13.03
CA GLY A 39 5.92 8.78 -12.04
C GLY A 39 5.03 8.62 -10.85
N PHE A 40 5.46 9.16 -9.70
CA PHE A 40 4.64 9.06 -8.52
C PHE A 40 5.11 10.11 -7.56
N ASN A 41 4.15 10.87 -6.99
CA ASN A 41 4.49 11.90 -6.04
C ASN A 41 4.29 11.32 -4.67
N TYR A 42 5.41 10.99 -3.99
CA TYR A 42 5.33 10.41 -2.67
C TYR A 42 4.85 11.44 -1.69
N GLN A 43 5.24 12.72 -1.89
CA GLN A 43 4.86 13.77 -0.96
C GLN A 43 3.36 13.91 -0.97
N ASN A 44 2.76 13.87 -2.17
CA ASN A 44 1.32 14.03 -2.27
C ASN A 44 0.65 12.84 -1.61
N PHE A 45 1.22 11.63 -1.81
CA PHE A 45 0.65 10.44 -1.23
C PHE A 45 0.67 10.55 0.28
N GLY A 46 1.82 10.97 0.85
CA GLY A 46 1.95 11.11 2.29
C GLY A 46 0.96 12.14 2.77
N ASN A 47 0.81 13.25 2.02
CA ASN A 47 -0.11 14.30 2.40
C ASN A 47 -1.51 13.74 2.43
N VAL A 48 -1.84 12.90 1.43
CA VAL A 48 -3.16 12.32 1.35
C VAL A 48 -3.42 11.48 2.58
N LEU A 49 -2.44 10.64 2.96
CA LEU A 49 -2.62 9.80 4.13
C LEU A 49 -2.76 10.64 5.36
N SER A 50 -1.97 11.72 5.46
CA SER A 50 -2.01 12.58 6.63
C SER A 50 -3.36 13.23 6.73
N GLN A 51 -3.91 13.69 5.60
CA GLN A 51 -5.19 14.37 5.58
C GLN A 51 -6.29 13.41 5.93
N PHE A 52 -6.18 12.16 5.44
CA PHE A 52 -7.20 11.17 5.72
C PHE A 52 -7.09 10.80 7.17
N ALA A 53 -5.86 10.90 7.70
CA ALA A 53 -5.63 10.52 9.06
C ALA A 53 -5.90 11.70 9.96
N THR A 54 -4.83 12.42 10.35
CA THR A 54 -4.96 13.55 11.25
C THR A 54 -3.58 13.88 11.72
N GLY A 55 -2.85 12.83 12.13
CA GLY A 55 -1.50 13.01 12.60
C GLY A 55 -1.52 12.91 14.09
N THR A 56 -1.97 11.75 14.62
CA THR A 56 -2.05 11.56 16.05
C THR A 56 -0.63 11.53 16.59
N GLY A 57 0.27 10.83 15.87
CA GLY A 57 1.65 10.75 16.31
C GLY A 57 1.84 9.50 17.11
N THR A 58 0.74 8.78 17.41
CA THR A 58 0.84 7.56 18.17
C THR A 58 0.09 6.51 17.40
N CYS A 59 0.21 5.24 17.84
CA CYS A 59 -0.47 4.15 17.17
C CYS A 59 -1.95 4.40 17.29
N ASN A 60 -2.66 4.37 16.15
CA ASN A 60 -4.07 4.60 16.16
C ASN A 60 -4.68 3.60 15.23
N SER A 61 -5.77 2.95 15.69
CA SER A 61 -6.44 1.95 14.89
C SER A 61 -6.95 2.59 13.62
N ASN A 62 -7.39 3.87 13.72
CA ASN A 62 -7.92 4.56 12.56
C ASN A 62 -6.84 4.67 11.52
N ASP A 63 -5.61 5.00 11.95
CA ASP A 63 -4.51 5.16 11.03
C ASP A 63 -4.22 3.84 10.34
N LEU A 64 -4.27 2.73 11.11
CA LEU A 64 -3.98 1.44 10.56
C LEU A 64 -5.03 1.08 9.54
N ASN A 65 -6.31 1.35 9.86
CA ASN A 65 -7.40 1.03 8.94
C ASN A 65 -7.26 1.83 7.69
N LEU A 66 -6.82 3.11 7.80
CA LEU A 66 -6.67 3.94 6.63
C LEU A 66 -5.63 3.34 5.73
N LEU A 67 -4.55 2.77 6.32
CA LEU A 67 -3.51 2.16 5.52
C LEU A 67 -4.09 0.98 4.81
N MET A 68 -4.97 0.19 5.49
CA MET A 68 -5.55 -0.96 4.84
C MET A 68 -6.41 -0.49 3.71
N ASP A 69 -7.17 0.61 3.93
CA ASP A 69 -8.03 1.15 2.91
C ASP A 69 -7.20 1.64 1.75
N ALA A 70 -6.06 2.29 2.04
CA ALA A 70 -5.19 2.80 1.00
C ALA A 70 -4.67 1.66 0.18
N LEU A 71 -4.26 0.56 0.86
CA LEU A 71 -3.75 -0.59 0.16
C LEU A 71 -4.85 -1.24 -0.62
N LEU A 72 -6.08 -1.27 -0.07
CA LEU A 72 -7.17 -1.87 -0.79
C LEU A 72 -7.35 -1.13 -2.07
N SER A 73 -7.34 0.22 -2.01
CA SER A 73 -7.51 1.02 -3.19
C SER A 73 -6.34 0.84 -4.13
N ALA A 74 -5.10 0.83 -3.59
CA ALA A 74 -3.93 0.71 -4.43
C ALA A 74 -3.89 -0.64 -5.10
N LEU A 75 -4.17 -1.73 -4.35
CA LEU A 75 -4.14 -3.06 -4.92
C LEU A 75 -5.31 -3.20 -5.85
N HIS A 76 -6.46 -2.58 -5.48
CA HIS A 76 -7.64 -2.63 -6.32
C HIS A 76 -7.30 -2.01 -7.64
N THR A 77 -6.61 -0.86 -7.61
CA THR A 77 -6.21 -0.19 -8.82
C THR A 77 -5.36 -1.11 -9.66
N LEU A 78 -4.40 -1.81 -9.02
CA LEU A 78 -3.51 -2.70 -9.76
C LEU A 78 -4.28 -3.80 -10.44
N SER A 79 -5.30 -4.36 -9.76
CA SER A 79 -6.05 -5.46 -10.34
C SER A 79 -6.80 -5.01 -11.56
N TYR A 80 -7.35 -3.77 -11.56
CA TYR A 80 -8.12 -3.31 -12.70
C TYR A 80 -7.22 -2.75 -13.76
N GLN A 81 -6.03 -2.24 -13.41
CA GLN A 81 -5.13 -1.68 -14.42
C GLN A 81 -4.74 -2.76 -15.38
N GLY A 82 -4.57 -4.00 -14.89
CA GLY A 82 -4.19 -5.08 -15.76
C GLY A 82 -5.35 -5.45 -16.65
N MET A 83 -6.56 -4.95 -16.34
CA MET A 83 -7.72 -5.28 -17.15
C MET A 83 -8.01 -4.12 -18.07
N GLY A 84 -7.66 -2.88 -17.65
CA GLY A 84 -7.92 -1.74 -18.48
C GLY A 84 -8.00 -0.54 -17.58
N THR A 85 -9.08 0.26 -17.73
CA THR A 85 -9.25 1.42 -16.89
C THR A 85 -9.77 0.98 -15.57
N VAL A 86 -9.59 1.82 -14.54
CA VAL A 86 -10.03 1.47 -13.21
C VAL A 86 -11.31 2.22 -12.92
N PRO A 87 -12.17 1.60 -12.13
CA PRO A 87 -13.44 2.19 -11.75
C PRO A 87 -13.29 3.16 -10.62
N SER A 88 -14.30 4.05 -10.45
CA SER A 88 -14.26 5.02 -9.40
C SER A 88 -14.82 4.40 -8.15
N TYR A 89 -15.29 3.14 -8.25
CA TYR A 89 -15.85 2.49 -7.09
C TYR A 89 -15.45 1.04 -7.17
N PRO A 90 -14.93 0.50 -6.08
CA PRO A 90 -14.49 -0.88 -6.03
C PRO A 90 -15.61 -1.85 -5.81
N SER A 91 -15.39 -3.13 -6.19
CA SER A 91 -16.41 -4.14 -6.01
C SER A 91 -16.42 -4.52 -4.55
N PRO A 92 -17.59 -4.73 -4.00
CA PRO A 92 -17.74 -5.09 -2.59
C PRO A 92 -17.26 -6.47 -2.26
N SER A 93 -17.28 -7.39 -3.24
CA SER A 93 -16.83 -8.74 -2.98
C SER A 93 -15.34 -8.70 -2.75
N ALA A 94 -14.64 -7.88 -3.55
CA ALA A 94 -13.20 -7.76 -3.44
C ALA A 94 -12.88 -7.06 -2.15
N MET A 95 -13.67 -6.04 -1.81
CA MET A 95 -13.46 -5.26 -0.63
C MET A 95 -13.65 -6.16 0.55
N SER A 96 -14.69 -7.00 0.46
CA SER A 96 -15.01 -7.91 1.53
C SER A 96 -13.89 -8.90 1.73
N ALA A 97 -13.41 -9.50 0.62
CA ALA A 97 -12.37 -10.50 0.70
C ALA A 97 -11.12 -9.92 1.28
N TYR A 98 -10.76 -8.71 0.81
CA TYR A 98 -9.55 -8.06 1.27
C TYR A 98 -9.70 -7.76 2.73
N SER A 99 -10.89 -7.24 3.12
CA SER A 99 -11.11 -6.85 4.49
C SER A 99 -10.98 -8.05 5.40
N GLN A 100 -11.54 -9.20 4.99
CA GLN A 100 -11.47 -10.38 5.82
C GLN A 100 -10.04 -10.84 5.90
N SER A 101 -9.32 -10.79 4.76
CA SER A 101 -7.97 -11.27 4.72
C SER A 101 -7.05 -10.45 5.59
N VAL A 102 -7.16 -9.10 5.55
CA VAL A 102 -6.25 -8.28 6.32
C VAL A 102 -6.64 -8.25 7.78
N ARG A 103 -7.95 -8.24 8.09
CA ARG A 103 -8.36 -8.20 9.48
C ARG A 103 -7.88 -9.43 10.19
N ARG A 104 -7.95 -10.61 9.54
CA ARG A 104 -7.51 -11.83 10.18
C ARG A 104 -6.01 -11.82 10.33
N CYS A 105 -5.30 -11.33 9.31
CA CYS A 105 -3.85 -11.32 9.35
C CYS A 105 -3.31 -10.46 10.46
N PHE A 106 -3.88 -9.26 10.68
CA PHE A 106 -3.37 -8.41 11.73
C PHE A 106 -4.09 -8.70 13.02
N GLY A 107 -5.20 -9.47 12.96
CA GLY A 107 -5.93 -9.80 14.16
C GLY A 107 -6.64 -8.58 14.66
N TYR A 108 -6.95 -7.63 13.75
CA TYR A 108 -7.63 -6.43 14.15
C TYR A 108 -9.12 -6.61 13.87
N GLY B 20 25.71 -6.34 2.25
CA GLY B 20 24.45 -5.91 2.91
C GLY B 20 23.33 -6.78 2.44
N SER B 21 22.10 -6.51 2.93
CA SER B 21 20.97 -7.29 2.54
C SER B 21 19.77 -6.39 2.64
N SER B 22 18.79 -6.57 1.74
CA SER B 22 17.59 -5.76 1.77
C SER B 22 16.42 -6.68 1.69
N ARG B 23 15.31 -6.31 2.35
CA ARG B 23 14.13 -7.13 2.33
C ARG B 23 13.14 -6.52 1.39
N LEU B 24 13.49 -5.36 0.80
CA LEU B 24 12.60 -4.68 -0.12
C LEU B 24 12.28 -5.56 -1.31
N PRO B 25 13.27 -6.20 -1.92
CA PRO B 25 13.01 -7.07 -3.07
C PRO B 25 11.97 -8.12 -2.81
N SER B 26 11.93 -8.65 -1.57
CA SER B 26 10.94 -9.66 -1.23
C SER B 26 9.57 -9.04 -1.29
N LEU B 27 9.44 -7.80 -0.78
CA LEU B 27 8.16 -7.13 -0.80
C LEU B 27 7.77 -6.84 -2.23
N ILE B 28 8.76 -6.42 -3.05
CA ILE B 28 8.50 -6.12 -4.45
C ILE B 28 8.01 -7.38 -5.12
N ASN B 29 8.68 -8.51 -4.82
CA ASN B 29 8.32 -9.78 -5.40
C ASN B 29 6.92 -10.12 -4.98
N GLY B 30 6.55 -9.78 -3.73
CA GLY B 30 5.22 -10.10 -3.23
C GLY B 30 4.17 -9.41 -4.07
N ILE B 31 4.39 -8.13 -4.46
CA ILE B 31 3.42 -7.42 -5.25
C ILE B 31 3.36 -8.05 -6.63
N MET B 32 4.54 -8.37 -7.22
CA MET B 32 4.56 -8.97 -8.54
C MET B 32 3.97 -10.36 -8.47
N SER B 33 4.12 -11.00 -7.31
CA SER B 33 3.61 -12.35 -7.12
C SER B 33 2.12 -12.33 -7.26
N SER B 34 1.45 -11.32 -6.65
CA SER B 34 0.00 -11.26 -6.71
C SER B 34 -0.41 -10.53 -7.95
N MET B 35 0.55 -9.89 -8.66
CA MET B 35 0.23 -9.17 -9.87
C MET B 35 -0.12 -10.18 -10.93
N GLN B 36 0.48 -11.39 -10.83
CA GLN B 36 0.21 -12.42 -11.80
C GLN B 36 -1.15 -12.98 -11.53
N GLY B 37 -1.84 -13.43 -12.61
CA GLY B 37 -3.17 -13.98 -12.46
C GLY B 37 -4.11 -13.19 -13.31
N GLY B 38 -3.68 -11.99 -13.75
CA GLY B 38 -4.53 -11.15 -14.58
C GLY B 38 -5.42 -10.35 -13.69
N GLY B 39 -5.21 -10.43 -12.37
CA GLY B 39 -6.02 -9.69 -11.44
C GLY B 39 -5.15 -9.43 -10.26
N PHE B 40 -5.60 -9.89 -9.08
CA PHE B 40 -4.81 -9.69 -7.89
C PHE B 40 -5.30 -10.67 -6.87
N ASN B 41 -4.34 -11.38 -6.22
CA ASN B 41 -4.71 -12.34 -5.21
C ASN B 41 -4.53 -11.66 -3.88
N TYR B 42 -5.67 -11.28 -3.24
CA TYR B 42 -5.62 -10.59 -1.97
C TYR B 42 -5.16 -11.54 -0.90
N GLN B 43 -5.56 -12.83 -1.01
CA GLN B 43 -5.18 -13.81 -0.01
C GLN B 43 -3.69 -13.95 0.02
N ASN B 44 -3.05 -14.00 -1.15
CA ASN B 44 -1.61 -14.15 -1.21
C ASN B 44 -0.96 -12.93 -0.63
N PHE B 45 -1.52 -11.73 -0.94
CA PHE B 45 -0.97 -10.50 -0.44
C PHE B 45 -1.02 -10.51 1.07
N GLY B 46 -2.19 -10.88 1.64
CA GLY B 46 -2.34 -10.91 3.08
C GLY B 46 -1.36 -11.89 3.67
N ASN B 47 -1.19 -13.06 3.00
CA ASN B 47 -0.29 -14.07 3.50
C ASN B 47 1.11 -13.52 3.51
N VAL B 48 1.46 -12.75 2.45
CA VAL B 48 2.79 -12.18 2.35
C VAL B 48 3.02 -11.25 3.51
N LEU B 49 2.03 -10.38 3.82
CA LEU B 49 2.19 -9.44 4.92
C LEU B 49 2.31 -10.19 6.22
N SER B 50 1.51 -11.26 6.38
CA SER B 50 1.52 -12.03 7.61
C SER B 50 2.88 -12.67 7.80
N GLN B 51 3.44 -13.22 6.71
CA GLN B 51 4.72 -13.89 6.77
C GLN B 51 5.81 -12.90 7.07
N PHE B 52 5.72 -11.69 6.49
CA PHE B 52 6.73 -10.69 6.71
C PHE B 52 6.59 -10.22 8.12
N ALA B 53 5.36 -10.26 8.65
CA ALA B 53 5.11 -9.78 9.98
C ALA B 53 5.36 -10.90 10.96
N THR B 54 4.28 -11.59 11.37
CA THR B 54 4.39 -12.65 12.34
C THR B 54 2.99 -12.94 12.80
N GLY B 55 2.25 -11.86 13.13
CA GLY B 55 0.89 -12.00 13.58
C GLY B 55 0.88 -11.79 15.07
N THR B 56 1.33 -10.59 15.51
CA THR B 56 1.37 -10.29 16.93
C THR B 56 -0.05 -10.22 17.43
N GLY B 57 -0.94 -9.58 16.64
CA GLY B 57 -2.33 -9.47 17.05
C GLY B 57 -2.54 -8.15 17.75
N THR B 58 -1.45 -7.41 18.01
CA THR B 58 -1.55 -6.14 18.67
C THR B 58 -0.80 -5.15 17.84
N CYS B 59 -0.93 -3.85 18.18
CA CYS B 59 -0.23 -2.82 17.44
C CYS B 59 1.24 -3.06 17.61
N ASN B 60 1.98 -3.12 16.48
CA ASN B 60 3.39 -3.36 16.54
C ASN B 60 4.02 -2.41 15.55
N SER B 61 5.10 -1.74 15.97
CA SER B 61 5.79 -0.81 15.11
C SER B 61 6.32 -1.54 13.92
N ASN B 62 6.76 -2.80 14.12
CA ASN B 62 7.31 -3.58 13.04
C ASN B 62 6.26 -3.77 11.98
N ASP B 63 5.02 -4.07 12.40
CA ASP B 63 3.94 -4.31 11.46
C ASP B 63 3.66 -3.05 10.69
N LEU B 64 3.69 -1.89 11.38
CA LEU B 64 3.41 -0.63 10.72
C LEU B 64 4.48 -0.35 9.69
N ASN B 65 5.75 -0.59 10.05
CA ASN B 65 6.86 -0.34 9.15
C ASN B 65 6.74 -1.23 7.94
N LEU B 66 6.31 -2.50 8.15
CA LEU B 66 6.19 -3.42 7.04
C LEU B 66 5.15 -2.89 6.08
N LEU B 67 4.07 -2.29 6.60
CA LEU B 67 3.04 -1.74 5.75
C LEU B 67 3.63 -0.61 4.95
N MET B 68 4.48 0.22 5.57
CA MET B 68 5.07 1.33 4.86
C MET B 68 5.99 0.78 3.79
N ASP B 69 6.73 -0.30 4.13
CA ASP B 69 7.64 -0.90 3.17
C ASP B 69 6.84 -1.49 2.03
N ALA B 70 5.68 -2.12 2.34
CA ALA B 70 4.86 -2.72 1.32
C ALA B 70 4.34 -1.63 0.41
N LEU B 71 3.91 -0.49 0.99
CA LEU B 71 3.41 0.59 0.20
C LEU B 71 4.52 1.19 -0.62
N LEU B 72 5.74 1.26 -0.04
CA LEU B 72 6.85 1.82 -0.78
C LEU B 72 7.05 0.97 -2.00
N SER B 73 7.04 -0.36 -1.84
CA SER B 73 7.24 -1.26 -2.96
C SER B 73 6.08 -1.16 -3.92
N ALA B 74 4.83 -1.11 -3.40
CA ALA B 74 3.68 -1.05 -4.28
C ALA B 74 3.66 0.24 -5.06
N LEU B 75 3.91 1.39 -4.39
CA LEU B 75 3.91 2.67 -5.06
C LEU B 75 5.10 2.74 -5.97
N HIS B 76 6.23 2.15 -5.53
CA HIS B 76 7.43 2.14 -6.34
C HIS B 76 7.12 1.43 -7.62
N THR B 77 6.42 0.28 -7.52
CA THR B 77 6.05 -0.49 -8.69
C THR B 77 5.22 0.37 -9.61
N LEU B 78 4.24 1.12 -9.05
CA LEU B 78 3.37 1.95 -9.87
C LEU B 78 4.15 2.99 -10.62
N SER B 79 5.16 3.60 -9.96
CA SER B 79 5.93 4.65 -10.61
C SER B 79 6.72 4.11 -11.78
N TYR B 80 7.24 2.87 -11.66
CA TYR B 80 8.05 2.33 -12.74
C TYR B 80 7.16 1.69 -13.78
N GLN B 81 5.96 1.20 -13.42
CA GLN B 81 5.10 0.57 -14.39
C GLN B 81 4.72 1.58 -15.46
N GLY B 82 4.53 2.84 -15.06
CA GLY B 82 4.17 3.86 -16.02
C GLY B 82 5.35 4.15 -16.92
N MET B 83 6.56 3.68 -16.53
CA MET B 83 7.73 3.94 -17.35
C MET B 83 8.04 2.73 -18.17
N GLY B 84 7.68 1.53 -17.66
CA GLY B 84 7.96 0.31 -18.39
C GLY B 84 8.02 -0.80 -17.41
N THR B 85 9.11 -1.61 -17.47
CA THR B 85 9.26 -2.71 -16.55
C THR B 85 9.74 -2.16 -15.25
N VAL B 86 9.54 -2.93 -14.16
CA VAL B 86 9.96 -2.48 -12.86
C VAL B 86 11.23 -3.20 -12.48
N PRO B 87 12.07 -2.53 -11.73
CA PRO B 87 13.33 -3.08 -11.28
C PRO B 87 13.17 -3.97 -10.08
N SER B 88 14.17 -4.82 -9.81
CA SER B 88 14.10 -5.71 -8.69
C SER B 88 14.64 -5.01 -7.49
N TYR B 89 15.12 -3.75 -7.67
CA TYR B 89 15.65 -3.01 -6.55
C TYR B 89 15.26 -1.57 -6.76
N PRO B 90 14.70 -0.96 -5.72
CA PRO B 90 14.27 0.42 -5.78
C PRO B 90 15.38 1.42 -5.61
N SER B 91 15.18 2.66 -6.10
CA SER B 91 16.20 3.68 -5.98
C SER B 91 16.16 4.17 -4.55
N PRO B 92 17.33 4.42 -3.99
CA PRO B 92 17.45 4.89 -2.62
C PRO B 92 16.97 6.29 -2.40
N SER B 93 17.01 7.14 -3.44
CA SER B 93 16.55 8.50 -3.29
C SER B 93 15.06 8.48 -3.11
N ALA B 94 14.37 7.60 -3.85
CA ALA B 94 12.94 7.49 -3.76
C ALA B 94 12.58 6.89 -2.43
N MET B 95 13.37 5.89 -2.00
CA MET B 95 13.13 5.20 -0.76
C MET B 95 13.30 6.19 0.35
N SER B 96 14.34 7.03 0.21
CA SER B 96 14.64 8.02 1.23
C SER B 96 13.53 9.02 1.32
N ALA B 97 13.07 9.53 0.15
CA ALA B 97 12.02 10.54 0.14
C ALA B 97 10.76 9.99 0.73
N TYR B 98 10.40 8.76 0.35
CA TYR B 98 9.20 8.14 0.84
C TYR B 98 9.31 7.95 2.32
N SER B 99 10.49 7.47 2.77
CA SER B 99 10.68 7.19 4.18
C SER B 99 10.54 8.45 4.98
N GLN B 100 11.10 9.57 4.50
CA GLN B 100 11.02 10.80 5.24
C GLN B 100 9.59 11.28 5.26
N SER B 101 8.90 11.14 4.11
CA SER B 101 7.54 11.61 4.00
C SER B 101 6.60 10.85 4.91
N VAL B 102 6.72 9.52 4.97
CA VAL B 102 5.79 8.75 5.78
C VAL B 102 6.15 8.84 7.25
N ARG B 103 7.44 8.85 7.59
CA ARG B 103 7.83 8.91 8.99
C ARG B 103 7.34 10.19 9.59
N ARG B 104 7.42 11.31 8.86
CA ARG B 104 6.98 12.58 9.39
C ARG B 104 5.47 12.58 9.52
N CYS B 105 4.77 12.00 8.52
CA CYS B 105 3.32 11.99 8.52
C CYS B 105 2.77 11.22 9.69
N PHE B 106 3.33 10.04 10.01
CA PHE B 106 2.79 9.26 11.11
C PHE B 106 3.48 9.67 12.39
N GLY B 107 4.59 10.42 12.29
CA GLY B 107 5.29 10.86 13.48
C GLY B 107 6.00 9.68 14.08
N TYR B 108 6.33 8.68 13.26
CA TYR B 108 7.01 7.51 13.78
C TYR B 108 8.50 7.68 13.51
N GLY A 20 -23.06 1.53 0.11
CA GLY A 20 -21.71 1.92 -0.36
C GLY A 20 -21.20 3.04 0.48
N SER A 21 -20.06 3.64 0.07
CA SER A 21 -19.49 4.71 0.82
C SER A 21 -18.70 5.57 -0.13
N SER A 22 -18.44 6.83 0.24
CA SER A 22 -17.69 7.73 -0.61
C SER A 22 -16.30 7.86 -0.06
N ARG A 23 -15.98 7.10 1.01
CA ARG A 23 -14.68 7.19 1.61
C ARG A 23 -13.67 6.46 0.75
N LEU A 24 -14.05 5.29 0.19
CA LEU A 24 -13.11 4.54 -0.62
C LEU A 24 -12.79 5.29 -1.89
N PRO A 25 -13.79 5.76 -2.63
CA PRO A 25 -13.55 6.53 -3.85
C PRO A 25 -12.62 7.70 -3.64
N SER A 26 -12.69 8.33 -2.45
CA SER A 26 -11.83 9.47 -2.17
C SER A 26 -10.40 8.99 -2.17
N LEU A 27 -10.13 7.81 -1.57
CA LEU A 27 -8.79 7.28 -1.54
C LEU A 27 -8.39 6.91 -2.93
N ILE A 28 -9.33 6.32 -3.72
CA ILE A 28 -9.03 5.91 -5.07
C ILE A 28 -8.66 7.12 -5.88
N ASN A 29 -9.40 8.23 -5.73
CA ASN A 29 -9.10 9.44 -6.47
C ASN A 29 -7.72 9.90 -6.07
N GLY A 30 -7.38 9.74 -4.78
CA GLY A 30 -6.08 10.13 -4.29
C GLY A 30 -5.01 9.34 -4.99
N ILE A 31 -5.28 8.03 -5.27
CA ILE A 31 -4.28 7.20 -5.93
C ILE A 31 -4.04 7.75 -7.32
N MET A 32 -5.14 8.06 -8.05
CA MET A 32 -5.01 8.59 -9.40
C MET A 32 -4.37 9.94 -9.33
N SER A 33 -4.66 10.70 -8.26
CA SER A 33 -4.12 12.03 -8.10
C SER A 33 -2.62 11.94 -8.00
N SER A 34 -2.11 10.93 -7.27
CA SER A 34 -0.67 10.79 -7.09
C SER A 34 -0.08 10.10 -8.29
N MET A 35 -0.93 9.57 -9.18
CA MET A 35 -0.45 8.91 -10.37
C MET A 35 0.19 9.95 -11.24
N GLN A 36 -0.38 11.18 -11.21
CA GLN A 36 0.14 12.24 -12.03
C GLN A 36 1.43 12.72 -11.43
N GLY A 37 2.39 13.09 -12.32
CA GLY A 37 3.67 13.56 -11.86
C GLY A 37 4.71 12.90 -12.71
N GLY A 38 5.29 11.81 -12.20
CA GLY A 38 6.31 11.10 -12.95
C GLY A 38 6.32 9.71 -12.44
N GLY A 39 5.26 8.93 -12.74
CA GLY A 39 5.17 7.58 -12.30
C GLY A 39 4.30 7.58 -11.10
N PHE A 40 4.79 8.20 -10.00
CA PHE A 40 4.01 8.28 -8.80
C PHE A 40 4.67 9.30 -7.92
N ASN A 41 3.89 10.28 -7.43
CA ASN A 41 4.45 11.30 -6.57
C ASN A 41 4.22 10.85 -5.16
N TYR A 42 5.32 10.51 -4.45
CA TYR A 42 5.22 10.03 -3.08
C TYR A 42 4.83 11.17 -2.17
N GLN A 43 5.19 12.42 -2.54
CA GLN A 43 4.89 13.56 -1.69
C GLN A 43 3.39 13.69 -1.57
N ASN A 44 2.67 13.55 -2.71
CA ASN A 44 1.24 13.67 -2.69
C ASN A 44 0.66 12.53 -1.88
N PHE A 45 1.23 11.33 -2.03
CA PHE A 45 0.74 10.16 -1.32
C PHE A 45 0.85 10.39 0.16
N GLY A 46 2.02 10.87 0.65
CA GLY A 46 2.21 11.10 2.06
C GLY A 46 1.23 12.13 2.53
N ASN A 47 1.01 13.21 1.73
CA ASN A 47 0.10 14.25 2.12
C ASN A 47 -1.30 13.69 2.17
N VAL A 48 -1.63 12.81 1.20
CA VAL A 48 -2.96 12.23 1.15
C VAL A 48 -3.21 11.44 2.41
N LEU A 49 -2.22 10.59 2.82
CA LEU A 49 -2.42 9.79 4.01
C LEU A 49 -2.52 10.68 5.22
N SER A 50 -1.70 11.75 5.28
CA SER A 50 -1.73 12.63 6.42
C SER A 50 -3.07 13.32 6.52
N GLN A 51 -3.60 13.79 5.37
CA GLN A 51 -4.86 14.50 5.35
C GLN A 51 -5.99 13.56 5.68
N PHE A 52 -5.93 12.31 5.17
CA PHE A 52 -6.98 11.36 5.43
C PHE A 52 -6.89 10.97 6.88
N ALA A 53 -5.67 11.02 7.45
CA ALA A 53 -5.48 10.62 8.81
C ALA A 53 -5.72 11.80 9.71
N THR A 54 -4.62 12.49 10.08
CA THR A 54 -4.70 13.62 10.98
C THR A 54 -3.30 13.89 11.44
N GLY A 55 -2.59 12.82 11.80
CA GLY A 55 -1.23 12.94 12.25
C GLY A 55 -1.22 12.85 13.74
N THR A 56 -1.69 11.69 14.27
CA THR A 56 -1.72 11.49 15.70
C THR A 56 -0.32 11.47 16.22
N GLY A 57 0.59 10.75 15.50
CA GLY A 57 1.98 10.69 15.90
C GLY A 57 2.19 9.49 16.78
N THR A 58 1.10 8.79 17.16
CA THR A 58 1.23 7.62 18.00
C THR A 58 0.47 6.51 17.33
N CYS A 59 0.60 5.27 17.86
CA CYS A 59 -0.08 4.14 17.27
C CYS A 59 -1.55 4.38 17.45
N ASN A 60 -2.29 4.34 16.33
CA ASN A 60 -3.71 4.58 16.38
C ASN A 60 -4.32 3.62 15.40
N SER A 61 -5.39 2.92 15.84
CA SER A 61 -6.05 1.96 14.98
C SER A 61 -6.68 2.69 13.82
N ASN A 62 -7.02 3.99 14.01
CA ASN A 62 -7.62 4.74 12.94
C ASN A 62 -6.62 4.88 11.83
N ASP A 63 -5.35 5.17 12.21
CA ASP A 63 -4.31 5.35 11.22
C ASP A 63 -4.02 4.02 10.58
N LEU A 64 -4.04 2.92 11.37
CA LEU A 64 -3.74 1.61 10.84
C LEU A 64 -4.82 1.25 9.85
N ASN A 65 -6.09 1.51 10.20
CA ASN A 65 -7.20 1.18 9.32
C ASN A 65 -7.07 1.99 8.05
N LEU A 66 -6.62 3.25 8.18
CA LEU A 66 -6.46 4.10 7.01
C LEU A 66 -5.46 3.46 6.10
N LEU A 67 -4.36 2.91 6.66
CA LEU A 67 -3.36 2.27 5.85
C LEU A 67 -3.97 1.08 5.16
N MET A 68 -4.85 0.33 5.86
CA MET A 68 -5.46 -0.83 5.24
C MET A 68 -6.32 -0.37 4.09
N ASP A 69 -7.03 0.78 4.26
CA ASP A 69 -7.87 1.30 3.21
C ASP A 69 -6.97 1.72 2.06
N ALA A 70 -5.81 2.33 2.38
CA ALA A 70 -4.89 2.77 1.36
C ALA A 70 -4.40 1.57 0.59
N LEU A 71 -4.12 0.45 1.30
CA LEU A 71 -3.66 -0.75 0.65
C LEU A 71 -4.73 -1.24 -0.27
N LEU A 72 -5.99 -1.22 0.19
CA LEU A 72 -7.08 -1.69 -0.62
C LEU A 72 -7.15 -0.87 -1.88
N SER A 73 -7.07 0.46 -1.77
CA SER A 73 -7.14 1.31 -2.93
C SER A 73 -5.94 1.08 -3.83
N ALA A 74 -4.73 0.94 -3.24
CA ALA A 74 -3.53 0.73 -4.05
C ALA A 74 -3.61 -0.60 -4.75
N LEU A 75 -4.05 -1.65 -4.04
CA LEU A 75 -4.14 -2.97 -4.62
C LEU A 75 -5.25 -2.98 -5.64
N HIS A 76 -6.33 -2.24 -5.34
CA HIS A 76 -7.46 -2.13 -6.23
C HIS A 76 -6.98 -1.55 -7.54
N THR A 77 -6.15 -0.49 -7.45
CA THR A 77 -5.63 0.14 -8.65
C THR A 77 -4.81 -0.86 -9.42
N LEU A 78 -3.93 -1.62 -8.73
CA LEU A 78 -3.09 -2.59 -9.41
C LEU A 78 -3.92 -3.65 -10.08
N SER A 79 -4.96 -4.14 -9.39
CA SER A 79 -5.78 -5.20 -9.93
C SER A 79 -6.51 -4.76 -11.17
N TYR A 80 -7.10 -3.55 -11.15
CA TYR A 80 -7.87 -3.12 -12.30
C TYR A 80 -7.01 -2.54 -13.39
N GLN A 81 -5.80 -2.01 -13.08
CA GLN A 81 -4.98 -1.46 -14.15
C GLN A 81 -4.62 -2.54 -15.13
N GLY A 82 -4.42 -3.77 -14.64
CA GLY A 82 -4.08 -4.87 -15.52
C GLY A 82 -5.28 -5.22 -16.36
N MET A 83 -6.48 -4.73 -15.98
CA MET A 83 -7.68 -5.04 -16.75
C MET A 83 -8.00 -3.88 -17.66
N GLY A 84 -7.62 -2.66 -17.26
CA GLY A 84 -7.91 -1.50 -18.08
C GLY A 84 -8.02 -0.31 -17.17
N THR A 85 -8.98 0.59 -17.46
CA THR A 85 -9.16 1.77 -16.65
C THR A 85 -9.76 1.31 -15.34
N VAL A 86 -9.33 1.92 -14.24
CA VAL A 86 -9.83 1.53 -12.94
C VAL A 86 -11.15 2.21 -12.71
N PRO A 87 -12.04 1.52 -12.01
CA PRO A 87 -13.35 2.04 -11.68
C PRO A 87 -13.32 2.98 -10.53
N SER A 88 -14.37 3.82 -10.42
CA SER A 88 -14.44 4.78 -9.34
C SER A 88 -14.91 4.06 -8.11
N TYR A 89 -15.35 2.80 -8.24
CA TYR A 89 -15.81 2.07 -7.09
C TYR A 89 -15.39 0.64 -7.26
N PRO A 90 -14.84 0.05 -6.21
CA PRO A 90 -14.38 -1.33 -6.25
C PRO A 90 -15.48 -2.35 -6.18
N SER A 91 -15.19 -3.57 -6.67
CA SER A 91 -16.18 -4.63 -6.65
C SER A 91 -16.30 -5.12 -5.22
N PRO A 92 -17.52 -5.20 -4.72
CA PRO A 92 -17.77 -5.68 -3.35
C PRO A 92 -17.22 -7.04 -3.06
N SER A 93 -17.22 -7.94 -4.06
CA SER A 93 -16.71 -9.27 -3.85
C SER A 93 -15.23 -9.18 -3.55
N ALA A 94 -14.53 -8.31 -4.30
CA ALA A 94 -13.11 -8.13 -4.10
C ALA A 94 -12.87 -7.49 -2.76
N MET A 95 -13.73 -6.53 -2.40
CA MET A 95 -13.60 -5.81 -1.17
C MET A 95 -13.81 -6.79 -0.05
N SER A 96 -14.79 -7.68 -0.25
CA SER A 96 -15.13 -8.67 0.75
C SER A 96 -13.96 -9.59 0.98
N ALA A 97 -13.33 -10.08 -0.11
CA ALA A 97 -12.21 -10.99 0.01
C ALA A 97 -11.08 -10.32 0.72
N TYR A 98 -10.80 -9.07 0.34
CA TYR A 98 -9.73 -8.30 0.94
C TYR A 98 -10.02 -8.14 2.40
N SER A 99 -11.27 -7.76 2.69
CA SER A 99 -11.66 -7.48 4.06
C SER A 99 -11.51 -8.72 4.91
N GLN A 100 -11.91 -9.89 4.41
CA GLN A 100 -11.83 -11.10 5.21
C GLN A 100 -10.41 -11.44 5.54
N SER A 101 -9.51 -11.39 4.53
CA SER A 101 -8.13 -11.76 4.76
C SER A 101 -7.42 -10.73 5.60
N VAL A 102 -7.65 -9.44 5.29
CA VAL A 102 -6.99 -8.37 6.00
C VAL A 102 -7.51 -8.27 7.41
N ARG A 103 -8.84 -8.45 7.61
CA ARG A 103 -9.42 -8.34 8.92
C ARG A 103 -8.83 -9.38 9.83
N ARG A 104 -8.62 -10.61 9.35
CA ARG A 104 -8.05 -11.61 10.23
C ARG A 104 -6.63 -11.27 10.55
N CYS A 105 -5.88 -10.77 9.55
CA CYS A 105 -4.48 -10.47 9.75
C CYS A 105 -4.26 -9.27 10.66
N PHE A 106 -4.95 -8.14 10.43
CA PHE A 106 -4.71 -6.95 11.23
C PHE A 106 -5.95 -6.48 11.94
N GLY A 107 -6.98 -7.34 12.08
CA GLY A 107 -8.19 -6.89 12.75
C GLY A 107 -8.03 -7.05 14.22
N TYR A 108 -6.82 -7.45 14.67
CA TYR A 108 -6.55 -7.63 16.08
C TYR A 108 -7.47 -8.75 16.61
N GLY B 20 22.84 -1.82 -0.28
CA GLY B 20 21.48 -2.25 -0.69
C GLY B 20 20.98 -3.30 0.26
N SER B 21 19.84 -3.92 -0.07
CA SER B 21 19.30 -4.94 0.80
C SER B 21 18.49 -5.86 -0.06
N SER B 22 18.24 -7.09 0.44
CA SER B 22 17.47 -8.06 -0.32
C SER B 22 16.10 -8.14 0.28
N ARG B 23 15.80 -7.29 1.28
CA ARG B 23 14.50 -7.33 1.91
C ARG B 23 13.47 -6.67 1.02
N LEU B 24 13.84 -5.55 0.35
CA LEU B 24 12.88 -4.87 -0.51
C LEU B 24 12.54 -5.74 -1.70
N PRO B 25 13.52 -6.27 -2.42
CA PRO B 25 13.25 -7.15 -3.55
C PRO B 25 12.33 -8.29 -3.22
N SER B 26 12.42 -8.82 -1.98
CA SER B 26 11.56 -9.92 -1.58
C SER B 26 10.14 -9.45 -1.60
N LEU B 27 9.88 -8.21 -1.09
CA LEU B 27 8.53 -7.68 -1.08
C LEU B 27 8.10 -7.44 -2.50
N ILE B 28 9.02 -6.93 -3.35
CA ILE B 28 8.70 -6.63 -4.74
C ILE B 28 8.30 -7.91 -5.43
N ASN B 29 9.05 -9.00 -5.18
CA ASN B 29 8.74 -10.28 -5.80
C ASN B 29 7.38 -10.70 -5.33
N GLY B 30 7.06 -10.42 -4.06
CA GLY B 30 5.78 -10.76 -3.50
C GLY B 30 4.69 -10.03 -4.23
N ILE B 31 4.94 -8.77 -4.63
CA ILE B 31 3.93 -7.98 -5.33
C ILE B 31 3.67 -8.64 -6.66
N MET B 32 4.75 -9.02 -7.38
CA MET B 32 4.60 -9.65 -8.68
C MET B 32 3.95 -10.99 -8.49
N SER B 33 4.28 -11.67 -7.38
CA SER B 33 3.74 -12.98 -7.10
C SER B 33 2.24 -12.88 -6.97
N SER B 34 1.75 -11.81 -6.30
CA SER B 34 0.32 -11.66 -6.10
C SER B 34 -0.32 -11.09 -7.33
N MET B 35 0.50 -10.64 -8.30
CA MET B 35 -0.03 -10.09 -9.53
C MET B 35 -0.68 -11.22 -10.28
N GLN B 36 -0.10 -12.43 -10.15
CA GLN B 36 -0.62 -13.57 -10.86
C GLN B 36 -1.91 -13.99 -10.19
N GLY B 37 -2.89 -14.43 -11.02
CA GLY B 37 -4.15 -14.87 -10.49
C GLY B 37 -5.20 -14.29 -11.37
N GLY B 38 -5.79 -13.14 -10.95
CA GLY B 38 -6.81 -12.51 -11.74
C GLY B 38 -6.82 -11.06 -11.35
N GLY B 39 -5.75 -10.33 -11.76
CA GLY B 39 -5.66 -8.93 -11.44
C GLY B 39 -4.76 -8.84 -10.25
N PHE B 40 -5.23 -9.35 -9.10
CA PHE B 40 -4.43 -9.32 -7.91
C PHE B 40 -5.06 -10.25 -6.93
N ASN B 41 -4.26 -11.19 -6.37
CA ASN B 41 -4.81 -12.12 -5.41
C ASN B 41 -4.55 -11.55 -4.04
N TYR B 42 -5.62 -11.14 -3.34
CA TYR B 42 -5.50 -10.55 -2.04
C TYR B 42 -5.09 -11.60 -1.03
N GLN B 43 -5.45 -12.88 -1.28
CA GLN B 43 -5.12 -13.94 -0.35
C GLN B 43 -3.63 -14.06 -0.25
N ASN B 44 -2.94 -14.01 -1.41
CA ASN B 44 -1.49 -14.13 -1.41
C ASN B 44 -0.90 -12.94 -0.73
N PHE B 45 -1.49 -11.75 -0.96
CA PHE B 45 -0.97 -10.52 -0.37
C PHE B 45 -1.04 -10.62 1.13
N GLY B 46 -2.20 -11.05 1.67
CA GLY B 46 -2.35 -11.16 3.11
C GLY B 46 -1.37 -12.15 3.65
N ASN B 47 -1.18 -13.29 2.95
CA ASN B 47 -0.25 -14.30 3.40
C ASN B 47 1.15 -13.73 3.37
N VAL B 48 1.47 -12.95 2.33
CA VAL B 48 2.79 -12.38 2.19
C VAL B 48 3.06 -11.47 3.37
N LEU B 49 2.09 -10.60 3.72
CA LEU B 49 2.30 -9.69 4.84
C LEU B 49 2.44 -10.46 6.11
N SER B 50 1.62 -11.52 6.28
CA SER B 50 1.67 -12.31 7.50
C SER B 50 3.02 -12.98 7.63
N GLN B 51 3.53 -13.54 6.51
CA GLN B 51 4.79 -14.25 6.53
C GLN B 51 5.92 -13.29 6.75
N PHE B 52 5.85 -12.10 6.14
CA PHE B 52 6.90 -11.13 6.29
C PHE B 52 6.85 -10.61 7.69
N ALA B 53 5.64 -10.60 8.28
CA ALA B 53 5.47 -10.08 9.61
C ALA B 53 5.74 -11.17 10.60
N THR B 54 4.66 -11.83 11.07
CA THR B 54 4.76 -12.88 12.07
C THR B 54 3.37 -13.11 12.57
N GLY B 55 2.67 -12.00 12.85
CA GLY B 55 1.31 -12.08 13.34
C GLY B 55 1.34 -11.85 14.81
N THR B 56 1.81 -10.65 15.23
CA THR B 56 1.89 -10.34 16.64
C THR B 56 0.49 -10.26 17.18
N GLY B 57 -0.42 -9.61 16.43
CA GLY B 57 -1.80 -9.50 16.86
C GLY B 57 -2.00 -8.22 17.62
N THR B 58 -0.90 -7.50 17.92
CA THR B 58 -1.01 -6.27 18.66
C THR B 58 -0.27 -5.22 17.86
N CYS B 59 -0.40 -3.94 18.29
CA CYS B 59 0.28 -2.86 17.59
C CYS B 59 1.76 -3.09 17.75
N ASN B 60 2.47 -3.15 16.61
CA ASN B 60 3.89 -3.38 16.65
C ASN B 60 4.47 -2.52 15.58
N SER B 61 5.55 -1.77 15.93
CA SER B 61 6.19 -0.91 14.96
C SER B 61 6.80 -1.73 13.87
N ASN B 62 7.14 -3.01 14.15
CA ASN B 62 7.72 -3.86 13.14
C ASN B 62 6.68 -4.11 12.08
N ASP B 63 5.43 -4.36 12.50
CA ASP B 63 4.36 -4.61 11.57
C ASP B 63 4.06 -3.34 10.81
N LEU B 64 4.09 -2.19 11.50
CA LEU B 64 3.79 -0.93 10.87
C LEU B 64 4.83 -0.66 9.82
N ASN B 65 6.12 -0.89 10.17
CA ASN B 65 7.20 -0.65 9.23
C ASN B 65 7.05 -1.56 8.05
N LEU B 66 6.60 -2.80 8.29
CA LEU B 66 6.41 -3.75 7.22
C LEU B 66 5.39 -3.19 6.27
N LEU B 67 4.31 -2.60 6.81
CA LEU B 67 3.28 -2.04 5.96
C LEU B 67 3.87 -0.91 5.16
N MET B 68 4.78 -0.10 5.76
CA MET B 68 5.37 1.00 5.04
C MET B 68 6.20 0.43 3.91
N ASP B 69 6.91 -0.68 4.17
CA ASP B 69 7.72 -1.31 3.14
C ASP B 69 6.81 -1.83 2.05
N ALA B 70 5.65 -2.40 2.45
CA ALA B 70 4.71 -2.93 1.50
C ALA B 70 4.20 -1.80 0.65
N LEU B 71 3.95 -0.63 1.26
CA LEU B 71 3.46 0.51 0.51
C LEU B 71 4.51 0.92 -0.47
N LEU B 72 5.78 0.94 -0.04
CA LEU B 72 6.86 1.33 -0.92
C LEU B 72 6.89 0.40 -2.10
N SER B 73 6.82 -0.92 -1.87
CA SER B 73 6.86 -1.87 -2.96
C SER B 73 5.64 -1.72 -3.84
N ALA B 74 4.44 -1.52 -3.24
CA ALA B 74 3.24 -1.38 -4.03
C ALA B 74 3.29 -0.13 -4.86
N LEU B 75 3.74 0.99 -4.25
CA LEU B 75 3.82 2.25 -4.96
C LEU B 75 4.90 2.16 -5.99
N HIS B 76 5.99 1.45 -5.65
CA HIS B 76 7.10 1.27 -6.55
C HIS B 76 6.59 0.58 -7.78
N THR B 77 5.78 -0.49 -7.58
CA THR B 77 5.23 -1.22 -8.70
C THR B 77 4.39 -0.29 -9.55
N LEU B 78 3.52 0.52 -8.90
CA LEU B 78 2.65 1.42 -9.65
C LEU B 78 3.46 2.42 -10.43
N SER B 79 4.51 2.98 -9.82
CA SER B 79 5.32 3.99 -10.47
C SER B 79 6.01 3.45 -11.68
N TYR B 80 6.62 2.24 -11.58
CA TYR B 80 7.37 1.71 -12.70
C TYR B 80 6.48 1.04 -13.71
N GLN B 81 5.28 0.52 -13.33
CA GLN B 81 4.42 -0.12 -14.31
C GLN B 81 4.03 0.87 -15.37
N GLY B 82 3.84 2.14 -14.99
CA GLY B 82 3.45 3.15 -15.94
C GLY B 82 4.61 3.43 -16.88
N MET B 83 5.83 2.97 -16.52
CA MET B 83 6.97 3.23 -17.38
C MET B 83 7.30 1.98 -18.15
N GLY B 84 7.00 0.78 -17.59
CA GLY B 84 7.29 -0.44 -18.29
C GLY B 84 7.42 -1.53 -17.28
N THR B 85 8.34 -2.48 -17.52
CA THR B 85 8.54 -3.57 -16.58
C THR B 85 9.18 -3.00 -15.36
N VAL B 86 8.76 -3.50 -14.18
CA VAL B 86 9.30 -2.99 -12.94
C VAL B 86 10.64 -3.64 -12.70
N PRO B 87 11.53 -2.89 -12.08
CA PRO B 87 12.85 -3.38 -11.75
C PRO B 87 12.86 -4.22 -10.51
N SER B 88 13.91 -5.05 -10.34
CA SER B 88 14.01 -5.90 -9.19
C SER B 88 14.50 -5.08 -8.04
N TYR B 89 14.93 -3.83 -8.30
CA TYR B 89 15.43 -3.00 -7.22
C TYR B 89 15.00 -1.58 -7.52
N PRO B 90 14.47 -0.91 -6.51
CA PRO B 90 14.01 0.47 -6.66
C PRO B 90 15.11 1.48 -6.71
N SER B 91 14.83 2.66 -7.30
CA SER B 91 15.81 3.71 -7.39
C SER B 91 15.96 4.32 -6.02
N PRO B 92 17.19 4.44 -5.55
CA PRO B 92 17.47 5.03 -4.24
C PRO B 92 16.94 6.42 -4.06
N SER B 93 16.91 7.23 -5.15
CA SER B 93 16.41 8.58 -5.03
C SER B 93 14.95 8.52 -4.69
N ALA B 94 14.22 7.58 -5.35
CA ALA B 94 12.81 7.43 -5.10
C ALA B 94 12.59 6.92 -3.71
N MET B 95 13.46 5.97 -3.29
CA MET B 95 13.36 5.38 -1.99
C MET B 95 13.58 6.45 -0.96
N SER B 96 14.56 7.32 -1.26
CA SER B 96 14.92 8.39 -0.37
C SER B 96 13.75 9.33 -0.20
N ALA B 97 13.10 9.71 -1.31
CA ALA B 97 11.99 10.64 -1.24
C ALA B 97 10.87 10.04 -0.45
N TYR B 98 10.58 8.75 -0.71
CA TYR B 98 9.52 8.05 -0.02
C TYR B 98 9.85 8.02 1.43
N SER B 99 11.11 7.66 1.75
CA SER B 99 11.53 7.52 3.11
C SER B 99 11.40 8.82 3.85
N GLN B 100 11.79 9.94 3.24
CA GLN B 100 11.73 11.22 3.93
C GLN B 100 10.30 11.58 4.26
N SER B 101 9.39 11.45 3.29
CA SER B 101 8.01 11.85 3.50
C SER B 101 7.33 10.89 4.45
N VAL B 102 7.55 9.58 4.25
CA VAL B 102 6.91 8.58 5.08
C VAL B 102 7.46 8.61 6.48
N ARG B 103 8.79 8.80 6.63
CA ARG B 103 9.41 8.81 7.94
C ARG B 103 8.83 9.92 8.76
N ARG B 104 8.61 11.10 8.18
CA ARG B 104 8.07 12.18 8.97
C ARG B 104 6.64 11.87 9.36
N CYS B 105 5.88 11.28 8.43
CA CYS B 105 4.49 11.00 8.69
C CYS B 105 4.29 9.89 9.70
N PHE B 106 4.98 8.74 9.55
CA PHE B 106 4.75 7.63 10.46
C PHE B 106 6.01 7.23 11.18
N GLY B 107 7.05 8.09 11.22
CA GLY B 107 8.27 7.70 11.89
C GLY B 107 8.14 8.00 13.36
N TYR B 108 6.94 8.44 13.79
CA TYR B 108 6.71 8.74 15.19
C TYR B 108 7.64 9.90 15.59
N GLY A 20 -21.72 -0.44 1.97
CA GLY A 20 -20.42 0.01 1.43
C GLY A 20 -20.05 1.32 2.03
N SER A 21 -18.91 1.89 1.59
CA SER A 21 -18.47 3.16 2.11
C SER A 21 -18.32 4.08 0.94
N SER A 22 -18.63 5.38 1.15
CA SER A 22 -18.54 6.35 0.08
C SER A 22 -17.26 7.12 0.24
N ARG A 23 -16.41 6.73 1.21
CA ARG A 23 -15.16 7.43 1.43
C ARG A 23 -14.07 6.77 0.64
N LEU A 24 -14.31 5.54 0.13
CA LEU A 24 -13.29 4.83 -0.62
C LEU A 24 -12.90 5.58 -1.89
N PRO A 25 -13.86 6.09 -2.66
CA PRO A 25 -13.55 6.83 -3.89
C PRO A 25 -12.56 7.94 -3.68
N SER A 26 -12.58 8.59 -2.50
CA SER A 26 -11.65 9.66 -2.24
C SER A 26 -10.24 9.11 -2.27
N LEU A 27 -10.06 7.91 -1.68
CA LEU A 27 -8.75 7.30 -1.65
C LEU A 27 -8.37 6.91 -3.05
N ILE A 28 -9.35 6.41 -3.85
CA ILE A 28 -9.09 6.00 -5.22
C ILE A 28 -8.62 7.20 -6.00
N ASN A 29 -9.31 8.36 -5.80
CA ASN A 29 -8.93 9.56 -6.49
C ASN A 29 -7.53 9.94 -6.06
N GLY A 30 -7.23 9.71 -4.77
CA GLY A 30 -5.92 10.02 -4.23
C GLY A 30 -4.88 9.20 -4.95
N ILE A 31 -5.21 7.92 -5.27
CA ILE A 31 -4.25 7.06 -5.95
C ILE A 31 -3.98 7.65 -7.31
N MET A 32 -5.05 8.10 -8.00
CA MET A 32 -4.90 8.69 -9.31
C MET A 32 -4.10 9.96 -9.21
N SER A 33 -4.30 10.70 -8.10
CA SER A 33 -3.61 11.96 -7.90
C SER A 33 -2.13 11.70 -7.86
N SER A 34 -1.70 10.64 -7.14
CA SER A 34 -0.28 10.35 -7.04
C SER A 34 0.18 9.59 -8.25
N MET A 35 -0.76 9.06 -9.05
CA MET A 35 -0.40 8.32 -10.24
C MET A 35 0.10 9.31 -11.26
N GLN A 36 -0.38 10.57 -11.18
CA GLN A 36 0.02 11.57 -12.14
C GLN A 36 1.45 11.96 -11.84
N GLY A 37 2.22 12.28 -12.91
CA GLY A 37 3.60 12.66 -12.74
C GLY A 37 4.43 11.78 -13.61
N GLY A 38 3.89 10.62 -14.02
CA GLY A 38 4.62 9.72 -14.88
C GLY A 38 5.35 8.73 -14.02
N GLY A 39 5.34 8.97 -12.70
CA GLY A 39 6.00 8.07 -11.78
C GLY A 39 5.15 8.01 -10.57
N PHE A 40 5.67 8.46 -9.42
CA PHE A 40 4.90 8.44 -8.22
C PHE A 40 5.41 9.55 -7.35
N ASN A 41 4.49 10.43 -6.89
CA ASN A 41 4.89 11.52 -6.03
C ASN A 41 4.67 11.07 -4.61
N TYR A 42 5.77 10.85 -3.88
CA TYR A 42 5.68 10.38 -2.51
C TYR A 42 5.12 11.47 -1.63
N GLN A 43 5.43 12.75 -1.94
CA GLN A 43 4.97 13.85 -1.13
C GLN A 43 3.47 13.90 -1.15
N ASN A 44 2.88 13.70 -2.35
CA ASN A 44 1.44 13.74 -2.47
C ASN A 44 0.85 12.59 -1.70
N PHE A 45 1.50 11.40 -1.77
CA PHE A 45 1.01 10.24 -1.09
C PHE A 45 1.00 10.49 0.40
N GLY A 46 2.12 11.02 0.95
CA GLY A 46 2.20 11.28 2.37
C GLY A 46 1.17 12.31 2.75
N ASN A 47 0.98 13.34 1.90
CA ASN A 47 0.01 14.38 2.19
C ASN A 47 -1.36 13.78 2.21
N VAL A 48 -1.63 12.87 1.26
CA VAL A 48 -2.93 12.23 1.18
C VAL A 48 -3.19 11.46 2.44
N LEU A 49 -2.19 10.68 2.92
CA LEU A 49 -2.38 9.88 4.11
C LEU A 49 -2.61 10.79 5.29
N SER A 50 -1.86 11.90 5.37
CA SER A 50 -1.99 12.81 6.49
C SER A 50 -3.37 13.43 6.50
N GLN A 51 -3.85 13.85 5.31
CA GLN A 51 -5.15 14.51 5.20
C GLN A 51 -6.25 13.53 5.49
N PHE A 52 -6.10 12.27 5.02
CA PHE A 52 -7.13 11.28 5.25
C PHE A 52 -7.12 10.93 6.70
N ALA A 53 -5.93 11.04 7.33
CA ALA A 53 -5.81 10.68 8.72
C ALA A 53 -6.05 11.89 9.57
N THR A 54 -4.95 12.55 10.00
CA THR A 54 -5.05 13.70 10.86
C THR A 54 -3.66 14.00 11.31
N GLY A 55 -3.06 13.05 12.05
CA GLY A 55 -1.71 13.21 12.55
C GLY A 55 -1.79 13.26 14.04
N THR A 56 -1.80 12.08 14.69
CA THR A 56 -1.88 12.04 16.14
C THR A 56 -0.50 11.82 16.68
N GLY A 57 0.30 10.96 16.01
CA GLY A 57 1.64 10.69 16.45
C GLY A 57 1.58 9.60 17.49
N THR A 58 0.40 8.98 17.65
CA THR A 58 0.23 7.92 18.61
C THR A 58 -0.39 6.76 17.89
N CYS A 59 -0.38 5.56 18.54
CA CYS A 59 -0.97 4.40 17.92
C CYS A 59 -2.45 4.63 17.85
N ASN A 60 -3.01 4.50 16.64
CA ASN A 60 -4.42 4.73 16.46
C ASN A 60 -4.86 3.74 15.42
N SER A 61 -5.96 3.03 15.69
CA SER A 61 -6.47 2.05 14.76
C SER A 61 -6.92 2.74 13.50
N ASN A 62 -7.31 4.02 13.60
CA ASN A 62 -7.77 4.75 12.42
C ASN A 62 -6.63 4.85 11.44
N ASP A 63 -5.41 5.11 11.94
CA ASP A 63 -4.26 5.25 11.07
C ASP A 63 -3.94 3.90 10.44
N LEU A 64 -4.04 2.81 11.23
CA LEU A 64 -3.75 1.50 10.73
C LEU A 64 -4.76 1.13 9.67
N ASN A 65 -6.05 1.40 9.96
CA ASN A 65 -7.11 1.07 9.03
C ASN A 65 -6.96 1.91 7.79
N LEU A 66 -6.50 3.17 7.96
CA LEU A 66 -6.34 4.05 6.83
C LEU A 66 -5.37 3.43 5.86
N LEU A 67 -4.26 2.86 6.39
CA LEU A 67 -3.27 2.25 5.52
C LEU A 67 -3.90 1.09 4.80
N MET A 68 -4.76 0.31 5.50
CA MET A 68 -5.40 -0.82 4.86
C MET A 68 -6.32 -0.30 3.78
N ASP A 69 -7.02 0.82 4.04
CA ASP A 69 -7.93 1.39 3.07
C ASP A 69 -7.13 1.88 1.88
N ALA A 70 -5.96 2.51 2.14
CA ALA A 70 -5.12 3.02 1.07
C ALA A 70 -4.65 1.86 0.24
N LEU A 71 -4.23 0.76 0.91
CA LEU A 71 -3.77 -0.41 0.21
C LEU A 71 -4.89 -1.01 -0.58
N LEU A 72 -6.12 -0.99 -0.01
CA LEU A 72 -7.24 -1.56 -0.72
C LEU A 72 -7.43 -0.82 -2.01
N SER A 73 -7.42 0.52 -1.97
CA SER A 73 -7.62 1.30 -3.17
C SER A 73 -6.44 1.14 -4.10
N ALA A 74 -5.20 1.19 -3.57
CA ALA A 74 -4.03 1.09 -4.42
C ALA A 74 -3.94 -0.27 -5.06
N LEU A 75 -4.12 -1.34 -4.27
CA LEU A 75 -4.02 -2.68 -4.82
C LEU A 75 -5.19 -2.94 -5.73
N HIS A 76 -6.38 -2.42 -5.35
CA HIS A 76 -7.56 -2.58 -6.16
C HIS A 76 -7.31 -1.96 -7.51
N THR A 77 -6.72 -0.74 -7.51
CA THR A 77 -6.45 -0.05 -8.74
C THR A 77 -5.52 -0.89 -9.59
N LEU A 78 -4.47 -1.48 -8.99
CA LEU A 78 -3.52 -2.26 -9.77
C LEU A 78 -4.21 -3.44 -10.41
N SER A 79 -5.11 -4.11 -9.69
CA SER A 79 -5.80 -5.26 -10.23
C SER A 79 -6.66 -4.84 -11.40
N TYR A 80 -7.40 -3.72 -11.26
CA TYR A 80 -8.29 -3.28 -12.31
C TYR A 80 -7.54 -2.69 -13.47
N GLN A 81 -6.31 -2.15 -13.26
CA GLN A 81 -5.58 -1.58 -14.38
C GLN A 81 -5.32 -2.65 -15.39
N GLY A 82 -5.02 -3.88 -14.93
CA GLY A 82 -4.75 -4.96 -15.84
C GLY A 82 -6.05 -5.47 -16.41
N MET A 83 -7.20 -4.99 -15.89
CA MET A 83 -8.47 -5.45 -16.38
C MET A 83 -8.98 -4.49 -17.42
N GLY A 84 -8.60 -3.20 -17.33
CA GLY A 84 -9.07 -2.26 -18.32
C GLY A 84 -8.76 -0.87 -17.86
N THR A 85 -9.51 -0.37 -16.85
CA THR A 85 -9.27 0.97 -16.36
C THR A 85 -9.58 0.99 -14.90
N VAL A 86 -9.31 2.14 -14.26
CA VAL A 86 -9.53 2.28 -12.83
C VAL A 86 -10.96 2.72 -12.61
N PRO A 87 -11.72 1.91 -11.89
CA PRO A 87 -13.11 2.22 -11.56
C PRO A 87 -13.22 3.23 -10.47
N SER A 88 -14.36 3.94 -10.41
CA SER A 88 -14.55 4.94 -9.38
C SER A 88 -15.04 4.25 -8.13
N TYR A 89 -15.37 2.95 -8.22
CA TYR A 89 -15.84 2.25 -7.05
C TYR A 89 -15.45 0.80 -7.20
N PRO A 90 -14.91 0.22 -6.14
CA PRO A 90 -14.50 -1.17 -6.15
C PRO A 90 -15.62 -2.13 -5.96
N SER A 91 -15.43 -3.39 -6.45
CA SER A 91 -16.46 -4.39 -6.31
C SER A 91 -16.43 -4.88 -4.88
N PRO A 92 -17.59 -5.22 -4.35
CA PRO A 92 -17.71 -5.69 -2.98
C PRO A 92 -17.08 -7.03 -2.74
N SER A 93 -16.97 -7.87 -3.78
CA SER A 93 -16.37 -9.17 -3.60
C SER A 93 -14.91 -8.99 -3.29
N ALA A 94 -14.27 -8.01 -3.97
CA ALA A 94 -12.87 -7.75 -3.75
C ALA A 94 -12.69 -7.13 -2.41
N MET A 95 -13.62 -6.22 -2.04
CA MET A 95 -13.54 -5.54 -0.77
C MET A 95 -13.69 -6.56 0.32
N SER A 96 -14.60 -7.51 0.10
CA SER A 96 -14.87 -8.54 1.06
C SER A 96 -13.66 -9.42 1.24
N ALA A 97 -13.07 -9.87 0.12
CA ALA A 97 -11.92 -10.75 0.19
C ALA A 97 -10.77 -10.06 0.86
N TYR A 98 -10.52 -8.80 0.47
CA TYR A 98 -9.42 -8.05 1.03
C TYR A 98 -9.65 -7.87 2.50
N SER A 99 -10.89 -7.50 2.87
CA SER A 99 -11.21 -7.23 4.26
C SER A 99 -10.97 -8.46 5.08
N GLN A 100 -11.40 -9.64 4.59
CA GLN A 100 -11.24 -10.86 5.35
C GLN A 100 -9.77 -11.18 5.48
N SER A 101 -9.01 -10.99 4.39
CA SER A 101 -7.60 -11.32 4.39
C SER A 101 -6.83 -10.47 5.37
N VAL A 102 -7.03 -9.13 5.34
CA VAL A 102 -6.26 -8.27 6.21
C VAL A 102 -6.77 -8.32 7.62
N ARG A 103 -8.09 -8.54 7.80
CA ARG A 103 -8.65 -8.59 9.14
C ARG A 103 -8.00 -9.71 9.90
N ARG A 104 -7.86 -10.89 9.28
CA ARG A 104 -7.28 -12.02 9.96
C ARG A 104 -5.79 -11.78 10.18
N CYS A 105 -5.13 -11.21 9.16
CA CYS A 105 -3.68 -11.00 9.24
C CYS A 105 -3.30 -10.05 10.35
N PHE A 106 -4.03 -8.92 10.51
CA PHE A 106 -3.65 -7.98 11.55
C PHE A 106 -4.42 -8.26 12.80
N GLY A 107 -5.59 -8.92 12.69
CA GLY A 107 -6.37 -9.22 13.86
C GLY A 107 -7.18 -8.02 14.22
N TYR A 108 -7.10 -6.95 13.39
CA TYR A 108 -7.84 -5.75 13.67
C TYR A 108 -9.18 -5.83 12.92
N GLY B 20 21.84 1.00 4.32
CA GLY B 20 20.60 0.51 3.67
C GLY B 20 20.16 -0.75 4.33
N SER B 21 19.07 -1.36 3.82
CA SER B 21 18.57 -2.58 4.40
C SER B 21 18.54 -3.61 3.31
N SER B 22 18.82 -4.88 3.65
CA SER B 22 18.84 -5.93 2.65
C SER B 22 17.55 -6.69 2.74
N ARG B 23 16.61 -6.23 3.58
CA ARG B 23 15.35 -6.91 3.71
C ARG B 23 14.34 -6.33 2.75
N LEU B 24 14.64 -5.14 2.18
CA LEU B 24 13.71 -4.50 1.27
C LEU B 24 13.47 -5.36 0.03
N PRO B 25 14.50 -5.92 -0.58
CA PRO B 25 14.33 -6.76 -1.77
C PRO B 25 13.32 -7.86 -1.59
N SER B 26 13.20 -8.41 -0.36
CA SER B 26 12.24 -9.47 -0.11
C SER B 26 10.86 -8.91 -0.35
N LEU B 27 10.61 -7.67 0.13
CA LEU B 27 9.31 -7.05 -0.05
C LEU B 27 9.09 -6.80 -1.51
N ILE B 28 10.15 -6.36 -2.24
CA ILE B 28 10.03 -6.06 -3.65
C ILE B 28 9.66 -7.33 -4.37
N ASN B 29 10.30 -8.46 -4.01
CA ASN B 29 10.00 -9.73 -4.64
C ASN B 29 8.57 -10.07 -4.33
N GLY B 30 8.12 -9.73 -3.10
CA GLY B 30 6.76 -10.01 -2.69
C GLY B 30 5.81 -9.25 -3.59
N ILE B 31 6.17 -8.01 -3.97
CA ILE B 31 5.31 -7.21 -4.82
C ILE B 31 5.18 -7.92 -6.14
N MET B 32 6.32 -8.42 -6.67
CA MET B 32 6.32 -9.11 -7.94
C MET B 32 5.51 -10.37 -7.82
N SER B 33 5.59 -11.02 -6.64
CA SER B 33 4.87 -12.25 -6.41
C SER B 33 3.39 -12.00 -6.56
N SER B 34 2.88 -10.88 -5.99
CA SER B 34 1.47 -10.59 -6.07
C SER B 34 1.15 -9.94 -7.39
N MET B 35 2.18 -9.47 -8.12
CA MET B 35 1.95 -8.84 -9.40
C MET B 35 1.55 -9.92 -10.38
N GLN B 36 2.01 -11.16 -10.14
CA GLN B 36 1.71 -12.24 -11.05
C GLN B 36 0.26 -12.61 -10.86
N GLY B 37 -0.39 -13.02 -11.98
CA GLY B 37 -1.78 -13.40 -11.93
C GLY B 37 -2.52 -12.60 -12.96
N GLY B 38 -1.92 -11.47 -13.41
CA GLY B 38 -2.55 -10.66 -14.41
C GLY B 38 -3.37 -9.60 -13.73
N GLY B 39 -3.50 -9.72 -12.39
CA GLY B 39 -4.25 -8.76 -11.64
C GLY B 39 -3.53 -8.59 -10.35
N PHE B 40 -4.19 -8.94 -9.23
CA PHE B 40 -3.55 -8.82 -7.96
C PHE B 40 -4.16 -9.85 -7.06
N ASN B 41 -3.30 -10.69 -6.42
CA ASN B 41 -3.80 -11.70 -5.53
C ASN B 41 -3.72 -11.13 -4.14
N TYR B 42 -4.90 -10.85 -3.55
CA TYR B 42 -4.97 -10.28 -2.22
C TYR B 42 -4.51 -11.28 -1.20
N GLN B 43 -4.78 -12.59 -1.44
CA GLN B 43 -4.42 -13.61 -0.48
C GLN B 43 -2.93 -13.65 -0.35
N ASN B 44 -2.21 -13.56 -1.48
CA ASN B 44 -0.76 -13.60 -1.44
C ASN B 44 -0.26 -12.39 -0.71
N PHE B 45 -0.89 -11.22 -0.95
CA PHE B 45 -0.47 -9.98 -0.31
C PHE B 45 -0.63 -10.12 1.18
N GLY B 46 -1.80 -10.60 1.64
CA GLY B 46 -2.04 -10.75 3.06
C GLY B 46 -1.06 -11.74 3.64
N ASN B 47 -0.78 -12.83 2.90
CA ASN B 47 0.13 -13.84 3.38
C ASN B 47 1.50 -13.23 3.51
N VAL B 48 1.89 -12.40 2.52
CA VAL B 48 3.19 -11.77 2.52
C VAL B 48 3.31 -10.88 3.74
N LEU B 49 2.26 -10.08 4.04
CA LEU B 49 2.32 -9.18 5.17
C LEU B 49 2.42 -9.99 6.45
N SER B 50 1.66 -11.10 6.53
CA SER B 50 1.66 -11.91 7.74
C SER B 50 3.03 -12.51 7.94
N GLN B 51 3.63 -13.03 6.86
CA GLN B 51 4.93 -13.68 6.95
C GLN B 51 6.00 -12.69 7.28
N PHE B 52 5.91 -11.47 6.69
CA PHE B 52 6.91 -10.47 6.94
C PHE B 52 6.73 -9.99 8.36
N ALA B 53 5.49 -10.06 8.86
CA ALA B 53 5.21 -9.59 10.19
C ALA B 53 5.35 -10.74 11.16
N THR B 54 4.21 -11.35 11.51
CA THR B 54 4.20 -12.44 12.46
C THR B 54 2.76 -12.70 12.78
N GLY B 55 2.11 -11.72 13.41
CA GLY B 55 0.71 -11.85 13.77
C GLY B 55 0.62 -11.76 15.26
N THR B 56 0.58 -10.51 15.79
CA THR B 56 0.49 -10.33 17.21
C THR B 56 -0.94 -10.06 17.59
N GLY B 57 -1.64 -9.27 16.75
CA GLY B 57 -3.03 -8.96 17.02
C GLY B 57 -3.08 -7.79 17.95
N THR B 58 -1.91 -7.16 18.20
CA THR B 58 -1.85 -6.02 19.08
C THR B 58 -1.15 -4.92 18.35
N CYS B 59 -1.22 -3.68 18.89
CA CYS B 59 -0.57 -2.56 18.24
C CYS B 59 0.91 -2.80 18.35
N ASN B 60 1.61 -2.77 17.20
CA ASN B 60 3.02 -2.99 17.20
C ASN B 60 3.58 -2.10 16.13
N SER B 61 4.66 -1.35 16.46
CA SER B 61 5.26 -0.45 15.51
C SER B 61 5.85 -1.24 14.38
N ASN B 62 6.22 -2.52 14.61
CA ASN B 62 6.80 -3.33 13.57
C ASN B 62 5.78 -3.52 12.48
N ASP B 63 4.51 -3.75 12.86
CA ASP B 63 3.46 -3.96 11.88
C ASP B 63 3.23 -2.69 11.12
N LEU B 64 3.23 -1.53 11.82
CA LEU B 64 3.00 -0.27 11.17
C LEU B 64 4.12 0.02 10.21
N ASN B 65 5.37 -0.22 10.66
CA ASN B 65 6.53 0.04 9.82
C ASN B 65 6.52 -0.91 8.67
N LEU B 66 6.03 -2.15 8.88
CA LEU B 66 5.99 -3.12 7.81
C LEU B 66 5.13 -2.60 6.70
N LEU B 67 3.97 -1.98 7.04
CA LEU B 67 3.10 -1.45 6.02
C LEU B 67 3.81 -0.36 5.29
N MET B 68 4.59 0.48 6.01
CA MET B 68 5.30 1.55 5.35
C MET B 68 6.33 0.96 4.42
N ASP B 69 6.99 -0.14 4.85
CA ASP B 69 7.99 -0.79 4.03
C ASP B 69 7.33 -1.37 2.81
N ALA B 70 6.13 -1.98 2.99
CA ALA B 70 5.42 -2.58 1.89
C ALA B 70 5.04 -1.51 0.92
N LEU B 71 4.57 -0.36 1.44
CA LEU B 71 4.18 0.75 0.59
C LEU B 71 5.40 1.28 -0.10
N LEU B 72 6.55 1.33 0.60
CA LEU B 72 7.74 1.85 -0.03
C LEU B 72 8.06 1.00 -1.23
N SER B 73 8.05 -0.34 -1.07
CA SER B 73 8.38 -1.22 -2.18
C SER B 73 7.31 -1.14 -3.24
N ALA B 74 6.01 -1.15 -2.85
CA ALA B 74 4.94 -1.13 -3.83
C ALA B 74 4.93 0.17 -4.59
N LEU B 75 5.04 1.31 -3.88
CA LEU B 75 4.99 2.60 -4.55
C LEU B 75 6.26 2.78 -5.34
N HIS B 76 7.40 2.29 -4.79
CA HIS B 76 8.67 2.40 -5.47
C HIS B 76 8.56 1.66 -6.78
N THR B 77 7.97 0.45 -6.74
CA THR B 77 7.83 -0.35 -7.94
C THR B 77 7.01 0.41 -8.95
N LEU B 78 5.90 1.05 -8.52
CA LEU B 78 5.05 1.76 -9.46
C LEU B 78 5.80 2.87 -10.13
N SER B 79 6.62 3.61 -9.36
CA SER B 79 7.37 4.72 -9.93
C SER B 79 8.35 4.20 -10.96
N TYR B 80 9.07 3.11 -10.63
CA TYR B 80 10.06 2.58 -11.53
C TYR B 80 9.45 1.89 -12.73
N GLN B 81 8.20 1.37 -12.61
CA GLN B 81 7.60 0.70 -13.75
C GLN B 81 7.45 1.69 -14.88
N GLY B 82 7.12 2.95 -14.55
CA GLY B 82 6.95 3.95 -15.58
C GLY B 82 8.31 4.42 -16.04
N MET B 83 9.39 3.98 -15.35
CA MET B 83 10.72 4.41 -15.74
C MET B 83 11.33 3.36 -16.63
N GLY B 84 10.94 2.08 -16.47
CA GLY B 84 11.50 1.05 -17.31
C GLY B 84 11.12 -0.29 -16.78
N THR B 85 11.76 -0.71 -15.66
CA THR B 85 11.46 -2.00 -15.09
C THR B 85 11.60 -1.90 -13.61
N VAL B 86 11.25 -2.99 -12.90
CA VAL B 86 11.31 -3.01 -11.46
C VAL B 86 12.72 -3.41 -11.05
N PRO B 87 13.39 -2.55 -10.31
CA PRO B 87 14.73 -2.83 -9.82
C PRO B 87 14.72 -3.74 -8.63
N SER B 88 15.85 -4.43 -8.39
CA SER B 88 15.92 -5.34 -7.27
C SER B 88 16.28 -4.54 -6.04
N TYR B 89 16.62 -3.25 -6.20
CA TYR B 89 16.97 -2.46 -5.04
C TYR B 89 16.60 -1.02 -5.35
N PRO B 90 15.96 -0.36 -4.41
CA PRO B 90 15.54 1.02 -4.58
C PRO B 90 16.65 2.01 -4.35
N SER B 91 16.53 3.21 -4.96
CA SER B 91 17.54 4.22 -4.79
C SER B 91 17.35 4.83 -3.43
N PRO B 92 18.45 5.22 -2.81
CA PRO B 92 18.43 5.81 -1.47
C PRO B 92 17.78 7.16 -1.41
N SER B 93 17.79 7.91 -2.53
CA SER B 93 17.18 9.22 -2.52
C SER B 93 15.69 9.05 -2.36
N ALA B 94 15.13 8.03 -3.03
CA ALA B 94 13.71 7.76 -2.94
C ALA B 94 13.38 7.26 -1.57
N MET B 95 14.25 6.40 -1.02
CA MET B 95 14.04 5.83 0.28
C MET B 95 14.06 6.94 1.28
N SER B 96 15.00 7.86 1.07
CA SER B 96 15.17 8.97 1.98
C SER B 96 13.95 9.85 1.95
N ALA B 97 13.48 10.20 0.74
CA ALA B 97 12.33 11.08 0.60
C ALA B 97 11.11 10.46 1.20
N TYR B 98 10.90 9.17 0.90
CA TYR B 98 9.75 8.45 1.39
C TYR B 98 9.81 8.40 2.89
N SER B 99 11.00 8.07 3.42
CA SER B 99 11.18 7.92 4.85
C SER B 99 10.85 9.21 5.55
N GLN B 100 11.33 10.35 5.01
CA GLN B 100 11.09 11.62 5.63
C GLN B 100 9.63 11.95 5.58
N SER B 101 8.99 11.67 4.43
CA SER B 101 7.59 12.00 4.25
C SER B 101 6.71 11.21 5.20
N VAL B 102 6.90 9.89 5.30
CA VAL B 102 6.04 9.09 6.16
C VAL B 102 6.40 9.27 7.60
N ARG B 103 7.69 9.50 7.91
CA ARG B 103 8.10 9.67 9.29
C ARG B 103 7.37 10.85 9.88
N ARG B 104 7.31 11.97 9.15
CA ARG B 104 6.65 13.15 9.67
C ARG B 104 5.16 12.93 9.73
N CYS B 105 4.59 12.27 8.71
CA CYS B 105 3.16 12.06 8.64
C CYS B 105 2.66 11.21 9.78
N PHE B 106 3.35 10.10 10.11
CA PHE B 106 2.86 9.24 11.18
C PHE B 106 3.49 9.63 12.48
N GLY B 107 4.66 10.29 12.45
CA GLY B 107 5.32 10.69 13.67
C GLY B 107 6.08 9.52 14.22
N TYR B 108 6.08 8.39 13.48
CA TYR B 108 6.78 7.21 13.93
C TYR B 108 8.18 7.25 13.33
N GLY A 20 -22.04 2.93 2.33
CA GLY A 20 -20.66 3.29 1.92
C GLY A 20 -20.43 4.75 2.14
N SER A 21 -19.23 5.24 1.76
CA SER A 21 -18.93 6.63 1.95
C SER A 21 -17.81 6.94 0.99
N SER A 22 -17.37 8.22 0.97
CA SER A 22 -16.30 8.61 0.07
C SER A 22 -15.00 8.34 0.75
N ARG A 23 -14.75 7.04 1.07
CA ARG A 23 -13.52 6.68 1.71
C ARG A 23 -12.62 6.09 0.66
N LEU A 24 -13.01 4.93 0.11
CA LEU A 24 -12.22 4.28 -0.91
C LEU A 24 -12.09 5.14 -2.13
N PRO A 25 -13.18 5.72 -2.65
CA PRO A 25 -13.09 6.58 -3.82
C PRO A 25 -12.10 7.70 -3.66
N SER A 26 -12.03 8.29 -2.44
CA SER A 26 -11.12 9.38 -2.20
C SER A 26 -9.71 8.85 -2.30
N LEU A 27 -9.48 7.63 -1.74
CA LEU A 27 -8.16 7.03 -1.80
C LEU A 27 -7.80 6.75 -3.23
N ILE A 28 -8.78 6.23 -4.01
CA ILE A 28 -8.53 5.91 -5.40
C ILE A 28 -8.15 7.18 -6.12
N ASN A 29 -8.88 8.28 -5.84
CA ASN A 29 -8.58 9.54 -6.47
C ASN A 29 -7.18 9.96 -6.09
N GLY A 30 -6.77 9.70 -4.83
CA GLY A 30 -5.44 10.09 -4.38
C GLY A 30 -4.39 9.38 -5.19
N ILE A 31 -4.57 8.06 -5.46
CA ILE A 31 -3.58 7.32 -6.23
C ILE A 31 -3.62 7.81 -7.66
N MET A 32 -4.82 8.05 -8.22
CA MET A 32 -4.93 8.53 -9.58
C MET A 32 -4.28 9.89 -9.66
N SER A 33 -4.48 10.69 -8.61
CA SER A 33 -3.93 12.02 -8.54
C SER A 33 -2.41 11.94 -8.57
N SER A 34 -1.84 10.97 -7.84
CA SER A 34 -0.40 10.83 -7.76
C SER A 34 0.11 10.16 -9.01
N MET A 35 -0.79 9.62 -9.86
CA MET A 35 -0.37 8.97 -11.08
C MET A 35 0.22 10.01 -11.97
N GLN A 36 -0.29 11.25 -11.88
CA GLN A 36 0.20 12.31 -12.72
C GLN A 36 1.60 12.66 -12.30
N GLY A 37 2.43 13.07 -13.28
CA GLY A 37 3.80 13.42 -12.99
C GLY A 37 4.68 12.50 -13.78
N GLY A 38 4.10 11.43 -14.36
CA GLY A 38 4.88 10.51 -15.16
C GLY A 38 5.61 9.57 -14.24
N GLY A 39 5.14 9.47 -12.98
CA GLY A 39 5.78 8.60 -12.03
C GLY A 39 4.86 8.50 -10.87
N PHE A 40 5.31 9.00 -9.71
CA PHE A 40 4.47 8.96 -8.54
C PHE A 40 4.96 10.04 -7.62
N ASN A 41 4.02 10.88 -7.12
CA ASN A 41 4.38 11.94 -6.22
C ASN A 41 4.19 11.39 -4.82
N TYR A 42 5.31 11.06 -4.15
CA TYR A 42 5.25 10.49 -2.82
C TYR A 42 4.83 11.54 -1.82
N GLN A 43 5.25 12.81 -2.03
CA GLN A 43 4.92 13.86 -1.11
C GLN A 43 3.42 14.03 -1.06
N ASN A 44 2.76 14.04 -2.24
CA ASN A 44 1.32 14.21 -2.27
C ASN A 44 0.67 13.03 -1.60
N PHE A 45 1.22 11.82 -1.83
CA PHE A 45 0.66 10.61 -1.25
C PHE A 45 0.70 10.72 0.25
N GLY A 46 1.86 11.13 0.81
CA GLY A 46 1.99 11.26 2.25
C GLY A 46 0.99 12.27 2.76
N ASN A 47 0.82 13.39 2.02
CA ASN A 47 -0.11 14.41 2.44
C ASN A 47 -1.50 13.85 2.42
N VAL A 48 -1.80 13.03 1.38
CA VAL A 48 -3.11 12.45 1.24
C VAL A 48 -3.39 11.57 2.44
N LEU A 49 -2.42 10.71 2.84
CA LEU A 49 -2.63 9.84 3.97
C LEU A 49 -2.81 10.65 5.22
N SER A 50 -2.01 11.72 5.37
CA SER A 50 -2.08 12.55 6.57
C SER A 50 -3.44 13.20 6.67
N GLN A 51 -3.96 13.69 5.52
CA GLN A 51 -5.25 14.37 5.51
C GLN A 51 -6.35 13.40 5.82
N PHE A 52 -6.26 12.17 5.28
CA PHE A 52 -7.29 11.18 5.50
C PHE A 52 -7.19 10.72 6.92
N ALA A 53 -5.97 10.77 7.48
CA ALA A 53 -5.76 10.31 8.83
C ALA A 53 -6.07 11.42 9.78
N THR A 54 -5.03 12.19 10.17
CA THR A 54 -5.20 13.26 11.11
C THR A 54 -3.82 13.72 11.50
N GLY A 55 -2.96 12.74 11.83
CA GLY A 55 -1.60 13.03 12.20
C GLY A 55 -1.51 12.95 13.70
N THR A 56 -1.89 11.79 14.28
CA THR A 56 -1.83 11.62 15.71
C THR A 56 -0.40 11.53 16.13
N GLY A 57 0.43 10.82 15.33
CA GLY A 57 1.82 10.67 15.64
C GLY A 57 1.97 9.57 16.67
N THR A 58 0.95 8.69 16.77
CA THR A 58 1.02 7.61 17.71
C THR A 58 0.26 6.45 17.13
N CYS A 59 0.30 5.29 17.82
CA CYS A 59 -0.39 4.12 17.32
C CYS A 59 -1.87 4.35 17.46
N ASN A 60 -2.62 4.13 16.37
CA ASN A 60 -4.03 4.33 16.40
C ASN A 60 -4.61 3.33 15.44
N SER A 61 -5.75 2.71 15.82
CA SER A 61 -6.39 1.72 14.97
C SER A 61 -6.89 2.38 13.71
N ASN A 62 -7.20 3.69 13.77
CA ASN A 62 -7.69 4.40 12.61
C ASN A 62 -6.62 4.40 11.57
N ASP A 63 -5.34 4.57 12.00
CA ASP A 63 -4.24 4.61 11.06
C ASP A 63 -4.14 3.27 10.35
N LEU A 64 -4.32 2.15 11.08
CA LEU A 64 -4.23 0.85 10.45
C LEU A 64 -5.35 0.70 9.46
N ASN A 65 -6.57 1.13 9.85
CA ASN A 65 -7.70 1.01 8.97
C ASN A 65 -7.47 1.84 7.74
N LEU A 66 -6.89 3.04 7.89
CA LEU A 66 -6.62 3.89 6.76
C LEU A 66 -5.65 3.18 5.86
N LEU A 67 -4.59 2.57 6.46
CA LEU A 67 -3.60 1.88 5.68
C LEU A 67 -4.23 0.69 4.99
N MET A 68 -5.14 -0.04 5.68
CA MET A 68 -5.74 -1.20 5.05
C MET A 68 -6.59 -0.72 3.89
N ASP A 69 -7.32 0.39 4.08
CA ASP A 69 -8.16 0.92 3.03
C ASP A 69 -7.30 1.39 1.89
N ALA A 70 -6.14 2.02 2.22
CA ALA A 70 -5.24 2.52 1.21
C ALA A 70 -4.69 1.37 0.41
N LEU A 71 -4.35 0.25 1.08
CA LEU A 71 -3.81 -0.90 0.40
C LEU A 71 -4.87 -1.46 -0.52
N LEU A 72 -6.12 -1.50 -0.05
CA LEU A 72 -7.19 -2.03 -0.86
C LEU A 72 -7.31 -1.20 -2.10
N SER A 73 -7.25 0.14 -1.97
CA SER A 73 -7.38 1.00 -3.12
C SER A 73 -6.17 0.85 -4.03
N ALA A 74 -4.96 0.77 -3.45
CA ALA A 74 -3.76 0.63 -4.26
C ALA A 74 -3.78 -0.67 -5.01
N LEU A 75 -4.16 -1.77 -4.32
CA LEU A 75 -4.19 -3.08 -4.94
C LEU A 75 -5.33 -3.12 -5.92
N HIS A 76 -6.44 -2.43 -5.58
CA HIS A 76 -7.60 -2.37 -6.45
C HIS A 76 -7.18 -1.76 -7.75
N THR A 77 -6.40 -0.66 -7.68
CA THR A 77 -5.93 0.01 -8.87
C THR A 77 -5.11 -0.96 -9.68
N LEU A 78 -4.19 -1.70 -9.03
CA LEU A 78 -3.33 -2.63 -9.75
C LEU A 78 -4.16 -3.71 -10.42
N SER A 79 -5.17 -4.21 -9.71
CA SER A 79 -6.00 -5.29 -10.23
C SER A 79 -6.74 -4.84 -11.47
N TYR A 80 -7.35 -3.65 -11.44
CA TYR A 80 -8.14 -3.19 -12.57
C TYR A 80 -7.28 -2.61 -13.66
N GLN A 81 -6.07 -2.09 -13.36
CA GLN A 81 -5.24 -1.52 -14.42
C GLN A 81 -4.90 -2.59 -15.42
N GLY A 82 -4.71 -3.83 -14.96
CA GLY A 82 -4.38 -4.91 -15.86
C GLY A 82 -5.58 -5.26 -16.69
N MET A 83 -6.78 -4.76 -16.30
CA MET A 83 -7.99 -5.07 -17.04
C MET A 83 -8.33 -3.91 -17.93
N GLY A 84 -7.96 -2.67 -17.52
CA GLY A 84 -8.28 -1.51 -18.31
C GLY A 84 -8.34 -0.33 -17.39
N THR A 85 -9.29 0.59 -17.66
CA THR A 85 -9.44 1.77 -16.81
C THR A 85 -10.00 1.30 -15.50
N VAL A 86 -9.51 1.88 -14.40
CA VAL A 86 -9.97 1.49 -13.10
C VAL A 86 -11.23 2.25 -12.76
N PRO A 87 -12.11 1.60 -12.04
CA PRO A 87 -13.36 2.21 -11.60
C PRO A 87 -13.17 3.08 -10.40
N SER A 88 -14.13 3.98 -10.15
CA SER A 88 -14.02 4.88 -9.02
C SER A 88 -14.56 4.18 -7.81
N TYR A 89 -15.05 2.94 -7.97
CA TYR A 89 -15.58 2.22 -6.84
C TYR A 89 -15.26 0.76 -7.03
N PRO A 90 -14.69 0.14 -6.02
CA PRO A 90 -14.32 -1.26 -6.07
C PRO A 90 -15.48 -2.20 -5.86
N SER A 91 -15.30 -3.48 -6.28
CA SER A 91 -16.34 -4.47 -6.13
C SER A 91 -16.41 -4.86 -4.67
N PRO A 92 -17.60 -4.85 -4.10
CA PRO A 92 -17.81 -5.23 -2.70
C PRO A 92 -17.33 -6.60 -2.37
N SER A 93 -17.41 -7.55 -3.32
CA SER A 93 -16.97 -8.90 -3.06
C SER A 93 -15.49 -8.86 -2.77
N ALA A 94 -14.75 -8.04 -3.55
CA ALA A 94 -13.32 -7.92 -3.37
C ALA A 94 -13.04 -7.25 -2.05
N MET A 95 -13.87 -6.24 -1.70
CA MET A 95 -13.69 -5.51 -0.47
C MET A 95 -13.90 -6.45 0.67
N SER A 96 -14.91 -7.31 0.51
CA SER A 96 -15.25 -8.27 1.53
C SER A 96 -14.12 -9.23 1.73
N ALA A 97 -13.58 -9.79 0.64
CA ALA A 97 -12.51 -10.76 0.74
C ALA A 97 -11.29 -10.14 1.34
N TYR A 98 -10.96 -8.93 0.87
CA TYR A 98 -9.80 -8.22 1.35
C TYR A 98 -9.97 -7.94 2.81
N SER A 99 -11.17 -7.46 3.19
CA SER A 99 -11.41 -7.09 4.57
C SER A 99 -11.22 -8.28 5.47
N GLN A 100 -11.73 -9.45 5.07
CA GLN A 100 -11.58 -10.62 5.91
C GLN A 100 -10.13 -11.01 6.01
N SER A 101 -9.40 -10.92 4.89
CA SER A 101 -8.00 -11.32 4.87
C SER A 101 -7.16 -10.45 5.77
N VAL A 102 -7.33 -9.11 5.69
CA VAL A 102 -6.49 -8.23 6.49
C VAL A 102 -6.97 -8.18 7.91
N ARG A 103 -8.28 -8.34 8.14
CA ARG A 103 -8.80 -8.30 9.49
C ARG A 103 -8.16 -9.40 10.29
N ARG A 104 -8.07 -10.61 9.69
CA ARG A 104 -7.49 -11.75 10.38
C ARG A 104 -6.01 -11.52 10.58
N CYS A 105 -5.33 -10.95 9.56
CA CYS A 105 -3.90 -10.76 9.61
C CYS A 105 -3.46 -9.83 10.71
N PHE A 106 -4.15 -8.68 10.89
CA PHE A 106 -3.71 -7.75 11.91
C PHE A 106 -4.53 -7.93 13.16
N GLY A 107 -5.70 -8.57 13.05
CA GLY A 107 -6.54 -8.78 14.22
C GLY A 107 -7.33 -7.54 14.48
N TYR A 108 -7.21 -6.53 13.58
CA TYR A 108 -7.94 -5.30 13.76
C TYR A 108 -9.11 -5.30 12.78
N GLY B 20 21.41 -2.83 2.31
CA GLY B 20 20.02 -3.22 1.96
C GLY B 20 19.80 -4.65 2.30
N SER B 21 18.61 -5.18 1.97
CA SER B 21 18.32 -6.56 2.24
C SER B 21 17.21 -6.95 1.32
N SER B 22 16.77 -8.22 1.39
CA SER B 22 15.71 -8.68 0.53
C SER B 22 14.40 -8.36 1.20
N ARG B 23 14.15 -7.06 1.43
CA ARG B 23 12.93 -6.63 2.06
C ARG B 23 12.00 -6.13 0.99
N LEU B 24 12.40 -5.02 0.33
CA LEU B 24 11.58 -4.44 -0.71
C LEU B 24 11.44 -5.41 -1.87
N PRO B 25 12.52 -6.02 -2.34
CA PRO B 25 12.41 -6.97 -3.45
C PRO B 25 11.43 -8.08 -3.19
N SER B 26 11.39 -8.57 -1.93
CA SER B 26 10.47 -9.63 -1.58
C SER B 26 9.06 -9.11 -1.70
N LEU B 27 8.83 -7.86 -1.25
CA LEU B 27 7.52 -7.26 -1.33
C LEU B 27 7.14 -7.09 -2.78
N ILE B 28 8.10 -6.64 -3.61
CA ILE B 28 7.84 -6.43 -5.02
C ILE B 28 7.44 -7.74 -5.62
N ASN B 29 8.18 -8.82 -5.27
CA ASN B 29 7.87 -10.14 -5.79
C ASN B 29 6.48 -10.53 -5.36
N GLY B 30 6.08 -10.16 -4.12
CA GLY B 30 4.76 -10.51 -3.64
C GLY B 30 3.69 -9.86 -4.49
N ILE B 31 3.88 -8.57 -4.86
CA ILE B 31 2.88 -7.89 -5.68
C ILE B 31 2.89 -8.49 -7.05
N MET B 32 4.09 -8.79 -7.61
CA MET B 32 4.19 -9.37 -8.93
C MET B 32 3.53 -10.73 -8.90
N SER B 33 3.74 -11.45 -7.78
CA SER B 33 3.19 -12.77 -7.60
C SER B 33 1.69 -12.69 -7.63
N SER B 34 1.11 -11.66 -6.96
CA SER B 34 -0.32 -11.53 -6.88
C SER B 34 -0.85 -10.94 -8.17
N MET B 35 0.04 -10.48 -9.07
CA MET B 35 -0.39 -9.92 -10.33
C MET B 35 -0.99 -11.03 -11.13
N GLN B 36 -0.49 -12.26 -10.95
CA GLN B 36 -0.98 -13.38 -11.70
C GLN B 36 -2.37 -13.70 -11.24
N GLY B 37 -3.21 -14.19 -12.17
CA GLY B 37 -4.59 -14.50 -11.84
C GLY B 37 -5.48 -13.66 -12.70
N GLY B 38 -4.90 -12.62 -13.35
CA GLY B 38 -5.70 -11.77 -14.21
C GLY B 38 -6.40 -10.76 -13.36
N GLY B 39 -5.93 -10.57 -12.11
CA GLY B 39 -6.55 -9.62 -11.24
C GLY B 39 -5.63 -9.44 -10.10
N PHE B 40 -6.05 -9.85 -8.89
CA PHE B 40 -5.21 -9.71 -7.74
C PHE B 40 -5.67 -10.71 -6.72
N ASN B 41 -4.74 -11.51 -6.18
CA ASN B 41 -5.09 -12.49 -5.19
C ASN B 41 -4.87 -11.84 -3.84
N TYR B 42 -5.99 -11.45 -3.18
CA TYR B 42 -5.91 -10.79 -1.91
C TYR B 42 -5.47 -11.75 -0.83
N GLN B 43 -5.89 -13.04 -0.94
CA GLN B 43 -5.55 -14.01 0.06
C GLN B 43 -4.05 -14.18 0.10
N ASN B 44 -3.41 -14.28 -1.08
CA ASN B 44 -1.96 -14.45 -1.12
C ASN B 44 -1.31 -13.22 -0.55
N PHE B 45 -1.87 -12.03 -0.87
CA PHE B 45 -1.30 -10.78 -0.39
C PHE B 45 -1.33 -10.77 1.11
N GLY B 46 -2.47 -11.14 1.72
CA GLY B 46 -2.58 -11.15 3.17
C GLY B 46 -1.57 -12.11 3.73
N ASN B 47 -1.42 -13.29 3.09
CA ASN B 47 -0.48 -14.28 3.59
C ASN B 47 0.91 -13.73 3.48
N VAL B 48 1.20 -12.99 2.39
CA VAL B 48 2.51 -12.41 2.19
C VAL B 48 2.80 -11.45 3.31
N LEU B 49 1.83 -10.57 3.65
CA LEU B 49 2.05 -9.60 4.71
C LEU B 49 2.24 -10.31 6.02
N SER B 50 1.45 -11.38 6.27
CA SER B 50 1.54 -12.10 7.51
C SER B 50 2.91 -12.74 7.65
N GLN B 51 3.42 -13.32 6.55
CA GLN B 51 4.70 -14.00 6.57
C GLN B 51 5.81 -13.00 6.79
N PHE B 52 5.71 -11.83 6.15
CA PHE B 52 6.73 -10.83 6.28
C PHE B 52 6.66 -10.26 7.67
N ALA B 53 5.44 -10.26 8.24
CA ALA B 53 5.25 -9.69 9.55
C ALA B 53 5.58 -10.73 10.58
N THR B 54 4.53 -11.45 11.04
CA THR B 54 4.71 -12.46 12.07
C THR B 54 3.34 -12.88 12.50
N GLY B 55 2.49 -11.87 12.77
CA GLY B 55 1.13 -12.13 13.18
C GLY B 55 1.05 -11.94 14.67
N THR B 56 1.45 -10.73 15.14
CA THR B 56 1.41 -10.45 16.56
C THR B 56 -0.03 -10.32 17.00
N GLY B 57 -0.85 -9.69 16.14
CA GLY B 57 -2.25 -9.51 16.46
C GLY B 57 -2.39 -8.34 17.39
N THR B 58 -1.37 -7.44 17.40
CA THR B 58 -1.43 -6.30 18.26
C THR B 58 -0.68 -5.19 17.58
N CYS B 59 -0.70 -3.97 18.17
CA CYS B 59 -0.03 -2.84 17.58
C CYS B 59 1.45 -3.06 17.73
N ASN B 60 2.19 -2.94 16.62
CA ASN B 60 3.62 -3.13 16.65
C ASN B 60 4.18 -2.21 15.60
N SER B 61 5.32 -1.56 15.92
CA SER B 61 5.94 -0.65 14.98
C SER B 61 6.43 -1.40 13.78
N ASN B 62 6.74 -2.71 13.94
CA ASN B 62 7.21 -3.50 12.84
C ASN B 62 6.13 -3.60 11.81
N ASP B 63 4.86 -3.73 12.26
CA ASP B 63 3.75 -3.84 11.35
C ASP B 63 3.64 -2.57 10.54
N LEU B 64 3.82 -1.39 11.18
CA LEU B 64 3.73 -0.14 10.44
C LEU B 64 4.84 -0.07 9.43
N ASN B 65 6.04 -0.48 9.83
CA ASN B 65 7.17 -0.41 8.92
C ASN B 65 6.92 -1.34 7.77
N LEU B 66 6.34 -2.53 8.03
CA LEU B 66 6.06 -3.45 6.96
C LEU B 66 5.06 -2.83 6.03
N LEU B 67 4.01 -2.19 6.59
CA LEU B 67 3.00 -1.57 5.77
C LEU B 67 3.61 -0.45 4.98
N MET B 68 4.52 0.35 5.59
CA MET B 68 5.12 1.45 4.89
C MET B 68 5.97 0.90 3.77
N ASP B 69 6.73 -0.18 4.04
CA ASP B 69 7.57 -0.77 3.03
C ASP B 69 6.69 -1.32 1.92
N ALA B 70 5.55 -1.94 2.31
CA ALA B 70 4.64 -2.52 1.35
C ALA B 70 4.08 -1.44 0.46
N LEU B 71 3.75 -0.27 1.06
CA LEU B 71 3.19 0.82 0.29
C LEU B 71 4.23 1.30 -0.68
N LEU B 72 5.49 1.39 -0.23
CA LEU B 72 6.55 1.85 -1.10
C LEU B 72 6.65 0.92 -2.27
N SER B 73 6.60 -0.41 -2.04
CA SER B 73 6.70 -1.36 -3.12
C SER B 73 5.50 -1.27 -4.02
N ALA B 74 4.28 -1.14 -3.43
CA ALA B 74 3.09 -1.08 -4.23
C ALA B 74 3.09 0.17 -5.09
N LEU B 75 3.48 1.32 -4.49
CA LEU B 75 3.50 2.57 -5.21
C LEU B 75 4.62 2.53 -6.21
N HIS B 76 5.74 1.88 -5.83
CA HIS B 76 6.89 1.75 -6.70
C HIS B 76 6.45 1.03 -7.94
N THR B 77 5.67 -0.06 -7.78
CA THR B 77 5.20 -0.82 -8.91
C THR B 77 4.36 0.08 -9.79
N LEU B 78 3.45 0.87 -9.18
CA LEU B 78 2.58 1.74 -9.96
C LEU B 78 3.39 2.77 -10.72
N SER B 79 4.42 3.33 -10.07
CA SER B 79 5.24 4.35 -10.69
C SER B 79 5.96 3.81 -11.90
N TYR B 80 6.58 2.62 -11.78
CA TYR B 80 7.35 2.07 -12.88
C TYR B 80 6.47 1.41 -13.91
N GLN B 81 5.27 0.91 -13.55
CA GLN B 81 4.43 0.27 -14.55
C GLN B 81 4.09 1.25 -15.63
N GLY B 82 3.88 2.53 -15.26
CA GLY B 82 3.54 3.54 -16.24
C GLY B 82 4.74 3.82 -17.12
N MET B 83 5.94 3.35 -16.70
CA MET B 83 7.14 3.60 -17.48
C MET B 83 7.47 2.36 -18.28
N GLY B 84 7.12 1.17 -17.76
CA GLY B 84 7.41 -0.05 -18.47
C GLY B 84 7.50 -1.16 -17.47
N THR B 85 8.44 -2.10 -17.66
CA THR B 85 8.60 -3.20 -16.73
C THR B 85 9.18 -2.63 -15.46
N VAL B 86 8.71 -3.12 -14.32
CA VAL B 86 9.18 -2.63 -13.05
C VAL B 86 10.44 -3.36 -12.68
N PRO B 87 11.33 -2.66 -12.01
CA PRO B 87 12.58 -3.23 -11.54
C PRO B 87 12.40 -4.00 -10.28
N SER B 88 13.38 -4.88 -9.97
CA SER B 88 13.28 -5.69 -8.77
C SER B 88 13.83 -4.89 -7.63
N TYR B 89 14.33 -3.67 -7.89
CA TYR B 89 14.86 -2.87 -6.82
C TYR B 89 14.55 -1.42 -7.14
N PRO B 90 13.99 -0.73 -6.17
CA PRO B 90 13.61 0.67 -6.33
C PRO B 90 14.77 1.62 -6.20
N SER B 91 14.59 2.86 -6.72
CA SER B 91 15.63 3.85 -6.66
C SER B 91 15.71 4.38 -5.23
N PRO B 92 16.92 4.40 -4.68
CA PRO B 92 17.14 4.88 -3.32
C PRO B 92 16.66 6.29 -3.08
N SER B 93 16.73 7.15 -4.11
CA SER B 93 16.28 8.52 -3.95
C SER B 93 14.81 8.50 -3.65
N ALA B 94 14.07 7.62 -4.35
CA ALA B 94 12.64 7.52 -4.14
C ALA B 94 12.38 6.96 -2.77
N MET B 95 13.21 5.97 -2.36
CA MET B 95 13.04 5.34 -1.07
C MET B 95 13.27 6.37 -0.01
N SER B 96 14.27 7.22 -0.26
CA SER B 96 14.64 8.25 0.69
C SER B 96 13.50 9.24 0.83
N ALA B 97 12.95 9.70 -0.30
CA ALA B 97 11.88 10.68 -0.27
C ALA B 97 10.67 10.11 0.41
N TYR B 98 10.33 8.86 0.04
CA TYR B 98 9.18 8.20 0.59
C TYR B 98 9.36 8.04 2.07
N SER B 99 10.56 7.59 2.48
CA SER B 99 10.84 7.32 3.87
C SER B 99 10.65 8.58 4.68
N GLN B 100 11.14 9.72 4.19
CA GLN B 100 11.03 10.95 4.93
C GLN B 100 9.58 11.35 5.03
N SER B 101 8.83 11.18 3.93
CA SER B 101 7.44 11.59 3.91
C SER B 101 6.59 10.79 4.87
N VAL B 102 6.76 9.45 4.88
CA VAL B 102 5.94 8.63 5.75
C VAL B 102 6.43 8.67 7.16
N ARG B 103 7.75 8.86 7.36
CA ARG B 103 8.30 8.89 8.70
C ARG B 103 7.65 10.02 9.47
N ARG B 104 7.55 11.21 8.86
CA ARG B 104 6.95 12.34 9.54
C ARG B 104 5.46 12.14 9.68
N CYS B 105 4.82 11.55 8.66
CA CYS B 105 3.38 11.37 8.70
C CYS B 105 2.94 10.51 9.85
N PHE B 106 3.63 9.37 10.12
CA PHE B 106 3.19 8.51 11.21
C PHE B 106 4.01 8.80 12.44
N GLY B 107 5.18 9.44 12.28
CA GLY B 107 6.01 9.74 13.42
C GLY B 107 6.82 8.53 13.77
N TYR B 108 6.72 7.46 12.96
CA TYR B 108 7.46 6.26 13.21
C TYR B 108 8.62 6.19 12.21
N GLY A 20 -22.62 15.87 -1.03
CA GLY A 20 -22.41 14.40 -0.92
C GLY A 20 -21.19 14.13 -0.10
N SER A 21 -20.87 12.84 0.12
CA SER A 21 -19.71 12.49 0.89
C SER A 21 -18.96 11.46 0.11
N SER A 22 -17.62 11.45 0.26
CA SER A 22 -16.80 10.51 -0.46
C SER A 22 -15.89 9.87 0.55
N ARG A 23 -15.57 8.56 0.33
CA ARG A 23 -14.72 7.86 1.25
C ARG A 23 -13.71 7.11 0.43
N LEU A 24 -14.11 5.93 -0.09
CA LEU A 24 -13.21 5.12 -0.89
C LEU A 24 -12.83 5.85 -2.17
N PRO A 25 -13.78 6.45 -2.88
CA PRO A 25 -13.46 7.18 -4.11
C PRO A 25 -12.37 8.21 -3.92
N SER A 26 -12.35 8.87 -2.75
CA SER A 26 -11.35 9.87 -2.48
C SER A 26 -10.00 9.20 -2.44
N LEU A 27 -9.93 7.99 -1.85
CA LEU A 27 -8.68 7.27 -1.75
C LEU A 27 -8.23 6.89 -3.14
N ILE A 28 -9.19 6.45 -4.00
CA ILE A 28 -8.86 6.04 -5.35
C ILE A 28 -8.36 7.25 -6.10
N ASN A 29 -9.02 8.42 -5.89
CA ASN A 29 -8.59 9.63 -6.56
C ASN A 29 -7.19 9.94 -6.13
N GLY A 30 -6.87 9.69 -4.83
CA GLY A 30 -5.54 9.94 -4.32
C GLY A 30 -4.55 9.09 -5.06
N ILE A 31 -4.92 7.83 -5.37
CA ILE A 31 -4.02 6.93 -6.07
C ILE A 31 -3.77 7.51 -7.45
N MET A 32 -4.85 7.98 -8.11
CA MET A 32 -4.73 8.54 -9.45
C MET A 32 -3.95 9.81 -9.38
N SER A 33 -4.08 10.55 -8.26
CA SER A 33 -3.40 11.82 -8.08
C SER A 33 -1.90 11.61 -8.18
N SER A 34 -1.37 10.57 -7.51
CA SER A 34 0.07 10.35 -7.54
C SER A 34 0.43 9.50 -8.72
N MET A 35 -0.58 8.92 -9.41
CA MET A 35 -0.30 8.10 -10.56
C MET A 35 0.17 8.99 -11.68
N GLN A 36 -0.30 10.26 -11.68
CA GLN A 36 0.07 11.19 -12.71
C GLN A 36 1.52 11.57 -12.51
N GLY A 37 2.21 11.88 -13.63
CA GLY A 37 3.60 12.26 -13.55
C GLY A 37 4.40 11.20 -14.25
N GLY A 38 3.81 10.01 -14.45
CA GLY A 38 4.51 8.93 -15.12
C GLY A 38 5.34 8.19 -14.12
N GLY A 39 5.27 8.60 -12.84
CA GLY A 39 6.02 7.94 -11.81
C GLY A 39 5.13 7.91 -10.61
N PHE A 40 5.59 8.52 -9.50
CA PHE A 40 4.78 8.54 -8.32
C PHE A 40 5.23 9.70 -7.49
N ASN A 41 4.28 10.61 -7.15
CA ASN A 41 4.64 11.75 -6.34
C ASN A 41 4.31 11.37 -4.91
N TYR A 42 5.37 11.22 -4.10
CA TYR A 42 5.20 10.83 -2.71
C TYR A 42 4.60 11.96 -1.92
N GLN A 43 4.86 13.22 -2.32
CA GLN A 43 4.37 14.35 -1.57
C GLN A 43 2.86 14.37 -1.59
N ASN A 44 2.27 14.13 -2.77
CA ASN A 44 0.81 14.15 -2.87
C ASN A 44 0.24 13.00 -2.08
N PHE A 45 0.89 11.83 -2.16
CA PHE A 45 0.38 10.66 -1.47
C PHE A 45 0.45 10.90 0.02
N GLY A 46 1.59 11.42 0.52
CA GLY A 46 1.75 11.66 1.94
C GLY A 46 0.72 12.64 2.41
N ASN A 47 0.46 13.69 1.61
CA ASN A 47 -0.51 14.69 2.01
C ASN A 47 -1.86 14.04 2.12
N VAL A 48 -2.20 13.19 1.14
CA VAL A 48 -3.49 12.52 1.14
C VAL A 48 -3.57 11.62 2.34
N LEU A 49 -2.46 10.90 2.66
CA LEU A 49 -2.46 9.97 3.78
C LEU A 49 -2.74 10.71 5.05
N SER A 50 -2.11 11.88 5.25
CA SER A 50 -2.30 12.62 6.49
C SER A 50 -3.71 13.10 6.63
N GLN A 51 -4.34 13.46 5.48
CA GLN A 51 -5.68 14.01 5.51
C GLN A 51 -6.67 13.01 6.03
N PHE A 52 -6.55 11.72 5.64
CA PHE A 52 -7.49 10.75 6.13
C PHE A 52 -6.87 9.99 7.24
N ALA A 53 -5.62 10.33 7.64
CA ALA A 53 -4.97 9.61 8.72
C ALA A 53 -5.54 10.10 10.00
N THR A 54 -5.12 11.32 10.42
CA THR A 54 -5.58 11.90 11.68
C THR A 54 -4.57 12.93 12.06
N GLY A 55 -3.31 12.47 12.25
CA GLY A 55 -2.24 13.37 12.63
C GLY A 55 -2.19 13.47 14.12
N THR A 56 -2.97 12.62 14.83
CA THR A 56 -2.98 12.65 16.28
C THR A 56 -1.68 12.11 16.80
N GLY A 57 -1.17 11.04 16.17
CA GLY A 57 0.07 10.44 16.58
C GLY A 57 -0.22 9.37 17.58
N THR A 58 -1.49 9.24 18.00
CA THR A 58 -1.85 8.23 18.97
C THR A 58 -2.07 6.94 18.23
N CYS A 59 -2.09 5.80 18.97
CA CYS A 59 -2.30 4.52 18.33
C CYS A 59 -3.77 4.32 18.26
N ASN A 60 -4.34 4.42 17.04
CA ASN A 60 -5.75 4.24 16.86
C ASN A 60 -5.93 3.07 15.94
N SER A 61 -6.95 2.23 16.23
CA SER A 61 -7.20 1.07 15.40
C SER A 61 -7.67 1.55 14.05
N ASN A 62 -8.21 2.79 13.99
CA ASN A 62 -8.70 3.34 12.75
C ASN A 62 -7.54 3.59 11.85
N ASP A 63 -6.34 3.87 12.41
CA ASP A 63 -5.18 4.16 11.59
C ASP A 63 -4.86 2.99 10.71
N LEU A 64 -4.92 1.75 11.26
CA LEU A 64 -4.61 0.59 10.46
C LEU A 64 -5.69 0.39 9.44
N ASN A 65 -6.95 0.59 9.85
CA ASN A 65 -8.06 0.41 8.93
C ASN A 65 -7.94 1.37 7.79
N LEU A 66 -7.52 2.62 8.09
CA LEU A 66 -7.37 3.62 7.05
C LEU A 66 -6.31 3.15 6.09
N LEU A 67 -5.21 2.57 6.61
CA LEU A 67 -4.15 2.08 5.76
C LEU A 67 -4.67 0.92 4.96
N MET A 68 -5.51 0.06 5.59
CA MET A 68 -6.04 -1.09 4.86
C MET A 68 -6.92 -0.59 3.76
N ASP A 69 -7.71 0.48 4.01
CA ASP A 69 -8.59 1.02 3.00
C ASP A 69 -7.75 1.58 1.87
N ALA A 70 -6.64 2.26 2.23
CA ALA A 70 -5.76 2.83 1.23
C ALA A 70 -5.16 1.71 0.42
N LEU A 71 -4.73 0.63 1.09
CA LEU A 71 -4.15 -0.50 0.40
C LEU A 71 -5.18 -1.15 -0.46
N LEU A 72 -6.43 -1.24 0.02
CA LEU A 72 -7.46 -1.87 -0.76
C LEU A 72 -7.62 -1.09 -2.04
N SER A 73 -7.67 0.25 -1.93
CA SER A 73 -7.83 1.08 -3.11
C SER A 73 -6.60 0.94 -4.00
N ALA A 74 -5.39 0.95 -3.41
CA ALA A 74 -4.18 0.86 -4.20
C ALA A 74 -4.09 -0.48 -4.89
N LEU A 75 -4.35 -1.58 -4.15
CA LEU A 75 -4.27 -2.90 -4.72
C LEU A 75 -5.39 -3.08 -5.72
N HIS A 76 -6.57 -2.50 -5.40
CA HIS A 76 -7.71 -2.58 -6.29
C HIS A 76 -7.33 -1.93 -7.59
N THR A 77 -6.67 -0.76 -7.51
CA THR A 77 -6.25 -0.05 -8.70
C THR A 77 -5.33 -0.92 -9.50
N LEU A 78 -4.37 -1.61 -8.85
CA LEU A 78 -3.42 -2.45 -9.57
C LEU A 78 -4.14 -3.54 -10.32
N SER A 79 -5.15 -4.16 -9.68
CA SER A 79 -5.87 -5.24 -10.32
C SER A 79 -6.57 -4.75 -11.56
N TYR A 80 -7.24 -3.59 -11.48
CA TYR A 80 -7.97 -3.07 -12.62
C TYR A 80 -7.04 -2.48 -13.65
N GLN A 81 -5.85 -1.97 -13.26
CA GLN A 81 -4.94 -1.39 -14.23
C GLN A 81 -4.53 -2.45 -15.22
N GLY A 82 -4.34 -3.70 -14.74
CA GLY A 82 -3.94 -4.76 -15.63
C GLY A 82 -5.09 -5.11 -16.54
N MET A 83 -6.32 -4.64 -16.21
CA MET A 83 -7.46 -4.95 -17.04
C MET A 83 -7.73 -3.80 -17.97
N GLY A 84 -7.38 -2.56 -17.54
CA GLY A 84 -7.62 -1.42 -18.37
C GLY A 84 -7.76 -0.23 -17.47
N THR A 85 -8.87 0.53 -17.62
CA THR A 85 -9.10 1.69 -16.80
C THR A 85 -9.60 1.23 -15.46
N VAL A 86 -9.49 2.09 -14.44
CA VAL A 86 -9.93 1.74 -13.12
C VAL A 86 -11.18 2.52 -12.81
N PRO A 87 -12.05 1.91 -12.02
CA PRO A 87 -13.29 2.54 -11.61
C PRO A 87 -13.11 3.49 -10.46
N SER A 88 -14.09 4.38 -10.25
CA SER A 88 -14.00 5.33 -9.17
C SER A 88 -14.59 4.70 -7.94
N TYR A 89 -15.08 3.44 -8.08
CA TYR A 89 -15.65 2.76 -6.94
C TYR A 89 -15.15 1.35 -6.98
N PRO A 90 -14.63 0.87 -5.86
CA PRO A 90 -14.10 -0.49 -5.77
C PRO A 90 -15.16 -1.53 -5.59
N SER A 91 -14.82 -2.79 -5.92
CA SER A 91 -15.76 -3.87 -5.78
C SER A 91 -15.80 -4.23 -4.31
N PRO A 92 -17.00 -4.28 -3.75
CA PRO A 92 -17.17 -4.60 -2.34
C PRO A 92 -16.82 -6.02 -1.99
N SER A 93 -16.94 -6.94 -2.96
CA SER A 93 -16.61 -8.32 -2.68
C SER A 93 -15.12 -8.42 -2.50
N ALA A 94 -14.36 -7.66 -3.32
CA ALA A 94 -12.92 -7.68 -3.23
C ALA A 94 -12.49 -7.01 -1.96
N MET A 95 -13.18 -5.90 -1.61
CA MET A 95 -12.86 -5.16 -0.43
C MET A 95 -13.13 -6.03 0.75
N SER A 96 -14.26 -6.75 0.69
CA SER A 96 -14.65 -7.62 1.77
C SER A 96 -13.61 -8.70 1.96
N ALA A 97 -13.17 -9.32 0.85
CA ALA A 97 -12.20 -10.40 0.92
C ALA A 97 -10.90 -9.89 1.47
N TYR A 98 -10.46 -8.72 0.96
CA TYR A 98 -9.21 -8.15 1.39
C TYR A 98 -9.30 -7.79 2.84
N SER A 99 -10.44 -7.21 3.25
CA SER A 99 -10.60 -6.78 4.63
C SER A 99 -10.50 -7.96 5.55
N GLN A 100 -11.14 -9.10 5.17
CA GLN A 100 -11.10 -10.26 6.02
C GLN A 100 -9.69 -10.77 6.13
N SER A 101 -8.97 -10.77 4.98
CA SER A 101 -7.62 -11.29 4.97
C SER A 101 -6.70 -10.46 5.82
N VAL A 102 -6.73 -9.12 5.69
CA VAL A 102 -5.81 -8.29 6.44
C VAL A 102 -6.21 -8.15 7.88
N ARG A 103 -7.52 -8.09 8.19
CA ARG A 103 -7.93 -7.95 9.57
C ARG A 103 -7.49 -9.16 10.35
N ARG A 104 -7.61 -10.37 9.75
CA ARG A 104 -7.21 -11.58 10.43
C ARG A 104 -5.73 -11.59 10.62
N CYS A 105 -4.99 -11.10 9.60
CA CYS A 105 -3.54 -11.09 9.66
C CYS A 105 -3.06 -10.24 10.82
N PHE A 106 -3.61 -9.02 10.95
CA PHE A 106 -3.18 -8.16 12.04
C PHE A 106 -3.77 -8.68 13.32
N GLY A 107 -4.99 -9.26 13.26
CA GLY A 107 -5.61 -9.78 14.45
C GLY A 107 -6.27 -8.66 15.17
N TYR A 108 -6.48 -7.52 14.48
CA TYR A 108 -7.10 -6.38 15.11
C TYR A 108 -8.61 -6.59 15.03
N GLY B 20 22.48 -15.40 3.63
CA GLY B 20 22.26 -13.93 3.54
C GLY B 20 20.96 -13.58 4.16
N SER B 21 20.63 -12.27 4.19
CA SER B 21 19.38 -11.84 4.77
C SER B 21 18.75 -10.92 3.78
N SER B 22 17.39 -10.91 3.76
CA SER B 22 16.69 -10.05 2.85
C SER B 22 15.66 -9.30 3.65
N ARG B 23 15.39 -8.04 3.24
CA ARG B 23 14.43 -7.24 3.96
C ARG B 23 13.53 -6.59 2.95
N LEU B 24 13.99 -5.47 2.35
CA LEU B 24 13.21 -4.76 1.35
C LEU B 24 12.99 -5.63 0.13
N PRO B 25 14.01 -6.31 -0.38
CA PRO B 25 13.85 -7.17 -1.55
C PRO B 25 12.75 -8.18 -1.40
N SER B 26 12.57 -8.71 -0.16
CA SER B 26 11.53 -9.68 0.09
C SER B 26 10.20 -9.03 -0.13
N LEU B 27 10.07 -7.76 0.32
CA LEU B 27 8.80 -7.05 0.17
C LEU B 27 8.55 -6.84 -1.30
N ILE B 28 9.61 -6.48 -2.07
CA ILE B 28 9.45 -6.24 -3.48
C ILE B 28 9.05 -7.53 -4.15
N ASN B 29 9.65 -8.66 -3.73
CA ASN B 29 9.31 -9.95 -4.30
C ASN B 29 7.86 -10.22 -4.02
N GLY B 30 7.39 -9.82 -2.81
CA GLY B 30 6.01 -10.03 -2.44
C GLY B 30 5.12 -9.26 -3.39
N ILE B 31 5.54 -8.04 -3.80
CA ILE B 31 4.73 -7.25 -4.70
C ILE B 31 4.66 -7.98 -6.02
N MET B 32 5.80 -8.50 -6.49
CA MET B 32 5.86 -9.22 -7.75
C MET B 32 5.06 -10.48 -7.64
N SER B 33 5.04 -11.08 -6.44
CA SER B 33 4.34 -12.32 -6.21
C SER B 33 2.87 -12.15 -6.51
N SER B 34 2.26 -11.04 -6.04
CA SER B 34 0.85 -10.83 -6.27
C SER B 34 0.64 -10.13 -7.58
N MET B 35 1.72 -9.63 -8.20
CA MET B 35 1.60 -8.94 -9.46
C MET B 35 1.27 -9.96 -10.51
N GLN B 36 1.73 -11.21 -10.30
CA GLN B 36 1.48 -12.25 -11.26
C GLN B 36 0.02 -12.61 -11.21
N GLY B 37 -0.54 -13.07 -12.37
CA GLY B 37 -1.93 -13.44 -12.42
C GLY B 37 -2.63 -12.47 -13.33
N GLY B 38 -2.01 -11.31 -13.59
CA GLY B 38 -2.61 -10.32 -14.46
C GLY B 38 -3.56 -9.48 -13.66
N GLY B 39 -3.63 -9.73 -12.34
CA GLY B 39 -4.51 -8.97 -11.50
C GLY B 39 -3.79 -8.80 -10.21
N PHE B 40 -4.38 -9.28 -9.10
CA PHE B 40 -3.72 -9.16 -7.84
C PHE B 40 -4.29 -10.22 -6.94
N ASN B 41 -3.40 -11.07 -6.38
CA ASN B 41 -3.86 -12.12 -5.50
C ASN B 41 -3.72 -11.58 -4.10
N TYR B 42 -4.86 -11.34 -3.43
CA TYR B 42 -4.86 -10.79 -2.09
C TYR B 42 -4.37 -11.82 -1.11
N GLN B 43 -4.60 -13.13 -1.40
CA GLN B 43 -4.20 -14.16 -0.46
C GLN B 43 -2.71 -14.16 -0.29
N ASN B 44 -1.97 -14.06 -1.41
CA ASN B 44 -0.52 -14.08 -1.33
C ASN B 44 -0.04 -12.84 -0.62
N PHE B 45 -0.66 -11.69 -0.89
CA PHE B 45 -0.24 -10.45 -0.29
C PHE B 45 -0.50 -10.50 1.20
N GLY B 46 -1.69 -10.99 1.60
CA GLY B 46 -2.04 -11.05 3.01
C GLY B 46 -1.09 -11.97 3.72
N ASN B 47 -0.71 -13.10 3.08
CA ASN B 47 0.18 -14.04 3.71
C ASN B 47 1.51 -13.38 3.92
N VAL B 48 1.98 -12.64 2.90
CA VAL B 48 3.26 -11.96 2.99
C VAL B 48 3.18 -10.92 4.08
N LEU B 49 2.05 -10.18 4.17
CA LEU B 49 1.91 -9.14 5.17
C LEU B 49 2.01 -9.72 6.55
N SER B 50 1.37 -10.88 6.79
CA SER B 50 1.39 -11.48 8.11
C SER B 50 2.78 -11.92 8.48
N GLN B 51 3.55 -12.40 7.48
CA GLN B 51 4.88 -12.92 7.73
C GLN B 51 5.80 -11.86 8.26
N PHE B 52 5.73 -10.62 7.71
CA PHE B 52 6.63 -9.60 8.19
C PHE B 52 5.88 -8.71 9.12
N ALA B 53 4.59 -9.02 9.39
CA ALA B 53 3.83 -8.18 10.30
C ALA B 53 4.21 -8.53 11.69
N THR B 54 3.73 -9.70 12.20
CA THR B 54 4.02 -10.14 13.55
C THR B 54 2.96 -11.12 13.91
N GLY B 55 1.69 -10.64 13.89
CA GLY B 55 0.57 -11.48 14.23
C GLY B 55 0.34 -11.42 15.71
N THR B 56 1.02 -10.49 16.41
CA THR B 56 0.86 -10.36 17.84
C THR B 56 -0.50 -9.77 18.12
N GLY B 57 -0.91 -8.78 17.32
CA GLY B 57 -2.20 -8.15 17.51
C GLY B 57 -2.03 -6.96 18.41
N THR B 58 -0.82 -6.77 18.96
CA THR B 58 -0.57 -5.66 19.84
C THR B 58 -0.26 -4.46 18.99
N CYS B 59 -0.32 -3.24 19.59
CA CYS B 59 -0.02 -2.05 18.85
C CYS B 59 1.46 -1.85 18.94
N ASN B 60 2.16 -2.08 17.82
CA ASN B 60 3.59 -1.91 17.81
C ASN B 60 3.89 -0.86 16.79
N SER B 61 4.87 0.02 17.10
CA SER B 61 5.23 1.08 16.18
C SER B 61 5.88 0.45 14.96
N ASN B 62 6.40 -0.78 15.12
CA ASN B 62 7.04 -1.47 14.03
C ASN B 62 6.00 -1.84 13.01
N ASP B 63 4.73 -2.05 13.44
CA ASP B 63 3.69 -2.45 12.53
C ASP B 63 3.49 -1.38 11.48
N LEU B 64 3.48 -0.09 11.90
CA LEU B 64 3.29 0.97 10.93
C LEU B 64 4.48 1.06 10.04
N ASN B 65 5.69 0.91 10.62
CA ASN B 65 6.91 1.01 9.85
C ASN B 65 6.92 -0.08 8.81
N LEU B 66 6.45 -1.29 9.20
CA LEU B 66 6.43 -2.40 8.27
C LEU B 66 5.50 -2.06 7.14
N LEU B 67 4.35 -1.43 7.46
CA LEU B 67 3.41 -1.05 6.43
C LEU B 67 4.03 0.02 5.57
N MET B 68 4.78 0.96 6.18
CA MET B 68 5.40 2.01 5.41
C MET B 68 6.42 1.41 4.49
N ASP B 69 7.17 0.39 4.97
CA ASP B 69 8.16 -0.26 4.15
C ASP B 69 7.47 -0.95 3.00
N ALA B 70 6.31 -1.60 3.29
CA ALA B 70 5.58 -2.29 2.26
C ALA B 70 5.09 -1.30 1.24
N LEU B 71 4.59 -0.13 1.73
CA LEU B 71 4.10 0.89 0.83
C LEU B 71 5.24 1.44 0.05
N LEU B 72 6.42 1.61 0.67
CA LEU B 72 7.54 2.16 -0.05
C LEU B 72 7.85 1.22 -1.19
N SER B 73 7.87 -0.10 -0.93
CA SER B 73 8.18 -1.05 -1.98
C SER B 73 7.08 -1.03 -3.03
N ALA B 74 5.80 -0.98 -2.59
CA ALA B 74 4.69 -0.99 -3.55
C ALA B 74 4.71 0.26 -4.38
N LEU B 75 4.87 1.44 -3.74
CA LEU B 75 4.88 2.70 -4.47
C LEU B 75 6.11 2.75 -5.32
N HIS B 76 7.24 2.23 -4.81
CA HIS B 76 8.48 2.21 -5.55
C HIS B 76 8.27 1.42 -6.80
N THR B 77 7.59 0.25 -6.67
CA THR B 77 7.32 -0.59 -7.81
C THR B 77 6.51 0.18 -8.82
N LEU B 78 5.49 0.93 -8.37
CA LEU B 78 4.65 1.68 -9.29
C LEU B 78 5.46 2.68 -10.07
N SER B 79 6.39 3.38 -9.40
CA SER B 79 7.18 4.39 -10.05
C SER B 79 8.03 3.75 -11.14
N TYR B 80 8.68 2.61 -10.83
CA TYR B 80 9.54 1.98 -11.81
C TYR B 80 8.75 1.26 -12.87
N GLN B 81 7.51 0.79 -12.57
CA GLN B 81 6.73 0.10 -13.58
C GLN B 81 6.45 1.03 -14.72
N GLY B 82 6.22 2.33 -14.42
CA GLY B 82 5.94 3.28 -15.47
C GLY B 82 7.19 3.53 -16.26
N MET B 83 8.36 3.11 -15.73
CA MET B 83 9.60 3.34 -16.45
C MET B 83 9.98 2.08 -17.19
N GLY B 84 9.57 0.91 -16.68
CA GLY B 84 9.91 -0.33 -17.33
C GLY B 84 9.93 -1.41 -16.28
N THR B 85 11.04 -2.18 -16.22
CA THR B 85 11.15 -3.22 -15.24
C THR B 85 11.48 -2.61 -13.91
N VAL B 86 11.24 -3.36 -12.82
CA VAL B 86 11.52 -2.84 -11.51
C VAL B 86 12.70 -3.58 -10.95
N PRO B 87 13.48 -2.89 -10.15
CA PRO B 87 14.65 -3.45 -9.51
C PRO B 87 14.32 -4.26 -8.29
N SER B 88 15.27 -5.11 -7.86
CA SER B 88 15.03 -5.93 -6.70
C SER B 88 15.47 -5.16 -5.49
N TYR B 89 15.97 -3.92 -5.70
CA TYR B 89 16.41 -3.12 -4.59
C TYR B 89 15.94 -1.71 -4.85
N PRO B 90 15.28 -1.12 -3.87
CA PRO B 90 14.76 0.23 -4.00
C PRO B 90 15.80 1.30 -3.81
N SER B 91 15.50 2.51 -4.31
CA SER B 91 16.43 3.61 -4.18
C SER B 91 16.29 4.14 -2.77
N PRO B 92 17.40 4.27 -2.07
CA PRO B 92 17.40 4.75 -0.70
C PRO B 92 17.02 6.19 -0.56
N SER B 93 17.26 7.01 -1.62
CA SER B 93 16.90 8.40 -1.54
C SER B 93 15.39 8.50 -1.54
N ALA B 94 14.74 7.63 -2.34
CA ALA B 94 13.30 7.63 -2.43
C ALA B 94 12.74 7.11 -1.14
N MET B 95 13.40 6.07 -0.57
CA MET B 95 12.94 5.46 0.64
C MET B 95 13.05 6.47 1.73
N SER B 96 14.15 7.23 1.70
CA SER B 96 14.40 8.24 2.70
C SER B 96 13.34 9.31 2.62
N ALA B 97 13.06 9.78 1.40
CA ALA B 97 12.09 10.84 1.22
C ALA B 97 10.73 10.38 1.65
N TYR B 98 10.36 9.17 1.25
CA TYR B 98 9.06 8.63 1.58
C TYR B 98 8.96 8.45 3.06
N SER B 99 10.03 7.93 3.67
CA SER B 99 10.03 7.65 5.10
C SER B 99 9.83 8.95 5.86
N GLN B 100 10.51 10.03 5.43
CA GLN B 100 10.38 11.28 6.14
C GLN B 100 8.97 11.78 6.00
N SER B 101 8.39 11.66 4.79
CA SER B 101 7.06 12.16 4.53
C SER B 101 6.03 11.42 5.36
N VAL B 102 6.08 10.08 5.38
CA VAL B 102 5.05 9.33 6.10
C VAL B 102 5.27 9.37 7.59
N ARG B 103 6.53 9.35 8.07
CA ARG B 103 6.76 9.37 9.49
C ARG B 103 6.23 10.66 10.07
N ARG B 104 6.44 11.78 9.35
CA ARG B 104 5.97 13.07 9.83
C ARG B 104 4.47 13.08 9.83
N CYS B 105 3.86 12.48 8.79
CA CYS B 105 2.41 12.48 8.68
C CYS B 105 1.79 11.75 9.84
N PHE B 106 2.31 10.56 10.19
CA PHE B 106 1.75 9.83 11.31
C PHE B 106 2.17 10.50 12.58
N GLY B 107 3.39 11.08 12.61
CA GLY B 107 3.86 11.74 13.80
C GLY B 107 4.41 10.70 14.73
N TYR B 108 4.70 9.50 14.20
CA TYR B 108 5.23 8.44 15.02
C TYR B 108 6.74 8.65 15.12
N GLY A 20 -23.29 14.76 0.12
CA GLY A 20 -22.99 13.40 -0.38
C GLY A 20 -22.05 12.71 0.57
N SER A 21 -21.73 11.44 0.29
CA SER A 21 -20.85 10.70 1.14
C SER A 21 -19.82 10.06 0.27
N SER A 22 -18.59 9.89 0.80
CA SER A 22 -17.53 9.29 0.02
C SER A 22 -16.63 8.60 1.00
N ARG A 23 -16.05 7.45 0.59
CA ARG A 23 -15.18 6.72 1.46
C ARG A 23 -14.02 6.23 0.63
N LEU A 24 -14.18 5.03 0.01
CA LEU A 24 -13.13 4.45 -0.79
C LEU A 24 -12.80 5.33 -1.98
N PRO A 25 -13.78 5.85 -2.71
CA PRO A 25 -13.52 6.70 -3.85
C PRO A 25 -12.57 7.84 -3.58
N SER A 26 -12.62 8.41 -2.36
CA SER A 26 -11.73 9.51 -2.02
C SER A 26 -10.31 9.00 -2.04
N LEU A 27 -10.07 7.79 -1.50
CA LEU A 27 -8.74 7.22 -1.46
C LEU A 27 -8.35 6.86 -2.88
N ILE A 28 -9.31 6.32 -3.67
CA ILE A 28 -9.02 5.93 -5.03
C ILE A 28 -8.59 7.14 -5.81
N ASN A 29 -9.31 8.27 -5.60
CA ASN A 29 -8.96 9.50 -6.30
C ASN A 29 -7.57 9.89 -5.89
N GLY A 30 -7.22 9.68 -4.60
CA GLY A 30 -5.90 10.02 -4.11
C GLY A 30 -4.86 9.20 -4.84
N ILE A 31 -5.16 7.91 -5.10
CA ILE A 31 -4.22 7.06 -5.78
C ILE A 31 -4.03 7.58 -7.18
N MET A 32 -5.14 7.91 -7.86
CA MET A 32 -5.09 8.41 -9.22
C MET A 32 -4.40 9.75 -9.23
N SER A 33 -4.60 10.52 -8.16
CA SER A 33 -4.02 11.83 -8.05
C SER A 33 -2.51 11.73 -8.08
N SER A 34 -1.94 10.75 -7.36
CA SER A 34 -0.51 10.62 -7.34
C SER A 34 -0.03 9.80 -8.50
N MET A 35 -0.98 9.15 -9.22
CA MET A 35 -0.61 8.35 -10.36
C MET A 35 -0.18 9.28 -11.46
N GLN A 36 -0.75 10.50 -11.47
CA GLN A 36 -0.42 11.46 -12.50
C GLN A 36 0.94 12.02 -12.20
N GLY A 37 1.68 12.39 -13.26
CA GLY A 37 3.01 12.94 -13.09
C GLY A 37 3.96 12.13 -13.91
N GLY A 38 3.52 10.96 -14.40
CA GLY A 38 4.38 10.12 -15.21
C GLY A 38 5.21 9.27 -14.31
N GLY A 39 4.94 9.34 -12.99
CA GLY A 39 5.68 8.56 -12.04
C GLY A 39 4.83 8.45 -10.84
N PHE A 40 5.31 9.00 -9.71
CA PHE A 40 4.52 8.95 -8.50
C PHE A 40 5.00 10.05 -7.61
N ASN A 41 4.06 10.81 -7.03
CA ASN A 41 4.43 11.89 -6.14
C ASN A 41 4.30 11.36 -4.74
N TYR A 42 5.47 11.12 -4.09
CA TYR A 42 5.47 10.60 -2.75
C TYR A 42 5.01 11.66 -1.79
N GLN A 43 5.31 12.94 -2.08
CA GLN A 43 4.93 14.02 -1.20
C GLN A 43 3.43 14.07 -1.12
N ASN A 44 2.76 13.93 -2.28
CA ASN A 44 1.32 13.98 -2.31
C ASN A 44 0.78 12.81 -1.54
N PHE A 45 1.42 11.63 -1.67
CA PHE A 45 0.97 10.44 -1.00
C PHE A 45 1.01 10.67 0.49
N GLY A 46 2.14 11.21 1.00
CA GLY A 46 2.27 11.46 2.43
C GLY A 46 1.22 12.44 2.86
N ASN A 47 0.95 13.49 2.04
CA ASN A 47 -0.04 14.48 2.39
C ASN A 47 -1.39 13.82 2.43
N VAL A 48 -1.66 12.90 1.48
CA VAL A 48 -2.93 12.22 1.43
C VAL A 48 -3.12 11.42 2.70
N LEU A 49 -2.07 10.69 3.12
CA LEU A 49 -2.19 9.88 4.32
C LEU A 49 -2.40 10.77 5.52
N SER A 50 -1.71 11.92 5.57
CA SER A 50 -1.83 12.82 6.70
C SER A 50 -3.23 13.36 6.79
N GLN A 51 -3.82 13.70 5.62
CA GLN A 51 -5.15 14.28 5.58
C GLN A 51 -6.16 13.23 5.98
N PHE A 52 -5.94 11.98 5.54
CA PHE A 52 -6.86 10.92 5.87
C PHE A 52 -6.71 10.62 7.34
N ALA A 53 -5.48 10.80 7.85
CA ALA A 53 -5.20 10.51 9.23
C ALA A 53 -5.78 11.58 10.10
N THR A 54 -4.97 12.58 10.45
CA THR A 54 -5.42 13.62 11.34
C THR A 54 -4.22 14.47 11.64
N GLY A 55 -3.25 13.87 12.33
CA GLY A 55 -2.04 14.58 12.69
C GLY A 55 -0.92 13.62 12.52
N THR A 56 -0.54 12.93 13.62
CA THR A 56 0.54 11.98 13.57
C THR A 56 -0.08 10.62 13.61
N GLY A 57 -0.37 10.13 14.83
CA GLY A 57 -0.98 8.84 14.97
C GLY A 57 0.11 7.81 15.00
N THR A 58 0.88 7.75 16.10
CA THR A 58 1.95 6.78 16.21
C THR A 58 1.32 5.42 16.17
N CYS A 59 0.21 5.23 16.92
CA CYS A 59 -0.48 3.97 16.92
C CYS A 59 -1.92 4.27 17.10
N ASN A 60 -2.77 3.83 16.16
CA ASN A 60 -4.17 4.09 16.26
C ASN A 60 -4.84 3.12 15.33
N SER A 61 -6.04 2.65 15.72
CA SER A 61 -6.78 1.71 14.91
C SER A 61 -7.15 2.38 13.62
N ASN A 62 -7.47 3.70 13.69
CA ASN A 62 -7.87 4.43 12.51
C ASN A 62 -6.74 4.44 11.53
N ASP A 63 -5.49 4.63 12.02
CA ASP A 63 -4.34 4.68 11.14
C ASP A 63 -4.19 3.38 10.40
N LEU A 64 -4.38 2.22 11.09
CA LEU A 64 -4.22 0.94 10.42
C LEU A 64 -5.30 0.80 9.39
N ASN A 65 -6.54 1.19 9.73
CA ASN A 65 -7.64 1.06 8.81
C ASN A 65 -7.38 1.92 7.60
N LEU A 66 -6.84 3.14 7.82
CA LEU A 66 -6.56 4.02 6.70
C LEU A 66 -5.51 3.39 5.84
N LEU A 67 -4.50 2.74 6.46
CA LEU A 67 -3.45 2.10 5.70
C LEU A 67 -4.04 0.96 4.93
N MET A 68 -4.99 0.20 5.54
CA MET A 68 -5.58 -0.93 4.84
C MET A 68 -6.39 -0.39 3.69
N ASP A 69 -7.11 0.73 3.92
CA ASP A 69 -7.93 1.32 2.89
C ASP A 69 -7.04 1.82 1.77
N ALA A 70 -5.90 2.43 2.13
CA ALA A 70 -4.97 2.94 1.13
C ALA A 70 -4.46 1.79 0.31
N LEU A 71 -4.12 0.67 0.97
CA LEU A 71 -3.63 -0.49 0.26
C LEU A 71 -4.72 -1.07 -0.57
N LEU A 72 -5.97 -1.06 -0.08
CA LEU A 72 -7.06 -1.60 -0.85
C LEU A 72 -7.17 -0.83 -2.13
N SER A 73 -7.10 0.51 -2.05
CA SER A 73 -7.20 1.34 -3.23
C SER A 73 -6.01 1.11 -4.12
N ALA A 74 -4.79 1.02 -3.53
CA ALA A 74 -3.59 0.82 -4.34
C ALA A 74 -3.63 -0.52 -5.02
N LEU A 75 -4.01 -1.59 -4.28
CA LEU A 75 -4.07 -2.92 -4.85
C LEU A 75 -5.19 -2.95 -5.84
N HIS A 76 -6.30 -2.25 -5.53
CA HIS A 76 -7.43 -2.18 -6.42
C HIS A 76 -6.98 -1.61 -7.72
N THR A 77 -6.20 -0.51 -7.67
CA THR A 77 -5.73 0.13 -8.87
C THR A 77 -4.89 -0.85 -9.65
N LEU A 78 -3.96 -1.57 -8.96
CA LEU A 78 -3.09 -2.52 -9.65
C LEU A 78 -3.89 -3.62 -10.30
N SER A 79 -4.91 -4.12 -9.58
CA SER A 79 -5.71 -5.22 -10.11
C SER A 79 -6.43 -4.82 -11.37
N TYR A 80 -7.04 -3.61 -11.40
CA TYR A 80 -7.79 -3.21 -12.56
C TYR A 80 -6.90 -2.67 -13.65
N GLN A 81 -5.71 -2.13 -13.31
CA GLN A 81 -4.83 -1.60 -14.36
C GLN A 81 -4.45 -2.71 -15.30
N GLY A 82 -4.26 -3.93 -14.78
CA GLY A 82 -3.89 -5.04 -15.62
C GLY A 82 -5.05 -5.42 -16.51
N MET A 83 -6.27 -4.91 -16.19
CA MET A 83 -7.42 -5.25 -16.99
C MET A 83 -7.73 -4.11 -17.93
N GLY A 84 -7.38 -2.86 -17.52
CA GLY A 84 -7.65 -1.72 -18.37
C GLY A 84 -7.78 -0.53 -17.47
N THR A 85 -8.86 0.25 -17.64
CA THR A 85 -9.07 1.42 -16.81
C THR A 85 -9.59 0.96 -15.49
N VAL A 86 -9.45 1.82 -14.45
CA VAL A 86 -9.91 1.45 -13.14
C VAL A 86 -11.24 2.11 -12.89
N PRO A 87 -12.11 1.42 -12.18
CA PRO A 87 -13.41 1.92 -11.83
C PRO A 87 -13.37 2.87 -10.67
N SER A 88 -14.42 3.71 -10.55
CA SER A 88 -14.48 4.66 -9.47
C SER A 88 -14.98 3.96 -8.24
N TYR A 89 -15.43 2.69 -8.39
CA TYR A 89 -15.93 1.96 -7.24
C TYR A 89 -15.50 0.53 -7.40
N PRO A 90 -14.93 -0.03 -6.34
CA PRO A 90 -14.46 -1.42 -6.35
C PRO A 90 -15.55 -2.43 -6.17
N SER A 91 -15.27 -3.69 -6.57
CA SER A 91 -16.25 -4.74 -6.45
C SER A 91 -16.34 -5.12 -4.99
N PRO A 92 -17.55 -5.26 -4.49
CA PRO A 92 -17.79 -5.63 -3.08
C PRO A 92 -17.21 -6.96 -2.70
N SER A 93 -17.21 -7.94 -3.61
CA SER A 93 -16.68 -9.26 -3.29
C SER A 93 -15.21 -9.12 -2.99
N ALA A 94 -14.51 -8.30 -3.80
CA ALA A 94 -13.09 -8.09 -3.62
C ALA A 94 -12.87 -7.34 -2.33
N MET A 95 -13.74 -6.35 -2.06
CA MET A 95 -13.62 -5.53 -0.89
C MET A 95 -13.79 -6.42 0.30
N SER A 96 -14.78 -7.33 0.21
CA SER A 96 -15.08 -8.22 1.29
C SER A 96 -13.92 -9.14 1.55
N ALA A 97 -13.36 -9.73 0.48
CA ALA A 97 -12.26 -10.66 0.63
C ALA A 97 -11.07 -9.98 1.22
N TYR A 98 -10.75 -8.78 0.71
CA TYR A 98 -9.62 -8.03 1.20
C TYR A 98 -9.85 -7.70 2.65
N SER A 99 -11.06 -7.22 2.96
CA SER A 99 -11.37 -6.78 4.30
C SER A 99 -11.21 -7.90 5.29
N GLN A 100 -11.72 -9.11 4.99
CA GLN A 100 -11.61 -10.18 5.96
C GLN A 100 -10.18 -10.66 6.04
N SER A 101 -9.44 -10.57 4.92
CA SER A 101 -8.07 -11.03 4.90
C SER A 101 -7.19 -10.16 5.77
N VAL A 102 -7.29 -8.82 5.61
CA VAL A 102 -6.42 -7.94 6.36
C VAL A 102 -6.88 -7.79 7.78
N ARG A 103 -8.20 -7.77 8.02
CA ARG A 103 -8.69 -7.62 9.38
C ARG A 103 -8.23 -8.80 10.20
N ARG A 104 -8.28 -10.01 9.62
CA ARG A 104 -7.87 -11.19 10.32
C ARG A 104 -6.39 -11.15 10.60
N CYS A 105 -5.59 -10.66 9.62
CA CYS A 105 -4.14 -10.64 9.77
C CYS A 105 -3.71 -9.77 10.92
N PHE A 106 -4.28 -8.56 11.08
CA PHE A 106 -3.84 -7.69 12.15
C PHE A 106 -4.73 -7.85 13.34
N GLY A 107 -5.82 -8.63 13.23
CA GLY A 107 -6.72 -8.82 14.34
C GLY A 107 -7.46 -7.53 14.59
N TYR A 108 -7.66 -6.74 13.51
CA TYR A 108 -8.35 -5.48 13.64
C TYR A 108 -9.85 -5.74 13.52
N GLY B 20 23.16 -14.64 1.50
CA GLY B 20 22.86 -13.32 0.90
C GLY B 20 21.92 -12.56 1.78
N SER B 21 21.59 -11.31 1.39
CA SER B 21 20.70 -10.50 2.19
C SER B 21 19.68 -9.95 1.25
N SER B 22 18.44 -9.72 1.76
CA SER B 22 17.40 -9.18 0.93
C SER B 22 16.49 -8.43 1.83
N ARG B 23 15.92 -7.31 1.33
CA ARG B 23 15.02 -6.51 2.13
C ARG B 23 13.88 -6.10 1.25
N LEU B 24 14.05 -4.94 0.56
CA LEU B 24 13.00 -4.43 -0.30
C LEU B 24 12.69 -5.39 -1.43
N PRO B 25 13.69 -5.97 -2.10
CA PRO B 25 13.43 -6.90 -3.19
C PRO B 25 12.48 -8.01 -2.83
N SER B 26 12.51 -8.50 -1.57
CA SER B 26 11.62 -9.56 -1.17
C SER B 26 10.20 -9.06 -1.25
N LEU B 27 9.96 -7.81 -0.79
CA LEU B 27 8.63 -7.25 -0.82
C LEU B 27 8.25 -6.98 -2.25
N ILE B 28 9.22 -6.51 -3.08
CA ILE B 28 8.94 -6.22 -4.47
C ILE B 28 8.54 -7.49 -5.15
N ASN B 29 9.23 -8.61 -4.86
CA ASN B 29 8.90 -9.88 -5.47
C ASN B 29 7.51 -10.24 -5.04
N GLY B 30 7.15 -9.93 -3.78
CA GLY B 30 5.83 -10.23 -3.28
C GLY B 30 4.79 -9.47 -4.08
N ILE B 31 5.11 -8.20 -4.44
CA ILE B 31 4.16 -7.40 -5.19
C ILE B 31 3.98 -8.02 -6.55
N MET B 32 5.11 -8.42 -7.18
CA MET B 32 5.07 -9.01 -8.50
C MET B 32 4.37 -10.35 -8.42
N SER B 33 4.56 -11.04 -7.29
CA SER B 33 3.97 -12.34 -7.08
C SER B 33 2.47 -12.23 -7.14
N SER B 34 1.88 -11.20 -6.52
CA SER B 34 0.44 -11.06 -6.51
C SER B 34 -0.01 -10.33 -7.75
N MET B 35 0.94 -9.75 -8.49
CA MET B 35 0.60 -9.03 -9.70
C MET B 35 0.18 -10.05 -10.74
N GLN B 36 0.76 -11.27 -10.64
CA GLN B 36 0.44 -12.31 -11.59
C GLN B 36 -0.92 -12.85 -11.27
N GLY B 37 -1.66 -13.29 -12.31
CA GLY B 37 -2.98 -13.83 -12.11
C GLY B 37 -3.93 -13.09 -13.01
N GLY B 38 -3.47 -11.96 -13.58
CA GLY B 38 -4.33 -11.18 -14.46
C GLY B 38 -5.18 -10.27 -13.63
N GLY B 39 -4.92 -10.23 -12.31
CA GLY B 39 -5.67 -9.38 -11.44
C GLY B 39 -4.83 -9.19 -10.23
N PHE B 40 -5.32 -9.64 -9.06
CA PHE B 40 -4.56 -9.50 -7.87
C PHE B 40 -5.05 -10.53 -6.89
N ASN B 41 -4.11 -11.25 -6.24
CA ASN B 41 -4.48 -12.25 -5.29
C ASN B 41 -4.37 -11.62 -3.92
N TYR B 42 -5.55 -11.34 -3.31
CA TYR B 42 -5.57 -10.71 -2.00
C TYR B 42 -5.12 -11.69 -0.96
N GLN B 43 -5.42 -12.99 -1.16
CA GLN B 43 -5.05 -14.00 -0.19
C GLN B 43 -3.55 -14.05 -0.10
N ASN B 44 -2.86 -14.00 -1.26
CA ASN B 44 -1.43 -14.05 -1.26
C ASN B 44 -0.89 -12.82 -0.59
N PHE B 45 -1.54 -11.66 -0.82
CA PHE B 45 -1.08 -10.41 -0.23
C PHE B 45 -1.15 -10.53 1.28
N GLY B 46 -2.28 -11.04 1.82
CA GLY B 46 -2.43 -11.18 3.26
C GLY B 46 -1.38 -12.12 3.78
N ASN B 47 -1.11 -13.22 3.03
CA ASN B 47 -0.12 -14.19 3.46
C ASN B 47 1.23 -13.53 3.48
N VAL B 48 1.51 -12.69 2.47
CA VAL B 48 2.78 -12.01 2.37
C VAL B 48 2.96 -11.13 3.59
N LEU B 49 1.91 -10.36 3.95
CA LEU B 49 2.01 -9.46 5.08
C LEU B 49 2.21 -10.25 6.34
N SER B 50 1.51 -11.39 6.47
CA SER B 50 1.62 -12.21 7.67
C SER B 50 3.02 -12.75 7.81
N GLN B 51 3.62 -13.18 6.67
CA GLN B 51 4.95 -13.74 6.69
C GLN B 51 5.95 -12.68 7.02
N PHE B 52 5.75 -11.46 6.49
CA PHE B 52 6.66 -10.38 6.76
C PHE B 52 6.49 -9.97 8.18
N ALA B 53 5.25 -10.12 8.70
CA ALA B 53 4.96 -9.71 10.04
C ALA B 53 5.53 -10.71 11.01
N THR B 54 4.71 -11.68 11.43
CA THR B 54 5.17 -12.65 12.40
C THR B 54 3.97 -13.47 12.75
N GLY B 55 2.97 -12.83 13.39
CA GLY B 55 1.77 -13.51 13.77
C GLY B 55 0.63 -12.57 13.52
N THR B 56 0.26 -11.80 14.56
CA THR B 56 -0.83 -10.86 14.42
C THR B 56 -0.21 -9.50 14.37
N GLY B 57 0.07 -8.92 15.55
CA GLY B 57 0.67 -7.62 15.61
C GLY B 57 -0.42 -6.59 15.53
N THR B 58 -1.20 -6.45 16.63
CA THR B 58 -2.27 -5.47 16.65
C THR B 58 -1.63 -4.11 16.51
N CYS B 59 -0.53 -3.87 17.25
CA CYS B 59 0.15 -2.60 17.17
C CYS B 59 1.59 -2.90 17.39
N ASN B 60 2.45 -2.53 16.42
CA ASN B 60 3.85 -2.79 16.56
C ASN B 60 4.54 -1.89 15.58
N SER B 61 5.73 -1.38 15.94
CA SER B 61 6.47 -0.51 15.07
C SER B 61 6.86 -1.28 13.83
N ASN B 62 7.18 -2.58 14.01
CA ASN B 62 7.59 -3.40 12.89
C ASN B 62 6.47 -3.49 11.90
N ASP B 63 5.22 -3.63 12.39
CA ASP B 63 4.09 -3.76 11.50
C ASP B 63 3.95 -2.51 10.67
N LEU B 64 4.11 -1.31 11.27
CA LEU B 64 3.98 -0.09 10.50
C LEU B 64 5.07 -0.02 9.47
N ASN B 65 6.29 -0.38 9.87
CA ASN B 65 7.41 -0.32 8.95
C ASN B 65 7.17 -1.27 7.80
N LEU B 66 6.62 -2.47 8.11
CA LEU B 66 6.36 -3.43 7.06
C LEU B 66 5.31 -2.87 6.14
N LEU B 67 4.30 -2.18 6.70
CA LEU B 67 3.26 -1.60 5.88
C LEU B 67 3.86 -0.52 5.03
N MET B 68 4.80 0.29 5.59
CA MET B 68 5.39 1.36 4.81
C MET B 68 6.22 0.73 3.73
N ASP B 69 6.95 -0.36 4.05
CA ASP B 69 7.78 -1.03 3.07
C ASP B 69 6.89 -1.61 1.98
N ALA B 70 5.74 -2.20 2.37
CA ALA B 70 4.85 -2.78 1.40
C ALA B 70 4.33 -1.70 0.48
N LEU B 71 3.98 -0.53 1.06
CA LEU B 71 3.50 0.57 0.26
C LEU B 71 4.60 1.08 -0.60
N LEU B 72 5.85 1.12 -0.09
CA LEU B 72 6.95 1.60 -0.89
C LEU B 72 7.07 0.73 -2.11
N SER B 73 7.00 -0.60 -1.93
CA SER B 73 7.12 -1.51 -3.04
C SER B 73 5.92 -1.36 -3.96
N ALA B 74 4.70 -1.21 -3.40
CA ALA B 74 3.51 -1.08 -4.23
C ALA B 74 3.56 0.20 -5.01
N LEU B 75 3.93 1.32 -4.34
CA LEU B 75 4.00 2.61 -5.01
C LEU B 75 5.13 2.58 -5.99
N HIS B 76 6.23 1.89 -5.61
CA HIS B 76 7.38 1.76 -6.49
C HIS B 76 6.96 1.09 -7.75
N THR B 77 6.17 -0.01 -7.62
CA THR B 77 5.70 -0.73 -8.77
C THR B 77 4.87 0.19 -9.63
N LEU B 78 3.94 0.96 -9.02
CA LEU B 78 3.07 1.85 -9.78
C LEU B 78 3.89 2.90 -10.50
N SER B 79 4.90 3.45 -9.81
CA SER B 79 5.70 4.51 -10.40
C SER B 79 6.43 4.02 -11.63
N TYR B 80 7.05 2.82 -11.55
CA TYR B 80 7.81 2.32 -12.68
C TYR B 80 6.94 1.70 -13.73
N GLN B 81 5.74 1.19 -13.38
CA GLN B 81 4.88 0.58 -14.38
C GLN B 81 4.51 1.61 -15.42
N GLY B 82 4.31 2.88 -14.98
CA GLY B 82 3.95 3.91 -15.91
C GLY B 82 5.12 4.22 -16.81
N MET B 83 6.34 3.74 -16.45
CA MET B 83 7.50 4.02 -17.26
C MET B 83 7.81 2.81 -18.10
N GLY B 84 7.46 1.60 -17.61
CA GLY B 84 7.74 0.40 -18.36
C GLY B 84 7.85 -0.72 -17.37
N THR B 85 8.94 -1.51 -17.47
CA THR B 85 9.13 -2.62 -16.55
C THR B 85 9.64 -2.05 -15.26
N VAL B 86 9.49 -2.83 -14.17
CA VAL B 86 9.94 -2.36 -12.88
C VAL B 86 11.26 -3.01 -12.57
N PRO B 87 12.12 -2.26 -11.90
CA PRO B 87 13.43 -2.75 -11.50
C PRO B 87 13.37 -3.61 -10.28
N SER B 88 14.41 -4.43 -10.07
CA SER B 88 14.46 -5.30 -8.92
C SER B 88 14.94 -4.51 -7.75
N TYR B 89 15.40 -3.26 -7.99
CA TYR B 89 15.89 -2.45 -6.90
C TYR B 89 15.46 -1.02 -7.16
N PRO B 90 14.87 -0.39 -6.17
CA PRO B 90 14.39 0.97 -6.29
C PRO B 90 15.49 2.00 -6.16
N SER B 91 15.23 3.23 -6.66
CA SER B 91 16.22 4.27 -6.58
C SER B 91 16.26 4.76 -5.16
N PRO B 92 17.46 4.94 -4.62
CA PRO B 92 17.63 5.38 -3.25
C PRO B 92 17.13 6.78 -2.99
N SER B 93 17.12 7.66 -4.02
CA SER B 93 16.63 9.00 -3.81
C SER B 93 15.16 8.92 -3.51
N ALA B 94 14.45 8.05 -4.24
CA ALA B 94 13.02 7.89 -4.06
C ALA B 94 12.78 7.23 -2.73
N MET B 95 13.64 6.27 -2.38
CA MET B 95 13.51 5.54 -1.15
C MET B 95 13.67 6.50 -0.02
N SER B 96 14.65 7.41 -0.18
CA SER B 96 14.95 8.38 0.84
C SER B 96 13.79 9.31 1.02
N ALA B 97 13.23 9.82 -0.10
CA ALA B 97 12.13 10.75 -0.04
C ALA B 97 10.93 10.10 0.59
N TYR B 98 10.62 8.87 0.17
CA TYR B 98 9.48 8.17 0.70
C TYR B 98 9.69 7.95 2.16
N SER B 99 10.91 7.50 2.53
CA SER B 99 11.19 7.15 3.91
C SER B 99 11.03 8.35 4.81
N GLN B 100 11.54 9.53 4.42
CA GLN B 100 11.42 10.67 5.30
C GLN B 100 10.00 11.15 5.33
N SER B 101 9.26 10.98 4.21
CA SER B 101 7.90 11.44 4.15
C SER B 101 7.01 10.63 5.06
N VAL B 102 7.10 9.29 5.00
CA VAL B 102 6.23 8.46 5.81
C VAL B 102 6.67 8.43 7.25
N ARG B 103 7.99 8.43 7.51
CA ARG B 103 8.45 8.38 8.87
C ARG B 103 8.00 9.61 9.60
N ARG B 104 8.05 10.78 8.92
CA ARG B 104 7.63 12.00 9.54
C ARG B 104 6.15 11.98 9.79
N CYS B 105 5.36 11.43 8.85
CA CYS B 105 3.91 11.42 8.98
C CYS B 105 3.45 10.63 10.19
N PHE B 106 4.03 9.44 10.44
CA PHE B 106 3.57 8.66 11.58
C PHE B 106 4.45 8.89 12.76
N GLY B 107 5.55 9.66 12.60
CA GLY B 107 6.44 9.94 13.71
C GLY B 107 7.17 8.67 14.06
N TYR B 108 7.39 7.81 13.05
CA TYR B 108 8.07 6.56 13.28
C TYR B 108 9.57 6.82 13.16
N GLY A 20 -25.82 9.75 -2.64
CA GLY A 20 -24.59 9.00 -3.00
C GLY A 20 -23.78 8.75 -1.77
N SER A 21 -22.70 7.95 -1.91
CA SER A 21 -21.86 7.65 -0.78
C SER A 21 -20.45 7.93 -1.21
N SER A 22 -19.59 8.33 -0.24
CA SER A 22 -18.22 8.63 -0.57
C SER A 22 -17.40 8.07 0.56
N ARG A 23 -16.30 7.39 0.21
CA ARG A 23 -15.44 6.82 1.22
C ARG A 23 -14.20 6.34 0.51
N LEU A 24 -14.26 5.10 -0.03
CA LEU A 24 -13.14 4.53 -0.73
C LEU A 24 -12.78 5.35 -1.96
N PRO A 25 -13.77 5.79 -2.75
CA PRO A 25 -13.48 6.59 -3.94
C PRO A 25 -12.57 7.76 -3.71
N SER A 26 -12.66 8.41 -2.53
CA SER A 26 -11.81 9.55 -2.24
C SER A 26 -10.37 9.09 -2.22
N LEU A 27 -10.12 7.91 -1.62
CA LEU A 27 -8.77 7.38 -1.55
C LEU A 27 -8.35 7.01 -2.94
N ILE A 28 -9.28 6.44 -3.75
CA ILE A 28 -8.96 6.03 -5.10
C ILE A 28 -8.55 7.24 -5.89
N ASN A 29 -9.26 8.38 -5.70
CA ASN A 29 -8.93 9.59 -6.42
C ASN A 29 -7.53 9.99 -6.01
N GLY A 30 -7.20 9.80 -4.72
CA GLY A 30 -5.89 10.14 -4.22
C GLY A 30 -4.85 9.30 -4.93
N ILE A 31 -5.17 8.01 -5.17
CA ILE A 31 -4.22 7.12 -5.82
C ILE A 31 -4.01 7.61 -7.23
N MET A 32 -5.12 7.95 -7.92
CA MET A 32 -5.05 8.41 -9.29
C MET A 32 -4.31 9.73 -9.32
N SER A 33 -4.51 10.55 -8.27
CA SER A 33 -3.88 11.85 -8.19
C SER A 33 -2.38 11.70 -8.19
N SER A 34 -1.85 10.73 -7.44
CA SER A 34 -0.41 10.57 -7.37
C SER A 34 0.06 9.69 -8.49
N MET A 35 -0.88 9.04 -9.21
CA MET A 35 -0.52 8.19 -10.32
C MET A 35 -0.06 9.08 -11.45
N GLN A 36 -0.61 10.31 -11.51
CA GLN A 36 -0.25 11.23 -12.56
C GLN A 36 1.14 11.75 -12.27
N GLY A 37 1.91 12.03 -13.35
CA GLY A 37 3.25 12.54 -13.19
C GLY A 37 4.17 11.66 -13.97
N GLY A 38 3.70 10.44 -14.35
CA GLY A 38 4.52 9.54 -15.12
C GLY A 38 5.25 8.64 -14.17
N GLY A 39 5.14 8.92 -12.86
CA GLY A 39 5.80 8.11 -11.87
C GLY A 39 4.90 8.07 -10.69
N PHE A 40 5.39 8.58 -9.54
CA PHE A 40 4.58 8.59 -8.36
C PHE A 40 5.11 9.67 -7.46
N ASN A 41 4.23 10.56 -6.97
CA ASN A 41 4.66 11.62 -6.10
C ASN A 41 4.44 11.15 -4.69
N TYR A 42 5.54 10.86 -3.97
CA TYR A 42 5.45 10.36 -2.61
C TYR A 42 4.99 11.48 -1.71
N GLN A 43 5.41 12.73 -1.99
CA GLN A 43 5.04 13.84 -1.14
C GLN A 43 3.56 14.02 -1.16
N ASN A 44 2.95 13.95 -2.36
CA ASN A 44 1.52 14.13 -2.47
C ASN A 44 0.82 12.99 -1.78
N PHE A 45 1.36 11.76 -1.93
CA PHE A 45 0.75 10.60 -1.32
C PHE A 45 0.80 10.74 0.18
N GLY A 46 1.97 11.16 0.73
CA GLY A 46 2.09 11.31 2.17
C GLY A 46 1.11 12.35 2.65
N ASN A 47 0.94 13.44 1.88
CA ASN A 47 0.01 14.49 2.28
C ASN A 47 -1.38 13.91 2.30
N VAL A 48 -1.69 13.06 1.30
CA VAL A 48 -3.00 12.45 1.21
C VAL A 48 -3.24 11.60 2.45
N LEU A 49 -2.22 10.79 2.84
CA LEU A 49 -2.38 9.93 3.99
C LEU A 49 -2.57 10.76 5.24
N SER A 50 -1.81 11.86 5.38
CA SER A 50 -1.93 12.67 6.59
C SER A 50 -3.28 13.33 6.65
N GLN A 51 -3.82 13.76 5.48
CA GLN A 51 -5.09 14.43 5.45
C GLN A 51 -6.19 13.45 5.75
N PHE A 52 -6.06 12.22 5.22
CA PHE A 52 -7.07 11.21 5.46
C PHE A 52 -6.98 10.79 6.89
N ALA A 53 -5.77 10.86 7.47
CA ALA A 53 -5.59 10.43 8.82
C ALA A 53 -5.87 11.56 9.77
N THR A 54 -4.81 12.30 10.15
CA THR A 54 -4.95 13.39 11.10
C THR A 54 -3.57 13.77 11.50
N GLY A 55 -2.77 12.76 11.89
CA GLY A 55 -1.40 13.00 12.29
C GLY A 55 -1.34 12.90 13.78
N THR A 56 -1.76 11.74 14.35
CA THR A 56 -1.73 11.57 15.78
C THR A 56 -0.30 11.44 16.23
N GLY A 57 0.51 10.69 15.45
CA GLY A 57 1.90 10.50 15.79
C GLY A 57 1.99 9.44 16.85
N THR A 58 0.97 8.57 16.95
CA THR A 58 0.99 7.53 17.94
C THR A 58 0.26 6.35 17.37
N CYS A 59 0.25 5.21 18.10
CA CYS A 59 -0.44 4.03 17.63
C CYS A 59 -1.91 4.29 17.70
N ASN A 60 -2.62 4.07 16.57
CA ASN A 60 -4.02 4.29 16.53
C ASN A 60 -4.56 3.31 15.52
N SER A 61 -5.67 2.62 15.87
CA SER A 61 -6.26 1.65 14.97
C SER A 61 -6.77 2.34 13.74
N ASN A 62 -7.08 3.65 13.86
CA ASN A 62 -7.58 4.40 12.73
C ASN A 62 -6.50 4.45 11.68
N ASP A 63 -5.23 4.60 12.11
CA ASP A 63 -4.14 4.67 11.17
C ASP A 63 -4.03 3.36 10.43
N LEU A 64 -4.21 2.21 11.14
CA LEU A 64 -4.12 0.92 10.48
C LEU A 64 -5.22 0.80 9.47
N ASN A 65 -6.44 1.22 9.87
CA ASN A 65 -7.57 1.13 8.97
C ASN A 65 -7.32 1.99 7.77
N LEU A 66 -6.73 3.19 7.99
CA LEU A 66 -6.45 4.07 6.89
C LEU A 66 -5.48 3.39 5.97
N LEU A 67 -4.43 2.75 6.54
CA LEU A 67 -3.44 2.08 5.73
C LEU A 67 -4.10 0.96 4.96
N MET A 68 -5.05 0.24 5.60
CA MET A 68 -5.69 -0.86 4.90
C MET A 68 -6.51 -0.30 3.76
N ASP A 69 -7.21 0.83 4.00
CA ASP A 69 -8.04 1.43 2.98
C ASP A 69 -7.17 1.97 1.87
N ALA A 70 -6.03 2.61 2.23
CA ALA A 70 -5.13 3.17 1.24
C ALA A 70 -4.56 2.07 0.42
N LEU A 71 -4.17 0.99 1.09
CA LEU A 71 -3.58 -0.13 0.43
C LEU A 71 -4.61 -0.79 -0.43
N LEU A 72 -5.87 -0.85 0.04
CA LEU A 72 -6.92 -1.46 -0.73
C LEU A 72 -7.06 -0.71 -2.02
N SER A 73 -7.03 0.63 -1.95
CA SER A 73 -7.17 1.44 -3.14
C SER A 73 -5.98 1.21 -4.05
N ALA A 74 -4.76 1.11 -3.47
CA ALA A 74 -3.58 0.90 -4.27
C ALA A 74 -3.65 -0.44 -4.96
N LEU A 75 -4.07 -1.49 -4.23
CA LEU A 75 -4.17 -2.82 -4.80
C LEU A 75 -5.29 -2.84 -5.80
N HIS A 76 -6.37 -2.10 -5.49
CA HIS A 76 -7.51 -2.01 -6.36
C HIS A 76 -7.05 -1.45 -7.68
N THR A 77 -6.24 -0.37 -7.63
CA THR A 77 -5.74 0.25 -8.83
C THR A 77 -4.94 -0.77 -9.60
N LEU A 78 -4.02 -1.50 -8.93
CA LEU A 78 -3.18 -2.46 -9.63
C LEU A 78 -4.01 -3.56 -10.24
N SER A 79 -5.03 -4.05 -9.51
CA SER A 79 -5.85 -5.14 -10.00
C SER A 79 -6.61 -4.72 -11.23
N TYR A 80 -7.21 -3.51 -11.24
CA TYR A 80 -8.00 -3.10 -12.37
C TYR A 80 -7.15 -2.58 -13.50
N GLN A 81 -5.93 -2.07 -13.23
CA GLN A 81 -5.10 -1.57 -14.33
C GLN A 81 -4.80 -2.70 -15.27
N GLY A 82 -4.60 -3.92 -14.74
CA GLY A 82 -4.29 -5.05 -15.58
C GLY A 82 -5.54 -5.47 -16.33
N MET A 83 -6.72 -4.94 -15.94
CA MET A 83 -7.94 -5.33 -16.60
C MET A 83 -8.35 -4.25 -17.55
N GLY A 84 -7.99 -2.98 -17.25
CA GLY A 84 -8.36 -1.90 -18.13
C GLY A 84 -8.34 -0.64 -17.33
N THR A 85 -9.46 0.11 -17.37
CA THR A 85 -9.55 1.36 -16.63
C THR A 85 -9.82 1.04 -15.19
N VAL A 86 -9.52 2.02 -14.31
CA VAL A 86 -9.73 1.83 -12.89
C VAL A 86 -11.04 2.49 -12.53
N PRO A 87 -11.98 1.71 -12.03
CA PRO A 87 -13.28 2.26 -11.63
C PRO A 87 -13.21 3.09 -10.40
N SER A 88 -14.14 4.05 -10.28
CA SER A 88 -14.16 4.93 -9.13
C SER A 88 -14.70 4.18 -7.94
N TYR A 89 -15.28 2.98 -8.16
CA TYR A 89 -15.83 2.24 -7.05
C TYR A 89 -15.38 0.81 -7.20
N PRO A 90 -14.82 0.24 -6.15
CA PRO A 90 -14.33 -1.13 -6.15
C PRO A 90 -15.43 -2.15 -6.01
N SER A 91 -15.15 -3.39 -6.45
CA SER A 91 -16.12 -4.45 -6.36
C SER A 91 -16.17 -4.89 -4.91
N PRO A 92 -17.36 -4.96 -4.35
CA PRO A 92 -17.54 -5.35 -2.95
C PRO A 92 -17.12 -6.77 -2.69
N SER A 93 -17.16 -7.64 -3.71
CA SER A 93 -16.75 -9.02 -3.52
C SER A 93 -15.28 -9.01 -3.20
N ALA A 94 -14.51 -8.21 -3.97
CA ALA A 94 -13.08 -8.11 -3.77
C ALA A 94 -12.81 -7.45 -2.46
N MET A 95 -13.64 -6.43 -2.12
CA MET A 95 -13.47 -5.69 -0.91
C MET A 95 -13.67 -6.62 0.24
N SER A 96 -14.67 -7.51 0.09
CA SER A 96 -15.01 -8.45 1.12
C SER A 96 -13.85 -9.40 1.34
N ALA A 97 -13.27 -9.93 0.24
CA ALA A 97 -12.17 -10.87 0.35
C ALA A 97 -10.99 -10.20 1.00
N TYR A 98 -10.71 -8.96 0.56
CA TYR A 98 -9.59 -8.22 1.07
C TYR A 98 -9.81 -7.99 2.53
N SER A 99 -11.02 -7.56 2.90
CA SER A 99 -11.32 -7.23 4.27
C SER A 99 -11.16 -8.45 5.15
N GLN A 100 -11.66 -9.62 4.71
CA GLN A 100 -11.58 -10.80 5.53
C GLN A 100 -10.15 -11.22 5.73
N SER A 101 -9.35 -11.22 4.66
CA SER A 101 -7.97 -11.66 4.76
C SER A 101 -7.14 -10.67 5.53
N VAL A 102 -7.33 -9.38 5.24
CA VAL A 102 -6.54 -8.35 5.88
C VAL A 102 -6.93 -8.24 7.35
N ARG A 103 -8.24 -8.34 7.65
CA ARG A 103 -8.70 -8.22 9.02
C ARG A 103 -8.05 -9.27 9.89
N ARG A 104 -8.01 -10.54 9.43
CA ARG A 104 -7.43 -11.57 10.27
C ARG A 104 -5.93 -11.42 10.33
N CYS A 105 -5.30 -10.83 9.29
CA CYS A 105 -3.86 -10.70 9.27
C CYS A 105 -3.37 -9.79 10.38
N PHE A 106 -4.05 -8.65 10.62
CA PHE A 106 -3.57 -7.76 11.66
C PHE A 106 -4.44 -7.86 12.87
N GLY A 107 -5.65 -8.44 12.73
CA GLY A 107 -6.53 -8.58 13.87
C GLY A 107 -7.27 -7.29 14.07
N TYR A 108 -7.07 -6.32 13.15
CA TYR A 108 -7.74 -5.05 13.26
C TYR A 108 -8.72 -4.92 12.10
N GLY B 20 25.83 -10.01 -1.11
CA GLY B 20 24.61 -9.28 -1.57
C GLY B 20 23.76 -8.95 -0.39
N SER B 21 22.69 -8.17 -0.62
CA SER B 21 21.81 -7.79 0.47
C SER B 21 20.42 -8.10 0.01
N SER B 22 19.54 -8.44 0.97
CA SER B 22 18.18 -8.75 0.63
C SER B 22 17.32 -8.14 1.69
N ARG B 23 16.23 -7.46 1.26
CA ARG B 23 15.34 -6.83 2.20
C ARG B 23 14.13 -6.40 1.42
N LEU B 24 14.20 -5.21 0.80
CA LEU B 24 13.10 -4.69 0.01
C LEU B 24 12.78 -5.59 -1.16
N PRO B 25 13.78 -6.07 -1.89
CA PRO B 25 13.54 -6.96 -3.04
C PRO B 25 12.63 -8.11 -2.75
N SER B 26 12.68 -8.68 -1.53
CA SER B 26 11.81 -9.80 -1.19
C SER B 26 10.38 -9.33 -1.24
N LEU B 27 10.10 -8.12 -0.73
CA LEU B 27 8.76 -7.59 -0.75
C LEU B 27 8.38 -7.31 -2.18
N ILE B 28 9.33 -6.80 -2.99
CA ILE B 28 9.06 -6.49 -4.38
C ILE B 28 8.68 -7.75 -5.08
N ASN B 29 9.39 -8.87 -4.81
CA ASN B 29 9.07 -10.13 -5.44
C ASN B 29 7.66 -10.51 -5.06
N GLY B 30 7.29 -10.22 -3.79
CA GLY B 30 5.95 -10.53 -3.31
C GLY B 30 4.94 -9.74 -4.11
N ILE B 31 5.27 -8.46 -4.42
CA ILE B 31 4.34 -7.63 -5.16
C ILE B 31 4.18 -8.21 -6.55
N MET B 32 5.30 -8.60 -7.17
CA MET B 32 5.28 -9.15 -8.51
C MET B 32 4.54 -10.47 -8.47
N SER B 33 4.72 -11.22 -7.37
CA SER B 33 4.10 -12.52 -7.21
C SER B 33 2.60 -12.37 -7.28
N SER B 34 2.03 -11.35 -6.60
CA SER B 34 0.61 -11.19 -6.60
C SER B 34 0.17 -10.40 -7.80
N MET B 35 1.14 -9.79 -8.52
CA MET B 35 0.80 -9.02 -9.69
C MET B 35 0.37 -9.98 -10.77
N GLN B 36 0.92 -11.21 -10.73
CA GLN B 36 0.58 -12.20 -11.73
C GLN B 36 -0.81 -12.69 -11.45
N GLY B 37 -1.54 -13.06 -12.53
CA GLY B 37 -2.89 -13.54 -12.38
C GLY B 37 -3.79 -12.72 -13.26
N GLY B 38 -3.30 -11.55 -13.70
CA GLY B 38 -4.10 -10.70 -14.56
C GLY B 38 -4.86 -9.73 -13.70
N GLY B 39 -4.79 -9.91 -12.36
CA GLY B 39 -5.47 -9.04 -11.46
C GLY B 39 -4.62 -8.93 -10.24
N PHE B 40 -5.14 -9.36 -9.09
CA PHE B 40 -4.36 -9.29 -7.89
C PHE B 40 -4.93 -10.29 -6.93
N ASN B 41 -4.06 -11.15 -6.35
CA ASN B 41 -4.53 -12.14 -5.42
C ASN B 41 -4.35 -11.57 -4.04
N TYR B 42 -5.48 -11.24 -3.38
CA TYR B 42 -5.42 -10.65 -2.06
C TYR B 42 -5.00 -11.70 -1.06
N GLN B 43 -5.41 -12.97 -1.27
CA GLN B 43 -5.08 -14.02 -0.34
C GLN B 43 -3.59 -14.20 -0.29
N ASN B 44 -2.93 -14.21 -1.47
CA ASN B 44 -1.51 -14.39 -1.53
C ASN B 44 -0.83 -13.21 -0.89
N PHE B 45 -1.36 -12.00 -1.15
CA PHE B 45 -0.77 -10.80 -0.60
C PHE B 45 -0.87 -10.83 0.91
N GLY B 46 -2.05 -11.21 1.45
CA GLY B 46 -2.23 -11.26 2.88
C GLY B 46 -1.27 -12.25 3.47
N ASN B 47 -1.07 -13.40 2.78
CA ASN B 47 -0.16 -14.41 3.28
C ASN B 47 1.23 -13.84 3.30
N VAL B 48 1.58 -13.06 2.26
CA VAL B 48 2.90 -12.46 2.17
C VAL B 48 3.09 -11.53 3.35
N LEU B 49 2.07 -10.70 3.65
CA LEU B 49 2.20 -9.76 4.74
C LEU B 49 2.34 -10.49 6.05
N SER B 50 1.58 -11.57 6.25
CA SER B 50 1.65 -12.29 7.51
C SER B 50 3.00 -12.94 7.67
N GLN B 51 3.57 -13.46 6.56
CA GLN B 51 4.85 -14.13 6.61
C GLN B 51 5.94 -13.13 6.87
N PHE B 52 5.83 -11.94 6.26
CA PHE B 52 6.84 -10.92 6.44
C PHE B 52 6.72 -10.40 7.85
N ALA B 53 5.49 -10.43 8.40
CA ALA B 53 5.27 -9.90 9.72
C ALA B 53 5.52 -10.97 10.74
N THR B 54 4.43 -11.69 11.13
CA THR B 54 4.52 -12.71 12.15
C THR B 54 3.12 -13.06 12.52
N GLY B 55 2.32 -12.02 12.83
CA GLY B 55 0.93 -12.22 13.19
C GLY B 55 0.82 -12.04 14.68
N THR B 56 1.22 -10.85 15.18
CA THR B 56 1.15 -10.58 16.59
C THR B 56 -0.29 -10.40 16.99
N GLY B 57 -1.07 -9.72 16.13
CA GLY B 57 -2.47 -9.51 16.41
C GLY B 57 -2.61 -8.37 17.39
N THR B 58 -1.57 -7.50 17.47
CA THR B 58 -1.64 -6.38 18.38
C THR B 58 -0.87 -5.25 17.75
N CYS B 59 -0.89 -4.07 18.41
CA CYS B 59 -0.19 -2.92 17.88
C CYS B 59 1.28 -3.18 18.01
N ASN B 60 2.01 -3.03 16.89
CA ASN B 60 3.43 -3.25 16.91
C ASN B 60 4.00 -2.35 15.86
N SER B 61 5.10 -1.63 16.19
CA SER B 61 5.71 -0.72 15.26
C SER B 61 6.28 -1.51 14.09
N ASN B 62 6.57 -2.80 14.31
CA ASN B 62 7.10 -3.63 13.25
C ASN B 62 6.06 -3.74 12.17
N ASP B 63 4.78 -3.89 12.57
CA ASP B 63 3.71 -4.01 11.60
C ASP B 63 3.63 -2.75 10.77
N LEU B 64 3.79 -1.56 11.41
CA LEU B 64 3.72 -0.32 10.64
C LEU B 64 4.86 -0.28 9.68
N ASN B 65 6.07 -0.66 10.14
CA ASN B 65 7.23 -0.62 9.27
C ASN B 65 7.02 -1.58 8.13
N LEU B 66 6.41 -2.75 8.41
CA LEU B 66 6.16 -3.71 7.36
C LEU B 66 5.22 -3.09 6.37
N LEU B 67 4.16 -2.42 6.86
CA LEU B 67 3.20 -1.81 5.97
C LEU B 67 3.88 -0.74 5.16
N MET B 68 4.82 0.03 5.76
CA MET B 68 5.47 1.07 5.01
C MET B 68 6.34 0.44 3.95
N ASP B 69 7.02 -0.68 4.30
CA ASP B 69 7.88 -1.34 3.33
C ASP B 69 7.05 -1.96 2.23
N ALA B 70 5.90 -2.57 2.60
CA ALA B 70 5.03 -3.20 1.64
C ALA B 70 4.49 -2.16 0.71
N LEU B 71 4.07 -1.03 1.30
CA LEU B 71 3.50 0.03 0.54
C LEU B 71 4.56 0.64 -0.33
N LEU B 72 5.81 0.74 0.19
CA LEU B 72 6.89 1.30 -0.60
C LEU B 72 7.07 0.45 -1.83
N SER B 73 7.04 -0.88 -1.67
CA SER B 73 7.22 -1.76 -2.80
C SER B 73 6.06 -1.61 -3.76
N ALA B 74 4.82 -1.47 -3.22
CA ALA B 74 3.66 -1.32 -4.08
C ALA B 74 3.76 -0.02 -4.85
N LEU B 75 4.16 1.08 -4.17
CA LEU B 75 4.27 2.36 -4.84
C LEU B 75 5.42 2.31 -5.79
N HIS B 76 6.49 1.60 -5.41
CA HIS B 76 7.66 1.45 -6.24
C HIS B 76 7.24 0.79 -7.51
N THR B 77 6.43 -0.27 -7.42
CA THR B 77 5.98 -0.97 -8.59
C THR B 77 5.20 -0.02 -9.47
N LEU B 78 4.26 0.76 -8.88
CA LEU B 78 3.44 1.68 -9.67
C LEU B 78 4.30 2.72 -10.33
N SER B 79 5.29 3.26 -9.60
CA SER B 79 6.12 4.31 -10.13
C SER B 79 6.92 3.81 -11.32
N TYR B 80 7.52 2.61 -11.20
CA TYR B 80 8.34 2.11 -12.28
C TYR B 80 7.53 1.52 -13.41
N GLN B 81 6.30 1.02 -13.14
CA GLN B 81 5.51 0.46 -14.22
C GLN B 81 5.24 1.52 -15.26
N GLY B 82 5.02 2.77 -14.81
CA GLY B 82 4.75 3.84 -15.74
C GLY B 82 6.01 4.21 -16.47
N MET B 83 7.18 3.71 -16.00
CA MET B 83 8.44 4.05 -16.66
C MET B 83 8.87 2.90 -17.53
N GLY B 84 8.50 1.66 -17.16
CA GLY B 84 8.89 0.52 -17.94
C GLY B 84 8.85 -0.68 -17.06
N THR B 85 9.96 -1.44 -17.00
CA THR B 85 10.02 -2.62 -16.18
C THR B 85 10.25 -2.21 -14.75
N VAL B 86 9.92 -3.12 -13.81
CA VAL B 86 10.09 -2.84 -12.41
C VAL B 86 11.39 -3.47 -11.97
N PRO B 87 12.31 -2.66 -11.48
CA PRO B 87 13.60 -3.17 -11.00
C PRO B 87 13.48 -3.91 -9.72
N SER B 88 14.41 -4.85 -9.50
CA SER B 88 14.39 -5.64 -8.29
C SER B 88 14.89 -4.82 -7.14
N TYR B 89 15.47 -3.63 -7.42
CA TYR B 89 15.99 -2.81 -6.35
C TYR B 89 15.55 -1.39 -6.62
N PRO B 90 14.97 -0.75 -5.61
CA PRO B 90 14.48 0.61 -5.74
C PRO B 90 15.57 1.65 -5.64
N SER B 91 15.28 2.86 -6.17
CA SER B 91 16.25 3.94 -6.13
C SER B 91 16.29 4.48 -4.72
N PRO B 92 17.48 4.58 -4.15
CA PRO B 92 17.64 5.10 -2.79
C PRO B 92 17.15 6.50 -2.61
N SER B 93 17.23 7.33 -3.68
CA SER B 93 16.77 8.70 -3.58
C SER B 93 15.29 8.68 -3.31
N ALA B 94 14.57 7.82 -4.06
CA ALA B 94 13.14 7.70 -3.90
C ALA B 94 12.83 7.13 -2.55
N MET B 95 13.65 6.14 -2.12
CA MET B 95 13.45 5.50 -0.86
C MET B 95 13.61 6.51 0.23
N SER B 96 14.61 7.38 0.04
CA SER B 96 14.91 8.40 1.02
C SER B 96 13.75 9.36 1.14
N ALA B 97 13.22 9.81 -0.01
CA ALA B 97 12.12 10.75 -0.01
C ALA B 97 10.92 10.13 0.64
N TYR B 98 10.65 8.87 0.28
CA TYR B 98 9.51 8.15 0.81
C TYR B 98 9.67 8.03 2.30
N SER B 99 10.88 7.62 2.73
CA SER B 99 11.13 7.39 4.13
C SER B 99 10.93 8.67 4.91
N GLN B 100 11.46 9.80 4.41
CA GLN B 100 11.36 11.05 5.14
C GLN B 100 9.92 11.47 5.27
N SER B 101 9.16 11.40 4.17
CA SER B 101 7.77 11.85 4.20
C SER B 101 6.93 10.91 5.01
N VAL B 102 7.11 9.60 4.82
CA VAL B 102 6.30 8.62 5.51
C VAL B 102 6.65 8.61 6.98
N ARG B 103 7.95 8.73 7.31
CA ARG B 103 8.36 8.70 8.70
C ARG B 103 7.69 9.80 9.48
N ARG B 104 7.66 11.04 8.94
CA ARG B 104 7.06 12.12 9.68
C ARG B 104 5.55 11.99 9.71
N CYS B 105 4.96 11.32 8.69
CA CYS B 105 3.52 11.19 8.64
C CYS B 105 3.00 10.37 9.78
N PHE B 106 3.65 9.24 10.14
CA PHE B 106 3.14 8.42 11.22
C PHE B 106 3.98 8.62 12.45
N GLY B 107 5.20 9.18 12.31
CA GLY B 107 6.04 9.39 13.46
C GLY B 107 6.77 8.13 13.76
N TYR B 108 6.61 7.10 12.90
CA TYR B 108 7.26 5.84 13.13
C TYR B 108 8.28 5.63 12.00
N GLY A 20 -22.86 0.50 0.64
CA GLY A 20 -21.57 1.01 0.11
C GLY A 20 -21.21 2.28 0.82
N SER A 21 -20.12 2.93 0.37
CA SER A 21 -19.71 4.16 1.01
C SER A 21 -19.03 4.98 -0.04
N SER A 22 -19.15 6.33 0.07
CA SER A 22 -18.53 7.20 -0.91
C SER A 22 -17.21 7.66 -0.38
N ARG A 23 -16.74 7.07 0.74
CA ARG A 23 -15.47 7.47 1.30
C ARG A 23 -14.34 6.81 0.54
N LEU A 24 -14.57 5.59 -0.01
CA LEU A 24 -13.52 4.89 -0.72
C LEU A 24 -13.07 5.64 -1.97
N PRO A 25 -13.99 6.11 -2.80
CA PRO A 25 -13.62 6.87 -4.00
C PRO A 25 -12.65 7.99 -3.75
N SER A 26 -12.73 8.62 -2.55
CA SER A 26 -11.82 9.71 -2.24
C SER A 26 -10.41 9.17 -2.22
N LEU A 27 -10.22 7.97 -1.62
CA LEU A 27 -8.90 7.38 -1.56
C LEU A 27 -8.49 6.98 -2.94
N ILE A 28 -9.44 6.46 -3.75
CA ILE A 28 -9.14 6.03 -5.09
C ILE A 28 -8.67 7.23 -5.89
N ASN A 29 -9.36 8.39 -5.73
CA ASN A 29 -8.96 9.58 -6.45
C ASN A 29 -7.58 9.95 -6.02
N GLY A 30 -7.25 9.76 -4.73
CA GLY A 30 -5.94 10.08 -4.22
C GLY A 30 -4.91 9.23 -4.92
N ILE A 31 -5.24 7.95 -5.18
CA ILE A 31 -4.29 7.06 -5.84
C ILE A 31 -4.05 7.58 -7.24
N MET A 32 -5.14 7.95 -7.95
CA MET A 32 -5.02 8.45 -9.31
C MET A 32 -4.28 9.75 -9.28
N SER A 33 -4.45 10.52 -8.21
CA SER A 33 -3.80 11.81 -8.08
C SER A 33 -2.30 11.64 -8.10
N SER A 34 -1.78 10.62 -7.37
CA SER A 34 -0.34 10.44 -7.33
C SER A 34 0.09 9.55 -8.46
N MET A 35 -0.87 8.92 -9.16
CA MET A 35 -0.54 8.06 -10.27
C MET A 35 -0.03 8.93 -11.39
N GLN A 36 -0.55 10.16 -11.47
CA GLN A 36 -0.14 11.06 -12.53
C GLN A 36 1.23 11.59 -12.20
N GLY A 37 2.04 11.87 -13.24
CA GLY A 37 3.37 12.38 -13.03
C GLY A 37 4.33 11.54 -13.82
N GLY A 38 3.87 10.36 -14.31
CA GLY A 38 4.74 9.50 -15.09
C GLY A 38 5.58 8.70 -14.14
N GLY A 39 5.17 8.67 -12.85
CA GLY A 39 5.90 7.94 -11.87
C GLY A 39 5.03 7.90 -10.66
N PHE A 40 5.46 8.55 -9.57
CA PHE A 40 4.65 8.55 -8.38
C PHE A 40 5.13 9.69 -7.53
N ASN A 41 4.19 10.49 -6.99
CA ASN A 41 4.55 11.60 -6.15
C ASN A 41 4.39 11.14 -4.74
N TYR A 42 5.53 10.93 -4.04
CA TYR A 42 5.49 10.46 -2.67
C TYR A 42 4.98 11.55 -1.77
N GLN A 43 5.31 12.82 -2.08
CA GLN A 43 4.89 13.92 -1.22
C GLN A 43 3.39 14.03 -1.26
N ASN A 44 2.77 13.80 -2.44
CA ASN A 44 1.32 13.91 -2.52
C ASN A 44 0.71 12.76 -1.76
N PHE A 45 1.33 11.57 -1.90
CA PHE A 45 0.83 10.39 -1.23
C PHE A 45 0.88 10.60 0.26
N GLY A 46 2.02 11.12 0.77
CA GLY A 46 2.17 11.35 2.18
C GLY A 46 1.14 12.35 2.64
N ASN A 47 0.90 13.40 1.84
CA ASN A 47 -0.06 14.41 2.21
C ASN A 47 -1.43 13.78 2.28
N VAL A 48 -1.73 12.88 1.32
CA VAL A 48 -3.02 12.22 1.29
C VAL A 48 -3.20 11.42 2.56
N LEU A 49 -2.16 10.63 2.94
CA LEU A 49 -2.27 9.81 4.14
C LEU A 49 -2.40 10.70 5.36
N SER A 50 -1.63 11.80 5.39
CA SER A 50 -1.66 12.69 6.54
C SER A 50 -3.02 13.30 6.69
N GLN A 51 -3.64 13.72 5.56
CA GLN A 51 -4.94 14.36 5.58
C GLN A 51 -5.98 13.36 6.00
N PHE A 52 -5.85 12.09 5.52
CA PHE A 52 -6.82 11.09 5.86
C PHE A 52 -6.65 10.78 7.32
N ALA A 53 -5.40 10.87 7.80
CA ALA A 53 -5.11 10.55 9.17
C ALA A 53 -5.32 11.73 10.05
N THR A 54 -4.22 12.44 10.37
CA THR A 54 -4.29 13.57 11.26
C THR A 54 -2.88 14.00 11.50
N GLY A 55 -2.08 13.10 12.09
CA GLY A 55 -0.69 13.39 12.37
C GLY A 55 -0.53 13.50 13.86
N THR A 56 -1.23 12.63 14.63
CA THR A 56 -1.11 12.66 16.07
C THR A 56 0.25 12.14 16.46
N GLY A 57 0.74 11.12 15.74
CA GLY A 57 2.04 10.56 16.04
C GLY A 57 1.88 9.59 17.18
N THR A 58 0.65 9.10 17.40
CA THR A 58 0.38 8.17 18.46
C THR A 58 -0.22 6.95 17.85
N CYS A 59 -0.22 5.83 18.61
CA CYS A 59 -0.78 4.59 18.10
C CYS A 59 -2.26 4.79 17.99
N ASN A 60 -2.81 4.53 16.79
CA ASN A 60 -4.22 4.69 16.57
C ASN A 60 -4.61 3.66 15.57
N SER A 61 -5.71 2.92 15.85
CA SER A 61 -6.16 1.88 14.96
C SER A 61 -6.70 2.52 13.70
N ASN A 62 -7.05 3.83 13.79
CA ASN A 62 -7.57 4.52 12.63
C ASN A 62 -6.52 4.54 11.56
N ASP A 63 -5.24 4.73 11.98
CA ASP A 63 -4.16 4.79 11.03
C ASP A 63 -4.06 3.47 10.29
N LEU A 64 -4.24 2.33 11.00
CA LEU A 64 -4.16 1.04 10.34
C LEU A 64 -5.27 0.91 9.35
N ASN A 65 -6.48 1.34 9.74
CA ASN A 65 -7.63 1.24 8.86
C ASN A 65 -7.40 2.08 7.63
N LEU A 66 -6.84 3.28 7.81
CA LEU A 66 -6.58 4.15 6.69
C LEU A 66 -5.57 3.50 5.79
N LEU A 67 -4.54 2.85 6.38
CA LEU A 67 -3.53 2.19 5.59
C LEU A 67 -4.17 1.03 4.86
N MET A 68 -5.09 0.29 5.51
CA MET A 68 -5.71 -0.83 4.85
C MET A 68 -6.56 -0.32 3.73
N ASP A 69 -7.26 0.82 3.96
CA ASP A 69 -8.11 1.40 2.95
C ASP A 69 -7.24 1.87 1.80
N ALA A 70 -6.07 2.46 2.12
CA ALA A 70 -5.18 2.94 1.09
C ALA A 70 -4.70 1.78 0.27
N LEU A 71 -4.35 0.66 0.95
CA LEU A 71 -3.90 -0.52 0.24
C LEU A 71 -5.02 -1.08 -0.57
N LEU A 72 -6.26 -1.04 -0.04
CA LEU A 72 -7.37 -1.57 -0.79
C LEU A 72 -7.48 -0.82 -2.08
N SER A 73 -7.43 0.52 -2.02
CA SER A 73 -7.53 1.32 -3.21
C SER A 73 -6.32 1.10 -4.09
N ALA A 74 -5.11 1.02 -3.50
CA ALA A 74 -3.90 0.84 -4.29
C ALA A 74 -3.92 -0.50 -4.98
N LEU A 75 -4.28 -1.57 -4.25
CA LEU A 75 -4.32 -2.90 -4.83
C LEU A 75 -5.43 -2.95 -5.85
N HIS A 76 -6.55 -2.26 -5.55
CA HIS A 76 -7.67 -2.19 -6.46
C HIS A 76 -7.19 -1.56 -7.74
N THR A 77 -6.40 -0.47 -7.62
CA THR A 77 -5.88 0.21 -8.77
C THR A 77 -5.03 -0.74 -9.58
N LEU A 78 -4.17 -1.53 -8.91
CA LEU A 78 -3.30 -2.45 -9.62
C LEU A 78 -4.09 -3.48 -10.39
N SER A 79 -5.18 -4.00 -9.80
CA SER A 79 -5.96 -5.03 -10.45
C SER A 79 -6.63 -4.51 -11.70
N TYR A 80 -7.19 -3.28 -11.64
CA TYR A 80 -7.90 -2.76 -12.78
C TYR A 80 -6.99 -2.03 -13.74
N GLN A 81 -5.82 -1.53 -13.27
CA GLN A 81 -4.93 -0.80 -14.16
C GLN A 81 -4.50 -1.67 -15.31
N GLY A 82 -4.73 -3.00 -15.21
CA GLY A 82 -4.38 -3.89 -16.28
C GLY A 82 -5.19 -3.50 -17.49
N MET A 83 -6.44 -3.01 -17.26
CA MET A 83 -7.30 -2.63 -18.36
C MET A 83 -6.93 -1.24 -18.81
N GLY A 84 -6.13 -0.52 -18.01
CA GLY A 84 -5.72 0.83 -18.37
C GLY A 84 -6.60 1.82 -17.69
N THR A 85 -7.80 1.40 -17.22
CA THR A 85 -8.68 2.29 -16.55
C THR A 85 -9.18 1.60 -15.32
N VAL A 86 -9.62 2.39 -14.32
CA VAL A 86 -10.11 1.82 -13.10
C VAL A 86 -11.46 2.43 -12.80
N PRO A 87 -12.32 1.64 -12.17
CA PRO A 87 -13.64 2.10 -11.79
C PRO A 87 -13.61 2.98 -10.59
N SER A 88 -14.64 3.84 -10.45
CA SER A 88 -14.69 4.75 -9.33
C SER A 88 -15.14 4.00 -8.11
N TYR A 89 -15.60 2.74 -8.29
CA TYR A 89 -16.06 1.98 -7.15
C TYR A 89 -15.57 0.57 -7.32
N PRO A 90 -14.95 0.03 -6.28
CA PRO A 90 -14.41 -1.33 -6.29
C PRO A 90 -15.47 -2.39 -6.16
N SER A 91 -15.12 -3.64 -6.55
CA SER A 91 -16.05 -4.74 -6.46
C SER A 91 -16.13 -5.18 -5.01
N PRO A 92 -17.34 -5.21 -4.47
CA PRO A 92 -17.56 -5.63 -3.08
C PRO A 92 -17.06 -7.01 -2.76
N SER A 93 -17.12 -7.95 -3.74
CA SER A 93 -16.66 -9.29 -3.49
C SER A 93 -15.18 -9.24 -3.19
N ALA A 94 -14.45 -8.40 -3.95
CA ALA A 94 -13.02 -8.27 -3.76
C ALA A 94 -12.76 -7.63 -2.42
N MET A 95 -13.58 -6.62 -2.06
CA MET A 95 -13.39 -5.91 -0.82
C MET A 95 -13.66 -6.85 0.30
N SER A 96 -14.67 -7.71 0.11
CA SER A 96 -15.05 -8.66 1.12
C SER A 96 -13.90 -9.59 1.40
N ALA A 97 -13.29 -10.13 0.33
CA ALA A 97 -12.18 -11.06 0.48
C ALA A 97 -11.02 -10.37 1.15
N TYR A 98 -10.76 -9.14 0.69
CA TYR A 98 -9.66 -8.35 1.22
C TYR A 98 -9.89 -8.12 2.67
N SER A 99 -11.12 -7.72 3.02
CA SER A 99 -11.43 -7.38 4.39
C SER A 99 -11.26 -8.58 5.28
N GLN A 100 -11.71 -9.77 4.84
CA GLN A 100 -11.60 -10.95 5.68
C GLN A 100 -10.17 -11.30 5.93
N SER A 101 -9.34 -11.28 4.88
CA SER A 101 -7.95 -11.66 5.01
C SER A 101 -7.19 -10.62 5.79
N VAL A 102 -7.41 -9.34 5.47
CA VAL A 102 -6.70 -8.26 6.13
C VAL A 102 -7.11 -8.17 7.57
N ARG A 103 -8.41 -8.33 7.87
CA ARG A 103 -8.88 -8.21 9.23
C ARG A 103 -8.21 -9.23 10.12
N ARG A 104 -8.12 -10.50 9.68
CA ARG A 104 -7.51 -11.51 10.52
C ARG A 104 -6.01 -11.30 10.61
N CYS A 105 -5.39 -10.71 9.56
CA CYS A 105 -3.95 -10.53 9.57
C CYS A 105 -3.51 -9.60 10.68
N PHE A 106 -4.21 -8.47 10.88
CA PHE A 106 -3.78 -7.55 11.92
C PHE A 106 -4.68 -7.68 13.11
N GLY A 107 -5.73 -8.53 13.02
CA GLY A 107 -6.63 -8.71 14.14
C GLY A 107 -7.48 -7.49 14.27
N TYR A 108 -7.60 -6.71 13.17
CA TYR A 108 -8.40 -5.52 13.21
C TYR A 108 -8.73 -5.15 11.76
N GLY B 20 22.83 -0.28 2.01
CA GLY B 20 21.58 -0.86 1.47
C GLY B 20 21.17 -2.03 2.31
N SER B 21 20.11 -2.74 1.89
CA SER B 21 19.65 -3.87 2.64
C SER B 21 19.04 -4.82 1.65
N SER B 22 19.14 -6.14 1.94
CA SER B 22 18.58 -7.12 1.04
C SER B 22 17.22 -7.51 1.54
N ARG B 23 16.69 -6.80 2.54
CA ARG B 23 15.38 -7.12 3.07
C ARG B 23 14.30 -6.56 2.17
N LEU B 24 14.57 -5.42 1.49
CA LEU B 24 13.57 -4.80 0.63
C LEU B 24 13.19 -5.71 -0.53
N PRO B 25 14.15 -6.28 -1.24
CA PRO B 25 13.86 -7.18 -2.35
C PRO B 25 12.88 -8.27 -2.02
N SER B 26 12.88 -8.75 -0.75
CA SER B 26 11.96 -9.80 -0.37
C SER B 26 10.54 -9.28 -0.49
N LEU B 27 10.32 -8.01 -0.06
CA LEU B 27 9.00 -7.42 -0.14
C LEU B 27 8.67 -7.20 -1.59
N ILE B 28 9.67 -6.78 -2.40
CA ILE B 28 9.44 -6.52 -3.81
C ILE B 28 9.02 -7.81 -4.47
N ASN B 29 9.69 -8.93 -4.13
CA ASN B 29 9.34 -10.20 -4.71
C ASN B 29 7.92 -10.53 -4.33
N GLY B 30 7.54 -10.18 -3.08
CA GLY B 30 6.19 -10.44 -2.61
C GLY B 30 5.20 -9.68 -3.46
N ILE B 31 5.55 -8.43 -3.85
CA ILE B 31 4.64 -7.64 -4.66
C ILE B 31 4.49 -8.32 -6.00
N MET B 32 5.62 -8.77 -6.59
CA MET B 32 5.59 -9.42 -7.89
C MET B 32 4.82 -10.71 -7.76
N SER B 33 4.95 -11.37 -6.61
CA SER B 33 4.28 -12.63 -6.37
C SER B 33 2.79 -12.47 -6.48
N SER B 34 2.23 -11.38 -5.91
CA SER B 34 0.79 -11.18 -5.96
C SER B 34 0.42 -10.44 -7.21
N MET B 35 1.42 -9.91 -7.95
CA MET B 35 1.13 -9.19 -9.16
C MET B 35 0.69 -10.20 -10.19
N GLN B 36 1.21 -11.44 -10.09
CA GLN B 36 0.86 -12.46 -11.04
C GLN B 36 -0.52 -12.94 -10.74
N GLY B 37 -1.27 -13.36 -11.79
CA GLY B 37 -2.61 -13.84 -11.58
C GLY B 37 -3.53 -13.10 -12.52
N GLY B 38 -3.03 -12.00 -13.13
CA GLY B 38 -3.84 -11.24 -14.06
C GLY B 38 -4.74 -10.34 -13.26
N GLY B 39 -4.40 -10.14 -11.97
CA GLY B 39 -5.19 -9.30 -11.12
C GLY B 39 -4.38 -9.10 -9.89
N PHE B 40 -4.88 -9.61 -8.75
CA PHE B 40 -4.14 -9.47 -7.53
C PHE B 40 -4.67 -10.49 -6.56
N ASN B 41 -3.77 -11.22 -5.89
CA ASN B 41 -4.18 -12.22 -4.94
C ASN B 41 -4.10 -11.59 -3.58
N TYR B 42 -5.28 -11.30 -2.98
CA TYR B 42 -5.32 -10.66 -1.68
C TYR B 42 -4.86 -11.63 -0.63
N GLN B 43 -5.18 -12.94 -0.79
CA GLN B 43 -4.81 -13.91 0.20
C GLN B 43 -3.31 -14.03 0.27
N ASN B 44 -2.61 -13.95 -0.89
CA ASN B 44 -1.17 -14.06 -0.89
C ASN B 44 -0.60 -12.83 -0.24
N PHE B 45 -1.20 -11.66 -0.54
CA PHE B 45 -0.74 -10.40 0.01
C PHE B 45 -0.87 -10.44 1.51
N GLY B 46 -2.04 -10.90 2.01
CA GLY B 46 -2.28 -10.95 3.44
C GLY B 46 -1.28 -11.88 4.07
N ASN B 47 -1.00 -13.03 3.41
CA ASN B 47 -0.06 -13.98 3.96
C ASN B 47 1.29 -13.35 4.03
N VAL B 48 1.65 -12.57 2.99
CA VAL B 48 2.95 -11.91 2.95
C VAL B 48 3.05 -10.96 4.12
N LEU B 49 2.01 -10.14 4.35
CA LEU B 49 2.05 -9.18 5.44
C LEU B 49 2.10 -9.90 6.76
N SER B 50 1.33 -10.99 6.88
CA SER B 50 1.28 -11.74 8.13
C SER B 50 2.65 -12.31 8.44
N GLN B 51 3.31 -12.87 7.40
CA GLN B 51 4.60 -13.49 7.57
C GLN B 51 5.63 -12.44 7.91
N PHE B 52 5.53 -11.26 7.29
CA PHE B 52 6.48 -10.21 7.56
C PHE B 52 6.23 -9.72 8.95
N ALA B 53 4.95 -9.76 9.38
CA ALA B 53 4.59 -9.26 10.67
C ALA B 53 4.75 -10.34 11.71
N THR B 54 3.63 -11.01 12.04
CA THR B 54 3.65 -12.02 13.07
C THR B 54 2.23 -12.43 13.29
N GLY B 55 1.39 -11.46 13.71
CA GLY B 55 -0.01 -11.73 13.95
C GLY B 55 -0.26 -11.64 15.42
N THR B 56 0.39 -10.68 16.11
CA THR B 56 0.19 -10.53 17.53
C THR B 56 -1.18 -9.98 17.78
N GLY B 57 -1.63 -9.06 16.91
CA GLY B 57 -2.93 -8.47 17.07
C GLY B 57 -2.85 -7.37 18.09
N THR B 58 -1.62 -6.85 18.31
CA THR B 58 -1.43 -5.80 19.27
C THR B 58 -0.78 -4.65 18.55
N CYS B 59 -0.82 -3.45 19.17
CA CYS B 59 -0.22 -2.28 18.55
C CYS B 59 1.26 -2.49 18.54
N ASN B 60 1.88 -2.37 17.35
CA ASN B 60 3.30 -2.56 17.23
C ASN B 60 3.75 -1.64 16.14
N SER B 61 4.83 -0.87 16.39
CA SER B 61 5.34 0.04 15.40
C SER B 61 5.95 -0.74 14.27
N ASN B 62 6.29 -2.02 14.53
CA ASN B 62 6.87 -2.86 13.51
C ASN B 62 5.88 -3.01 12.39
N ASP B 63 4.58 -3.15 12.75
CA ASP B 63 3.55 -3.32 11.75
C ASP B 63 3.51 -2.11 10.85
N LEU B 64 3.64 -0.89 11.43
CA LEU B 64 3.61 0.30 10.61
C LEU B 64 4.78 0.31 9.67
N ASN B 65 5.97 -0.06 10.19
CA ASN B 65 7.16 -0.07 9.37
C ASN B 65 6.99 -1.05 8.24
N LEU B 66 6.41 -2.23 8.54
CA LEU B 66 6.23 -3.23 7.52
C LEU B 66 5.28 -2.69 6.49
N LEU B 67 4.21 -1.97 6.93
CA LEU B 67 3.25 -1.42 6.01
C LEU B 67 3.93 -0.36 5.17
N MET B 68 4.81 0.46 5.79
CA MET B 68 5.48 1.50 5.04
C MET B 68 6.39 0.84 4.04
N ASP B 69 7.07 -0.24 4.45
CA ASP B 69 7.98 -0.94 3.56
C ASP B 69 7.18 -1.55 2.42
N ALA B 70 5.99 -2.11 2.75
CA ALA B 70 5.15 -2.72 1.73
C ALA B 70 4.74 -1.66 0.76
N LEU B 71 4.35 -0.47 1.27
CA LEU B 71 3.95 0.61 0.41
C LEU B 71 5.11 1.08 -0.41
N LEU B 72 6.32 1.11 0.18
CA LEU B 72 7.48 1.56 -0.55
C LEU B 72 7.66 0.64 -1.73
N SER B 73 7.58 -0.68 -1.51
CA SER B 73 7.76 -1.63 -2.58
C SER B 73 6.60 -1.53 -3.55
N ALA B 74 5.35 -1.37 -3.05
CA ALA B 74 4.19 -1.29 -3.92
C ALA B 74 4.25 -0.04 -4.77
N LEU B 75 4.59 1.12 -4.16
CA LEU B 75 4.66 2.35 -4.90
C LEU B 75 5.82 2.28 -5.84
N HIS B 76 6.93 1.63 -5.39
CA HIS B 76 8.09 1.46 -6.22
C HIS B 76 7.69 0.68 -7.45
N THR B 77 6.90 -0.40 -7.24
CA THR B 77 6.44 -1.22 -8.33
C THR B 77 5.64 -0.38 -9.29
N LEU B 78 4.75 0.49 -8.77
CA LEU B 78 3.91 1.31 -9.63
C LEU B 78 4.75 2.23 -10.48
N SER B 79 5.80 2.83 -9.89
CA SER B 79 6.63 3.77 -10.63
C SER B 79 7.37 3.10 -11.76
N TYR B 80 7.92 1.90 -11.52
CA TYR B 80 8.70 1.23 -12.55
C TYR B 80 7.85 0.40 -13.46
N GLN B 81 6.65 -0.05 -13.01
CA GLN B 81 5.80 -0.88 -13.86
C GLN B 81 5.44 -0.14 -15.12
N GLY B 82 5.67 1.19 -15.15
CA GLY B 82 5.38 1.95 -16.35
C GLY B 82 6.25 1.42 -17.46
N MET B 83 7.48 0.95 -17.11
CA MET B 83 8.39 0.44 -18.10
C MET B 83 8.04 -1.00 -18.41
N GLY B 84 7.21 -1.62 -17.54
CA GLY B 84 6.81 -2.99 -17.76
C GLY B 84 7.64 -3.90 -16.91
N THR B 85 8.81 -3.41 -16.43
CA THR B 85 9.66 -4.22 -15.60
C THR B 85 10.08 -3.38 -14.44
N VAL B 86 10.46 -4.05 -13.32
CA VAL B 86 10.88 -3.33 -12.15
C VAL B 86 12.21 -3.88 -11.72
N PRO B 87 13.04 -3.03 -11.14
CA PRO B 87 14.33 -3.43 -10.64
C PRO B 87 14.23 -4.16 -9.34
N SER B 88 15.24 -5.00 -9.03
CA SER B 88 15.24 -5.75 -7.81
C SER B 88 15.61 -4.85 -6.67
N TYR B 89 16.08 -3.62 -6.97
CA TYR B 89 16.47 -2.72 -5.91
C TYR B 89 16.00 -1.34 -6.27
N PRO B 90 15.32 -0.69 -5.35
CA PRO B 90 14.79 0.66 -5.55
C PRO B 90 15.84 1.73 -5.48
N SER B 91 15.53 2.92 -6.05
CA SER B 91 16.46 4.01 -6.05
C SER B 91 16.47 4.64 -4.67
N PRO B 92 17.65 4.75 -4.07
CA PRO B 92 17.81 5.35 -2.74
C PRO B 92 17.29 6.75 -2.63
N SER B 93 17.39 7.54 -3.72
CA SER B 93 16.91 8.91 -3.66
C SER B 93 15.43 8.89 -3.42
N ALA B 94 14.73 7.96 -4.11
CA ALA B 94 13.30 7.85 -3.96
C ALA B 94 12.98 7.35 -2.57
N MET B 95 13.81 6.40 -2.08
CA MET B 95 13.60 5.82 -0.77
C MET B 95 13.76 6.91 0.24
N SER B 96 14.75 7.78 0.01
CA SER B 96 15.05 8.85 0.92
C SER B 96 13.88 9.80 1.00
N ALA B 97 13.33 10.20 -0.16
CA ALA B 97 12.22 11.12 -0.18
C ALA B 97 11.02 10.51 0.49
N TYR B 98 10.78 9.23 0.18
CA TYR B 98 9.66 8.52 0.73
C TYR B 98 9.81 8.46 2.22
N SER B 99 11.02 8.11 2.68
CA SER B 99 11.26 7.95 4.10
C SER B 99 11.03 9.25 4.83
N GLN B 100 11.50 10.37 4.27
CA GLN B 100 11.36 11.64 4.95
C GLN B 100 9.91 12.02 5.08
N SER B 101 9.14 11.87 3.97
CA SER B 101 7.75 12.26 3.99
C SER B 101 6.94 11.33 4.85
N VAL B 102 7.18 10.01 4.70
CA VAL B 102 6.42 9.03 5.44
C VAL B 102 6.74 9.11 6.91
N ARG B 103 8.03 9.31 7.26
CA ARG B 103 8.43 9.36 8.65
C ARG B 103 7.71 10.48 9.36
N ARG B 104 7.63 11.69 8.77
CA ARG B 104 6.98 12.79 9.45
C ARG B 104 5.49 12.59 9.46
N CYS B 105 4.92 11.87 8.47
CA CYS B 105 3.49 11.69 8.41
C CYS B 105 2.98 10.90 9.60
N PHE B 106 3.67 9.80 9.98
CA PHE B 106 3.18 9.01 11.10
C PHE B 106 4.00 9.30 12.32
N GLY B 107 5.06 10.13 12.19
CA GLY B 107 5.89 10.45 13.33
C GLY B 107 6.74 9.26 13.65
N TYR B 108 6.91 8.35 12.67
CA TYR B 108 7.71 7.17 12.90
C TYR B 108 8.12 6.63 11.52
N GLY A 20 -19.16 6.90 4.62
CA GLY A 20 -20.50 7.52 4.46
C GLY A 20 -20.70 7.90 3.03
N SER A 21 -20.93 9.22 2.76
CA SER A 21 -21.11 9.67 1.40
C SER A 21 -19.80 9.51 0.69
N SER A 22 -18.70 9.53 1.46
CA SER A 22 -17.38 9.36 0.90
C SER A 22 -16.78 8.19 1.63
N ARG A 23 -15.89 7.44 0.96
CA ARG A 23 -15.28 6.31 1.59
C ARG A 23 -14.07 5.94 0.78
N LEU A 24 -14.11 4.77 0.11
CA LEU A 24 -12.99 4.30 -0.68
C LEU A 24 -12.70 5.22 -1.85
N PRO A 25 -13.71 5.70 -2.57
CA PRO A 25 -13.47 6.59 -3.72
C PRO A 25 -12.54 7.74 -3.45
N SER A 26 -12.61 8.34 -2.24
CA SER A 26 -11.74 9.46 -1.92
C SER A 26 -10.31 8.99 -1.94
N LEU A 27 -10.06 7.78 -1.38
CA LEU A 27 -8.72 7.24 -1.36
C LEU A 27 -8.29 6.90 -2.77
N ILE A 28 -9.24 6.39 -3.59
CA ILE A 28 -8.94 6.03 -4.95
C ILE A 28 -8.51 7.27 -5.69
N ASN A 29 -9.20 8.41 -5.44
CA ASN A 29 -8.84 9.64 -6.10
C ASN A 29 -7.43 10.00 -5.71
N GLY A 30 -7.08 9.75 -4.44
CA GLY A 30 -5.74 10.04 -3.95
C GLY A 30 -4.74 9.20 -4.72
N ILE A 31 -5.09 7.92 -4.99
CA ILE A 31 -4.19 7.05 -5.71
C ILE A 31 -4.02 7.57 -7.11
N MET A 32 -5.15 7.96 -7.75
CA MET A 32 -5.11 8.47 -9.11
C MET A 32 -4.33 9.75 -9.12
N SER A 33 -4.46 10.54 -8.05
CA SER A 33 -3.78 11.81 -7.94
C SER A 33 -2.28 11.59 -8.01
N SER A 34 -1.77 10.57 -7.29
CA SER A 34 -0.34 10.33 -7.27
C SER A 34 0.05 9.46 -8.43
N MET A 35 -0.95 8.88 -9.14
CA MET A 35 -0.66 8.03 -10.26
C MET A 35 -0.14 8.88 -11.39
N GLN A 36 -0.59 10.16 -11.42
CA GLN A 36 -0.17 11.05 -12.48
C GLN A 36 1.27 11.43 -12.23
N GLY A 37 2.04 11.61 -13.33
CA GLY A 37 3.44 11.97 -13.20
C GLY A 37 4.24 10.99 -13.98
N GLY A 38 3.66 9.80 -14.26
CA GLY A 38 4.37 8.79 -15.02
C GLY A 38 5.09 7.90 -14.07
N GLY A 39 5.11 8.27 -12.78
CA GLY A 39 5.77 7.47 -11.78
C GLY A 39 4.92 7.54 -10.56
N PHE A 40 5.43 8.20 -9.50
CA PHE A 40 4.65 8.33 -8.30
C PHE A 40 5.15 9.54 -7.58
N ASN A 41 4.21 10.41 -7.13
CA ASN A 41 4.61 11.60 -6.42
C ASN A 41 4.49 11.30 -4.95
N TYR A 42 5.65 11.32 -4.25
CA TYR A 42 5.66 11.03 -2.84
C TYR A 42 5.07 12.19 -2.07
N GLN A 43 5.20 13.42 -2.61
CA GLN A 43 4.67 14.58 -1.91
C GLN A 43 3.17 14.52 -1.86
N ASN A 44 2.53 14.01 -2.93
CA ASN A 44 1.09 13.91 -2.93
C ASN A 44 0.67 12.85 -1.96
N PHE A 45 1.45 11.74 -1.91
CA PHE A 45 1.13 10.64 -1.03
C PHE A 45 1.28 11.11 0.39
N GLY A 46 2.35 11.89 0.68
CA GLY A 46 2.57 12.40 2.02
C GLY A 46 1.41 13.27 2.42
N ASN A 47 0.87 14.07 1.48
CA ASN A 47 -0.25 14.93 1.80
C ASN A 47 -1.42 14.07 2.18
N VAL A 48 -1.63 12.97 1.44
CA VAL A 48 -2.72 12.07 1.72
C VAL A 48 -2.51 11.45 3.09
N LEU A 49 -1.25 11.02 3.37
CA LEU A 49 -0.94 10.39 4.64
C LEU A 49 -1.15 11.37 5.76
N SER A 50 -0.80 12.64 5.54
CA SER A 50 -0.95 13.65 6.59
C SER A 50 -2.40 13.80 6.96
N GLN A 51 -3.29 13.76 5.94
CA GLN A 51 -4.70 13.92 6.20
C GLN A 51 -5.20 12.71 6.92
N PHE A 52 -4.69 11.52 6.55
CA PHE A 52 -5.11 10.29 7.17
C PHE A 52 -4.59 10.26 8.57
N ALA A 53 -3.38 10.81 8.76
CA ALA A 53 -2.75 10.80 10.06
C ALA A 53 -3.56 11.58 11.05
N THR A 54 -4.15 12.73 10.60
CA THR A 54 -4.97 13.59 11.45
C THR A 54 -4.03 14.40 12.32
N GLY A 55 -3.14 13.71 13.04
CA GLY A 55 -2.20 14.37 13.91
C GLY A 55 -2.24 13.66 15.23
N THR A 56 -2.17 12.32 15.22
CA THR A 56 -2.22 11.56 16.45
C THR A 56 -0.82 11.41 16.96
N GLY A 57 0.11 10.96 16.08
CA GLY A 57 1.48 10.77 16.47
C GLY A 57 1.65 9.37 16.96
N THR A 58 0.54 8.62 17.11
CA THR A 58 0.62 7.26 17.58
C THR A 58 -0.20 6.41 16.65
N CYS A 59 0.07 5.09 16.64
CA CYS A 59 -0.68 4.20 15.78
C CYS A 59 -1.94 3.85 16.49
N ASN A 60 -3.09 4.09 15.82
CA ASN A 60 -4.37 3.78 16.41
C ASN A 60 -5.12 2.99 15.38
N SER A 61 -6.36 2.57 15.72
CA SER A 61 -7.14 1.78 14.82
C SER A 61 -7.51 2.56 13.58
N ASN A 62 -7.81 3.87 13.73
CA ASN A 62 -8.20 4.67 12.58
C ASN A 62 -7.07 4.75 11.61
N ASP A 63 -5.84 5.00 12.10
CA ASP A 63 -4.69 5.13 11.22
C ASP A 63 -4.41 3.82 10.54
N LEU A 64 -4.54 2.69 11.27
CA LEU A 64 -4.23 1.42 10.69
C LEU A 64 -5.24 1.12 9.60
N ASN A 65 -6.53 1.40 9.86
CA ASN A 65 -7.57 1.14 8.87
C ASN A 65 -7.34 2.02 7.66
N LEU A 66 -6.88 3.27 7.89
CA LEU A 66 -6.63 4.17 6.78
C LEU A 66 -5.55 3.58 5.91
N LEU A 67 -4.51 2.98 6.54
CA LEU A 67 -3.44 2.38 5.76
C LEU A 67 -3.97 1.19 5.02
N MET A 68 -4.86 0.38 5.65
CA MET A 68 -5.40 -0.79 4.99
C MET A 68 -6.24 -0.33 3.83
N ASP A 69 -7.01 0.77 4.03
CA ASP A 69 -7.85 1.30 2.98
C ASP A 69 -6.98 1.79 1.85
N ALA A 70 -5.84 2.44 2.20
CA ALA A 70 -4.94 2.96 1.18
C ALA A 70 -4.42 1.82 0.37
N LEU A 71 -4.05 0.70 1.04
CA LEU A 71 -3.55 -0.46 0.32
C LEU A 71 -4.65 -1.03 -0.51
N LEU A 72 -5.89 -1.04 0.00
CA LEU A 72 -6.98 -1.59 -0.76
C LEU A 72 -7.12 -0.80 -2.03
N SER A 73 -7.07 0.54 -1.93
CA SER A 73 -7.21 1.38 -3.11
C SER A 73 -6.02 1.19 -4.02
N ALA A 74 -4.79 1.11 -3.47
CA ALA A 74 -3.61 0.95 -4.29
C ALA A 74 -3.64 -0.38 -4.99
N LEU A 75 -3.96 -1.46 -4.25
CA LEU A 75 -4.01 -2.79 -4.83
C LEU A 75 -5.16 -2.85 -5.80
N HIS A 76 -6.28 -2.18 -5.45
CA HIS A 76 -7.44 -2.14 -6.31
C HIS A 76 -7.06 -1.53 -7.63
N THR A 77 -6.32 -0.42 -7.58
CA THR A 77 -5.90 0.25 -8.79
C THR A 77 -5.06 -0.70 -9.62
N LEU A 78 -4.10 -1.40 -8.99
CA LEU A 78 -3.24 -2.30 -9.74
C LEU A 78 -4.04 -3.43 -10.34
N SER A 79 -5.03 -3.95 -9.58
CA SER A 79 -5.82 -5.07 -10.07
C SER A 79 -6.61 -4.67 -11.28
N TYR A 80 -7.21 -3.45 -11.27
CA TYR A 80 -8.03 -3.03 -12.39
C TYR A 80 -7.20 -2.49 -13.51
N GLN A 81 -5.98 -1.96 -13.26
CA GLN A 81 -5.18 -1.43 -14.35
C GLN A 81 -4.86 -2.53 -15.32
N GLY A 82 -4.62 -3.75 -14.79
CA GLY A 82 -4.30 -4.86 -15.66
C GLY A 82 -5.54 -5.32 -16.37
N MET A 83 -6.73 -4.82 -15.94
CA MET A 83 -7.96 -5.24 -16.58
C MET A 83 -8.40 -4.17 -17.54
N GLY A 84 -8.05 -2.90 -17.26
CA GLY A 84 -8.45 -1.83 -18.15
C GLY A 84 -8.45 -0.56 -17.35
N THR A 85 -9.61 0.13 -17.33
CA THR A 85 -9.71 1.36 -16.60
C THR A 85 -9.94 1.04 -15.15
N VAL A 86 -9.70 2.05 -14.27
CA VAL A 86 -9.88 1.85 -12.85
C VAL A 86 -11.16 2.54 -12.45
N PRO A 87 -12.11 1.79 -11.93
CA PRO A 87 -13.38 2.35 -11.50
C PRO A 87 -13.24 3.17 -10.26
N SER A 88 -14.19 4.12 -10.06
CA SER A 88 -14.14 4.98 -8.90
C SER A 88 -14.72 4.23 -7.74
N TYR A 89 -15.30 3.04 -7.98
CA TYR A 89 -15.88 2.29 -6.90
C TYR A 89 -15.51 0.85 -7.12
N PRO A 90 -14.89 0.23 -6.12
CA PRO A 90 -14.48 -1.16 -6.20
C PRO A 90 -15.60 -2.13 -6.00
N SER A 91 -15.41 -3.38 -6.48
CA SER A 91 -16.45 -4.38 -6.31
C SER A 91 -16.43 -4.82 -4.87
N PRO A 92 -17.60 -5.12 -4.34
CA PRO A 92 -17.74 -5.54 -2.95
C PRO A 92 -17.14 -6.88 -2.66
N SER A 93 -17.05 -7.76 -3.68
CA SER A 93 -16.48 -9.08 -3.47
C SER A 93 -15.03 -8.89 -3.13
N ALA A 94 -14.36 -7.97 -3.84
CA ALA A 94 -12.96 -7.70 -3.60
C ALA A 94 -12.78 -7.06 -2.26
N MET A 95 -13.70 -6.13 -1.92
CA MET A 95 -13.61 -5.43 -0.66
C MET A 95 -13.77 -6.42 0.44
N SER A 96 -14.71 -7.35 0.24
CA SER A 96 -15.00 -8.36 1.23
C SER A 96 -13.82 -9.27 1.41
N ALA A 97 -13.27 -9.78 0.28
CA ALA A 97 -12.16 -10.71 0.34
C ALA A 97 -10.96 -10.05 0.98
N TYR A 98 -10.69 -8.80 0.57
CA TYR A 98 -9.56 -8.08 1.07
C TYR A 98 -9.73 -7.89 2.55
N SER A 99 -10.93 -7.45 2.95
CA SER A 99 -11.18 -7.16 4.35
C SER A 99 -11.04 -8.41 5.17
N GLN A 100 -11.62 -9.54 4.71
CA GLN A 100 -11.57 -10.76 5.49
C GLN A 100 -10.16 -11.24 5.64
N SER A 101 -9.39 -11.23 4.53
CA SER A 101 -8.03 -11.73 4.59
C SER A 101 -7.13 -10.81 5.34
N VAL A 102 -7.24 -9.49 5.09
CA VAL A 102 -6.36 -8.52 5.71
C VAL A 102 -6.67 -8.39 7.19
N ARG A 103 -7.96 -8.33 7.57
CA ARG A 103 -8.30 -8.18 8.98
C ARG A 103 -7.83 -9.40 9.72
N ARG A 104 -7.95 -10.59 9.13
CA ARG A 104 -7.54 -11.80 9.78
C ARG A 104 -6.04 -11.76 10.00
N CYS A 105 -5.28 -11.23 9.01
CA CYS A 105 -3.84 -11.21 9.11
C CYS A 105 -3.38 -10.40 10.30
N PHE A 106 -3.97 -9.21 10.54
CA PHE A 106 -3.54 -8.40 11.66
C PHE A 106 -4.33 -8.78 12.89
N GLY A 107 -5.40 -9.58 12.73
CA GLY A 107 -6.19 -10.00 13.86
C GLY A 107 -6.97 -8.83 14.36
N TYR A 108 -7.30 -7.88 13.46
CA TYR A 108 -8.05 -6.71 13.86
C TYR A 108 -9.53 -6.96 13.55
N GLY B 20 19.15 -5.96 7.50
CA GLY B 20 20.50 -6.59 7.55
C GLY B 20 20.85 -7.11 6.20
N SER B 21 21.12 -8.43 6.10
CA SER B 21 21.44 -9.03 4.82
C SER B 21 20.22 -8.94 3.94
N SER B 22 19.04 -8.90 4.58
CA SER B 22 17.80 -8.79 3.86
C SER B 22 17.13 -7.57 4.40
N ARG B 23 16.33 -6.88 3.56
CA ARG B 23 15.66 -5.70 4.00
C ARG B 23 14.54 -5.43 3.03
N LEU B 24 14.67 -4.32 2.26
CA LEU B 24 13.65 -3.95 1.30
C LEU B 24 13.50 -4.97 0.19
N PRO B 25 14.58 -5.53 -0.35
CA PRO B 25 14.47 -6.51 -1.42
C PRO B 25 13.52 -7.64 -1.16
N SER B 26 13.44 -8.13 0.10
CA SER B 26 12.53 -9.20 0.42
C SER B 26 11.11 -8.74 0.19
N LEU B 27 10.81 -7.49 0.59
CA LEU B 27 9.47 -6.95 0.41
C LEU B 27 9.22 -6.77 -1.06
N ILE B 28 10.26 -6.32 -1.81
CA ILE B 28 10.12 -6.10 -3.23
C ILE B 28 9.78 -7.42 -3.89
N ASN B 29 10.43 -8.52 -3.45
CA ASN B 29 10.14 -9.82 -4.02
C ASN B 29 8.69 -10.14 -3.76
N GLY B 30 8.19 -9.77 -2.57
CA GLY B 30 6.81 -10.02 -2.22
C GLY B 30 5.91 -9.26 -3.17
N ILE B 31 6.29 -8.02 -3.53
CA ILE B 31 5.48 -7.23 -4.43
C ILE B 31 5.48 -7.87 -5.78
N MET B 32 6.67 -8.33 -6.25
CA MET B 32 6.80 -8.96 -7.54
C MET B 32 6.01 -10.25 -7.52
N SER B 33 6.01 -10.93 -6.37
CA SER B 33 5.31 -12.19 -6.22
C SER B 33 3.84 -11.99 -6.47
N SER B 34 3.26 -10.90 -5.94
CA SER B 34 1.84 -10.67 -6.10
C SER B 34 1.59 -9.92 -7.38
N MET B 35 2.65 -9.41 -8.02
CA MET B 35 2.50 -8.68 -9.25
C MET B 35 2.11 -9.65 -10.33
N GLN B 36 2.55 -10.92 -10.19
CA GLN B 36 2.25 -11.91 -11.19
C GLN B 36 0.80 -12.27 -11.06
N GLY B 37 0.15 -12.56 -12.22
CA GLY B 37 -1.25 -12.91 -12.22
C GLY B 37 -1.96 -12.02 -13.19
N GLY B 38 -1.35 -10.86 -13.52
CA GLY B 38 -1.95 -9.94 -14.45
C GLY B 38 -2.78 -8.96 -13.69
N GLY B 39 -2.94 -9.20 -12.37
CA GLY B 39 -3.70 -8.31 -11.54
C GLY B 39 -2.99 -8.25 -10.23
N PHE B 40 -3.63 -8.80 -9.18
CA PHE B 40 -3.00 -8.81 -7.89
C PHE B 40 -3.58 -9.94 -7.11
N ASN B 41 -2.70 -10.76 -6.48
CA ASN B 41 -3.19 -11.89 -5.71
C ASN B 41 -3.25 -11.44 -4.27
N TYR B 42 -4.48 -11.40 -3.72
CA TYR B 42 -4.65 -10.96 -2.34
C TYR B 42 -4.16 -12.04 -1.41
N GLN B 43 -4.24 -13.32 -1.83
CA GLN B 43 -3.80 -14.40 -0.97
C GLN B 43 -2.32 -14.32 -0.74
N ASN B 44 -1.55 -13.91 -1.78
CA ASN B 44 -0.12 -13.82 -1.63
C ASN B 44 0.20 -12.65 -0.73
N PHE B 45 -0.58 -11.55 -0.88
CA PHE B 45 -0.37 -10.38 -0.07
C PHE B 45 -0.69 -10.70 1.36
N GLY B 46 -1.78 -11.46 1.59
CA GLY B 46 -2.16 -11.83 2.93
C GLY B 46 -1.06 -12.65 3.56
N ASN B 47 -0.41 -13.54 2.77
CA ASN B 47 0.65 -14.36 3.30
C ASN B 47 1.78 -13.44 3.73
N VAL B 48 2.08 -12.42 2.91
CA VAL B 48 3.14 -11.49 3.23
C VAL B 48 2.76 -10.74 4.49
N LEU B 49 1.48 -10.29 4.57
CA LEU B 49 1.03 -9.55 5.72
C LEU B 49 1.09 -10.41 6.95
N SER B 50 0.77 -11.71 6.82
CA SER B 50 0.80 -12.61 7.97
C SER B 50 2.20 -12.71 8.50
N GLN B 51 3.20 -12.76 7.61
CA GLN B 51 4.58 -12.89 8.03
C GLN B 51 5.00 -11.62 8.69
N PHE B 52 4.54 -10.47 8.13
CA PHE B 52 4.89 -9.18 8.67
C PHE B 52 4.20 -9.02 9.99
N ALA B 53 2.97 -9.57 10.07
CA ALA B 53 2.17 -9.45 11.27
C ALA B 53 2.88 -10.09 12.42
N THR B 54 3.55 -11.25 12.16
CA THR B 54 4.31 -11.99 13.17
C THR B 54 3.37 -12.64 14.17
N GLY B 55 2.30 -11.93 14.55
CA GLY B 55 1.34 -12.49 15.46
C GLY B 55 1.29 -11.65 16.70
N THR B 56 1.04 -10.34 16.55
CA THR B 56 0.97 -9.47 17.69
C THR B 56 -0.48 -9.28 18.03
N GLY B 57 -1.30 -8.96 17.01
CA GLY B 57 -2.72 -8.75 17.24
C GLY B 57 -2.95 -7.31 17.55
N THR B 58 -1.86 -6.54 17.74
CA THR B 58 -2.00 -5.14 18.05
C THR B 58 -1.07 -4.39 17.14
N CYS B 59 -1.34 -3.07 16.97
CA CYS B 59 -0.49 -2.27 16.12
C CYS B 59 0.69 -1.84 16.93
N ASN B 60 1.90 -2.14 16.45
CA ASN B 60 3.10 -1.76 17.14
C ASN B 60 3.98 -1.09 16.13
N SER B 61 5.17 -0.63 16.57
CA SER B 61 6.08 0.07 15.67
C SER B 61 6.57 -0.85 14.58
N ASN B 62 6.84 -2.14 14.91
CA ASN B 62 7.35 -3.04 13.90
C ASN B 62 6.33 -3.22 12.80
N ASP B 63 5.06 -3.43 13.17
CA ASP B 63 4.03 -3.65 12.18
C ASP B 63 3.83 -2.41 11.35
N LEU B 64 3.87 -1.22 11.97
CA LEU B 64 3.66 -0.01 11.24
C LEU B 64 4.78 0.19 10.24
N ASN B 65 6.03 -0.07 10.68
CA ASN B 65 7.18 0.10 9.80
C ASN B 65 7.08 -0.89 8.67
N LEU B 66 6.60 -2.11 8.96
CA LEU B 66 6.47 -3.12 7.92
C LEU B 66 5.51 -2.61 6.88
N LEU B 67 4.41 -1.97 7.31
CA LEU B 67 3.44 -1.45 6.36
C LEU B 67 4.07 -0.33 5.57
N MET B 68 4.88 0.53 6.22
CA MET B 68 5.49 1.63 5.51
C MET B 68 6.46 1.07 4.50
N ASP B 69 7.19 0.00 4.90
CA ASP B 69 8.15 -0.63 4.02
C ASP B 69 7.40 -1.24 2.85
N ALA B 70 6.23 -1.85 3.13
CA ALA B 70 5.45 -2.47 2.08
C ALA B 70 5.02 -1.41 1.10
N LEU B 71 4.58 -0.23 1.61
CA LEU B 71 4.18 0.84 0.73
C LEU B 71 5.36 1.33 -0.02
N LEU B 72 6.53 1.41 0.62
CA LEU B 72 7.72 1.89 -0.05
C LEU B 72 7.99 0.99 -1.21
N SER B 73 7.93 -0.35 -0.99
CA SER B 73 8.20 -1.29 -2.05
C SER B 73 7.13 -1.20 -3.11
N ALA B 74 5.85 -1.08 -2.71
CA ALA B 74 4.77 -1.01 -3.67
C ALA B 74 4.88 0.24 -4.51
N LEU B 75 5.12 1.40 -3.84
CA LEU B 75 5.24 2.65 -4.56
C LEU B 75 6.50 2.63 -5.38
N HIS B 76 7.56 1.99 -4.84
CA HIS B 76 8.82 1.88 -5.54
C HIS B 76 8.60 1.14 -6.83
N THR B 77 7.84 0.02 -6.76
CA THR B 77 7.58 -0.76 -7.94
C THR B 77 6.85 0.10 -8.95
N LEU B 78 5.81 0.85 -8.52
CA LEU B 78 5.06 1.67 -9.45
C LEU B 78 5.93 2.73 -10.05
N SER B 79 6.82 3.34 -9.24
CA SER B 79 7.67 4.40 -9.74
C SER B 79 8.60 3.89 -10.81
N TYR B 80 9.18 2.70 -10.61
CA TYR B 80 10.12 2.17 -11.58
C TYR B 80 9.43 1.51 -12.74
N GLN B 81 8.19 1.00 -12.57
CA GLN B 81 7.51 0.36 -13.69
C GLN B 81 7.32 1.37 -14.79
N GLY B 82 7.02 2.63 -14.43
CA GLY B 82 6.82 3.65 -15.43
C GLY B 82 8.15 4.04 -16.04
N MET B 83 9.27 3.60 -15.43
CA MET B 83 10.57 3.95 -15.95
C MET B 83 11.12 2.79 -16.74
N GLY B 84 10.72 1.56 -16.39
CA GLY B 84 11.22 0.40 -17.10
C GLY B 84 11.12 -0.79 -16.19
N THR B 85 12.25 -1.47 -15.97
CA THR B 85 12.26 -2.63 -15.11
C THR B 85 12.32 -2.17 -13.69
N VAL B 86 11.97 -3.09 -12.75
CA VAL B 86 11.98 -2.74 -11.35
C VAL B 86 13.20 -3.38 -10.73
N PRO B 87 14.09 -2.58 -10.17
CA PRO B 87 15.30 -3.07 -9.54
C PRO B 87 15.02 -3.77 -8.25
N SER B 88 15.93 -4.68 -7.85
CA SER B 88 15.75 -5.42 -6.63
C SER B 88 16.20 -4.57 -5.48
N TYR B 89 16.80 -3.39 -5.77
CA TYR B 89 17.26 -2.53 -4.71
C TYR B 89 16.91 -1.12 -5.11
N PRO B 90 16.19 -0.42 -4.25
CA PRO B 90 15.79 0.95 -4.51
C PRO B 90 16.89 1.95 -4.28
N SER B 91 16.78 3.14 -4.89
CA SER B 91 17.78 4.16 -4.73
C SER B 91 17.61 4.74 -3.34
N PRO B 92 18.72 5.09 -2.71
CA PRO B 92 18.69 5.66 -1.37
C PRO B 92 18.08 7.02 -1.29
N SER B 93 18.11 7.79 -2.39
CA SER B 93 17.52 9.10 -2.38
C SER B 93 16.04 8.95 -2.19
N ALA B 94 15.45 7.96 -2.88
CA ALA B 94 14.03 7.72 -2.78
C ALA B 94 13.70 7.20 -1.40
N MET B 95 14.57 6.33 -0.87
CA MET B 95 14.33 5.75 0.44
C MET B 95 14.37 6.84 1.45
N SER B 96 15.32 7.76 1.26
CA SER B 96 15.50 8.86 2.17
C SER B 96 14.31 9.78 2.11
N ALA B 97 13.90 10.16 0.89
CA ALA B 97 12.79 11.09 0.74
C ALA B 97 11.53 10.49 1.28
N TYR B 98 11.30 9.20 0.96
CA TYR B 98 10.11 8.53 1.41
C TYR B 98 10.11 8.48 2.91
N SER B 99 11.25 8.09 3.49
CA SER B 99 11.34 7.95 4.92
C SER B 99 11.11 9.28 5.60
N GLN B 100 11.75 10.34 5.10
CA GLN B 100 11.61 11.64 5.74
C GLN B 100 10.19 12.12 5.68
N SER B 101 9.56 12.00 4.49
CA SER B 101 8.21 12.50 4.33
C SER B 101 7.22 11.64 5.08
N VAL B 102 7.34 10.31 4.97
CA VAL B 102 6.40 9.41 5.58
C VAL B 102 6.53 9.43 7.08
N ARG B 103 7.77 9.41 7.62
CA ARG B 103 7.94 9.40 9.05
C ARG B 103 7.39 10.67 9.63
N ARG B 104 7.59 11.81 8.93
CA ARG B 104 7.11 13.07 9.41
C ARG B 104 5.60 13.06 9.46
N CYS B 105 4.96 12.42 8.44
CA CYS B 105 3.51 12.40 8.37
C CYS B 105 2.92 11.71 9.58
N PHE B 106 3.47 10.55 10.00
CA PHE B 106 2.90 9.87 11.14
C PHE B 106 3.55 10.35 12.40
N GLY B 107 4.63 11.16 12.29
CA GLY B 107 5.29 11.68 13.46
C GLY B 107 6.01 10.57 14.17
N TYR B 108 6.43 9.53 13.41
CA TYR B 108 7.11 8.42 14.00
C TYR B 108 8.62 8.64 13.85
N GLY A 20 -25.96 6.65 -0.07
CA GLY A 20 -24.85 6.05 0.72
C GLY A 20 -23.59 6.80 0.43
N SER A 21 -22.47 6.36 1.04
CA SER A 21 -21.22 7.02 0.83
C SER A 21 -20.14 6.02 1.10
N SER A 22 -18.91 6.29 0.63
CA SER A 22 -17.82 5.38 0.85
C SER A 22 -16.57 6.20 0.85
N ARG A 23 -15.57 5.78 1.66
CA ARG A 23 -14.33 6.51 1.74
C ARG A 23 -13.37 5.93 0.74
N LEU A 24 -13.70 4.76 0.15
CA LEU A 24 -12.81 4.12 -0.80
C LEU A 24 -12.53 5.00 -1.99
N PRO A 25 -13.54 5.57 -2.65
CA PRO A 25 -13.29 6.41 -3.81
C PRO A 25 -12.42 7.60 -3.53
N SER A 26 -12.45 8.12 -2.29
CA SER A 26 -11.61 9.25 -1.95
C SER A 26 -10.17 8.81 -2.00
N LEU A 27 -9.89 7.60 -1.47
CA LEU A 27 -8.54 7.09 -1.47
C LEU A 27 -8.14 6.73 -2.88
N ILE A 28 -9.07 6.15 -3.66
CA ILE A 28 -8.77 5.77 -5.03
C ILE A 28 -8.40 7.01 -5.80
N ASN A 29 -9.15 8.12 -5.59
CA ASN A 29 -8.87 9.35 -6.29
C ASN A 29 -7.48 9.80 -5.91
N GLY A 30 -7.10 9.60 -4.63
CA GLY A 30 -5.77 9.99 -4.18
C GLY A 30 -4.73 9.21 -4.94
N ILE A 31 -4.99 7.90 -5.18
CA ILE A 31 -4.03 7.08 -5.89
C ILE A 31 -3.92 7.57 -7.31
N MET A 32 -5.08 7.86 -7.94
CA MET A 32 -5.10 8.34 -9.31
C MET A 32 -4.41 9.67 -9.37
N SER A 33 -4.58 10.48 -8.31
CA SER A 33 -3.99 11.79 -8.25
C SER A 33 -2.48 11.66 -8.33
N SER A 34 -1.91 10.71 -7.55
CA SER A 34 -0.48 10.52 -7.53
C SER A 34 -0.04 9.76 -8.75
N MET A 35 -0.99 9.14 -9.47
CA MET A 35 -0.66 8.40 -10.66
C MET A 35 -0.25 9.37 -11.73
N GLN A 36 -0.78 10.61 -11.66
CA GLN A 36 -0.47 11.60 -12.66
C GLN A 36 0.97 12.01 -12.50
N GLY A 37 1.61 12.40 -13.63
CA GLY A 37 2.99 12.82 -13.59
C GLY A 37 3.79 11.85 -14.41
N GLY A 38 3.20 10.67 -14.72
CA GLY A 38 3.91 9.68 -15.52
C GLY A 38 4.86 8.95 -14.62
N GLY A 39 4.61 9.00 -13.30
CA GLY A 39 5.47 8.32 -12.37
C GLY A 39 4.73 8.29 -11.08
N PHE A 40 5.22 9.02 -10.08
CA PHE A 40 4.56 9.04 -8.80
C PHE A 40 5.01 10.27 -8.09
N ASN A 41 4.05 11.14 -7.68
CA ASN A 41 4.40 12.33 -6.97
C ASN A 41 4.25 12.02 -5.51
N TYR A 42 5.39 11.97 -4.78
CA TYR A 42 5.37 11.65 -3.38
C TYR A 42 4.77 12.80 -2.61
N GLN A 43 4.82 14.03 -3.17
CA GLN A 43 4.29 15.17 -2.46
C GLN A 43 2.81 15.01 -2.29
N ASN A 44 2.12 14.54 -3.37
CA ASN A 44 0.69 14.37 -3.30
C ASN A 44 0.37 13.25 -2.35
N PHE A 45 1.17 12.17 -2.38
CA PHE A 45 0.92 11.04 -1.51
C PHE A 45 1.13 11.45 -0.08
N GLY A 46 2.20 12.25 0.18
CA GLY A 46 2.49 12.69 1.53
C GLY A 46 1.34 13.51 2.04
N ASN A 47 0.74 14.34 1.16
CA ASN A 47 -0.38 15.17 1.57
C ASN A 47 -1.53 14.27 1.94
N VAL A 48 -1.74 13.20 1.14
CA VAL A 48 -2.80 12.27 1.41
C VAL A 48 -2.54 11.59 2.73
N LEU A 49 -1.28 11.17 2.97
CA LEU A 49 -0.92 10.50 4.21
C LEU A 49 -1.13 11.45 5.36
N SER A 50 -0.80 12.74 5.16
CA SER A 50 -0.94 13.71 6.23
C SER A 50 -2.38 13.82 6.64
N GLN A 51 -3.31 13.75 5.67
CA GLN A 51 -4.72 13.85 5.96
C GLN A 51 -5.14 12.65 6.76
N PHE A 52 -4.60 11.47 6.41
CA PHE A 52 -4.95 10.26 7.11
C PHE A 52 -4.32 10.32 8.48
N ALA A 53 -3.11 10.90 8.54
CA ALA A 53 -2.38 11.00 9.78
C ALA A 53 -3.14 11.84 10.76
N THR A 54 -3.80 12.94 10.25
CA THR A 54 -4.58 13.89 11.04
C THR A 54 -3.67 14.58 12.01
N GLY A 55 -3.20 13.84 13.01
CA GLY A 55 -2.33 14.39 14.00
C GLY A 55 -2.39 13.50 15.19
N THR A 56 -1.68 12.35 15.12
CA THR A 56 -1.68 11.42 16.23
C THR A 56 -0.27 11.27 16.70
N GLY A 57 0.54 10.48 15.96
CA GLY A 57 1.91 10.25 16.34
C GLY A 57 1.94 9.15 17.36
N THR A 58 0.77 8.53 17.61
CA THR A 58 0.67 7.47 18.56
C THR A 58 -0.02 6.33 17.87
N CYS A 59 -0.01 5.13 18.51
CA CYS A 59 -0.65 3.98 17.92
C CYS A 59 -2.13 4.22 17.95
N ASN A 60 -2.77 4.13 16.77
CA ASN A 60 -4.19 4.36 16.68
C ASN A 60 -4.71 3.40 15.65
N SER A 61 -5.80 2.68 15.99
CA SER A 61 -6.37 1.72 15.08
C SER A 61 -6.97 2.46 13.90
N ASN A 62 -7.32 3.76 14.08
CA ASN A 62 -7.89 4.52 13.00
C ASN A 62 -6.84 4.65 11.91
N ASP A 63 -5.59 4.95 12.31
CA ASP A 63 -4.52 5.10 11.35
C ASP A 63 -4.27 3.79 10.67
N LEU A 64 -4.34 2.67 11.44
CA LEU A 64 -4.09 1.37 10.87
C LEU A 64 -5.16 1.09 9.83
N ASN A 65 -6.43 1.44 10.15
CA ASN A 65 -7.52 1.20 9.24
C ASN A 65 -7.30 2.02 7.99
N LEU A 66 -6.80 3.26 8.15
CA LEU A 66 -6.55 4.12 7.02
C LEU A 66 -5.53 3.46 6.13
N LEU A 67 -4.51 2.82 6.74
CA LEU A 67 -3.48 2.14 5.98
C LEU A 67 -4.10 0.97 5.26
N MET A 68 -5.06 0.26 5.89
CA MET A 68 -5.67 -0.87 5.24
C MET A 68 -6.42 -0.37 4.03
N ASP A 69 -7.10 0.79 4.17
CA ASP A 69 -7.85 1.35 3.06
C ASP A 69 -6.88 1.76 1.97
N ALA A 70 -5.73 2.36 2.39
CA ALA A 70 -4.74 2.80 1.42
C ALA A 70 -4.17 1.61 0.69
N LEU A 71 -3.94 0.49 1.43
CA LEU A 71 -3.39 -0.69 0.82
C LEU A 71 -4.41 -1.24 -0.14
N LEU A 72 -5.69 -1.26 0.26
CA LEU A 72 -6.74 -1.78 -0.58
C LEU A 72 -6.83 -0.98 -1.85
N SER A 73 -6.84 0.37 -1.74
CA SER A 73 -6.95 1.21 -2.92
C SER A 73 -5.72 1.02 -3.80
N ALA A 74 -4.52 0.86 -3.19
CA ALA A 74 -3.32 0.68 -3.99
C ALA A 74 -3.42 -0.61 -4.76
N LEU A 75 -3.89 -1.70 -4.10
CA LEU A 75 -4.01 -2.98 -4.76
C LEU A 75 -5.12 -2.91 -5.77
N HIS A 76 -6.18 -2.16 -5.44
CA HIS A 76 -7.31 -2.01 -6.33
C HIS A 76 -6.82 -1.42 -7.63
N THR A 77 -5.99 -0.36 -7.54
CA THR A 77 -5.47 0.26 -8.74
C THR A 77 -4.66 -0.76 -9.52
N LEU A 78 -3.78 -1.51 -8.84
CA LEU A 78 -2.94 -2.49 -9.52
C LEU A 78 -3.77 -3.55 -10.19
N SER A 79 -4.82 -4.04 -9.51
CA SER A 79 -5.63 -5.12 -10.05
C SER A 79 -6.40 -4.66 -11.26
N TYR A 80 -6.94 -3.42 -11.26
CA TYR A 80 -7.73 -2.97 -12.39
C TYR A 80 -6.88 -2.45 -13.50
N GLN A 81 -5.65 -1.96 -13.24
CA GLN A 81 -4.82 -1.46 -14.32
C GLN A 81 -4.53 -2.58 -15.28
N GLY A 82 -4.33 -3.79 -14.75
CA GLY A 82 -4.03 -4.93 -15.60
C GLY A 82 -5.28 -5.34 -16.34
N MET A 83 -6.46 -4.81 -15.94
CA MET A 83 -7.69 -5.18 -16.60
C MET A 83 -8.07 -4.11 -17.58
N GLY A 84 -7.68 -2.84 -17.30
CA GLY A 84 -8.03 -1.77 -18.20
C GLY A 84 -8.07 -0.49 -17.41
N THR A 85 -9.25 0.16 -17.38
CA THR A 85 -9.39 1.40 -16.66
C THR A 85 -9.57 1.10 -15.21
N VAL A 86 -9.37 2.13 -14.35
CA VAL A 86 -9.49 1.95 -12.92
C VAL A 86 -10.76 2.63 -12.50
N PRO A 87 -11.71 1.86 -12.00
CA PRO A 87 -12.97 2.41 -11.53
C PRO A 87 -12.83 3.13 -10.23
N SER A 88 -13.77 4.04 -9.93
CA SER A 88 -13.71 4.79 -8.71
C SER A 88 -14.36 3.99 -7.62
N TYR A 89 -14.86 2.78 -7.94
CA TYR A 89 -15.49 1.98 -6.92
C TYR A 89 -15.15 0.53 -7.20
N PRO A 90 -14.65 -0.16 -6.19
CA PRO A 90 -14.28 -1.56 -6.31
C PRO A 90 -15.44 -2.51 -6.19
N SER A 91 -15.22 -3.78 -6.57
CA SER A 91 -16.27 -4.77 -6.47
C SER A 91 -16.44 -5.10 -5.01
N PRO A 92 -17.65 -4.94 -4.49
CA PRO A 92 -17.94 -5.21 -3.08
C PRO A 92 -17.58 -6.60 -2.63
N SER A 93 -17.79 -7.62 -3.47
CA SER A 93 -17.48 -8.98 -3.09
C SER A 93 -15.99 -9.11 -2.90
N ALA A 94 -15.21 -8.51 -3.82
CA ALA A 94 -13.77 -8.58 -3.74
C ALA A 94 -13.28 -7.80 -2.56
N MET A 95 -13.88 -6.61 -2.34
CA MET A 95 -13.49 -5.76 -1.27
C MET A 95 -13.80 -6.44 0.02
N SER A 96 -14.97 -7.10 0.06
CA SER A 96 -15.40 -7.79 1.24
C SER A 96 -14.44 -8.91 1.55
N ALA A 97 -14.07 -9.71 0.52
CA ALA A 97 -13.17 -10.82 0.72
C ALA A 97 -11.83 -10.32 1.20
N TYR A 98 -11.35 -9.24 0.57
CA TYR A 98 -10.07 -8.67 0.93
C TYR A 98 -10.12 -8.23 2.35
N SER A 99 -11.19 -7.52 2.71
CA SER A 99 -11.32 -6.99 4.05
C SER A 99 -11.36 -8.10 5.05
N GLN A 100 -12.14 -9.16 4.78
CA GLN A 100 -12.25 -10.25 5.73
C GLN A 100 -10.93 -10.96 5.91
N SER A 101 -10.24 -11.25 4.79
CA SER A 101 -8.98 -11.97 4.87
C SER A 101 -7.90 -11.13 5.47
N VAL A 102 -7.82 -9.86 5.05
CA VAL A 102 -6.77 -8.98 5.52
C VAL A 102 -7.01 -8.61 6.98
N ARG A 103 -8.27 -8.36 7.36
CA ARG A 103 -8.57 -7.98 8.73
C ARG A 103 -8.16 -9.10 9.65
N ARG A 104 -8.45 -10.35 9.27
CA ARG A 104 -8.11 -11.50 10.09
C ARG A 104 -6.61 -11.61 10.22
N CYS A 105 -5.88 -11.30 9.13
CA CYS A 105 -4.44 -11.42 9.15
C CYS A 105 -3.84 -10.52 10.21
N PHE A 106 -4.30 -9.26 10.31
CA PHE A 106 -3.74 -8.38 11.32
C PHE A 106 -4.43 -8.61 12.63
N GLY A 107 -5.72 -9.01 12.59
CA GLY A 107 -6.44 -9.30 13.81
C GLY A 107 -7.28 -8.11 14.17
N TYR A 108 -6.98 -6.93 13.61
CA TYR A 108 -7.76 -5.76 13.94
C TYR A 108 -7.45 -4.68 12.88
N GLY B 20 25.60 -6.78 1.06
CA GLY B 20 24.47 -6.13 1.76
C GLY B 20 23.22 -6.90 1.49
N SER B 21 22.09 -6.42 2.07
CA SER B 21 20.84 -7.10 1.87
C SER B 21 19.77 -6.08 2.05
N SER B 22 18.56 -6.39 1.55
CA SER B 22 17.46 -5.46 1.67
C SER B 22 16.21 -6.28 1.71
N ARG B 23 15.19 -5.80 2.44
CA ARG B 23 13.94 -6.52 2.54
C ARG B 23 13.01 -6.03 1.47
N LEU B 24 13.36 -4.90 0.80
CA LEU B 24 12.49 -4.34 -0.21
C LEU B 24 12.25 -5.32 -1.35
N PRO B 25 13.29 -5.93 -1.90
CA PRO B 25 13.12 -6.88 -3.00
C PRO B 25 12.17 -8.00 -2.69
N SER B 26 12.17 -8.49 -1.43
CA SER B 26 11.29 -9.57 -1.06
C SER B 26 9.86 -9.10 -1.16
N LEU B 27 9.59 -7.87 -0.70
CA LEU B 27 8.24 -7.34 -0.75
C LEU B 27 7.87 -7.07 -2.19
N ILE B 28 8.82 -6.55 -2.99
CA ILE B 28 8.55 -6.25 -4.39
C ILE B 28 8.21 -7.54 -5.10
N ASN B 29 8.95 -8.62 -4.79
CA ASN B 29 8.68 -9.90 -5.41
C ASN B 29 7.28 -10.33 -5.05
N GLY B 30 6.87 -10.05 -3.80
CA GLY B 30 5.54 -10.41 -3.35
C GLY B 30 4.51 -9.68 -4.18
N ILE B 31 4.78 -8.39 -4.50
CA ILE B 31 3.84 -7.62 -5.29
C ILE B 31 3.76 -8.21 -6.68
N MET B 32 4.94 -8.53 -7.26
CA MET B 32 5.00 -9.10 -8.60
C MET B 32 4.31 -10.44 -8.58
N SER B 33 4.45 -11.17 -7.47
CA SER B 33 3.86 -12.47 -7.34
C SER B 33 2.35 -12.35 -7.46
N SER B 34 1.77 -11.35 -6.76
CA SER B 34 0.33 -11.17 -6.79
C SER B 34 -0.08 -10.50 -8.07
N MET B 35 0.89 -9.92 -8.81
CA MET B 35 0.59 -9.26 -10.06
C MET B 35 0.22 -10.30 -11.08
N GLN B 36 0.73 -11.53 -10.90
CA GLN B 36 0.45 -12.59 -11.84
C GLN B 36 -0.99 -12.99 -11.69
N GLY B 37 -1.60 -13.47 -12.80
CA GLY B 37 -2.99 -13.88 -12.77
C GLY B 37 -3.76 -12.96 -13.67
N GLY B 38 -3.16 -11.81 -14.05
CA GLY B 38 -3.84 -10.88 -14.93
C GLY B 38 -4.83 -10.09 -14.11
N GLY B 39 -4.59 -10.05 -12.78
CA GLY B 39 -5.47 -9.30 -11.92
C GLY B 39 -4.77 -9.18 -10.62
N PHE B 40 -5.30 -9.85 -9.58
CA PHE B 40 -4.66 -9.78 -8.29
C PHE B 40 -5.15 -10.96 -7.50
N ASN B 41 -4.20 -11.79 -7.02
CA ASN B 41 -4.57 -12.94 -6.23
C ASN B 41 -4.45 -12.53 -4.79
N TYR B 42 -5.61 -12.43 -4.10
CA TYR B 42 -5.62 -12.02 -2.73
C TYR B 42 -5.05 -13.10 -1.86
N GLN B 43 -5.09 -14.37 -2.33
CA GLN B 43 -4.58 -15.47 -1.54
C GLN B 43 -3.10 -15.28 -1.35
N ASN B 44 -2.39 -14.91 -2.43
CA ASN B 44 -0.96 -14.71 -2.34
C ASN B 44 -0.66 -13.54 -1.46
N PHE B 45 -1.46 -12.46 -1.57
CA PHE B 45 -1.22 -11.28 -0.78
C PHE B 45 -1.49 -11.60 0.67
N GLY B 46 -2.55 -12.37 0.95
CA GLY B 46 -2.88 -12.72 2.32
C GLY B 46 -1.75 -13.51 2.92
N ASN B 47 -1.11 -14.40 2.11
CA ASN B 47 -0.02 -15.20 2.61
C ASN B 47 1.12 -14.26 2.94
N VAL B 48 1.35 -13.25 2.08
CA VAL B 48 2.42 -12.30 2.31
C VAL B 48 2.12 -11.54 3.58
N LEU B 49 0.86 -11.11 3.76
CA LEU B 49 0.47 -10.36 4.94
C LEU B 49 0.64 -11.21 6.16
N SER B 50 0.31 -12.52 6.06
CA SER B 50 0.42 -13.42 7.19
C SER B 50 1.84 -13.48 7.66
N GLN B 51 2.80 -13.47 6.70
CA GLN B 51 4.20 -13.56 7.04
C GLN B 51 4.60 -12.30 7.75
N PHE B 52 4.07 -11.15 7.30
CA PHE B 52 4.40 -9.89 7.92
C PHE B 52 3.75 -9.83 9.26
N ALA B 53 2.55 -10.41 9.37
CA ALA B 53 1.81 -10.39 10.61
C ALA B 53 2.59 -11.09 11.69
N THR B 54 3.23 -12.24 11.33
CA THR B 54 4.02 -13.02 12.27
C THR B 54 3.09 -13.78 13.18
N GLY B 55 2.21 -13.04 13.88
CA GLY B 55 1.27 -13.63 14.79
C GLY B 55 1.28 -12.76 16.01
N THR B 56 0.87 -11.49 15.84
CA THR B 56 0.86 -10.57 16.96
C THR B 56 -0.56 -10.36 17.40
N GLY B 57 -1.33 -9.58 16.60
CA GLY B 57 -2.71 -9.32 16.93
C GLY B 57 -2.74 -8.15 17.88
N THR B 58 -1.57 -7.52 18.10
CA THR B 58 -1.48 -6.40 18.99
C THR B 58 -0.79 -5.30 18.24
N CYS B 59 -0.80 -4.07 18.80
CA CYS B 59 -0.15 -2.96 18.14
C CYS B 59 1.33 -3.20 18.21
N ASN B 60 1.99 -3.18 17.05
CA ASN B 60 3.42 -3.42 17.01
C ASN B 60 3.97 -2.53 15.94
N SER B 61 5.05 -1.79 16.26
CA SER B 61 5.65 -0.89 15.31
C SER B 61 6.27 -1.71 14.20
N ASN B 62 6.62 -2.99 14.47
CA ASN B 62 7.22 -3.82 13.44
C ASN B 62 6.21 -4.01 12.34
N ASP B 63 4.94 -4.31 12.73
CA ASP B 63 3.89 -4.52 11.76
C ASP B 63 3.66 -3.24 10.99
N LEU B 64 3.71 -2.08 11.69
CA LEU B 64 3.49 -0.82 11.04
C LEU B 64 4.57 -0.60 10.02
N ASN B 65 5.82 -0.91 10.39
CA ASN B 65 6.95 -0.73 9.49
C ASN B 65 6.76 -1.63 8.30
N LEU B 66 6.25 -2.85 8.52
CA LEU B 66 6.03 -3.79 7.43
C LEU B 66 5.03 -3.19 6.49
N LEU B 67 3.99 -2.52 7.04
CA LEU B 67 2.99 -1.90 6.21
C LEU B 67 3.62 -0.79 5.40
N MET B 68 4.56 -0.02 6.01
CA MET B 68 5.19 1.07 5.31
C MET B 68 5.98 0.48 4.15
N ASP B 69 6.65 -0.66 4.39
CA ASP B 69 7.43 -1.29 3.35
C ASP B 69 6.49 -1.77 2.26
N ALA B 70 5.33 -2.34 2.67
CA ALA B 70 4.37 -2.85 1.71
C ALA B 70 3.84 -1.72 0.89
N LEU B 71 3.57 -0.56 1.54
CA LEU B 71 3.04 0.59 0.84
C LEU B 71 4.08 1.07 -0.14
N LEU B 72 5.35 1.11 0.29
CA LEU B 72 6.42 1.58 -0.56
C LEU B 72 6.53 0.68 -1.76
N SER B 73 6.49 -0.65 -1.53
CA SER B 73 6.60 -1.59 -2.63
C SER B 73 5.44 -1.43 -3.57
N ALA B 74 4.21 -1.23 -3.04
CA ALA B 74 3.05 -1.07 -3.87
C ALA B 74 3.19 0.17 -4.72
N LEU B 75 3.65 1.28 -4.12
CA LEU B 75 3.80 2.52 -4.86
C LEU B 75 4.94 2.37 -5.83
N HIS B 76 5.99 1.64 -5.42
CA HIS B 76 7.14 1.42 -6.27
C HIS B 76 6.68 0.75 -7.54
N THR B 77 5.85 -0.29 -7.41
CA THR B 77 5.36 -1.00 -8.57
C THR B 77 4.58 -0.04 -9.43
N LEU B 78 3.67 0.76 -8.83
CA LEU B 78 2.86 1.68 -9.59
C LEU B 78 3.71 2.70 -10.31
N SER B 79 4.74 3.23 -9.63
CA SER B 79 5.57 4.27 -10.23
C SER B 79 6.37 3.74 -11.38
N TYR B 80 6.89 2.49 -11.29
CA TYR B 80 7.72 1.98 -12.35
C TYR B 80 6.90 1.38 -13.46
N GLN B 81 5.66 0.90 -13.18
CA GLN B 81 4.86 0.34 -14.26
C GLN B 81 4.59 1.39 -15.29
N GLY B 82 4.38 2.64 -14.86
CA GLY B 82 4.11 3.71 -15.79
C GLY B 82 5.38 4.07 -16.52
N MET B 83 6.54 3.57 -16.06
CA MET B 83 7.80 3.90 -16.71
C MET B 83 8.19 2.75 -17.60
N GLY B 84 7.80 1.52 -17.25
CA GLY B 84 8.17 0.38 -18.06
C GLY B 84 8.19 -0.83 -17.19
N THR B 85 9.37 -1.49 -17.09
CA THR B 85 9.49 -2.68 -16.28
C THR B 85 9.63 -2.28 -14.84
N VAL B 86 9.40 -3.25 -13.93
CA VAL B 86 9.48 -2.98 -12.52
C VAL B 86 10.74 -3.62 -12.00
N PRO B 87 11.68 -2.83 -11.53
CA PRO B 87 12.93 -3.34 -10.99
C PRO B 87 12.76 -3.97 -9.65
N SER B 88 13.69 -4.85 -9.27
CA SER B 88 13.60 -5.53 -8.00
C SER B 88 14.22 -4.65 -6.95
N TYR B 89 14.72 -3.47 -7.34
CA TYR B 89 15.32 -2.60 -6.36
C TYR B 89 14.99 -1.17 -6.75
N PRO B 90 14.47 -0.42 -5.80
CA PRO B 90 14.10 0.97 -6.03
C PRO B 90 15.26 1.92 -5.94
N SER B 91 15.06 3.18 -6.42
CA SER B 91 16.10 4.17 -6.36
C SER B 91 16.24 4.59 -4.91
N PRO B 92 17.43 4.48 -4.36
CA PRO B 92 17.69 4.84 -2.97
C PRO B 92 17.31 6.25 -2.62
N SER B 93 17.56 7.22 -3.54
CA SER B 93 17.23 8.59 -3.24
C SER B 93 15.74 8.73 -3.10
N ALA B 94 14.98 8.08 -4.00
CA ALA B 94 13.54 8.17 -3.96
C ALA B 94 13.02 7.46 -2.74
N MET B 95 13.61 6.29 -2.43
CA MET B 95 13.19 5.50 -1.32
C MET B 95 13.47 6.28 -0.07
N SER B 96 14.63 6.93 -0.05
CA SER B 96 15.04 7.71 1.10
C SER B 96 14.06 8.84 1.32
N ALA B 97 13.72 9.56 0.22
CA ALA B 97 12.82 10.69 0.32
C ALA B 97 11.48 10.23 0.79
N TYR B 98 11.00 9.11 0.24
CA TYR B 98 9.71 8.56 0.58
C TYR B 98 9.73 8.22 2.05
N SER B 99 10.79 7.53 2.48
CA SER B 99 10.88 7.09 3.85
C SER B 99 10.89 8.27 4.78
N GLN B 100 11.67 9.32 4.46
CA GLN B 100 11.76 10.46 5.33
C GLN B 100 10.44 11.17 5.42
N SER B 101 9.77 11.39 4.28
CA SER B 101 8.52 12.12 4.28
C SER B 101 7.43 11.31 4.91
N VAL B 102 7.35 10.02 4.57
CA VAL B 102 6.30 9.17 5.08
C VAL B 102 6.50 8.91 6.55
N ARG B 103 7.76 8.68 6.99
CA ARG B 103 8.03 8.39 8.39
C ARG B 103 7.59 9.56 9.22
N ARG B 104 7.89 10.80 8.77
CA ARG B 104 7.53 11.99 9.51
C ARG B 104 6.03 12.10 9.58
N CYS B 105 5.33 11.73 8.50
CA CYS B 105 3.89 11.85 8.47
C CYS B 105 3.26 11.03 9.56
N PHE B 106 3.71 9.77 9.77
CA PHE B 106 3.12 8.95 10.80
C PHE B 106 3.78 9.27 12.12
N GLY B 107 5.05 9.70 12.08
CA GLY B 107 5.75 10.06 13.29
C GLY B 107 6.57 8.89 13.75
N TYR B 108 6.28 7.69 13.23
CA TYR B 108 7.04 6.53 13.63
C TYR B 108 6.71 5.39 12.67
N GLY A 20 -22.37 2.23 0.80
CA GLY A 20 -21.05 2.65 0.24
C GLY A 20 -20.51 3.79 1.04
N SER A 21 -19.33 4.30 0.63
CA SER A 21 -18.74 5.40 1.34
C SER A 21 -17.88 6.13 0.34
N SER A 22 -17.71 7.45 0.54
CA SER A 22 -16.92 8.25 -0.38
C SER A 22 -15.48 8.23 0.09
N ARG A 23 -15.19 7.56 1.22
CA ARG A 23 -13.84 7.53 1.73
C ARG A 23 -13.01 6.62 0.86
N LEU A 24 -13.61 5.57 0.27
CA LEU A 24 -12.85 4.66 -0.56
C LEU A 24 -12.48 5.33 -1.87
N PRO A 25 -13.44 5.87 -2.60
CA PRO A 25 -13.15 6.58 -3.84
C PRO A 25 -12.12 7.66 -3.66
N SER A 26 -12.08 8.28 -2.47
CA SER A 26 -11.12 9.33 -2.21
C SER A 26 -9.73 8.75 -2.29
N LEU A 27 -9.54 7.52 -1.76
CA LEU A 27 -8.25 6.87 -1.81
C LEU A 27 -7.91 6.57 -3.24
N ILE A 28 -8.89 6.08 -4.03
CA ILE A 28 -8.64 5.75 -5.41
C ILE A 28 -8.22 7.01 -6.13
N ASN A 29 -8.94 8.12 -5.86
CA ASN A 29 -8.64 9.37 -6.49
C ASN A 29 -7.26 9.81 -6.05
N GLY A 30 -6.89 9.56 -4.78
CA GLY A 30 -5.59 9.96 -4.28
C GLY A 30 -4.50 9.25 -5.05
N ILE A 31 -4.66 7.93 -5.31
CA ILE A 31 -3.65 7.21 -6.04
C ILE A 31 -3.62 7.69 -7.46
N MET A 32 -4.81 7.92 -8.07
CA MET A 32 -4.87 8.41 -9.44
C MET A 32 -4.24 9.76 -9.50
N SER A 33 -4.45 10.57 -8.44
CA SER A 33 -3.93 11.91 -8.38
C SER A 33 -2.41 11.88 -8.42
N SER A 34 -1.80 10.93 -7.68
CA SER A 34 -0.35 10.87 -7.66
C SER A 34 0.15 10.07 -8.83
N MET A 35 -0.77 9.36 -9.51
CA MET A 35 -0.38 8.57 -10.66
C MET A 35 -0.02 9.50 -11.77
N GLN A 36 -0.63 10.71 -11.78
CA GLN A 36 -0.36 11.67 -12.81
C GLN A 36 1.03 12.21 -12.61
N GLY A 37 1.69 12.59 -13.72
CA GLY A 37 3.05 13.09 -13.64
C GLY A 37 3.95 12.13 -14.34
N GLY A 38 3.46 10.90 -14.59
CA GLY A 38 4.26 9.90 -15.28
C GLY A 38 5.18 9.25 -14.28
N GLY A 39 4.90 9.43 -12.98
CA GLY A 39 5.71 8.83 -11.97
C GLY A 39 4.87 8.70 -10.76
N PHE A 40 5.31 9.29 -9.64
CA PHE A 40 4.54 9.23 -8.44
C PHE A 40 5.01 10.33 -7.53
N ASN A 41 4.06 11.12 -7.01
CA ASN A 41 4.40 12.20 -6.12
C ASN A 41 4.25 11.66 -4.72
N TYR A 42 5.39 11.45 -4.04
CA TYR A 42 5.37 10.90 -2.69
C TYR A 42 4.80 11.90 -1.72
N GLN A 43 5.09 13.20 -1.92
CA GLN A 43 4.62 14.22 -1.00
C GLN A 43 3.12 14.26 -1.02
N ASN A 44 2.52 14.19 -2.22
CA ASN A 44 1.07 14.25 -2.33
C ASN A 44 0.47 13.07 -1.62
N PHE A 45 1.08 11.88 -1.77
CA PHE A 45 0.55 10.69 -1.14
C PHE A 45 0.64 10.84 0.35
N GLY A 46 1.77 11.39 0.85
CA GLY A 46 1.94 11.56 2.28
C GLY A 46 0.89 12.51 2.80
N ASN A 47 0.61 13.59 2.04
CA ASN A 47 -0.40 14.55 2.46
C ASN A 47 -1.74 13.88 2.47
N VAL A 48 -1.99 13.02 1.47
CA VAL A 48 -3.27 12.34 1.38
C VAL A 48 -3.48 11.48 2.59
N LEU A 49 -2.45 10.70 2.99
CA LEU A 49 -2.58 9.83 4.14
C LEU A 49 -2.77 10.65 5.38
N SER A 50 -2.03 11.77 5.50
CA SER A 50 -2.11 12.59 6.69
C SER A 50 -3.48 13.21 6.82
N GLN A 51 -4.03 13.70 5.68
CA GLN A 51 -5.32 14.36 5.70
C GLN A 51 -6.41 13.36 5.95
N PHE A 52 -6.28 12.16 5.36
CA PHE A 52 -7.30 11.15 5.51
C PHE A 52 -7.24 10.64 6.91
N ALA A 53 -6.03 10.68 7.52
CA ALA A 53 -5.87 10.16 8.85
C ALA A 53 -6.13 11.27 9.83
N THR A 54 -5.05 11.98 10.22
CA THR A 54 -5.17 13.06 11.19
C THR A 54 -3.77 13.40 11.59
N GLY A 55 -2.96 12.36 11.88
CA GLY A 55 -1.59 12.57 12.27
C GLY A 55 -1.53 12.48 13.76
N THR A 56 -2.00 11.35 14.33
CA THR A 56 -1.99 11.18 15.76
C THR A 56 -0.56 11.09 16.23
N GLY A 57 0.28 10.36 15.47
CA GLY A 57 1.68 10.23 15.83
C GLY A 57 1.87 8.97 16.62
N THR A 58 0.76 8.28 16.97
CA THR A 58 0.86 7.06 17.73
C THR A 58 0.06 6.03 17.00
N CYS A 59 0.24 4.73 17.37
CA CYS A 59 -0.50 3.67 16.73
C CYS A 59 -1.95 3.87 17.03
N ASN A 60 -2.79 3.84 15.98
CA ASN A 60 -4.20 4.02 16.16
C ASN A 60 -4.88 3.05 15.24
N SER A 61 -6.04 2.53 15.66
CA SER A 61 -6.79 1.58 14.86
C SER A 61 -7.19 2.26 13.59
N ASN A 62 -7.53 3.56 13.66
CA ASN A 62 -7.96 4.29 12.49
C ASN A 62 -6.84 4.31 11.48
N ASP A 63 -5.59 4.47 11.95
CA ASP A 63 -4.46 4.52 11.05
C ASP A 63 -4.33 3.20 10.34
N LEU A 64 -4.51 2.06 11.07
CA LEU A 64 -4.39 0.77 10.44
C LEU A 64 -5.51 0.60 9.45
N ASN A 65 -6.72 1.04 9.83
CA ASN A 65 -7.87 0.90 8.96
C ASN A 65 -7.62 1.69 7.71
N LEU A 66 -7.03 2.90 7.85
CA LEU A 66 -6.77 3.72 6.70
C LEU A 66 -5.80 2.98 5.81
N LEU A 67 -4.77 2.36 6.43
CA LEU A 67 -3.79 1.62 5.67
C LEU A 67 -4.45 0.43 4.99
N MET A 68 -5.40 -0.25 5.69
CA MET A 68 -6.03 -1.41 5.08
C MET A 68 -6.76 -0.98 3.84
N ASP A 69 -7.49 0.16 3.92
CA ASP A 69 -8.22 0.64 2.78
C ASP A 69 -7.26 1.16 1.74
N ALA A 70 -6.15 1.80 2.18
CA ALA A 70 -5.18 2.33 1.25
C ALA A 70 -4.59 1.21 0.45
N LEU A 71 -4.31 0.07 1.10
CA LEU A 71 -3.75 -1.06 0.39
C LEU A 71 -4.77 -1.57 -0.57
N LEU A 72 -6.03 -1.61 -0.13
CA LEU A 72 -7.10 -2.10 -0.98
C LEU A 72 -7.17 -1.24 -2.23
N SER A 73 -7.16 0.10 -2.06
CA SER A 73 -7.24 0.99 -3.20
C SER A 73 -6.01 0.87 -4.05
N ALA A 74 -4.81 0.76 -3.42
CA ALA A 74 -3.58 0.66 -4.19
C ALA A 74 -3.58 -0.62 -4.99
N LEU A 75 -3.98 -1.75 -4.35
CA LEU A 75 -4.00 -3.03 -5.03
C LEU A 75 -5.10 -3.02 -6.04
N HIS A 76 -6.21 -2.32 -5.72
CA HIS A 76 -7.33 -2.22 -6.63
C HIS A 76 -6.85 -1.62 -7.92
N THR A 77 -6.06 -0.54 -7.82
CA THR A 77 -5.54 0.11 -9.00
C THR A 77 -4.70 -0.86 -9.78
N LEU A 78 -3.81 -1.61 -9.10
CA LEU A 78 -2.93 -2.54 -9.77
C LEU A 78 -3.74 -3.62 -10.46
N SER A 79 -4.78 -4.12 -9.79
CA SER A 79 -5.58 -5.21 -10.33
C SER A 79 -6.28 -4.78 -11.60
N TYR A 80 -6.91 -3.58 -11.60
CA TYR A 80 -7.65 -3.16 -12.76
C TYR A 80 -6.77 -2.59 -13.83
N GLN A 81 -5.58 -2.04 -13.49
CA GLN A 81 -4.72 -1.49 -14.53
C GLN A 81 -4.32 -2.58 -15.49
N GLY A 82 -4.15 -3.81 -14.98
CA GLY A 82 -3.76 -4.91 -15.84
C GLY A 82 -4.92 -5.25 -16.75
N MET A 83 -6.14 -4.77 -16.42
CA MET A 83 -7.29 -5.07 -17.26
C MET A 83 -7.55 -3.90 -18.18
N GLY A 84 -7.19 -2.67 -17.74
CA GLY A 84 -7.42 -1.52 -18.55
C GLY A 84 -7.58 -0.35 -17.63
N THR A 85 -8.71 0.39 -17.78
CA THR A 85 -8.96 1.52 -16.92
C THR A 85 -9.48 1.01 -15.61
N VAL A 86 -9.38 1.85 -14.56
CA VAL A 86 -9.83 1.42 -13.26
C VAL A 86 -11.16 2.07 -12.98
N PRO A 87 -12.03 1.34 -12.31
CA PRO A 87 -13.35 1.83 -11.94
C PRO A 87 -13.30 2.72 -10.74
N SER A 88 -14.31 3.60 -10.61
CA SER A 88 -14.36 4.50 -9.48
C SER A 88 -14.82 3.74 -8.28
N TYR A 89 -15.35 2.50 -8.48
CA TYR A 89 -15.82 1.74 -7.35
C TYR A 89 -15.85 0.28 -7.75
N PRO A 90 -15.17 -0.56 -7.00
CA PRO A 90 -15.13 -1.99 -7.25
C PRO A 90 -16.28 -2.74 -6.62
N SER A 91 -16.29 -4.07 -6.80
CA SER A 91 -17.35 -4.88 -6.24
C SER A 91 -17.12 -5.02 -4.75
N PRO A 92 -18.15 -4.77 -3.96
CA PRO A 92 -18.07 -4.86 -2.50
C PRO A 92 -17.66 -6.20 -1.99
N SER A 93 -18.04 -7.29 -2.70
CA SER A 93 -17.68 -8.63 -2.25
C SER A 93 -16.18 -8.75 -2.25
N ALA A 94 -15.53 -8.21 -3.28
CA ALA A 94 -14.09 -8.28 -3.39
C ALA A 94 -13.45 -7.47 -2.30
N MET A 95 -14.03 -6.29 -2.02
CA MET A 95 -13.47 -5.41 -1.01
C MET A 95 -13.64 -6.07 0.31
N SER A 96 -14.80 -6.71 0.49
CA SER A 96 -15.12 -7.36 1.73
C SER A 96 -14.15 -8.48 1.99
N ALA A 97 -13.88 -9.29 0.95
CA ALA A 97 -13.00 -10.43 1.11
C ALA A 97 -11.62 -9.97 1.52
N TYR A 98 -11.11 -8.93 0.85
CA TYR A 98 -9.80 -8.43 1.16
C TYR A 98 -9.79 -7.87 2.54
N SER A 99 -10.85 -7.10 2.88
CA SER A 99 -10.92 -6.45 4.17
C SER A 99 -10.93 -7.48 5.27
N GLN A 100 -11.69 -8.57 5.10
CA GLN A 100 -11.76 -9.57 6.12
C GLN A 100 -10.44 -10.27 6.26
N SER A 101 -9.79 -10.55 5.11
CA SER A 101 -8.53 -11.27 5.12
C SER A 101 -7.44 -10.47 5.80
N VAL A 102 -7.32 -9.17 5.49
CA VAL A 102 -6.25 -8.39 6.07
C VAL A 102 -6.57 -7.99 7.48
N ARG A 103 -7.84 -7.71 7.78
CA ARG A 103 -8.22 -7.30 9.12
C ARG A 103 -7.86 -8.40 10.09
N ARG A 104 -8.18 -9.67 9.73
CA ARG A 104 -7.89 -10.78 10.61
C ARG A 104 -6.40 -10.96 10.75
N CYS A 105 -5.65 -10.77 9.65
CA CYS A 105 -4.22 -10.96 9.68
C CYS A 105 -3.55 -9.99 10.63
N PHE A 106 -3.93 -8.70 10.60
CA PHE A 106 -3.30 -7.74 11.48
C PHE A 106 -3.94 -7.81 12.83
N GLY A 107 -5.23 -8.20 12.89
CA GLY A 107 -5.90 -8.30 14.17
C GLY A 107 -6.59 -6.99 14.44
N TYR A 108 -6.31 -5.98 13.60
CA TYR A 108 -6.92 -4.67 13.78
C TYR A 108 -6.40 -4.07 15.10
N GLY B 20 21.79 -2.52 1.36
CA GLY B 20 20.49 -2.95 0.78
C GLY B 20 19.92 -4.06 1.60
N SER B 21 18.76 -4.59 1.20
CA SER B 21 18.14 -5.66 1.93
C SER B 21 17.31 -6.43 0.94
N SER B 22 17.13 -7.74 1.19
CA SER B 22 16.36 -8.56 0.28
C SER B 22 14.92 -8.54 0.71
N ARG B 23 14.61 -7.83 1.82
CA ARG B 23 13.24 -7.78 2.29
C ARG B 23 12.42 -6.90 1.37
N LEU B 24 13.05 -5.86 0.76
CA LEU B 24 12.30 -4.99 -0.13
C LEU B 24 11.96 -5.71 -1.42
N PRO B 25 12.93 -6.29 -2.10
CA PRO B 25 12.66 -7.05 -3.33
C PRO B 25 11.64 -8.12 -3.13
N SER B 26 11.57 -8.70 -1.90
CA SER B 26 10.60 -9.74 -1.63
C SER B 26 9.22 -9.16 -1.76
N LEU B 27 9.02 -7.90 -1.28
CA LEU B 27 7.73 -7.27 -1.38
C LEU B 27 7.41 -7.01 -2.83
N ILE B 28 8.41 -6.54 -3.61
CA ILE B 28 8.20 -6.27 -5.01
C ILE B 28 7.79 -7.56 -5.68
N ASN B 29 8.51 -8.65 -5.37
CA ASN B 29 8.22 -9.93 -5.95
C ASN B 29 6.83 -10.36 -5.54
N GLY B 30 6.44 -10.06 -4.28
CA GLY B 30 5.13 -10.44 -3.79
C GLY B 30 4.05 -9.76 -4.60
N ILE B 31 4.22 -8.46 -4.91
CA ILE B 31 3.21 -7.75 -5.69
C ILE B 31 3.22 -8.29 -7.09
N MET B 32 4.42 -8.54 -7.66
CA MET B 32 4.52 -9.07 -9.01
C MET B 32 3.87 -10.44 -9.04
N SER B 33 4.07 -11.20 -7.95
CA SER B 33 3.55 -12.54 -7.85
C SER B 33 2.04 -12.50 -7.93
N SER B 34 1.40 -11.54 -7.23
CA SER B 34 -0.04 -11.47 -7.23
C SER B 34 -0.51 -10.71 -8.44
N MET B 35 0.41 -10.04 -9.15
CA MET B 35 0.06 -9.29 -10.33
C MET B 35 -0.30 -10.27 -11.41
N GLN B 36 0.31 -11.47 -11.35
CA GLN B 36 0.05 -12.48 -12.36
C GLN B 36 -1.35 -13.00 -12.16
N GLY B 37 -1.99 -13.43 -13.27
CA GLY B 37 -3.34 -13.93 -13.19
C GLY B 37 -4.23 -12.99 -13.95
N GLY B 38 -3.72 -11.77 -14.23
CA GLY B 38 -4.51 -10.81 -14.98
C GLY B 38 -5.44 -10.11 -14.03
N GLY B 39 -5.18 -10.24 -12.71
CA GLY B 39 -6.03 -9.59 -11.74
C GLY B 39 -5.20 -9.42 -10.52
N PHE B 40 -5.67 -9.98 -9.40
CA PHE B 40 -4.92 -9.86 -8.17
C PHE B 40 -5.41 -10.92 -7.24
N ASN B 41 -4.47 -11.71 -6.67
CA ASN B 41 -4.84 -12.74 -5.75
C ASN B 41 -4.71 -12.16 -4.36
N TYR B 42 -5.87 -11.91 -3.72
CA TYR B 42 -5.88 -11.32 -2.40
C TYR B 42 -5.32 -12.28 -1.38
N GLN B 43 -5.61 -13.60 -1.54
CA GLN B 43 -5.16 -14.57 -0.57
C GLN B 43 -3.66 -14.61 -0.55
N ASN B 44 -3.04 -14.59 -1.74
CA ASN B 44 -1.58 -14.66 -1.81
C ASN B 44 -0.99 -13.44 -1.14
N PHE B 45 -1.60 -12.26 -1.34
CA PHE B 45 -1.08 -11.06 -0.75
C PHE B 45 -1.20 -11.15 0.75
N GLY B 46 -2.35 -11.67 1.25
CA GLY B 46 -2.55 -11.80 2.68
C GLY B 46 -1.51 -12.72 3.25
N ASN B 47 -1.21 -13.83 2.53
CA ASN B 47 -0.23 -14.77 3.02
C ASN B 47 1.12 -14.11 3.03
N VAL B 48 1.40 -13.28 2.00
CA VAL B 48 2.68 -12.60 1.91
C VAL B 48 2.86 -11.70 3.10
N LEU B 49 1.83 -10.90 3.44
CA LEU B 49 1.93 -9.99 4.55
C LEU B 49 2.09 -10.76 5.83
N SER B 50 1.35 -11.87 5.98
CA SER B 50 1.41 -12.65 7.20
C SER B 50 2.77 -13.26 7.38
N GLN B 51 3.34 -13.80 6.28
CA GLN B 51 4.64 -14.45 6.35
C GLN B 51 5.72 -13.45 6.57
N PHE B 52 5.60 -12.28 5.93
CA PHE B 52 6.62 -11.26 6.07
C PHE B 52 6.52 -10.70 7.46
N ALA B 53 5.31 -10.70 8.03
CA ALA B 53 5.11 -10.15 9.34
C ALA B 53 5.35 -11.22 10.37
N THR B 54 4.27 -11.92 10.77
CA THR B 54 4.37 -12.95 11.78
C THR B 54 2.97 -13.28 12.17
N GLY B 55 2.15 -12.24 12.39
CA GLY B 55 0.77 -12.42 12.77
C GLY B 55 0.67 -12.28 14.25
N THR B 56 1.14 -11.13 14.79
CA THR B 56 1.09 -10.90 16.21
C THR B 56 -0.35 -10.80 16.64
N GLY B 57 -1.17 -10.09 15.83
CA GLY B 57 -2.57 -9.95 16.16
C GLY B 57 -2.78 -8.67 16.90
N THR B 58 -1.69 -7.96 17.25
CA THR B 58 -1.79 -6.72 17.96
C THR B 58 -0.98 -5.71 17.21
N CYS B 59 -1.16 -4.40 17.53
CA CYS B 59 -0.41 -3.37 16.86
C CYS B 59 1.04 -3.55 17.21
N ASN B 60 1.90 -3.55 16.17
CA ASN B 60 3.31 -3.74 16.39
C ASN B 60 4.00 -2.80 15.43
N SER B 61 5.16 -2.26 15.87
CA SER B 61 5.91 -1.34 15.05
C SER B 61 6.35 -2.06 13.81
N ASN B 62 6.69 -3.37 13.94
CA ASN B 62 7.14 -4.14 12.80
C ASN B 62 6.03 -4.20 11.78
N ASP B 63 4.78 -4.35 12.23
CA ASP B 63 3.67 -4.43 11.30
C ASP B 63 3.55 -3.13 10.55
N LEU B 64 3.72 -1.98 11.23
CA LEU B 64 3.62 -0.70 10.55
C LEU B 64 4.76 -0.57 9.58
N ASN B 65 5.96 -0.99 10.01
CA ASN B 65 7.12 -0.88 9.15
C ASN B 65 6.90 -1.73 7.92
N LEU B 66 6.31 -2.93 8.10
CA LEU B 66 6.06 -3.79 6.97
C LEU B 66 5.13 -3.09 6.04
N LEU B 67 4.08 -2.44 6.61
CA LEU B 67 3.12 -1.73 5.79
C LEU B 67 3.79 -0.57 5.10
N MET B 68 4.72 0.14 5.78
CA MET B 68 5.36 1.28 5.15
C MET B 68 6.12 0.80 3.93
N ASP B 69 6.84 -0.33 4.08
CA ASP B 69 7.61 -0.86 2.96
C ASP B 69 6.66 -1.42 1.93
N ALA B 70 5.55 -2.03 2.37
CA ALA B 70 4.59 -2.61 1.45
C ALA B 70 4.02 -1.51 0.58
N LEU B 71 3.72 -0.35 1.19
CA LEU B 71 3.18 0.76 0.44
C LEU B 71 4.22 1.23 -0.53
N LEU B 72 5.49 1.28 -0.07
CA LEU B 72 6.56 1.73 -0.91
C LEU B 72 6.66 0.84 -2.11
N SER B 73 6.64 -0.50 -1.89
CA SER B 73 6.75 -1.42 -3.01
C SER B 73 5.52 -1.34 -3.89
N ALA B 74 4.31 -1.21 -3.29
CA ALA B 74 3.11 -1.14 -4.09
C ALA B 74 3.13 0.12 -4.93
N LEU B 75 3.51 1.27 -4.33
CA LEU B 75 3.54 2.52 -5.05
C LEU B 75 4.67 2.47 -6.04
N HIS B 76 5.77 1.78 -5.68
CA HIS B 76 6.91 1.64 -6.55
C HIS B 76 6.46 1.00 -7.82
N THR B 77 5.66 -0.08 -7.71
CA THR B 77 5.18 -0.78 -8.87
C THR B 77 4.35 0.18 -9.70
N LEU B 78 3.45 0.94 -9.07
CA LEU B 78 2.58 1.85 -9.80
C LEU B 78 3.40 2.90 -10.51
N SER B 79 4.43 3.44 -9.83
CA SER B 79 5.24 4.50 -10.39
C SER B 79 5.97 4.02 -11.63
N TYR B 80 6.59 2.82 -11.58
CA TYR B 80 7.36 2.36 -12.71
C TYR B 80 6.50 1.75 -13.78
N GLN B 81 5.31 1.22 -13.44
CA GLN B 81 4.47 0.64 -14.48
C GLN B 81 4.10 1.69 -15.48
N GLY B 82 3.91 2.94 -15.03
CA GLY B 82 3.56 4.00 -15.94
C GLY B 82 4.73 4.30 -16.84
N MET B 83 5.94 3.82 -16.47
CA MET B 83 7.11 4.10 -17.28
C MET B 83 7.39 2.89 -18.14
N GLY B 84 7.01 1.69 -17.67
CA GLY B 84 7.25 0.49 -18.43
C GLY B 84 7.40 -0.64 -17.47
N THR B 85 8.52 -1.39 -17.56
CA THR B 85 8.74 -2.49 -16.66
C THR B 85 9.23 -1.93 -15.35
N VAL B 86 9.10 -2.72 -14.27
CA VAL B 86 9.53 -2.25 -12.98
C VAL B 86 10.86 -2.88 -12.65
N PRO B 87 11.71 -2.13 -11.99
CA PRO B 87 13.02 -2.60 -11.58
C PRO B 87 12.96 -3.45 -10.35
N SER B 88 13.96 -4.32 -10.16
CA SER B 88 13.99 -5.17 -9.01
C SER B 88 14.43 -4.36 -7.81
N TYR B 89 14.95 -3.15 -8.05
CA TYR B 89 15.40 -2.33 -6.94
C TYR B 89 15.44 -0.90 -7.40
N PRO B 90 14.74 -0.04 -6.67
CA PRO B 90 14.71 1.39 -6.98
C PRO B 90 15.83 2.16 -6.35
N SER B 91 15.87 3.49 -6.60
CA SER B 91 16.92 4.32 -6.05
C SER B 91 16.65 4.52 -4.57
N PRO B 92 17.67 4.30 -3.76
CA PRO B 92 17.57 4.46 -2.30
C PRO B 92 17.16 5.83 -1.86
N SER B 93 17.54 6.88 -2.61
CA SER B 93 17.17 8.23 -2.22
C SER B 93 15.68 8.35 -2.24
N ALA B 94 15.04 7.77 -3.27
CA ALA B 94 13.61 7.83 -3.39
C ALA B 94 12.97 7.05 -2.28
N MET B 95 13.56 5.88 -1.97
CA MET B 95 13.03 5.02 -0.93
C MET B 95 13.13 5.73 0.38
N SER B 96 14.27 6.41 0.56
CA SER B 96 14.55 7.12 1.78
C SER B 96 13.56 8.24 1.97
N ALA B 97 13.30 9.01 0.89
CA ALA B 97 12.40 10.14 0.98
C ALA B 97 11.03 9.70 1.37
N TYR B 98 10.54 8.63 0.74
CA TYR B 98 9.21 8.13 1.03
C TYR B 98 9.19 7.62 2.45
N SER B 99 10.23 6.88 2.83
CA SER B 99 10.28 6.27 4.15
C SER B 99 10.27 7.34 5.21
N GLN B 100 11.03 8.43 5.01
CA GLN B 100 11.08 9.48 5.99
C GLN B 100 9.75 10.17 6.07
N SER B 101 9.13 10.41 4.91
CA SER B 101 7.87 11.13 4.88
C SER B 101 6.77 10.36 5.56
N VAL B 102 6.64 9.05 5.29
CA VAL B 102 5.56 8.29 5.88
C VAL B 102 5.85 7.94 7.31
N ARG B 103 7.13 7.68 7.65
CA ARG B 103 7.46 7.32 9.00
C ARG B 103 7.11 8.45 9.93
N ARG B 104 7.42 9.70 9.53
CA ARG B 104 7.12 10.85 10.36
C ARG B 104 5.63 11.02 10.46
N CYS B 105 4.90 10.81 9.35
CA CYS B 105 3.46 10.99 9.35
C CYS B 105 2.78 10.06 10.32
N PHE B 106 3.16 8.77 10.35
CA PHE B 106 2.50 7.84 11.25
C PHE B 106 3.12 7.96 12.61
N GLY B 107 4.41 8.36 12.69
CA GLY B 107 5.07 8.50 13.97
C GLY B 107 5.73 7.20 14.30
N TYR B 108 5.48 6.15 13.50
CA TYR B 108 6.07 4.86 13.74
C TYR B 108 5.52 4.31 15.06
#